data_2LN7
#
_entry.id   2LN7
#
_entity_poly.entity_id   1
_entity_poly.type   'polypeptide(L)'
_entity_poly.pdbx_seq_one_letter_code
;GSHMSSQTEHKEGEKVAMLNIPKLKKKFSIYWGADDATLKKGVGMFVSDVTTTPSGGGHTVLSGHRDTVFTDLGQLKEKD
TLVLEYDNKTYTYEIQKIWITHADDRTVIIKKEEPILTLTTCYPFDYIGDAPDRYIIEAKLTGSYSK
;
_entity_poly.pdbx_strand_id   A
#
# COMPACT_ATOMS: atom_id res chain seq x y z
N GLY A 1 -18.70 2.62 25.15
CA GLY A 1 -19.65 3.22 24.17
C GLY A 1 -19.30 2.75 22.77
N SER A 2 -18.79 1.53 22.67
CA SER A 2 -18.42 0.97 21.38
C SER A 2 -19.37 -0.14 20.98
N HIS A 3 -20.47 -0.27 21.73
CA HIS A 3 -21.46 -1.31 21.45
C HIS A 3 -21.95 -1.20 20.00
N MET A 4 -22.12 0.04 19.54
CA MET A 4 -22.58 0.26 18.17
C MET A 4 -21.43 0.10 17.17
N SER A 5 -21.73 -0.50 16.03
CA SER A 5 -20.72 -0.73 15.01
C SER A 5 -21.23 -0.24 13.65
N SER A 6 -20.28 0.11 12.76
CA SER A 6 -20.65 0.59 11.44
C SER A 6 -19.95 -0.24 10.36
N GLN A 7 -20.69 -0.53 9.28
CA GLN A 7 -20.14 -1.33 8.19
C GLN A 7 -20.82 -0.96 6.87
N THR A 8 -20.22 -0.03 6.14
CA THR A 8 -20.77 0.40 4.87
C THR A 8 -19.99 1.59 4.31
N GLU A 9 -19.58 2.48 5.21
CA GLU A 9 -18.82 3.66 4.80
C GLU A 9 -17.33 3.44 5.00
N HIS A 10 -16.52 4.14 4.21
CA HIS A 10 -15.07 4.00 4.30
C HIS A 10 -14.62 4.09 5.76
N LYS A 11 -14.17 2.97 6.31
CA LYS A 11 -13.71 2.94 7.69
C LYS A 11 -12.40 2.17 7.80
N GLU A 12 -11.51 2.63 8.67
CA GLU A 12 -10.22 1.99 8.85
C GLU A 12 -10.40 0.55 9.29
N GLY A 13 -9.61 -0.35 8.72
CA GLY A 13 -9.70 -1.77 9.05
C GLY A 13 -10.72 -2.49 8.17
N GLU A 14 -11.20 -1.79 7.15
CA GLU A 14 -12.18 -2.37 6.25
C GLU A 14 -11.59 -2.48 4.84
N LYS A 15 -11.92 -3.58 4.17
CA LYS A 15 -11.42 -3.81 2.81
C LYS A 15 -12.04 -2.81 1.85
N VAL A 16 -11.21 -1.93 1.31
CA VAL A 16 -11.67 -0.91 0.38
C VAL A 16 -11.14 -1.17 -1.03
N ALA A 17 -9.89 -1.64 -1.12
CA ALA A 17 -9.28 -1.92 -2.40
C ALA A 17 -8.44 -3.19 -2.34
N MET A 18 -8.21 -3.79 -3.50
CA MET A 18 -7.41 -5.01 -3.57
C MET A 18 -6.15 -4.79 -4.39
N LEU A 19 -5.03 -5.33 -3.92
CA LEU A 19 -3.77 -5.19 -4.64
C LEU A 19 -3.45 -6.47 -5.39
N ASN A 20 -3.28 -6.36 -6.70
CA ASN A 20 -2.97 -7.53 -7.52
C ASN A 20 -1.67 -7.33 -8.29
N ILE A 21 -0.83 -8.36 -8.30
CA ILE A 21 0.43 -8.28 -9.01
C ILE A 21 0.42 -9.20 -10.23
N PRO A 22 0.56 -8.65 -11.41
CA PRO A 22 0.54 -9.45 -12.68
C PRO A 22 1.84 -10.21 -12.91
N LYS A 23 2.96 -9.51 -12.77
CA LYS A 23 4.26 -10.15 -12.97
C LYS A 23 4.47 -11.29 -12.00
N LEU A 24 4.13 -11.08 -10.73
CA LEU A 24 4.29 -12.11 -9.72
C LEU A 24 2.97 -12.84 -9.50
N LYS A 25 1.97 -12.50 -10.29
CA LYS A 25 0.66 -13.14 -10.18
C LYS A 25 0.27 -13.31 -8.71
N LYS A 26 0.57 -12.31 -7.90
CA LYS A 26 0.25 -12.35 -6.48
C LYS A 26 -0.83 -11.32 -6.15
N LYS A 27 -1.70 -11.67 -5.22
CA LYS A 27 -2.78 -10.77 -4.83
C LYS A 27 -2.77 -10.52 -3.33
N PHE A 28 -3.11 -9.30 -2.94
CA PHE A 28 -3.15 -8.94 -1.52
C PHE A 28 -4.36 -8.05 -1.22
N SER A 29 -4.97 -8.26 -0.07
CA SER A 29 -6.13 -7.47 0.33
C SER A 29 -5.69 -6.19 1.03
N ILE A 30 -6.08 -5.04 0.48
CA ILE A 30 -5.72 -3.76 1.06
C ILE A 30 -6.91 -3.16 1.80
N TYR A 31 -6.73 -2.91 3.09
CA TYR A 31 -7.81 -2.35 3.90
C TYR A 31 -7.51 -0.89 4.23
N TRP A 32 -8.57 -0.10 4.40
CA TRP A 32 -8.41 1.31 4.71
C TRP A 32 -7.65 1.49 6.02
N GLY A 33 -6.59 2.31 5.98
CA GLY A 33 -5.79 2.56 7.16
C GLY A 33 -4.85 1.39 7.43
N ALA A 34 -3.80 1.65 8.21
CA ALA A 34 -2.85 0.61 8.53
C ALA A 34 -2.47 0.67 10.01
N ASP A 35 -3.27 0.02 10.85
CA ASP A 35 -2.99 0.01 12.28
C ASP A 35 -1.89 -0.97 12.62
N ASP A 36 -0.75 -0.44 13.07
CA ASP A 36 0.38 -1.28 13.44
C ASP A 36 0.24 -1.80 14.86
N ALA A 37 -0.64 -1.17 15.62
CA ALA A 37 -0.85 -1.57 17.01
C ALA A 37 -1.33 -3.01 17.08
N THR A 38 -2.23 -3.39 16.16
CA THR A 38 -2.75 -4.74 16.12
C THR A 38 -2.23 -5.48 14.90
N LEU A 39 -1.90 -6.75 15.07
CA LEU A 39 -1.39 -7.56 13.98
C LEU A 39 -2.52 -8.32 13.29
N LYS A 40 -3.76 -7.93 13.59
CA LYS A 40 -4.92 -8.58 13.00
C LYS A 40 -4.85 -8.55 11.48
N LYS A 41 -4.77 -7.35 10.91
CA LYS A 41 -4.69 -7.20 9.46
C LYS A 41 -3.28 -7.45 8.96
N GLY A 42 -3.13 -7.56 7.65
CA GLY A 42 -1.82 -7.80 7.06
C GLY A 42 -1.33 -6.57 6.29
N VAL A 43 -2.17 -6.08 5.39
CA VAL A 43 -1.81 -4.90 4.60
C VAL A 43 -2.87 -3.81 4.74
N GLY A 44 -2.42 -2.60 5.02
CA GLY A 44 -3.35 -1.48 5.19
C GLY A 44 -2.88 -0.26 4.39
N MET A 45 -3.83 0.61 4.05
CA MET A 45 -3.50 1.81 3.30
C MET A 45 -3.33 3.00 4.23
N PHE A 46 -2.28 3.79 4.00
CA PHE A 46 -2.01 4.95 4.84
C PHE A 46 -3.14 5.97 4.71
N VAL A 47 -3.61 6.47 5.85
CA VAL A 47 -4.68 7.47 5.84
C VAL A 47 -4.23 8.73 6.54
N SER A 48 -4.24 9.84 5.81
CA SER A 48 -3.83 11.13 6.38
C SER A 48 -4.37 12.28 5.53
N ASP A 49 -4.25 13.49 6.06
CA ASP A 49 -4.74 14.68 5.35
C ASP A 49 -4.00 14.85 4.03
N VAL A 50 -2.92 14.08 3.84
CA VAL A 50 -2.13 14.16 2.62
C VAL A 50 -2.27 12.87 1.81
N THR A 51 -2.40 11.75 2.51
CA THR A 51 -2.53 10.46 1.84
C THR A 51 -3.98 10.19 1.47
N THR A 52 -4.19 9.65 0.26
CA THR A 52 -5.53 9.34 -0.20
C THR A 52 -5.55 8.01 -0.95
N THR A 53 -6.74 7.57 -1.33
CA THR A 53 -6.87 6.31 -2.04
C THR A 53 -6.77 6.52 -3.55
N PRO A 54 -6.44 5.49 -4.29
CA PRO A 54 -6.29 5.57 -5.76
C PRO A 54 -7.63 5.45 -6.48
N SER A 55 -8.34 6.57 -6.58
CA SER A 55 -9.63 6.58 -7.27
C SER A 55 -9.61 7.50 -8.47
N GLY A 56 -8.47 8.16 -8.67
CA GLY A 56 -8.32 9.08 -9.79
C GLY A 56 -7.34 10.20 -9.45
N GLY A 57 -6.05 9.94 -9.67
CA GLY A 57 -5.02 10.93 -9.38
C GLY A 57 -4.98 11.25 -7.89
N GLY A 58 -4.01 10.68 -7.19
CA GLY A 58 -3.86 10.91 -5.76
C GLY A 58 -2.65 10.18 -5.20
N HIS A 59 -2.25 10.54 -4.00
CA HIS A 59 -1.11 9.89 -3.37
C HIS A 59 -1.55 8.61 -2.68
N THR A 60 -1.12 7.48 -3.23
CA THR A 60 -1.48 6.19 -2.67
C THR A 60 -0.30 5.57 -1.94
N VAL A 61 -0.45 5.30 -0.65
CA VAL A 61 0.62 4.72 0.13
C VAL A 61 0.20 3.35 0.67
N LEU A 62 1.07 2.36 0.49
CA LEU A 62 0.78 1.00 0.94
C LEU A 62 1.69 0.63 2.10
N SER A 63 1.12 -0.05 3.09
CA SER A 63 1.89 -0.47 4.25
C SER A 63 1.82 -1.98 4.43
N GLY A 64 2.98 -2.61 4.59
CA GLY A 64 3.06 -4.05 4.76
C GLY A 64 4.33 -4.46 5.52
N HIS A 65 4.45 -5.76 5.79
CA HIS A 65 5.61 -6.27 6.51
C HIS A 65 6.27 -7.40 5.73
N ARG A 66 7.54 -7.66 6.03
CA ARG A 66 8.27 -8.72 5.35
C ARG A 66 8.42 -9.94 6.26
N ASP A 67 8.04 -11.11 5.76
CA ASP A 67 8.13 -12.33 6.53
C ASP A 67 9.23 -13.23 5.99
N THR A 68 9.05 -13.73 4.78
CA THR A 68 10.04 -14.61 4.17
C THR A 68 10.38 -14.12 2.75
N VAL A 69 11.32 -14.81 2.10
CA VAL A 69 11.71 -14.43 0.76
C VAL A 69 11.24 -15.48 -0.24
N PHE A 70 10.55 -15.02 -1.28
CA PHE A 70 10.05 -15.94 -2.31
C PHE A 70 10.14 -15.29 -3.69
N THR A 71 9.33 -14.26 -3.91
CA THR A 71 9.32 -13.55 -5.18
C THR A 71 9.85 -12.13 -5.02
N ASP A 72 10.58 -11.91 -3.93
CA ASP A 72 11.13 -10.58 -3.65
C ASP A 72 12.01 -10.12 -4.81
N LEU A 73 12.60 -11.07 -5.51
CA LEU A 73 13.47 -10.76 -6.64
C LEU A 73 12.68 -10.06 -7.75
N GLY A 74 11.45 -10.52 -7.98
CA GLY A 74 10.62 -9.94 -9.02
C GLY A 74 9.84 -8.74 -8.50
N GLN A 75 9.71 -8.65 -7.18
CA GLN A 75 8.99 -7.55 -6.57
C GLN A 75 9.76 -6.24 -6.74
N LEU A 76 11.07 -6.30 -6.51
CA LEU A 76 11.91 -5.11 -6.64
C LEU A 76 12.45 -5.00 -8.06
N LYS A 77 11.74 -4.27 -8.89
CA LYS A 77 12.16 -4.08 -10.28
C LYS A 77 11.22 -3.10 -10.99
N GLU A 78 11.78 -2.34 -11.92
CA GLU A 78 11.00 -1.36 -12.68
C GLU A 78 10.11 -2.04 -13.70
N LYS A 79 10.36 -3.32 -13.91
CA LYS A 79 9.58 -4.09 -14.88
C LYS A 79 8.29 -4.60 -14.23
N ASP A 80 8.26 -4.56 -12.90
CA ASP A 80 7.07 -5.04 -12.17
C ASP A 80 5.96 -3.98 -12.20
N THR A 81 4.71 -4.42 -11.99
CA THR A 81 3.59 -3.51 -12.00
C THR A 81 2.64 -3.86 -10.87
N LEU A 82 1.97 -2.84 -10.36
CA LEU A 82 1.03 -3.04 -9.27
C LEU A 82 -0.37 -2.65 -9.70
N VAL A 83 -1.30 -3.60 -9.64
CA VAL A 83 -2.67 -3.33 -10.05
C VAL A 83 -3.56 -3.17 -8.82
N LEU A 84 -4.25 -2.04 -8.75
CA LEU A 84 -5.13 -1.75 -7.62
C LEU A 84 -6.59 -1.72 -8.06
N GLU A 85 -7.44 -2.39 -7.30
CA GLU A 85 -8.87 -2.43 -7.62
C GLU A 85 -9.65 -1.55 -6.66
N TYR A 86 -10.32 -0.55 -7.20
CA TYR A 86 -11.11 0.36 -6.37
C TYR A 86 -12.40 0.78 -7.08
N ASP A 87 -13.53 0.61 -6.41
CA ASP A 87 -14.81 1.00 -6.99
C ASP A 87 -15.05 0.28 -8.33
N ASN A 88 -14.75 -1.02 -8.35
CA ASN A 88 -14.94 -1.80 -9.57
C ASN A 88 -14.01 -1.31 -10.67
N LYS A 89 -13.01 -0.52 -10.30
CA LYS A 89 -12.06 0.00 -11.26
C LYS A 89 -10.66 -0.54 -10.97
N THR A 90 -9.94 -0.86 -12.02
CA THR A 90 -8.58 -1.39 -11.85
C THR A 90 -7.53 -0.37 -12.27
N TYR A 91 -6.62 -0.06 -11.37
CA TYR A 91 -5.56 0.90 -11.67
C TYR A 91 -4.25 0.18 -11.91
N THR A 92 -3.59 0.50 -13.03
CA THR A 92 -2.34 -0.15 -13.37
C THR A 92 -1.14 0.75 -13.05
N TYR A 93 -0.30 0.28 -12.14
CA TYR A 93 0.89 1.04 -11.76
C TYR A 93 2.16 0.33 -12.22
N GLU A 94 3.27 1.06 -12.22
CA GLU A 94 4.55 0.50 -12.65
C GLU A 94 5.67 0.98 -11.74
N ILE A 95 6.53 0.04 -11.32
CA ILE A 95 7.63 0.40 -10.46
C ILE A 95 8.60 1.33 -11.19
N GLN A 96 8.85 2.49 -10.62
CA GLN A 96 9.76 3.45 -11.23
C GLN A 96 11.14 3.39 -10.56
N LYS A 97 11.15 3.41 -9.23
CA LYS A 97 12.40 3.36 -8.49
C LYS A 97 12.18 2.76 -7.11
N ILE A 98 13.13 1.92 -6.69
CA ILE A 98 13.03 1.27 -5.39
C ILE A 98 14.18 1.71 -4.49
N TRP A 99 13.83 2.13 -3.26
CA TRP A 99 14.84 2.56 -2.32
C TRP A 99 14.38 2.31 -0.88
N ILE A 100 15.19 2.75 0.08
CA ILE A 100 14.86 2.57 1.49
C ILE A 100 14.98 3.89 2.24
N THR A 101 13.98 4.16 3.08
CA THR A 101 13.98 5.41 3.86
C THR A 101 13.60 5.14 5.31
N HIS A 102 13.74 6.16 6.15
CA HIS A 102 13.41 6.01 7.56
C HIS A 102 11.91 5.96 7.76
N ALA A 103 11.47 5.40 8.89
CA ALA A 103 10.06 5.29 9.19
C ALA A 103 9.46 6.67 9.48
N ASP A 104 10.32 7.66 9.65
CA ASP A 104 9.88 9.01 9.93
C ASP A 104 9.93 9.87 8.66
N ASP A 105 10.03 9.22 7.51
CA ASP A 105 10.09 9.92 6.24
C ASP A 105 8.70 10.37 5.81
N ARG A 106 8.34 11.60 6.14
CA ARG A 106 7.04 12.14 5.78
C ARG A 106 7.00 12.50 4.30
N THR A 107 8.18 12.67 3.71
CA THR A 107 8.30 13.02 2.30
C THR A 107 7.65 11.94 1.44
N VAL A 108 7.62 10.72 1.96
CA VAL A 108 7.03 9.61 1.24
C VAL A 108 5.58 9.40 1.69
N ILE A 109 5.16 10.17 2.69
CA ILE A 109 3.80 10.06 3.20
C ILE A 109 3.04 11.37 3.04
N ILE A 110 3.60 12.26 2.23
CA ILE A 110 2.98 13.57 1.98
C ILE A 110 1.85 13.44 0.96
N LYS A 111 1.49 14.56 0.35
CA LYS A 111 0.42 14.57 -0.64
C LYS A 111 1.00 14.54 -2.06
N LYS A 112 0.27 13.95 -2.99
CA LYS A 112 0.73 13.87 -4.38
C LYS A 112 -0.37 14.35 -5.31
N GLU A 113 -0.03 15.32 -6.16
CA GLU A 113 -1.01 15.85 -7.11
C GLU A 113 -1.20 14.88 -8.27
N GLU A 114 -0.62 13.70 -8.15
CA GLU A 114 -0.75 12.70 -9.21
C GLU A 114 -0.98 11.31 -8.61
N PRO A 115 -1.42 10.39 -9.41
CA PRO A 115 -1.67 8.98 -8.98
C PRO A 115 -0.38 8.19 -8.83
N ILE A 116 0.20 8.28 -7.64
CA ILE A 116 1.45 7.57 -7.36
C ILE A 116 1.27 6.57 -6.21
N LEU A 117 1.71 5.34 -6.44
CA LEU A 117 1.60 4.30 -5.42
C LEU A 117 2.94 4.05 -4.75
N THR A 118 2.97 4.30 -3.44
CA THR A 118 4.20 4.09 -2.68
C THR A 118 3.98 3.02 -1.62
N LEU A 119 4.83 1.99 -1.65
CA LEU A 119 4.72 0.91 -0.69
C LEU A 119 5.83 0.96 0.35
N THR A 120 5.44 1.04 1.62
CA THR A 120 6.42 1.08 2.70
C THR A 120 6.20 -0.10 3.65
N THR A 121 7.23 -0.93 3.79
CA THR A 121 7.15 -2.09 4.66
C THR A 121 8.50 -2.46 5.23
N CYS A 122 8.54 -3.52 6.02
CA CYS A 122 9.80 -3.97 6.62
C CYS A 122 9.54 -4.79 7.87
N TYR A 123 9.22 -4.11 8.96
CA TYR A 123 8.94 -4.78 10.23
C TYR A 123 9.55 -6.18 10.25
N PRO A 124 10.84 -6.27 10.30
CA PRO A 124 11.57 -7.57 10.33
C PRO A 124 11.51 -8.24 11.68
N PHE A 125 11.63 -9.56 11.70
CA PHE A 125 11.58 -10.32 12.95
C PHE A 125 12.70 -9.87 13.88
N ASP A 126 13.82 -9.47 13.29
CA ASP A 126 14.97 -9.03 14.08
C ASP A 126 14.59 -7.82 14.93
N TYR A 127 13.88 -6.87 14.32
CA TYR A 127 13.46 -5.67 15.03
C TYR A 127 11.99 -5.76 15.43
N ILE A 128 11.68 -5.32 16.64
CA ILE A 128 10.30 -5.35 17.12
C ILE A 128 9.66 -3.97 16.99
N GLY A 129 8.49 -3.91 16.37
CA GLY A 129 7.80 -2.65 16.18
C GLY A 129 8.06 -2.08 14.80
N ASP A 130 8.21 -0.76 14.72
CA ASP A 130 8.47 -0.10 13.44
C ASP A 130 9.96 -0.01 13.19
N ALA A 131 10.47 -0.90 12.33
CA ALA A 131 11.88 -0.92 12.00
C ALA A 131 12.38 0.48 11.66
N PRO A 132 13.63 0.75 11.91
CA PRO A 132 14.25 2.08 11.64
C PRO A 132 14.21 2.43 10.16
N ASP A 133 14.64 1.50 9.32
CA ASP A 133 14.66 1.71 7.87
C ASP A 133 13.61 0.84 7.20
N ARG A 134 12.61 1.48 6.58
CA ARG A 134 11.54 0.75 5.91
C ARG A 134 11.77 0.73 4.40
N TYR A 135 11.40 -0.38 3.77
CA TYR A 135 11.59 -0.50 2.32
C TYR A 135 10.52 0.29 1.59
N ILE A 136 10.92 1.04 0.57
CA ILE A 136 9.98 1.86 -0.17
C ILE A 136 9.93 1.48 -1.66
N ILE A 137 8.73 1.16 -2.14
CA ILE A 137 8.54 0.82 -3.54
C ILE A 137 7.69 1.90 -4.20
N GLU A 138 8.32 2.69 -5.06
CA GLU A 138 7.59 3.76 -5.74
C GLU A 138 7.09 3.29 -7.11
N ALA A 139 5.86 3.65 -7.42
CA ALA A 139 5.25 3.27 -8.69
C ALA A 139 4.28 4.34 -9.18
N LYS A 140 4.16 4.47 -10.49
CA LYS A 140 3.26 5.46 -11.08
C LYS A 140 2.16 4.79 -11.88
N LEU A 141 1.03 5.49 -12.03
CA LEU A 141 -0.10 4.94 -12.77
C LEU A 141 0.15 5.08 -14.27
N THR A 142 0.12 3.95 -14.96
CA THR A 142 0.32 3.94 -16.40
C THR A 142 -0.99 3.69 -17.14
N GLY A 143 -1.82 2.82 -16.58
CA GLY A 143 -3.10 2.49 -17.19
C GLY A 143 -4.18 2.28 -16.14
N SER A 144 -5.44 2.39 -16.54
CA SER A 144 -6.55 2.21 -15.61
C SER A 144 -7.73 1.54 -16.32
N TYR A 145 -8.50 0.77 -15.57
CA TYR A 145 -9.66 0.07 -16.13
C TYR A 145 -10.90 0.35 -15.28
N SER A 146 -12.06 0.26 -15.92
CA SER A 146 -13.32 0.49 -15.22
C SER A 146 -14.44 -0.38 -15.79
N LYS A 147 -15.10 -1.13 -14.91
CA LYS A 147 -16.18 -2.01 -15.34
C LYS A 147 -17.50 -1.57 -14.73
N GLY A 1 -16.82 4.48 22.82
CA GLY A 1 -17.96 4.49 21.85
C GLY A 1 -18.57 3.09 21.77
N SER A 2 -19.24 2.82 20.66
CA SER A 2 -19.87 1.52 20.47
C SER A 2 -20.00 1.21 18.98
N HIS A 3 -20.33 -0.05 18.67
CA HIS A 3 -20.48 -0.47 17.29
C HIS A 3 -19.12 -0.56 16.59
N MET A 4 -18.47 -1.70 16.75
CA MET A 4 -17.16 -1.91 16.14
C MET A 4 -17.30 -2.26 14.67
N SER A 5 -16.33 -1.86 13.86
CA SER A 5 -16.36 -2.14 12.43
C SER A 5 -17.55 -1.44 11.77
N SER A 6 -18.72 -2.08 11.86
CA SER A 6 -19.92 -1.51 11.27
C SER A 6 -19.78 -1.40 9.75
N GLN A 7 -18.62 -1.80 9.25
CA GLN A 7 -18.36 -1.73 7.81
C GLN A 7 -19.15 -0.61 7.17
N THR A 8 -19.61 -0.83 5.94
CA THR A 8 -20.38 0.18 5.22
C THR A 8 -19.64 1.52 5.23
N GLU A 9 -20.36 2.59 4.92
CA GLU A 9 -19.77 3.93 4.90
C GLU A 9 -18.28 3.84 4.59
N HIS A 10 -17.46 3.90 5.63
CA HIS A 10 -16.02 3.83 5.47
C HIS A 10 -15.37 3.30 6.75
N LYS A 11 -14.55 4.12 7.38
CA LYS A 11 -13.85 3.72 8.61
C LYS A 11 -12.54 3.03 8.26
N GLU A 12 -11.63 2.99 9.21
CA GLU A 12 -10.33 2.33 8.99
C GLU A 12 -10.42 0.88 9.43
N GLY A 13 -9.64 0.01 8.77
CA GLY A 13 -9.64 -1.41 9.10
C GLY A 13 -10.68 -2.17 8.30
N GLU A 14 -11.25 -1.49 7.32
CA GLU A 14 -12.26 -2.10 6.47
C GLU A 14 -11.75 -2.25 5.05
N LYS A 15 -11.97 -3.42 4.47
CA LYS A 15 -11.52 -3.69 3.11
C LYS A 15 -12.18 -2.73 2.14
N VAL A 16 -11.41 -1.76 1.66
CA VAL A 16 -11.94 -0.76 0.72
C VAL A 16 -11.36 -0.98 -0.67
N ALA A 17 -10.07 -1.30 -0.74
CA ALA A 17 -9.41 -1.52 -2.02
C ALA A 17 -8.68 -2.85 -2.02
N MET A 18 -8.39 -3.37 -3.21
CA MET A 18 -7.68 -4.65 -3.31
C MET A 18 -6.41 -4.48 -4.13
N LEU A 19 -5.38 -5.26 -3.78
CA LEU A 19 -4.11 -5.18 -4.49
C LEU A 19 -3.85 -6.47 -5.27
N ASN A 20 -3.65 -6.35 -6.57
CA ASN A 20 -3.40 -7.52 -7.41
C ASN A 20 -2.02 -7.44 -8.06
N ILE A 21 -1.24 -8.50 -7.91
CA ILE A 21 0.10 -8.54 -8.50
C ILE A 21 0.11 -9.47 -9.71
N PRO A 22 0.16 -8.93 -10.89
CA PRO A 22 0.15 -9.73 -12.15
C PRO A 22 1.48 -10.40 -12.44
N LYS A 23 2.57 -9.68 -12.20
CA LYS A 23 3.90 -10.22 -12.44
C LYS A 23 4.12 -11.50 -11.63
N LEU A 24 3.71 -11.47 -10.38
CA LEU A 24 3.86 -12.64 -9.51
C LEU A 24 2.56 -13.41 -9.43
N LYS A 25 1.53 -12.93 -10.12
CA LYS A 25 0.24 -13.60 -10.10
C LYS A 25 -0.25 -13.79 -8.67
N LYS A 26 -0.22 -12.71 -7.90
CA LYS A 26 -0.67 -12.77 -6.51
C LYS A 26 -1.71 -11.69 -6.23
N LYS A 27 -2.40 -11.82 -5.10
CA LYS A 27 -3.42 -10.85 -4.73
C LYS A 27 -3.38 -10.56 -3.24
N PHE A 28 -3.68 -9.33 -2.87
CA PHE A 28 -3.70 -8.94 -1.47
C PHE A 28 -4.84 -7.95 -1.19
N SER A 29 -5.43 -8.04 -0.01
CA SER A 29 -6.52 -7.15 0.36
C SER A 29 -6.01 -5.89 1.03
N ILE A 30 -6.45 -4.74 0.54
CA ILE A 30 -6.03 -3.46 1.12
C ILE A 30 -7.15 -2.89 1.97
N TYR A 31 -6.86 -2.69 3.26
CA TYR A 31 -7.87 -2.16 4.18
C TYR A 31 -7.61 -0.69 4.46
N TRP A 32 -8.69 0.09 4.58
CA TRP A 32 -8.56 1.52 4.86
C TRP A 32 -7.84 1.75 6.19
N GLY A 33 -6.70 2.43 6.12
CA GLY A 33 -5.92 2.71 7.33
C GLY A 33 -5.04 1.54 7.70
N ALA A 34 -4.01 1.81 8.48
CA ALA A 34 -3.11 0.76 8.90
C ALA A 34 -3.29 0.45 10.38
N ASP A 35 -4.05 -0.60 10.68
CA ASP A 35 -4.30 -0.99 12.06
C ASP A 35 -3.32 -2.07 12.52
N ASP A 36 -2.40 -1.69 13.40
CA ASP A 36 -1.41 -2.62 13.92
C ASP A 36 -2.03 -3.54 14.98
N ALA A 37 -3.14 -3.10 15.55
CA ALA A 37 -3.81 -3.87 16.58
C ALA A 37 -4.23 -5.23 16.04
N THR A 38 -4.50 -5.29 14.74
CA THR A 38 -4.90 -6.54 14.11
C THR A 38 -3.75 -7.13 13.31
N LEU A 39 -3.43 -8.39 13.56
CA LEU A 39 -2.35 -9.06 12.85
C LEU A 39 -2.84 -9.60 11.51
N LYS A 40 -4.13 -9.43 11.25
CA LYS A 40 -4.72 -9.91 10.01
C LYS A 40 -4.27 -9.05 8.84
N LYS A 41 -3.85 -9.70 7.75
CA LYS A 41 -3.37 -8.98 6.57
C LYS A 41 -2.86 -7.59 6.95
N GLY A 42 -1.60 -7.53 7.36
CA GLY A 42 -1.00 -6.26 7.75
C GLY A 42 -0.94 -5.30 6.56
N VAL A 43 -1.66 -5.62 5.50
CA VAL A 43 -1.66 -4.77 4.31
C VAL A 43 -2.80 -3.75 4.40
N GLY A 44 -2.45 -2.53 4.79
CA GLY A 44 -3.44 -1.47 4.92
C GLY A 44 -2.99 -0.21 4.19
N MET A 45 -3.91 0.74 4.04
CA MET A 45 -3.59 1.99 3.36
C MET A 45 -3.52 3.13 4.36
N PHE A 46 -2.43 3.88 4.33
CA PHE A 46 -2.26 4.99 5.26
C PHE A 46 -3.20 6.13 4.90
N VAL A 47 -3.95 6.60 5.89
CA VAL A 47 -4.90 7.69 5.69
C VAL A 47 -4.42 8.97 6.35
N SER A 48 -4.48 10.08 5.62
CA SER A 48 -4.06 11.36 6.16
C SER A 48 -4.64 12.51 5.34
N ASP A 49 -4.36 13.73 5.77
CA ASP A 49 -4.87 14.91 5.07
C ASP A 49 -4.20 15.04 3.70
N VAL A 50 -3.18 14.23 3.47
CA VAL A 50 -2.47 14.27 2.19
C VAL A 50 -2.58 12.92 1.47
N THR A 51 -2.72 11.85 2.24
CA THR A 51 -2.83 10.52 1.67
C THR A 51 -4.27 10.24 1.24
N THR A 52 -4.42 9.57 0.11
CA THR A 52 -5.75 9.24 -0.41
C THR A 52 -5.75 7.86 -1.05
N THR A 53 -6.92 7.43 -1.51
CA THR A 53 -7.05 6.12 -2.14
C THR A 53 -6.98 6.24 -3.66
N PRO A 54 -6.69 5.16 -4.33
CA PRO A 54 -6.58 5.14 -5.82
C PRO A 54 -7.96 5.12 -6.49
N SER A 55 -8.55 6.30 -6.64
CA SER A 55 -9.87 6.42 -7.27
C SER A 55 -9.79 7.32 -8.49
N GLY A 56 -8.62 7.84 -8.75
CA GLY A 56 -8.41 8.72 -9.89
C GLY A 56 -7.46 9.87 -9.55
N GLY A 57 -6.17 9.63 -9.80
CA GLY A 57 -5.17 10.66 -9.51
C GLY A 57 -5.14 10.99 -8.02
N GLY A 58 -4.37 10.23 -7.26
CA GLY A 58 -4.27 10.45 -5.82
C GLY A 58 -3.04 9.75 -5.25
N HIS A 59 -2.57 10.26 -4.12
CA HIS A 59 -1.41 9.68 -3.45
C HIS A 59 -1.85 8.45 -2.67
N THR A 60 -1.41 7.28 -3.11
CA THR A 60 -1.77 6.04 -2.43
C THR A 60 -0.59 5.54 -1.61
N VAL A 61 -0.82 5.27 -0.32
CA VAL A 61 0.25 4.79 0.54
C VAL A 61 -0.10 3.41 1.10
N LEU A 62 0.82 2.47 0.95
CA LEU A 62 0.62 1.12 1.45
C LEU A 62 1.54 0.83 2.63
N SER A 63 1.02 0.08 3.59
CA SER A 63 1.80 -0.25 4.78
C SER A 63 1.79 -1.77 5.01
N GLY A 64 2.96 -2.30 5.33
CA GLY A 64 3.08 -3.74 5.57
C GLY A 64 4.20 -4.03 6.58
N HIS A 65 3.81 -4.17 7.84
CA HIS A 65 4.78 -4.46 8.89
C HIS A 65 5.32 -5.88 8.74
N ARG A 66 6.63 -6.04 8.95
CA ARG A 66 7.25 -7.35 8.84
C ARG A 66 7.83 -7.55 7.44
N ASP A 67 8.88 -8.36 7.35
CA ASP A 67 9.51 -8.63 6.07
C ASP A 67 8.55 -9.37 5.14
N THR A 68 8.77 -9.24 3.84
CA THR A 68 7.92 -9.90 2.86
C THR A 68 8.20 -11.40 2.81
N VAL A 69 7.34 -12.14 2.13
CA VAL A 69 7.52 -13.58 2.02
C VAL A 69 8.16 -13.94 0.69
N PHE A 70 9.38 -14.47 0.75
CA PHE A 70 10.10 -14.85 -0.47
C PHE A 70 9.74 -13.93 -1.63
N THR A 71 9.91 -14.41 -2.85
CA THR A 71 9.61 -13.62 -4.04
C THR A 71 10.11 -12.18 -3.85
N ASP A 72 11.23 -12.03 -3.16
CA ASP A 72 11.80 -10.72 -2.92
C ASP A 72 12.19 -10.05 -4.24
N LEU A 73 12.79 -10.84 -5.12
CA LEU A 73 13.21 -10.32 -6.41
C LEU A 73 12.00 -9.84 -7.22
N GLY A 74 10.91 -10.59 -7.14
CA GLY A 74 9.69 -10.24 -7.87
C GLY A 74 9.11 -8.92 -7.35
N GLN A 75 9.13 -8.76 -6.03
CA GLN A 75 8.60 -7.55 -5.41
C GLN A 75 9.43 -6.33 -5.80
N LEU A 76 10.75 -6.49 -5.83
CA LEU A 76 11.63 -5.39 -6.18
C LEU A 76 12.09 -5.50 -7.63
N LYS A 77 11.58 -4.61 -8.47
CA LYS A 77 11.95 -4.59 -9.89
C LYS A 77 11.12 -3.57 -10.64
N GLU A 78 11.72 -2.93 -11.63
CA GLU A 78 11.04 -1.93 -12.44
C GLU A 78 10.05 -2.59 -13.38
N LYS A 79 10.17 -3.90 -13.52
CA LYS A 79 9.29 -4.65 -14.38
C LYS A 79 7.99 -4.98 -13.65
N ASP A 80 8.01 -4.84 -12.33
CA ASP A 80 6.82 -5.14 -11.52
C ASP A 80 5.68 -4.17 -11.84
N THR A 81 4.45 -4.56 -11.49
CA THR A 81 3.30 -3.73 -11.74
C THR A 81 2.25 -3.96 -10.68
N LEU A 82 1.90 -2.92 -9.96
CA LEU A 82 0.91 -3.04 -8.92
C LEU A 82 -0.45 -2.61 -9.43
N VAL A 83 -1.47 -3.42 -9.18
CA VAL A 83 -2.82 -3.09 -9.64
C VAL A 83 -3.73 -2.82 -8.45
N LEU A 84 -4.44 -1.70 -8.53
CA LEU A 84 -5.34 -1.29 -7.47
C LEU A 84 -6.79 -1.33 -7.92
N GLU A 85 -7.62 -2.04 -7.15
CA GLU A 85 -9.04 -2.14 -7.48
C GLU A 85 -9.87 -1.26 -6.54
N TYR A 86 -10.52 -0.26 -7.12
CA TYR A 86 -11.35 0.65 -6.33
C TYR A 86 -12.53 1.17 -7.14
N ASP A 87 -13.72 1.11 -6.57
CA ASP A 87 -14.91 1.59 -7.27
C ASP A 87 -15.15 0.82 -8.55
N ASN A 88 -14.97 -0.50 -8.49
CA ASN A 88 -15.17 -1.35 -9.64
C ASN A 88 -14.21 -0.96 -10.75
N LYS A 89 -13.19 -0.20 -10.39
CA LYS A 89 -12.20 0.23 -11.36
C LYS A 89 -10.83 -0.36 -11.03
N THR A 90 -10.05 -0.65 -12.06
CA THR A 90 -8.73 -1.23 -11.87
C THR A 90 -7.64 -0.27 -12.35
N TYR A 91 -6.72 0.07 -11.45
CA TYR A 91 -5.62 0.97 -11.80
C TYR A 91 -4.34 0.17 -11.93
N THR A 92 -3.54 0.47 -12.95
CA THR A 92 -2.31 -0.25 -13.17
C THR A 92 -1.10 0.63 -12.85
N TYR A 93 -0.30 0.18 -11.89
CA TYR A 93 0.91 0.92 -11.49
C TYR A 93 2.16 0.15 -11.87
N GLU A 94 3.26 0.87 -12.03
CA GLU A 94 4.54 0.24 -12.39
C GLU A 94 5.64 0.72 -11.47
N ILE A 95 6.51 -0.21 -11.06
CA ILE A 95 7.60 0.15 -10.17
C ILE A 95 8.54 1.14 -10.85
N GLN A 96 8.69 2.29 -10.23
CA GLN A 96 9.56 3.33 -10.78
C GLN A 96 10.92 3.31 -10.09
N LYS A 97 10.93 3.37 -8.77
CA LYS A 97 12.18 3.36 -8.02
C LYS A 97 11.97 2.72 -6.66
N ILE A 98 12.97 1.95 -6.23
CA ILE A 98 12.88 1.27 -4.94
C ILE A 98 14.03 1.69 -4.03
N TRP A 99 13.71 2.06 -2.80
CA TRP A 99 14.74 2.47 -1.85
C TRP A 99 14.28 2.22 -0.41
N ILE A 100 15.11 2.64 0.55
CA ILE A 100 14.78 2.44 1.96
C ILE A 100 14.91 3.76 2.72
N THR A 101 13.89 4.09 3.51
CA THR A 101 13.89 5.32 4.28
C THR A 101 13.25 5.12 5.65
N HIS A 102 13.40 6.11 6.52
CA HIS A 102 12.84 6.02 7.86
C HIS A 102 11.31 6.16 7.80
N ALA A 103 10.64 5.48 8.72
CA ALA A 103 9.19 5.53 8.79
C ALA A 103 8.70 6.95 9.07
N ASP A 104 9.60 7.77 9.61
CA ASP A 104 9.27 9.15 9.93
C ASP A 104 9.52 10.07 8.74
N ASP A 105 9.75 9.47 7.57
CA ASP A 105 10.00 10.25 6.35
C ASP A 105 8.68 10.65 5.70
N ARG A 106 8.15 11.79 6.12
CA ARG A 106 6.89 12.29 5.57
C ARG A 106 7.02 12.53 4.07
N THR A 107 8.22 12.90 3.64
CA THR A 107 8.47 13.15 2.22
C THR A 107 7.84 12.06 1.37
N VAL A 108 7.47 10.95 2.01
CA VAL A 108 6.85 9.82 1.32
C VAL A 108 5.36 9.73 1.65
N ILE A 109 4.95 10.40 2.72
CA ILE A 109 3.55 10.38 3.14
C ILE A 109 2.86 11.70 2.85
N ILE A 110 3.53 12.54 2.07
CA ILE A 110 2.98 13.85 1.71
C ILE A 110 1.96 13.72 0.59
N LYS A 111 1.47 14.86 0.12
CA LYS A 111 0.48 14.88 -0.95
C LYS A 111 1.14 14.72 -2.32
N LYS A 112 0.48 13.98 -3.22
CA LYS A 112 1.01 13.78 -4.56
C LYS A 112 0.08 14.39 -5.59
N GLU A 113 0.65 15.19 -6.49
CA GLU A 113 -0.15 15.84 -7.52
C GLU A 113 -0.47 14.84 -8.62
N GLU A 114 -0.32 13.56 -8.32
CA GLU A 114 -0.61 12.53 -9.31
C GLU A 114 -0.84 11.18 -8.65
N PRO A 115 -1.35 10.22 -9.38
CA PRO A 115 -1.62 8.86 -8.86
C PRO A 115 -0.33 8.08 -8.66
N ILE A 116 0.10 8.00 -7.42
CA ILE A 116 1.33 7.29 -7.08
C ILE A 116 1.11 6.33 -5.91
N LEU A 117 1.66 5.12 -6.03
CA LEU A 117 1.52 4.13 -4.98
C LEU A 117 2.84 3.92 -4.26
N THR A 118 2.83 4.19 -2.96
CA THR A 118 4.04 4.04 -2.14
C THR A 118 3.80 2.99 -1.07
N LEU A 119 4.67 1.98 -1.02
CA LEU A 119 4.54 0.92 -0.03
C LEU A 119 5.68 0.94 0.97
N THR A 120 5.34 1.01 2.25
CA THR A 120 6.35 1.04 3.30
C THR A 120 6.15 -0.15 4.25
N THR A 121 7.15 -1.03 4.28
CA THR A 121 7.08 -2.22 5.13
C THR A 121 8.39 -2.46 5.85
N CYS A 122 8.51 -3.64 6.45
CA CYS A 122 9.71 -4.01 7.18
C CYS A 122 9.57 -3.68 8.66
N TYR A 123 9.72 -2.40 8.99
CA TYR A 123 9.60 -1.96 10.37
C TYR A 123 10.63 -2.68 11.24
N PRO A 124 11.31 -1.95 12.10
CA PRO A 124 12.35 -2.53 13.01
C PRO A 124 11.77 -3.42 14.09
N PHE A 125 10.75 -2.92 14.77
CA PHE A 125 10.10 -3.68 15.84
C PHE A 125 9.46 -4.95 15.28
N ASP A 126 8.96 -4.86 14.06
CA ASP A 126 8.32 -6.01 13.43
C ASP A 126 9.36 -6.98 12.87
N TYR A 127 10.23 -6.46 12.01
CA TYR A 127 11.28 -7.28 11.40
C TYR A 127 12.30 -7.72 12.44
N ILE A 128 12.78 -8.95 12.30
CA ILE A 128 13.76 -9.48 13.25
C ILE A 128 15.17 -9.17 12.75
N GLY A 129 15.93 -8.45 13.56
CA GLY A 129 17.29 -8.09 13.20
C GLY A 129 17.51 -6.59 13.35
N ASP A 130 17.88 -5.93 12.26
CA ASP A 130 18.12 -4.49 12.30
C ASP A 130 17.57 -3.83 11.04
N ALA A 131 16.40 -3.20 11.17
CA ALA A 131 15.77 -2.52 10.04
C ALA A 131 15.35 -1.11 10.44
N PRO A 132 16.29 -0.26 10.72
CA PRO A 132 16.01 1.15 11.13
C PRO A 132 15.07 1.87 10.17
N ASP A 133 15.22 1.59 8.87
CA ASP A 133 14.39 2.20 7.85
C ASP A 133 13.38 1.20 7.30
N ARG A 134 12.33 1.71 6.66
CA ARG A 134 11.30 0.85 6.08
C ARG A 134 11.47 0.77 4.57
N TYR A 135 11.20 -0.40 4.01
CA TYR A 135 11.35 -0.57 2.56
C TYR A 135 10.29 0.23 1.83
N ILE A 136 10.71 1.09 0.91
CA ILE A 136 9.77 1.93 0.17
C ILE A 136 9.70 1.53 -1.30
N ILE A 137 8.55 0.99 -1.70
CA ILE A 137 8.34 0.60 -3.09
C ILE A 137 7.52 1.68 -3.79
N GLU A 138 8.15 2.38 -4.72
CA GLU A 138 7.45 3.43 -5.45
C GLU A 138 6.90 2.90 -6.76
N ALA A 139 5.70 3.34 -7.11
CA ALA A 139 5.06 2.91 -8.36
C ALA A 139 4.14 4.00 -8.90
N LYS A 140 4.18 4.20 -10.22
CA LYS A 140 3.34 5.21 -10.87
C LYS A 140 2.26 4.57 -11.71
N LEU A 141 1.14 5.26 -11.84
CA LEU A 141 0.03 4.75 -12.64
C LEU A 141 0.37 4.81 -14.12
N THR A 142 0.32 3.66 -14.78
CA THR A 142 0.61 3.59 -16.21
C THR A 142 -0.66 3.35 -17.01
N GLY A 143 -1.52 2.46 -16.49
CA GLY A 143 -2.76 2.14 -17.16
C GLY A 143 -3.93 2.17 -16.19
N SER A 144 -5.14 1.97 -16.71
CA SER A 144 -6.32 1.98 -15.87
C SER A 144 -7.45 1.19 -16.52
N TYR A 145 -8.43 0.78 -15.72
CA TYR A 145 -9.56 0.02 -16.22
C TYR A 145 -10.82 0.33 -15.42
N SER A 146 -11.98 0.19 -16.08
CA SER A 146 -13.24 0.47 -15.41
C SER A 146 -14.34 -0.44 -15.95
N LYS A 147 -15.10 -1.04 -15.04
CA LYS A 147 -16.18 -1.94 -15.44
C LYS A 147 -17.45 -1.14 -15.74
N GLY A 1 -13.12 -0.85 21.07
CA GLY A 1 -14.15 -0.43 22.07
C GLY A 1 -15.45 -0.12 21.36
N SER A 2 -15.38 0.74 20.34
CA SER A 2 -16.57 1.11 19.58
C SER A 2 -17.14 -0.10 18.85
N HIS A 3 -18.43 -0.05 18.56
CA HIS A 3 -19.09 -1.14 17.87
C HIS A 3 -19.61 -0.69 16.51
N MET A 4 -19.51 -1.57 15.51
CA MET A 4 -19.96 -1.24 14.17
C MET A 4 -21.44 -1.60 13.99
N SER A 5 -22.18 -0.72 13.34
CA SER A 5 -23.61 -0.96 13.13
C SER A 5 -23.82 -1.76 11.84
N SER A 6 -23.47 -1.16 10.71
CA SER A 6 -23.64 -1.83 9.42
C SER A 6 -22.50 -1.45 8.48
N GLN A 7 -22.86 -0.98 7.28
CA GLN A 7 -21.84 -0.60 6.30
C GLN A 7 -20.95 0.50 6.85
N THR A 8 -19.67 0.45 6.51
CA THR A 8 -18.72 1.43 6.98
C THR A 8 -18.20 2.28 5.82
N GLU A 9 -17.57 3.41 6.14
CA GLU A 9 -17.04 4.30 5.13
C GLU A 9 -15.85 5.07 5.67
N HIS A 10 -14.78 5.14 4.88
CA HIS A 10 -13.58 5.85 5.29
C HIS A 10 -13.04 5.29 6.59
N LYS A 11 -13.75 4.34 7.17
CA LYS A 11 -13.32 3.72 8.42
C LYS A 11 -11.98 3.04 8.25
N GLU A 12 -11.31 2.76 9.35
CA GLU A 12 -10.00 2.12 9.32
C GLU A 12 -10.11 0.67 9.79
N GLY A 13 -9.67 -0.26 8.94
CA GLY A 13 -9.73 -1.68 9.28
C GLY A 13 -10.69 -2.43 8.36
N GLU A 14 -11.28 -1.71 7.41
CA GLU A 14 -12.20 -2.33 6.49
C GLU A 14 -11.64 -2.28 5.06
N LYS A 15 -11.84 -3.37 4.32
CA LYS A 15 -11.34 -3.43 2.96
C LYS A 15 -11.94 -2.31 2.12
N VAL A 16 -11.07 -1.48 1.56
CA VAL A 16 -11.52 -0.36 0.73
C VAL A 16 -11.02 -0.54 -0.70
N ALA A 17 -10.01 -1.38 -0.89
CA ALA A 17 -9.45 -1.62 -2.21
C ALA A 17 -8.80 -3.00 -2.28
N MET A 18 -8.65 -3.53 -3.49
CA MET A 18 -8.03 -4.83 -3.67
C MET A 18 -6.80 -4.73 -4.54
N LEU A 19 -5.71 -5.35 -4.11
CA LEU A 19 -4.47 -5.32 -4.86
C LEU A 19 -4.31 -6.60 -5.68
N ASN A 20 -4.01 -6.43 -6.96
CA ASN A 20 -3.85 -7.58 -7.86
C ASN A 20 -2.50 -7.52 -8.57
N ILE A 21 -1.70 -8.57 -8.41
CA ILE A 21 -0.41 -8.63 -9.07
C ILE A 21 -0.45 -9.59 -10.25
N PRO A 22 -0.37 -9.08 -11.46
CA PRO A 22 -0.43 -9.93 -12.68
C PRO A 22 0.88 -10.67 -12.95
N LYS A 23 1.98 -9.98 -12.78
CA LYS A 23 3.29 -10.58 -13.01
C LYS A 23 3.50 -11.78 -12.10
N LEU A 24 3.07 -11.64 -10.85
CA LEU A 24 3.21 -12.73 -9.89
C LEU A 24 1.91 -13.50 -9.77
N LYS A 25 0.89 -13.05 -10.49
CA LYS A 25 -0.39 -13.73 -10.46
C LYS A 25 -0.90 -13.88 -9.02
N LYS A 26 -0.75 -12.81 -8.25
CA LYS A 26 -1.19 -12.83 -6.85
C LYS A 26 -2.17 -11.69 -6.58
N LYS A 27 -2.90 -11.81 -5.49
CA LYS A 27 -3.88 -10.79 -5.13
C LYS A 27 -3.90 -10.56 -3.63
N PHE A 28 -4.09 -9.31 -3.24
CA PHE A 28 -4.14 -8.96 -1.82
C PHE A 28 -5.26 -7.97 -1.54
N SER A 29 -5.79 -7.99 -0.32
CA SER A 29 -6.86 -7.10 0.06
C SER A 29 -6.32 -5.87 0.80
N ILE A 30 -6.65 -4.68 0.29
CA ILE A 30 -6.18 -3.46 0.91
C ILE A 30 -7.21 -2.94 1.91
N TYR A 31 -6.76 -2.69 3.14
CA TYR A 31 -7.65 -2.19 4.18
C TYR A 31 -7.27 -0.78 4.60
N TRP A 32 -8.27 0.08 4.80
CA TRP A 32 -8.00 1.46 5.21
C TRP A 32 -7.28 1.48 6.55
N GLY A 33 -6.15 2.18 6.61
CA GLY A 33 -5.36 2.28 7.83
C GLY A 33 -4.44 1.09 8.00
N ALA A 34 -3.54 1.18 8.96
CA ALA A 34 -2.61 0.10 9.21
C ALA A 34 -2.38 -0.08 10.70
N ASP A 35 -3.06 -1.05 11.30
CA ASP A 35 -2.92 -1.32 12.73
C ASP A 35 -2.01 -2.52 12.97
N ASP A 36 -0.86 -2.27 13.60
CA ASP A 36 0.09 -3.33 13.88
C ASP A 36 -0.41 -4.22 15.02
N ALA A 37 -1.28 -3.66 15.86
CA ALA A 37 -1.82 -4.41 16.99
C ALA A 37 -2.60 -5.62 16.51
N THR A 38 -3.34 -5.46 15.43
CA THR A 38 -4.14 -6.56 14.88
C THR A 38 -3.23 -7.61 14.27
N LEU A 39 -3.47 -8.87 14.63
CA LEU A 39 -2.66 -9.97 14.12
C LEU A 39 -3.30 -10.57 12.86
N LYS A 40 -4.45 -10.02 12.49
CA LYS A 40 -5.16 -10.50 11.30
C LYS A 40 -5.03 -9.50 10.15
N LYS A 41 -3.89 -8.83 10.09
CA LYS A 41 -3.65 -7.86 9.03
C LYS A 41 -2.35 -8.16 8.30
N GLY A 42 -2.36 -7.97 6.98
CA GLY A 42 -1.17 -8.21 6.17
C GLY A 42 -0.91 -7.06 5.22
N VAL A 43 -1.99 -6.40 4.79
CA VAL A 43 -1.87 -5.27 3.87
C VAL A 43 -2.79 -4.13 4.30
N GLY A 44 -2.20 -3.08 4.88
CA GLY A 44 -2.98 -1.94 5.33
C GLY A 44 -2.51 -0.65 4.67
N MET A 45 -3.40 0.32 4.56
CA MET A 45 -3.06 1.60 3.95
C MET A 45 -2.87 2.66 5.02
N PHE A 46 -1.92 3.56 4.80
CA PHE A 46 -1.64 4.63 5.76
C PHE A 46 -2.75 5.67 5.73
N VAL A 47 -3.07 6.22 6.90
CA VAL A 47 -4.13 7.22 6.99
C VAL A 47 -3.54 8.56 7.43
N SER A 48 -3.86 9.62 6.70
CA SER A 48 -3.36 10.94 7.03
C SER A 48 -4.12 12.02 6.25
N ASP A 49 -3.66 13.26 6.37
CA ASP A 49 -4.30 14.37 5.68
C ASP A 49 -3.68 14.56 4.29
N VAL A 50 -2.44 14.11 4.13
CA VAL A 50 -1.76 14.23 2.86
C VAL A 50 -1.97 12.99 2.00
N THR A 51 -1.98 11.83 2.64
CA THR A 51 -2.18 10.57 1.92
C THR A 51 -3.64 10.36 1.59
N THR A 52 -3.91 9.62 0.53
CA THR A 52 -5.29 9.34 0.12
C THR A 52 -5.38 7.99 -0.58
N THR A 53 -6.60 7.56 -0.85
CA THR A 53 -6.82 6.28 -1.52
C THR A 53 -6.71 6.43 -3.02
N PRO A 54 -6.36 5.37 -3.72
CA PRO A 54 -6.22 5.40 -5.20
C PRO A 54 -7.57 5.37 -5.91
N SER A 55 -8.21 6.52 -5.99
CA SER A 55 -9.51 6.63 -6.65
C SER A 55 -9.38 7.33 -7.99
N GLY A 56 -8.24 7.97 -8.21
CA GLY A 56 -8.00 8.67 -9.46
C GLY A 56 -7.11 9.89 -9.24
N GLY A 57 -5.80 9.69 -9.32
CA GLY A 57 -4.85 10.78 -9.14
C GLY A 57 -4.74 11.16 -7.66
N GLY A 58 -3.97 10.37 -6.91
CA GLY A 58 -3.79 10.63 -5.48
C GLY A 58 -2.61 9.83 -4.93
N HIS A 59 -2.07 10.30 -3.81
CA HIS A 59 -0.95 9.62 -3.19
C HIS A 59 -1.46 8.44 -2.35
N THR A 60 -0.98 7.25 -2.67
CA THR A 60 -1.39 6.05 -1.94
C THR A 60 -0.20 5.44 -1.21
N VAL A 61 -0.35 5.17 0.08
CA VAL A 61 0.73 4.58 0.84
C VAL A 61 0.33 3.19 1.34
N LEU A 62 1.16 2.20 1.04
CA LEU A 62 0.89 0.83 1.47
C LEU A 62 1.86 0.42 2.56
N SER A 63 1.33 -0.29 3.55
CA SER A 63 2.15 -0.73 4.68
C SER A 63 2.10 -2.25 4.81
N GLY A 64 3.26 -2.85 5.09
CA GLY A 64 3.35 -4.30 5.24
C GLY A 64 4.49 -4.70 6.18
N HIS A 65 4.36 -5.87 6.77
CA HIS A 65 5.38 -6.36 7.68
C HIS A 65 6.32 -7.35 6.99
N ARG A 66 7.61 -7.15 7.16
CA ARG A 66 8.60 -8.02 6.54
C ARG A 66 8.41 -8.04 5.02
N ASP A 67 9.48 -7.79 4.28
CA ASP A 67 9.42 -7.79 2.83
C ASP A 67 9.14 -9.19 2.29
N THR A 68 9.52 -10.20 3.07
CA THR A 68 9.31 -11.57 2.65
C THR A 68 7.92 -11.75 2.04
N VAL A 69 7.87 -11.71 0.71
CA VAL A 69 6.60 -11.86 0.01
C VAL A 69 6.66 -13.03 -0.96
N PHE A 70 7.43 -14.05 -0.61
CA PHE A 70 7.57 -15.23 -1.46
C PHE A 70 8.31 -14.88 -2.75
N THR A 71 7.79 -13.89 -3.47
CA THR A 71 8.42 -13.47 -4.72
C THR A 71 9.09 -12.10 -4.56
N ASP A 72 10.23 -12.09 -3.87
CA ASP A 72 10.96 -10.85 -3.66
C ASP A 72 11.49 -10.31 -4.99
N LEU A 73 11.94 -11.21 -5.86
CA LEU A 73 12.47 -10.80 -7.14
C LEU A 73 11.35 -10.36 -8.07
N GLY A 74 10.12 -10.71 -7.73
CA GLY A 74 8.98 -10.33 -8.56
C GLY A 74 8.39 -8.99 -8.11
N GLN A 75 8.22 -8.85 -6.79
CA GLN A 75 7.68 -7.61 -6.25
C GLN A 75 8.64 -6.45 -6.44
N LEU A 76 9.92 -6.73 -6.22
CA LEU A 76 10.94 -5.70 -6.35
C LEU A 76 11.55 -5.73 -7.75
N LYS A 77 10.94 -4.98 -8.67
CA LYS A 77 11.42 -4.92 -10.04
C LYS A 77 10.60 -3.92 -10.84
N GLU A 78 11.26 -3.24 -11.78
CA GLU A 78 10.60 -2.26 -12.63
C GLU A 78 9.65 -2.94 -13.60
N LYS A 79 9.91 -4.21 -13.85
CA LYS A 79 9.08 -4.98 -14.77
C LYS A 79 7.76 -5.37 -14.10
N ASP A 80 7.71 -5.22 -12.77
CA ASP A 80 6.50 -5.56 -12.02
C ASP A 80 5.41 -4.52 -12.25
N THR A 81 4.15 -4.93 -12.08
CA THR A 81 3.03 -4.05 -12.26
C THR A 81 2.00 -4.27 -11.16
N LEU A 82 1.54 -3.20 -10.58
CA LEU A 82 0.56 -3.30 -9.52
C LEU A 82 -0.80 -2.81 -10.01
N VAL A 83 -1.82 -3.65 -9.89
CA VAL A 83 -3.14 -3.26 -10.34
C VAL A 83 -4.04 -2.97 -9.14
N LEU A 84 -4.48 -1.72 -9.04
CA LEU A 84 -5.33 -1.30 -7.95
C LEU A 84 -6.80 -1.29 -8.36
N GLU A 85 -7.62 -1.97 -7.57
CA GLU A 85 -9.05 -2.03 -7.85
C GLU A 85 -9.82 -1.17 -6.87
N TYR A 86 -10.49 -0.16 -7.40
CA TYR A 86 -11.27 0.76 -6.57
C TYR A 86 -12.48 1.29 -7.32
N ASP A 87 -13.65 1.24 -6.67
CA ASP A 87 -14.87 1.73 -7.29
C ASP A 87 -15.18 1.00 -8.60
N ASN A 88 -15.14 -0.32 -8.56
CA ASN A 88 -15.43 -1.13 -9.74
C ASN A 88 -14.49 -0.75 -10.87
N LYS A 89 -13.44 0.00 -10.53
CA LYS A 89 -12.48 0.41 -11.53
C LYS A 89 -11.12 -0.21 -11.24
N THR A 90 -10.39 -0.54 -12.31
CA THR A 90 -9.08 -1.15 -12.15
C THR A 90 -7.98 -0.21 -12.67
N TYR A 91 -7.03 0.11 -11.81
CA TYR A 91 -5.94 0.99 -12.18
C TYR A 91 -4.65 0.19 -12.39
N THR A 92 -3.84 0.61 -13.35
CA THR A 92 -2.61 -0.08 -13.65
C THR A 92 -1.39 0.73 -13.22
N TYR A 93 -0.66 0.20 -12.24
CA TYR A 93 0.55 0.85 -11.74
C TYR A 93 1.79 0.04 -12.08
N GLU A 94 2.92 0.73 -12.23
CA GLU A 94 4.18 0.06 -12.56
C GLU A 94 5.27 0.48 -11.60
N ILE A 95 6.13 -0.47 -11.22
CA ILE A 95 7.20 -0.15 -10.29
C ILE A 95 8.17 0.85 -10.92
N GLN A 96 8.29 2.01 -10.30
CA GLN A 96 9.19 3.05 -10.80
C GLN A 96 10.60 2.85 -10.28
N LYS A 97 10.77 2.94 -8.97
CA LYS A 97 12.09 2.77 -8.37
C LYS A 97 11.96 2.08 -7.01
N ILE A 98 13.00 1.35 -6.64
CA ILE A 98 12.98 0.64 -5.36
C ILE A 98 14.16 1.06 -4.49
N TRP A 99 13.88 1.32 -3.22
CA TRP A 99 14.94 1.72 -2.30
C TRP A 99 14.50 1.53 -0.85
N ILE A 100 15.39 1.88 0.09
CA ILE A 100 15.08 1.73 1.51
C ILE A 100 15.36 3.05 2.24
N THR A 101 14.39 3.51 3.00
CA THR A 101 14.55 4.76 3.75
C THR A 101 14.22 4.55 5.23
N HIS A 102 14.47 5.59 6.03
CA HIS A 102 14.20 5.51 7.46
C HIS A 102 12.71 5.49 7.73
N ALA A 103 12.32 5.04 8.92
CA ALA A 103 10.92 4.98 9.28
C ALA A 103 10.36 6.37 9.54
N ASP A 104 11.25 7.35 9.63
CA ASP A 104 10.83 8.73 9.88
C ASP A 104 10.85 9.54 8.59
N ASP A 105 10.76 8.85 7.46
CA ASP A 105 10.79 9.50 6.15
C ASP A 105 9.36 9.81 5.70
N ARG A 106 8.95 11.06 5.86
CA ARG A 106 7.61 11.47 5.46
C ARG A 106 7.56 11.71 3.95
N THR A 107 8.72 11.92 3.35
CA THR A 107 8.82 12.17 1.92
C THR A 107 8.01 11.14 1.15
N VAL A 108 7.67 10.03 1.80
CA VAL A 108 6.90 8.98 1.17
C VAL A 108 5.49 8.92 1.73
N ILE A 109 5.23 9.71 2.76
CA ILE A 109 3.92 9.75 3.39
C ILE A 109 3.25 11.11 3.18
N ILE A 110 3.87 11.94 2.34
CA ILE A 110 3.33 13.26 2.04
C ILE A 110 2.21 13.17 1.02
N LYS A 111 1.76 14.33 0.55
CA LYS A 111 0.68 14.38 -0.44
C LYS A 111 1.24 14.65 -1.83
N LYS A 112 0.64 13.98 -2.83
CA LYS A 112 1.07 14.15 -4.22
C LYS A 112 -0.11 14.56 -5.09
N GLU A 113 0.18 15.28 -6.16
CA GLU A 113 -0.87 15.72 -7.08
C GLU A 113 -1.05 14.71 -8.20
N GLU A 114 -0.35 13.57 -8.08
CA GLU A 114 -0.44 12.53 -9.11
C GLU A 114 -0.70 11.17 -8.46
N PRO A 115 -1.21 10.24 -9.24
CA PRO A 115 -1.51 8.86 -8.76
C PRO A 115 -0.25 8.03 -8.57
N ILE A 116 0.25 8.02 -7.34
CA ILE A 116 1.46 7.28 -7.00
C ILE A 116 1.22 6.34 -5.84
N LEU A 117 1.71 5.12 -5.97
CA LEU A 117 1.55 4.13 -4.91
C LEU A 117 2.89 3.87 -4.23
N THR A 118 2.97 4.15 -2.94
CA THR A 118 4.20 3.95 -2.20
C THR A 118 3.99 2.88 -1.13
N LEU A 119 4.76 1.81 -1.22
CA LEU A 119 4.65 0.72 -0.26
C LEU A 119 5.83 0.72 0.71
N THR A 120 5.53 0.76 2.01
CA THR A 120 6.56 0.74 3.01
C THR A 120 6.39 -0.44 3.95
N THR A 121 7.44 -1.26 4.07
CA THR A 121 7.37 -2.43 4.93
C THR A 121 8.75 -2.80 5.44
N CYS A 122 8.78 -3.73 6.39
CA CYS A 122 10.04 -4.19 6.97
C CYS A 122 9.81 -4.82 8.33
N TYR A 123 9.39 -4.00 9.28
CA TYR A 123 9.16 -4.47 10.64
C TYR A 123 10.23 -5.49 11.04
N PRO A 124 11.47 -5.08 11.06
CA PRO A 124 12.62 -5.95 11.44
C PRO A 124 12.63 -6.29 12.93
N PHE A 125 13.34 -7.35 13.29
CA PHE A 125 13.43 -7.75 14.68
C PHE A 125 13.85 -6.58 15.55
N ASP A 126 14.53 -5.61 14.94
CA ASP A 126 14.98 -4.43 15.68
C ASP A 126 13.98 -3.29 15.51
N TYR A 127 12.86 -3.58 14.88
CA TYR A 127 11.83 -2.57 14.66
C TYR A 127 11.61 -1.75 15.92
N ILE A 128 12.13 -2.24 17.05
CA ILE A 128 12.00 -1.55 18.32
C ILE A 128 11.65 -0.09 18.10
N GLY A 129 10.36 0.22 18.10
CA GLY A 129 9.91 1.58 17.89
C GLY A 129 9.91 1.93 16.40
N ASP A 130 10.93 2.67 15.98
CA ASP A 130 11.05 3.07 14.58
C ASP A 130 12.10 2.24 13.85
N ALA A 131 11.68 1.50 12.83
CA ALA A 131 12.61 0.67 12.07
C ALA A 131 13.79 1.50 11.56
N PRO A 132 14.97 0.94 11.57
CA PRO A 132 16.20 1.65 11.11
C PRO A 132 16.14 1.96 9.61
N ASP A 133 15.40 1.13 8.87
CA ASP A 133 15.27 1.34 7.43
C ASP A 133 14.07 0.55 6.89
N ARG A 134 13.07 1.26 6.40
CA ARG A 134 11.89 0.61 5.85
C ARG A 134 11.99 0.52 4.33
N TYR A 135 11.59 -0.63 3.79
CA TYR A 135 11.66 -0.82 2.34
C TYR A 135 10.63 0.06 1.65
N ILE A 136 11.02 0.71 0.55
CA ILE A 136 10.08 1.59 -0.15
C ILE A 136 9.89 1.14 -1.59
N ILE A 137 8.67 0.74 -1.91
CA ILE A 137 8.35 0.34 -3.27
C ILE A 137 7.50 1.42 -3.93
N GLU A 138 8.11 2.16 -4.86
CA GLU A 138 7.40 3.23 -5.55
C GLU A 138 6.82 2.74 -6.86
N ALA A 139 5.61 3.21 -7.15
CA ALA A 139 4.93 2.83 -8.39
C ALA A 139 4.05 3.97 -8.90
N LYS A 140 4.00 4.11 -10.23
CA LYS A 140 3.20 5.15 -10.85
C LYS A 140 2.12 4.55 -11.73
N LEU A 141 1.02 5.29 -11.89
CA LEU A 141 -0.08 4.82 -12.73
C LEU A 141 0.30 4.90 -14.20
N THR A 142 0.21 3.77 -14.89
CA THR A 142 0.52 3.70 -16.31
C THR A 142 -0.77 3.67 -17.14
N GLY A 143 -1.73 2.86 -16.69
CA GLY A 143 -3.00 2.74 -17.40
C GLY A 143 -4.17 2.72 -16.43
N SER A 144 -5.38 2.59 -16.95
CA SER A 144 -6.56 2.56 -16.11
C SER A 144 -7.69 1.79 -16.79
N TYR A 145 -8.66 1.35 -15.99
CA TYR A 145 -9.79 0.60 -16.54
C TYR A 145 -11.04 0.83 -15.71
N SER A 146 -12.20 0.64 -16.33
CA SER A 146 -13.46 0.84 -15.62
C SER A 146 -14.52 -0.12 -16.14
N LYS A 147 -15.20 -0.80 -15.22
CA LYS A 147 -16.23 -1.75 -15.61
C LYS A 147 -17.51 -1.52 -14.80
N GLY A 1 -20.05 -6.87 14.62
CA GLY A 1 -19.32 -5.93 13.72
C GLY A 1 -17.86 -5.86 14.10
N SER A 2 -17.50 -6.58 15.17
CA SER A 2 -16.12 -6.60 15.64
C SER A 2 -15.80 -5.32 16.42
N HIS A 3 -14.73 -4.65 16.02
CA HIS A 3 -14.32 -3.42 16.68
C HIS A 3 -15.34 -2.32 16.44
N MET A 4 -15.87 -2.26 15.22
CA MET A 4 -16.86 -1.24 14.88
C MET A 4 -17.78 -1.75 13.77
N SER A 5 -18.46 -0.83 13.10
CA SER A 5 -19.38 -1.19 12.03
C SER A 5 -18.60 -1.70 10.82
N SER A 6 -19.25 -2.55 10.02
CA SER A 6 -18.61 -3.09 8.83
C SER A 6 -18.33 -2.00 7.80
N GLN A 7 -19.34 -1.67 7.01
CA GLN A 7 -19.20 -0.64 5.98
C GLN A 7 -19.93 0.64 6.40
N THR A 8 -19.27 1.77 6.24
CA THR A 8 -19.87 3.06 6.60
C THR A 8 -19.29 4.18 5.76
N GLU A 9 -18.58 5.10 6.41
CA GLU A 9 -17.98 6.23 5.72
C GLU A 9 -16.50 5.93 5.41
N HIS A 10 -15.62 6.73 6.01
CA HIS A 10 -14.18 6.56 5.81
C HIS A 10 -13.53 5.97 7.05
N LYS A 11 -14.21 5.03 7.68
CA LYS A 11 -13.70 4.39 8.88
C LYS A 11 -12.44 3.58 8.56
N GLU A 12 -11.56 3.46 9.55
CA GLU A 12 -10.32 2.71 9.38
C GLU A 12 -10.52 1.25 9.76
N GLY A 13 -9.74 0.36 9.15
CA GLY A 13 -9.84 -1.06 9.44
C GLY A 13 -10.94 -1.71 8.63
N GLU A 14 -11.37 -1.03 7.57
CA GLU A 14 -12.42 -1.54 6.72
C GLU A 14 -11.93 -1.68 5.28
N LYS A 15 -12.21 -2.82 4.66
CA LYS A 15 -11.80 -3.05 3.28
C LYS A 15 -12.43 -2.00 2.36
N VAL A 16 -11.59 -1.14 1.81
CA VAL A 16 -12.07 -0.09 0.91
C VAL A 16 -11.55 -0.30 -0.51
N ALA A 17 -10.41 -0.97 -0.62
CA ALA A 17 -9.80 -1.22 -1.92
C ALA A 17 -9.14 -2.59 -1.94
N MET A 18 -8.96 -3.14 -3.14
CA MET A 18 -8.33 -4.45 -3.29
C MET A 18 -7.07 -4.34 -4.15
N LEU A 19 -6.03 -5.06 -3.76
CA LEU A 19 -4.78 -5.04 -4.50
C LEU A 19 -4.56 -6.35 -5.25
N ASN A 20 -4.35 -6.25 -6.55
CA ASN A 20 -4.13 -7.44 -7.37
C ASN A 20 -2.76 -7.38 -8.07
N ILE A 21 -2.03 -8.49 -8.02
CA ILE A 21 -0.72 -8.55 -8.65
C ILE A 21 -0.71 -9.64 -9.73
N PRO A 22 -0.63 -9.27 -10.97
CA PRO A 22 -0.64 -10.24 -12.11
C PRO A 22 0.70 -10.96 -12.28
N LYS A 23 1.78 -10.23 -12.04
CA LYS A 23 3.11 -10.80 -12.19
C LYS A 23 3.30 -11.97 -11.23
N LEU A 24 2.74 -11.85 -10.04
CA LEU A 24 2.86 -12.90 -9.04
C LEU A 24 1.56 -13.69 -8.94
N LYS A 25 0.57 -13.31 -9.74
CA LYS A 25 -0.70 -14.01 -9.73
C LYS A 25 -1.28 -14.10 -8.32
N LYS A 26 -1.34 -12.96 -7.64
CA LYS A 26 -1.89 -12.91 -6.29
C LYS A 26 -2.71 -11.65 -6.09
N LYS A 27 -3.33 -11.53 -4.92
CA LYS A 27 -4.16 -10.36 -4.62
C LYS A 27 -4.33 -10.20 -3.12
N PHE A 28 -4.63 -8.98 -2.70
CA PHE A 28 -4.81 -8.68 -1.27
C PHE A 28 -5.91 -7.65 -1.08
N SER A 29 -6.46 -7.60 0.13
CA SER A 29 -7.53 -6.66 0.43
C SER A 29 -6.99 -5.43 1.17
N ILE A 30 -7.08 -4.27 0.54
CA ILE A 30 -6.61 -3.04 1.15
C ILE A 30 -7.62 -2.52 2.14
N TYR A 31 -7.17 -2.27 3.37
CA TYR A 31 -8.07 -1.75 4.41
C TYR A 31 -7.72 -0.32 4.77
N TRP A 32 -8.75 0.52 4.93
CA TRP A 32 -8.52 1.92 5.28
C TRP A 32 -7.78 2.04 6.61
N GLY A 33 -6.57 2.61 6.58
CA GLY A 33 -5.77 2.76 7.80
C GLY A 33 -4.82 1.59 7.97
N ALA A 34 -3.86 1.77 8.88
CA ALA A 34 -2.89 0.73 9.14
C ALA A 34 -2.32 0.86 10.54
N ASP A 35 -2.81 0.03 11.47
CA ASP A 35 -2.33 0.08 12.84
C ASP A 35 -1.07 -0.77 13.01
N ASP A 36 0.04 -0.10 13.30
CA ASP A 36 1.31 -0.80 13.48
C ASP A 36 1.22 -1.78 14.65
N ALA A 37 0.66 -1.32 15.76
CA ALA A 37 0.53 -2.17 16.94
C ALA A 37 -0.40 -3.34 16.65
N THR A 38 -1.56 -3.06 16.07
CA THR A 38 -2.51 -4.11 15.74
C THR A 38 -2.61 -4.28 14.23
N LEU A 39 -1.81 -5.20 13.70
CA LEU A 39 -1.81 -5.45 12.26
C LEU A 39 -2.94 -6.40 11.86
N LYS A 40 -3.96 -5.86 11.21
CA LYS A 40 -5.09 -6.68 10.78
C LYS A 40 -4.74 -7.44 9.50
N LYS A 41 -4.29 -6.72 8.49
CA LYS A 41 -3.93 -7.32 7.21
C LYS A 41 -2.56 -6.84 6.76
N GLY A 42 -1.84 -7.70 6.05
CA GLY A 42 -0.52 -7.36 5.56
C GLY A 42 -0.57 -6.12 4.69
N VAL A 43 -1.78 -5.76 4.23
CA VAL A 43 -1.95 -4.59 3.37
C VAL A 43 -2.82 -3.54 4.07
N GLY A 44 -2.16 -2.59 4.72
CA GLY A 44 -2.88 -1.52 5.41
C GLY A 44 -2.72 -0.19 4.67
N MET A 45 -3.79 0.60 4.66
CA MET A 45 -3.77 1.89 3.98
C MET A 45 -3.44 3.01 4.96
N PHE A 46 -2.60 3.93 4.53
CA PHE A 46 -2.20 5.03 5.39
C PHE A 46 -3.29 6.10 5.45
N VAL A 47 -3.55 6.62 6.64
CA VAL A 47 -4.57 7.65 6.81
C VAL A 47 -3.93 8.93 7.36
N SER A 48 -3.97 9.99 6.55
CA SER A 48 -3.40 11.27 6.96
C SER A 48 -3.92 12.39 6.07
N ASP A 49 -3.65 13.62 6.47
CA ASP A 49 -4.08 14.78 5.69
C ASP A 49 -3.28 14.89 4.40
N VAL A 50 -2.24 14.07 4.28
CA VAL A 50 -1.41 14.09 3.08
C VAL A 50 -1.60 12.82 2.26
N THR A 51 -2.06 11.76 2.94
CA THR A 51 -2.29 10.49 2.26
C THR A 51 -3.68 10.46 1.64
N THR A 52 -3.77 9.93 0.43
CA THR A 52 -5.03 9.84 -0.28
C THR A 52 -5.26 8.45 -0.83
N THR A 53 -6.48 8.18 -1.29
CA THR A 53 -6.81 6.87 -1.84
C THR A 53 -6.70 6.88 -3.36
N PRO A 54 -6.58 5.73 -3.96
CA PRO A 54 -6.46 5.60 -5.43
C PRO A 54 -7.80 5.69 -6.13
N SER A 55 -8.36 6.90 -6.20
CA SER A 55 -9.64 7.10 -6.85
C SER A 55 -9.49 8.00 -8.07
N GLY A 56 -8.30 8.53 -8.25
CA GLY A 56 -8.02 9.40 -9.39
C GLY A 56 -7.02 10.48 -9.02
N GLY A 57 -5.74 10.21 -9.25
CA GLY A 57 -4.69 11.18 -8.94
C GLY A 57 -4.63 11.45 -7.44
N GLY A 58 -4.02 10.54 -6.68
CA GLY A 58 -3.91 10.69 -5.23
C GLY A 58 -2.71 9.91 -4.70
N HIS A 59 -2.15 10.41 -3.61
CA HIS A 59 -1.00 9.76 -3.00
C HIS A 59 -1.47 8.53 -2.21
N THR A 60 -1.22 7.35 -2.75
CA THR A 60 -1.63 6.12 -2.08
C THR A 60 -0.45 5.48 -1.37
N VAL A 61 -0.58 5.29 -0.07
CA VAL A 61 0.49 4.68 0.71
C VAL A 61 0.06 3.33 1.25
N LEU A 62 0.88 2.31 1.00
CA LEU A 62 0.57 0.96 1.46
C LEU A 62 1.56 0.52 2.52
N SER A 63 1.09 -0.29 3.45
CA SER A 63 1.95 -0.77 4.53
C SER A 63 1.85 -2.28 4.65
N GLY A 64 2.97 -2.93 4.93
CA GLY A 64 3.00 -4.39 5.08
C GLY A 64 4.30 -4.86 5.74
N HIS A 65 4.33 -6.14 6.10
CA HIS A 65 5.51 -6.69 6.74
C HIS A 65 6.03 -7.89 5.96
N ARG A 66 7.35 -8.07 5.97
CA ARG A 66 7.97 -9.18 5.25
C ARG A 66 7.51 -10.51 5.84
N ASP A 67 6.70 -11.24 5.10
CA ASP A 67 6.21 -12.54 5.55
C ASP A 67 7.30 -13.61 5.41
N THR A 68 7.56 -14.00 4.17
CA THR A 68 8.58 -15.02 3.91
C THR A 68 9.45 -14.61 2.72
N VAL A 69 10.75 -14.86 2.83
CA VAL A 69 11.67 -14.51 1.76
C VAL A 69 11.66 -15.59 0.69
N PHE A 70 10.89 -15.38 -0.36
CA PHE A 70 10.81 -16.34 -1.44
C PHE A 70 10.90 -15.65 -2.80
N THR A 71 9.84 -14.96 -3.18
CA THR A 71 9.81 -14.25 -4.46
C THR A 71 10.26 -12.80 -4.27
N ASP A 72 11.54 -12.60 -4.03
CA ASP A 72 12.08 -11.27 -3.84
C ASP A 72 11.95 -10.46 -5.12
N LEU A 73 12.06 -11.13 -6.27
CA LEU A 73 11.96 -10.45 -7.54
C LEU A 73 10.58 -9.81 -7.71
N GLY A 74 9.54 -10.56 -7.38
CA GLY A 74 8.18 -10.04 -7.49
C GLY A 74 7.95 -8.89 -6.52
N GLN A 75 8.54 -8.99 -5.33
CA GLN A 75 8.38 -7.95 -4.32
C GLN A 75 9.02 -6.66 -4.81
N LEU A 76 10.14 -6.78 -5.53
CA LEU A 76 10.83 -5.61 -6.04
C LEU A 76 11.27 -5.81 -7.48
N LYS A 77 10.67 -5.04 -8.40
CA LYS A 77 11.01 -5.14 -9.81
C LYS A 77 10.17 -4.16 -10.63
N GLU A 78 10.78 -3.60 -11.66
CA GLU A 78 10.10 -2.64 -12.53
C GLU A 78 9.20 -3.36 -13.52
N LYS A 79 9.36 -4.67 -13.61
CA LYS A 79 8.57 -5.48 -14.52
C LYS A 79 7.22 -5.81 -13.87
N ASP A 80 7.13 -5.61 -12.55
CA ASP A 80 5.88 -5.91 -11.83
C ASP A 80 4.85 -4.78 -12.00
N THR A 81 3.57 -5.10 -11.80
CA THR A 81 2.51 -4.13 -11.93
C THR A 81 1.51 -4.32 -10.81
N LEU A 82 1.10 -3.23 -10.21
CA LEU A 82 0.14 -3.29 -9.12
C LEU A 82 -1.21 -2.73 -9.57
N VAL A 83 -2.25 -3.54 -9.47
CA VAL A 83 -3.58 -3.11 -9.88
C VAL A 83 -4.43 -2.80 -8.65
N LEU A 84 -4.92 -1.57 -8.58
CA LEU A 84 -5.74 -1.15 -7.45
C LEU A 84 -7.22 -1.08 -7.83
N GLU A 85 -8.05 -1.71 -7.01
CA GLU A 85 -9.49 -1.72 -7.27
C GLU A 85 -10.20 -0.79 -6.30
N TYR A 86 -10.89 0.20 -6.85
CA TYR A 86 -11.60 1.17 -6.01
C TYR A 86 -12.84 1.69 -6.72
N ASP A 87 -13.99 1.61 -6.05
CA ASP A 87 -15.24 2.10 -6.64
C ASP A 87 -15.51 1.47 -8.01
N ASN A 88 -15.47 0.13 -8.07
CA ASN A 88 -15.71 -0.57 -9.30
C ASN A 88 -14.74 -0.13 -10.39
N LYS A 89 -13.71 0.61 -9.97
CA LYS A 89 -12.71 1.09 -10.92
C LYS A 89 -11.38 0.41 -10.65
N THR A 90 -10.68 0.08 -11.73
CA THR A 90 -9.38 -0.57 -11.60
C THR A 90 -8.24 0.32 -12.08
N TYR A 91 -7.24 0.53 -11.23
CA TYR A 91 -6.11 1.36 -11.60
C TYR A 91 -4.87 0.51 -11.79
N THR A 92 -4.14 0.77 -12.87
CA THR A 92 -2.94 -0.01 -13.17
C THR A 92 -1.67 0.77 -12.78
N TYR A 93 -0.95 0.24 -11.80
CA TYR A 93 0.28 0.88 -11.35
C TYR A 93 1.49 0.03 -11.74
N GLU A 94 2.58 0.70 -12.08
CA GLU A 94 3.81 0.00 -12.48
C GLU A 94 4.96 0.36 -11.54
N ILE A 95 5.76 -0.63 -11.16
CA ILE A 95 6.87 -0.38 -10.27
C ILE A 95 7.90 0.52 -10.96
N GLN A 96 8.09 1.71 -10.41
CA GLN A 96 9.05 2.65 -10.97
C GLN A 96 10.44 2.40 -10.39
N LYS A 97 10.56 2.54 -9.07
CA LYS A 97 11.84 2.32 -8.41
C LYS A 97 11.62 1.87 -6.97
N ILE A 98 12.49 1.00 -6.49
CA ILE A 98 12.39 0.50 -5.13
C ILE A 98 13.63 0.87 -4.32
N TRP A 99 13.42 1.41 -3.12
CA TRP A 99 14.53 1.80 -2.28
C TRP A 99 14.17 1.68 -0.80
N ILE A 100 15.10 2.05 0.07
CA ILE A 100 14.86 1.98 1.51
C ILE A 100 15.23 3.30 2.18
N THR A 101 14.34 3.79 3.03
CA THR A 101 14.58 5.06 3.72
C THR A 101 14.14 4.97 5.17
N HIS A 102 14.33 6.06 5.91
CA HIS A 102 13.94 6.10 7.32
C HIS A 102 12.42 6.07 7.45
N ALA A 103 11.94 5.48 8.53
CA ALA A 103 10.50 5.39 8.78
C ALA A 103 9.90 6.78 8.91
N ASP A 104 10.67 7.70 9.48
CA ASP A 104 10.21 9.07 9.66
C ASP A 104 10.40 9.88 8.38
N ASP A 105 10.61 9.18 7.26
CA ASP A 105 10.82 9.85 5.98
C ASP A 105 9.48 10.28 5.39
N ARG A 106 9.06 11.51 5.71
CA ARG A 106 7.80 12.04 5.20
C ARG A 106 7.85 12.17 3.69
N THR A 107 9.00 12.56 3.17
CA THR A 107 9.17 12.72 1.73
C THR A 107 8.43 11.61 0.97
N VAL A 108 8.12 10.55 1.70
CA VAL A 108 7.42 9.41 1.09
C VAL A 108 5.99 9.29 1.64
N ILE A 109 5.74 9.96 2.75
CA ILE A 109 4.41 9.93 3.37
C ILE A 109 3.73 11.30 3.28
N ILE A 110 4.17 12.11 2.33
CA ILE A 110 3.61 13.44 2.14
C ILE A 110 2.44 13.39 1.17
N LYS A 111 2.06 14.55 0.64
CA LYS A 111 0.95 14.65 -0.30
C LYS A 111 1.47 14.79 -1.73
N LYS A 112 0.72 14.25 -2.68
CA LYS A 112 1.10 14.33 -4.09
C LYS A 112 -0.09 14.76 -4.94
N GLU A 113 0.19 15.45 -6.05
CA GLU A 113 -0.86 15.91 -6.94
C GLU A 113 -1.07 14.90 -8.08
N GLU A 114 -0.43 13.74 -7.96
CA GLU A 114 -0.56 12.71 -8.99
C GLU A 114 -0.87 11.36 -8.36
N PRO A 115 -1.33 10.42 -9.15
CA PRO A 115 -1.67 9.05 -8.68
C PRO A 115 -0.42 8.19 -8.52
N ILE A 116 0.05 8.10 -7.29
CA ILE A 116 1.25 7.32 -6.98
C ILE A 116 1.00 6.34 -5.83
N LEU A 117 1.53 5.12 -5.98
CA LEU A 117 1.37 4.10 -4.95
C LEU A 117 2.70 3.84 -4.27
N THR A 118 2.75 4.13 -2.98
CA THR A 118 3.97 3.91 -2.20
C THR A 118 3.74 2.87 -1.13
N LEU A 119 4.41 1.73 -1.24
CA LEU A 119 4.26 0.66 -0.27
C LEU A 119 5.46 0.61 0.67
N THR A 120 5.21 0.85 1.95
CA THR A 120 6.28 0.81 2.95
C THR A 120 6.14 -0.44 3.82
N THR A 121 7.19 -1.24 3.85
CA THR A 121 7.18 -2.46 4.64
C THR A 121 8.58 -2.91 5.00
N CYS A 122 8.67 -4.00 5.74
CA CYS A 122 9.98 -4.53 6.14
C CYS A 122 9.84 -5.43 7.37
N TYR A 123 9.65 -4.81 8.52
CA TYR A 123 9.50 -5.55 9.77
C TYR A 123 10.60 -6.59 9.91
N PRO A 124 11.82 -6.15 10.07
CA PRO A 124 12.99 -7.06 10.23
C PRO A 124 13.08 -7.65 11.64
N PHE A 125 13.83 -8.74 11.77
CA PHE A 125 13.99 -9.39 13.07
C PHE A 125 14.43 -8.38 14.11
N ASP A 126 14.93 -7.23 13.65
CA ASP A 126 15.38 -6.18 14.54
C ASP A 126 14.42 -5.00 14.52
N TYR A 127 13.16 -5.28 14.19
CA TYR A 127 12.15 -4.24 14.14
C TYR A 127 12.06 -3.50 15.46
N ILE A 128 11.96 -4.24 16.56
CA ILE A 128 11.86 -3.64 17.88
C ILE A 128 11.66 -2.13 17.78
N GLY A 129 10.42 -1.73 17.48
CA GLY A 129 10.09 -0.32 17.35
C GLY A 129 10.33 0.17 15.92
N ASP A 130 9.65 1.26 15.55
CA ASP A 130 9.81 1.80 14.20
C ASP A 130 11.18 1.46 13.63
N ALA A 131 11.22 0.43 12.80
CA ALA A 131 12.48 0.00 12.21
C ALA A 131 13.25 1.21 11.64
N PRO A 132 14.51 1.34 11.96
CA PRO A 132 15.35 2.47 11.44
C PRO A 132 15.21 2.65 9.93
N ASP A 133 15.18 1.53 9.21
CA ASP A 133 15.05 1.58 7.76
C ASP A 133 13.86 0.75 7.31
N ARG A 134 12.96 1.37 6.54
CA ARG A 134 11.78 0.68 6.04
C ARG A 134 11.83 0.53 4.54
N TYR A 135 11.35 -0.62 4.04
CA TYR A 135 11.37 -0.87 2.61
C TYR A 135 10.17 -0.20 1.96
N ILE A 136 10.45 0.66 0.98
CA ILE A 136 9.39 1.39 0.29
C ILE A 136 9.37 1.08 -1.20
N ILE A 137 8.21 0.62 -1.69
CA ILE A 137 8.04 0.32 -3.10
C ILE A 137 7.27 1.43 -3.77
N GLU A 138 7.94 2.15 -4.66
CA GLU A 138 7.30 3.25 -5.38
C GLU A 138 6.67 2.75 -6.69
N ALA A 139 5.52 3.30 -7.02
CA ALA A 139 4.83 2.92 -8.25
C ALA A 139 3.97 4.07 -8.76
N LYS A 140 3.80 4.12 -10.08
CA LYS A 140 3.00 5.17 -10.70
C LYS A 140 1.88 4.59 -11.54
N LEU A 141 0.80 5.34 -11.71
CA LEU A 141 -0.34 4.88 -12.50
C LEU A 141 0.03 4.88 -13.98
N THR A 142 -0.16 3.74 -14.62
CA THR A 142 0.13 3.61 -16.05
C THR A 142 -1.16 3.44 -16.86
N GLY A 143 -2.11 2.70 -16.28
CA GLY A 143 -3.38 2.47 -16.95
C GLY A 143 -4.55 2.51 -15.96
N SER A 144 -5.76 2.67 -16.48
CA SER A 144 -6.93 2.72 -15.62
C SER A 144 -8.11 2.02 -16.29
N TYR A 145 -8.79 1.16 -15.53
CA TYR A 145 -9.93 0.44 -16.06
C TYR A 145 -11.18 0.70 -15.22
N SER A 146 -12.05 1.57 -15.73
CA SER A 146 -13.28 1.90 -15.01
C SER A 146 -14.41 0.94 -15.41
N LYS A 147 -15.17 0.49 -14.41
CA LYS A 147 -16.27 -0.43 -14.66
C LYS A 147 -15.83 -1.56 -15.59
N GLY A 1 -12.49 -5.07 20.68
CA GLY A 1 -13.82 -5.35 21.31
C GLY A 1 -14.83 -4.33 20.80
N SER A 2 -14.67 -3.08 21.24
CA SER A 2 -15.58 -2.02 20.83
C SER A 2 -15.26 -1.56 19.42
N HIS A 3 -16.14 -0.73 18.86
CA HIS A 3 -15.95 -0.22 17.50
C HIS A 3 -16.46 -1.23 16.47
N MET A 4 -17.28 -0.76 15.54
CA MET A 4 -17.82 -1.62 14.49
C MET A 4 -16.98 -1.53 13.23
N SER A 5 -16.77 -2.67 12.57
CA SER A 5 -15.99 -2.70 11.35
C SER A 5 -16.89 -2.59 10.12
N SER A 6 -17.95 -1.80 10.25
CA SER A 6 -18.88 -1.61 9.15
C SER A 6 -18.28 -0.71 8.08
N GLN A 7 -18.74 -0.87 6.84
CA GLN A 7 -18.24 -0.07 5.73
C GLN A 7 -19.25 1.01 5.36
N THR A 8 -19.82 1.67 6.37
CA THR A 8 -20.79 2.71 6.14
C THR A 8 -20.11 4.02 5.74
N GLU A 9 -19.10 4.41 6.51
CA GLU A 9 -18.37 5.65 6.23
C GLU A 9 -16.87 5.39 6.19
N HIS A 10 -16.12 6.35 5.65
CA HIS A 10 -14.68 6.22 5.55
C HIS A 10 -14.08 5.83 6.91
N LYS A 11 -14.18 4.55 7.25
CA LYS A 11 -13.64 4.07 8.52
C LYS A 11 -12.36 3.28 8.30
N GLU A 12 -11.54 3.19 9.34
CA GLU A 12 -10.27 2.46 9.24
C GLU A 12 -10.47 1.01 9.66
N GLY A 13 -9.70 0.11 9.04
CA GLY A 13 -9.81 -1.32 9.36
C GLY A 13 -10.81 -2.00 8.46
N GLU A 14 -11.36 -1.27 7.51
CA GLU A 14 -12.33 -1.82 6.59
C GLU A 14 -11.73 -1.94 5.19
N LYS A 15 -12.00 -3.07 4.54
CA LYS A 15 -11.48 -3.30 3.19
C LYS A 15 -12.06 -2.26 2.23
N VAL A 16 -11.18 -1.45 1.65
CA VAL A 16 -11.60 -0.41 0.71
C VAL A 16 -11.03 -0.68 -0.68
N ALA A 17 -9.78 -1.11 -0.72
CA ALA A 17 -9.12 -1.39 -2.00
C ALA A 17 -8.38 -2.73 -1.94
N MET A 18 -8.06 -3.26 -3.11
CA MET A 18 -7.34 -4.53 -3.16
C MET A 18 -6.10 -4.41 -4.04
N LEU A 19 -4.99 -4.96 -3.56
CA LEU A 19 -3.74 -4.90 -4.31
C LEU A 19 -3.49 -6.23 -5.02
N ASN A 20 -3.36 -6.17 -6.34
CA ASN A 20 -3.12 -7.37 -7.14
C ASN A 20 -1.78 -7.31 -7.84
N ILE A 21 -1.04 -8.41 -7.81
CA ILE A 21 0.25 -8.47 -8.46
C ILE A 21 0.22 -9.45 -9.64
N PRO A 22 0.45 -8.97 -10.84
CA PRO A 22 0.42 -9.82 -12.06
C PRO A 22 1.67 -10.68 -12.21
N LYS A 23 2.84 -10.07 -12.05
CA LYS A 23 4.10 -10.78 -12.19
C LYS A 23 4.20 -11.89 -11.14
N LEU A 24 3.74 -11.60 -9.93
CA LEU A 24 3.78 -12.57 -8.85
C LEU A 24 2.43 -13.25 -8.68
N LYS A 25 1.48 -12.87 -9.51
CA LYS A 25 0.15 -13.46 -9.44
C LYS A 25 -0.34 -13.53 -8.00
N LYS A 26 -0.04 -12.49 -7.23
CA LYS A 26 -0.46 -12.44 -5.83
C LYS A 26 -1.40 -11.28 -5.59
N LYS A 27 -2.19 -11.38 -4.53
CA LYS A 27 -3.14 -10.32 -4.21
C LYS A 27 -3.15 -10.04 -2.71
N PHE A 28 -3.16 -8.76 -2.35
CA PHE A 28 -3.17 -8.37 -0.95
C PHE A 28 -4.33 -7.42 -0.66
N SER A 29 -5.22 -7.82 0.25
CA SER A 29 -6.36 -6.99 0.59
C SER A 29 -5.91 -5.73 1.30
N ILE A 30 -6.22 -4.58 0.70
CA ILE A 30 -5.85 -3.29 1.29
C ILE A 30 -6.99 -2.71 2.10
N TYR A 31 -6.75 -2.49 3.38
CA TYR A 31 -7.79 -1.95 4.26
C TYR A 31 -7.49 -0.48 4.60
N TRP A 32 -8.54 0.31 4.78
CA TRP A 32 -8.36 1.72 5.11
C TRP A 32 -7.61 1.87 6.43
N GLY A 33 -6.43 2.48 6.37
CA GLY A 33 -5.62 2.68 7.57
C GLY A 33 -4.74 1.47 7.83
N ALA A 34 -3.61 1.70 8.49
CA ALA A 34 -2.71 0.62 8.82
C ALA A 34 -2.44 0.56 10.32
N ASP A 35 -3.38 -0.02 11.06
CA ASP A 35 -3.25 -0.13 12.50
C ASP A 35 -2.83 -1.54 12.90
N ASP A 36 -1.83 -1.63 13.78
CA ASP A 36 -1.35 -2.93 14.23
C ASP A 36 -2.14 -3.40 15.45
N ALA A 37 -3.05 -2.56 15.92
CA ALA A 37 -3.87 -2.91 17.07
C ALA A 37 -4.73 -4.14 16.77
N THR A 38 -5.01 -4.36 15.50
CA THR A 38 -5.82 -5.50 15.08
C THR A 38 -5.08 -6.80 15.39
N LEU A 39 -5.41 -7.85 14.63
CA LEU A 39 -4.78 -9.15 14.84
C LEU A 39 -3.33 -9.12 14.36
N LYS A 40 -2.99 -10.05 13.46
CA LYS A 40 -1.64 -10.13 12.93
C LYS A 40 -1.51 -9.32 11.65
N LYS A 41 -2.45 -9.51 10.74
CA LYS A 41 -2.43 -8.79 9.47
C LYS A 41 -2.54 -7.29 9.71
N GLY A 42 -1.66 -6.54 9.05
CA GLY A 42 -1.65 -5.08 9.19
C GLY A 42 -1.39 -4.41 7.86
N VAL A 43 -1.98 -4.95 6.79
CA VAL A 43 -1.81 -4.38 5.47
C VAL A 43 -2.98 -3.47 5.11
N GLY A 44 -2.66 -2.24 4.72
CA GLY A 44 -3.70 -1.28 4.36
C GLY A 44 -3.09 0.03 3.88
N MET A 45 -3.94 1.02 3.67
CA MET A 45 -3.47 2.33 3.21
C MET A 45 -3.24 3.27 4.38
N PHE A 46 -2.25 4.14 4.25
CA PHE A 46 -1.94 5.09 5.30
C PHE A 46 -2.96 6.23 5.32
N VAL A 47 -3.51 6.52 6.49
CA VAL A 47 -4.49 7.59 6.62
C VAL A 47 -3.82 8.88 7.08
N SER A 48 -4.04 9.95 6.33
CA SER A 48 -3.46 11.25 6.65
C SER A 48 -4.22 12.37 5.96
N ASP A 49 -3.83 13.60 6.24
CA ASP A 49 -4.48 14.76 5.63
C ASP A 49 -3.90 15.03 4.24
N VAL A 50 -2.83 14.30 3.89
CA VAL A 50 -2.20 14.47 2.59
C VAL A 50 -2.34 13.20 1.76
N THR A 51 -2.36 12.06 2.43
CA THR A 51 -2.49 10.78 1.74
C THR A 51 -3.94 10.52 1.35
N THR A 52 -4.13 9.87 0.20
CA THR A 52 -5.47 9.57 -0.27
C THR A 52 -5.50 8.22 -1.01
N THR A 53 -6.69 7.75 -1.32
CA THR A 53 -6.83 6.48 -2.01
C THR A 53 -6.81 6.67 -3.53
N PRO A 54 -6.41 5.67 -4.25
CA PRO A 54 -6.35 5.73 -5.74
C PRO A 54 -7.73 5.63 -6.39
N SER A 55 -8.41 6.77 -6.49
CA SER A 55 -9.73 6.80 -7.10
C SER A 55 -9.74 7.66 -8.34
N GLY A 56 -8.61 8.30 -8.62
CA GLY A 56 -8.49 9.16 -9.79
C GLY A 56 -7.47 10.27 -9.54
N GLY A 57 -6.21 10.00 -9.85
CA GLY A 57 -5.15 10.98 -9.66
C GLY A 57 -5.06 11.42 -8.20
N GLY A 58 -4.23 10.73 -7.42
CA GLY A 58 -4.08 11.05 -6.02
C GLY A 58 -2.87 10.32 -5.43
N HIS A 59 -2.44 10.75 -4.26
CA HIS A 59 -1.31 10.15 -3.59
C HIS A 59 -1.76 8.92 -2.81
N THR A 60 -1.34 7.74 -3.25
CA THR A 60 -1.73 6.50 -2.58
C THR A 60 -0.54 5.94 -1.80
N VAL A 61 -0.73 5.74 -0.50
CA VAL A 61 0.32 5.22 0.35
C VAL A 61 -0.08 3.86 0.92
N LEU A 62 0.78 2.87 0.74
CA LEU A 62 0.54 1.53 1.23
C LEU A 62 1.53 1.15 2.31
N SER A 63 1.07 0.40 3.30
CA SER A 63 1.93 -0.02 4.39
C SER A 63 1.76 -1.50 4.68
N GLY A 64 2.84 -2.15 5.10
CA GLY A 64 2.80 -3.58 5.41
C GLY A 64 4.08 -4.03 6.13
N HIS A 65 4.01 -5.17 6.78
CA HIS A 65 5.18 -5.71 7.49
C HIS A 65 5.71 -6.94 6.79
N ARG A 66 7.04 -7.12 6.82
CA ARG A 66 7.66 -8.26 6.18
C ARG A 66 7.11 -8.46 4.78
N ASP A 67 5.93 -9.06 4.68
CA ASP A 67 5.30 -9.31 3.39
C ASP A 67 6.19 -10.19 2.51
N THR A 68 5.56 -10.99 1.67
CA THR A 68 6.31 -11.88 0.79
C THR A 68 7.13 -12.89 1.60
N VAL A 69 7.33 -14.07 1.04
CA VAL A 69 8.10 -15.11 1.72
C VAL A 69 9.39 -15.41 0.96
N PHE A 70 9.26 -15.63 -0.34
CA PHE A 70 10.42 -15.92 -1.17
C PHE A 70 10.35 -15.18 -2.50
N THR A 71 9.17 -14.62 -2.79
CA THR A 71 8.97 -13.88 -4.03
C THR A 71 9.35 -12.42 -3.84
N ASP A 72 10.24 -12.17 -2.90
CA ASP A 72 10.69 -10.81 -2.62
C ASP A 72 11.40 -10.22 -3.83
N LEU A 73 12.14 -11.07 -4.53
CA LEU A 73 12.88 -10.61 -5.71
C LEU A 73 11.91 -10.09 -6.78
N GLY A 74 10.80 -10.80 -6.97
CA GLY A 74 9.80 -10.40 -7.96
C GLY A 74 9.11 -9.11 -7.53
N GLN A 75 8.90 -8.96 -6.22
CA GLN A 75 8.24 -7.78 -5.69
C GLN A 75 9.03 -6.52 -6.03
N LEU A 76 10.35 -6.60 -5.91
CA LEU A 76 11.21 -5.46 -6.21
C LEU A 76 11.76 -5.56 -7.62
N LYS A 77 11.28 -4.68 -8.49
CA LYS A 77 11.73 -4.67 -9.88
C LYS A 77 10.88 -3.70 -10.71
N GLU A 78 11.52 -3.02 -11.64
CA GLU A 78 10.84 -2.07 -12.50
C GLU A 78 9.89 -2.78 -13.47
N LYS A 79 10.08 -4.09 -13.59
CA LYS A 79 9.27 -4.89 -14.48
C LYS A 79 7.95 -5.25 -13.80
N ASP A 80 7.89 -5.06 -12.49
CA ASP A 80 6.67 -5.38 -11.74
C ASP A 80 5.56 -4.37 -12.04
N THR A 81 4.32 -4.78 -11.77
CA THR A 81 3.18 -3.91 -12.02
C THR A 81 2.08 -4.20 -11.00
N LEU A 82 1.86 -3.24 -10.12
CA LEU A 82 0.85 -3.40 -9.09
C LEU A 82 -0.52 -2.94 -9.59
N VAL A 83 -1.54 -3.78 -9.38
CA VAL A 83 -2.88 -3.44 -9.81
C VAL A 83 -3.79 -3.22 -8.61
N LEU A 84 -4.38 -2.04 -8.52
CA LEU A 84 -5.25 -1.70 -7.41
C LEU A 84 -6.71 -1.67 -7.84
N GLU A 85 -7.57 -2.30 -7.05
CA GLU A 85 -9.00 -2.32 -7.35
C GLU A 85 -9.74 -1.36 -6.43
N TYR A 86 -10.38 -0.36 -7.02
CA TYR A 86 -11.13 0.61 -6.25
C TYR A 86 -12.34 1.11 -7.04
N ASP A 87 -13.52 1.01 -6.43
CA ASP A 87 -14.74 1.46 -7.08
C ASP A 87 -14.99 0.69 -8.38
N ASN A 88 -14.95 -0.63 -8.30
CA ASN A 88 -15.17 -1.47 -9.47
C ASN A 88 -14.18 -1.11 -10.57
N LYS A 89 -13.18 -0.31 -10.22
CA LYS A 89 -12.18 0.09 -11.19
C LYS A 89 -10.83 -0.52 -10.86
N THR A 90 -10.06 -0.86 -11.89
CA THR A 90 -8.76 -1.47 -11.67
C THR A 90 -7.65 -0.53 -12.14
N TYR A 91 -6.81 -0.10 -11.21
CA TYR A 91 -5.71 0.80 -11.54
C TYR A 91 -4.44 0.01 -11.78
N THR A 92 -3.70 0.37 -12.83
CA THR A 92 -2.48 -0.33 -13.15
C THR A 92 -1.26 0.53 -12.79
N TYR A 93 -0.49 0.06 -11.81
CA TYR A 93 0.70 0.78 -11.38
C TYR A 93 1.96 0.01 -11.76
N GLU A 94 3.02 0.74 -12.06
CA GLU A 94 4.29 0.12 -12.46
C GLU A 94 5.42 0.58 -11.54
N ILE A 95 6.30 -0.35 -11.16
CA ILE A 95 7.40 -0.01 -10.29
C ILE A 95 8.35 0.94 -11.01
N GLN A 96 8.50 2.13 -10.44
CA GLN A 96 9.38 3.13 -11.03
C GLN A 96 10.77 3.11 -10.38
N LYS A 97 10.81 3.39 -9.08
CA LYS A 97 12.07 3.40 -8.36
C LYS A 97 11.91 2.77 -6.98
N ILE A 98 12.86 1.92 -6.61
CA ILE A 98 12.79 1.25 -5.32
C ILE A 98 13.95 1.71 -4.42
N TRP A 99 13.61 2.16 -3.21
CA TRP A 99 14.64 2.62 -2.28
C TRP A 99 14.19 2.39 -0.84
N ILE A 100 15.00 2.85 0.11
CA ILE A 100 14.67 2.69 1.53
C ILE A 100 14.80 4.03 2.25
N THR A 101 13.86 4.30 3.14
CA THR A 101 13.88 5.56 3.90
C THR A 101 13.52 5.31 5.36
N HIS A 102 13.70 6.33 6.18
CA HIS A 102 13.40 6.22 7.61
C HIS A 102 11.90 6.20 7.85
N ALA A 103 11.48 5.60 8.95
CA ALA A 103 10.07 5.52 9.28
C ALA A 103 9.49 6.90 9.52
N ASP A 104 10.28 7.93 9.23
CA ASP A 104 9.84 9.30 9.42
C ASP A 104 10.12 10.13 8.17
N ASP A 105 9.98 9.51 7.00
CA ASP A 105 10.23 10.21 5.74
C ASP A 105 8.92 10.74 5.15
N ARG A 106 8.62 12.00 5.44
CA ARG A 106 7.39 12.62 4.93
C ARG A 106 7.42 12.66 3.40
N THR A 107 8.60 12.88 2.84
CA THR A 107 8.76 12.94 1.39
C THR A 107 7.99 11.80 0.73
N VAL A 108 7.57 10.84 1.53
CA VAL A 108 6.83 9.69 1.02
C VAL A 108 5.39 9.70 1.53
N ILE A 109 5.13 10.54 2.54
CA ILE A 109 3.79 10.62 3.12
C ILE A 109 3.20 12.01 2.92
N ILE A 110 3.70 12.72 1.94
CA ILE A 110 3.22 14.07 1.63
C ILE A 110 2.04 14.01 0.68
N LYS A 111 1.74 15.14 0.03
CA LYS A 111 0.62 15.21 -0.90
C LYS A 111 1.11 15.22 -2.34
N LYS A 112 0.32 14.61 -3.23
CA LYS A 112 0.67 14.57 -4.64
C LYS A 112 -0.57 14.73 -5.51
N GLU A 113 -0.48 15.54 -6.55
CA GLU A 113 -1.60 15.75 -7.45
C GLU A 113 -1.58 14.75 -8.59
N GLU A 114 -0.80 13.69 -8.42
CA GLU A 114 -0.70 12.65 -9.44
C GLU A 114 -1.01 11.28 -8.87
N PRO A 115 -1.52 10.39 -9.68
CA PRO A 115 -1.87 9.00 -9.26
C PRO A 115 -0.61 8.16 -9.04
N ILE A 116 -0.01 8.33 -7.87
CA ILE A 116 1.21 7.60 -7.53
C ILE A 116 0.97 6.66 -6.35
N LEU A 117 1.44 5.42 -6.49
CA LEU A 117 1.28 4.44 -5.43
C LEU A 117 2.60 4.19 -4.72
N THR A 118 2.63 4.48 -3.43
CA THR A 118 3.84 4.28 -2.65
C THR A 118 3.64 3.17 -1.63
N LEU A 119 4.45 2.13 -1.72
CA LEU A 119 4.33 1.01 -0.80
C LEU A 119 5.49 1.00 0.19
N THR A 120 5.17 1.12 1.48
CA THR A 120 6.18 1.11 2.52
C THR A 120 6.10 -0.17 3.35
N THR A 121 7.15 -0.97 3.29
CA THR A 121 7.19 -2.22 4.05
C THR A 121 8.57 -2.48 4.60
N CYS A 122 8.63 -3.30 5.64
CA CYS A 122 9.93 -3.63 6.26
C CYS A 122 9.72 -4.43 7.53
N TYR A 123 9.42 -3.71 8.62
CA TYR A 123 9.20 -4.33 9.92
C TYR A 123 9.38 -5.85 9.83
N PRO A 124 10.61 -6.29 9.68
CA PRO A 124 10.95 -7.73 9.55
C PRO A 124 10.98 -8.44 10.90
N PHE A 125 11.05 -9.77 10.86
CA PHE A 125 11.09 -10.56 12.08
C PHE A 125 12.36 -10.24 12.86
N ASP A 126 13.42 -9.86 12.15
CA ASP A 126 14.69 -9.54 12.79
C ASP A 126 14.52 -8.37 13.75
N TYR A 127 13.83 -7.32 13.29
CA TYR A 127 13.61 -6.14 14.12
C TYR A 127 12.15 -6.09 14.58
N ILE A 128 11.96 -5.98 15.89
CA ILE A 128 10.61 -5.90 16.45
C ILE A 128 10.23 -4.45 16.72
N GLY A 129 9.06 -4.05 16.23
CA GLY A 129 8.59 -2.68 16.42
C GLY A 129 8.71 -1.88 15.14
N ASP A 130 9.51 -0.81 15.18
CA ASP A 130 9.71 0.02 14.00
C ASP A 130 11.17 -0.02 13.56
N ALA A 131 11.43 -0.74 12.47
CA ALA A 131 12.79 -0.85 11.95
C ALA A 131 13.37 0.53 11.68
N PRO A 132 14.67 0.65 11.76
CA PRO A 132 15.38 1.94 11.51
C PRO A 132 15.16 2.47 10.09
N ASP A 133 14.94 1.54 9.16
CA ASP A 133 14.70 1.91 7.77
C ASP A 133 13.58 1.07 7.17
N ARG A 134 12.59 1.75 6.59
CA ARG A 134 11.46 1.05 5.98
C ARG A 134 11.64 0.95 4.48
N TYR A 135 11.25 -0.18 3.90
CA TYR A 135 11.38 -0.38 2.46
C TYR A 135 10.32 0.41 1.72
N ILE A 136 10.73 1.17 0.72
CA ILE A 136 9.80 1.98 -0.05
C ILE A 136 9.76 1.58 -1.52
N ILE A 137 8.60 1.12 -1.97
CA ILE A 137 8.41 0.76 -3.36
C ILE A 137 7.56 1.81 -4.05
N GLU A 138 8.19 2.57 -4.94
CA GLU A 138 7.48 3.61 -5.67
C GLU A 138 6.90 3.07 -6.97
N ALA A 139 5.65 3.43 -7.24
CA ALA A 139 4.98 2.99 -8.46
C ALA A 139 4.05 4.07 -8.99
N LYS A 140 4.00 4.19 -10.31
CA LYS A 140 3.15 5.19 -10.95
C LYS A 140 2.03 4.55 -11.76
N LEU A 141 0.92 5.26 -11.91
CA LEU A 141 -0.21 4.73 -12.67
C LEU A 141 0.09 4.77 -14.16
N THR A 142 0.12 3.58 -14.77
CA THR A 142 0.40 3.48 -16.20
C THR A 142 -0.90 3.29 -16.97
N GLY A 143 -1.85 2.58 -16.36
CA GLY A 143 -3.13 2.33 -17.00
C GLY A 143 -4.22 2.08 -15.97
N SER A 144 -5.48 2.27 -16.36
CA SER A 144 -6.59 2.06 -15.45
C SER A 144 -7.74 1.35 -16.17
N TYR A 145 -8.52 0.60 -15.40
CA TYR A 145 -9.65 -0.13 -15.98
C TYR A 145 -10.93 0.13 -15.17
N SER A 146 -12.06 0.19 -15.86
CA SER A 146 -13.33 0.44 -15.20
C SER A 146 -14.40 -0.49 -15.74
N LYS A 147 -15.11 -1.17 -14.83
CA LYS A 147 -16.17 -2.09 -15.23
C LYS A 147 -15.77 -2.83 -16.49
N GLY A 1 -21.70 2.23 24.35
CA GLY A 1 -21.25 1.27 23.29
C GLY A 1 -21.71 1.76 21.93
N SER A 2 -20.77 1.86 21.00
CA SER A 2 -21.09 2.33 19.65
C SER A 2 -22.09 1.38 18.99
N HIS A 3 -21.97 0.10 19.29
CA HIS A 3 -22.86 -0.90 18.72
C HIS A 3 -22.34 -1.37 17.36
N MET A 4 -21.24 -2.13 17.39
CA MET A 4 -20.64 -2.63 16.16
C MET A 4 -20.49 -1.50 15.14
N SER A 5 -20.83 -0.29 15.54
CA SER A 5 -20.73 0.86 14.65
C SER A 5 -21.19 0.50 13.25
N SER A 6 -21.04 1.43 12.32
CA SER A 6 -21.44 1.20 10.93
C SER A 6 -20.46 0.26 10.25
N GLN A 7 -20.97 -0.57 9.34
CA GLN A 7 -20.13 -1.51 8.62
C GLN A 7 -20.24 -1.29 7.12
N THR A 8 -19.35 -1.92 6.36
CA THR A 8 -19.36 -1.78 4.90
C THR A 8 -19.04 -0.35 4.50
N GLU A 9 -18.70 0.48 5.49
CA GLU A 9 -18.37 1.88 5.22
C GLU A 9 -16.87 2.05 5.04
N HIS A 10 -16.47 3.17 4.44
CA HIS A 10 -15.06 3.45 4.21
C HIS A 10 -14.32 3.63 5.55
N LYS A 11 -14.76 2.88 6.55
CA LYS A 11 -14.14 2.96 7.87
C LYS A 11 -12.78 2.28 7.86
N GLU A 12 -11.85 2.82 8.64
CA GLU A 12 -10.50 2.26 8.71
C GLU A 12 -10.56 0.82 9.19
N GLY A 13 -9.72 -0.04 8.61
CA GLY A 13 -9.69 -1.45 8.98
C GLY A 13 -10.71 -2.25 8.19
N GLU A 14 -11.24 -1.65 7.14
CA GLU A 14 -12.21 -2.32 6.32
C GLU A 14 -11.71 -2.46 4.88
N LYS A 15 -12.01 -3.60 4.28
CA LYS A 15 -11.57 -3.85 2.90
C LYS A 15 -12.22 -2.83 1.97
N VAL A 16 -11.39 -1.96 1.40
CA VAL A 16 -11.87 -0.93 0.48
C VAL A 16 -11.36 -1.19 -0.93
N ALA A 17 -10.08 -1.53 -1.03
CA ALA A 17 -9.46 -1.78 -2.33
C ALA A 17 -8.71 -3.10 -2.33
N MET A 18 -8.43 -3.62 -3.51
CA MET A 18 -7.71 -4.88 -3.64
C MET A 18 -6.49 -4.72 -4.52
N LEU A 19 -5.41 -5.41 -4.16
CA LEU A 19 -4.17 -5.35 -4.93
C LEU A 19 -3.96 -6.64 -5.70
N ASN A 20 -3.72 -6.52 -7.00
CA ASN A 20 -3.50 -7.69 -7.84
C ASN A 20 -2.18 -7.59 -8.59
N ILE A 21 -1.33 -8.61 -8.45
CA ILE A 21 -0.04 -8.63 -9.13
C ILE A 21 -0.09 -9.61 -10.31
N PRO A 22 0.12 -9.13 -11.52
CA PRO A 22 0.09 -9.99 -12.74
C PRO A 22 1.34 -10.85 -12.90
N LYS A 23 2.51 -10.22 -12.76
CA LYS A 23 3.77 -10.93 -12.91
C LYS A 23 3.87 -12.07 -11.91
N LEU A 24 3.50 -11.80 -10.67
CA LEU A 24 3.55 -12.81 -9.62
C LEU A 24 2.19 -13.46 -9.45
N LYS A 25 1.22 -13.01 -10.23
CA LYS A 25 -0.12 -13.58 -10.15
C LYS A 25 -0.59 -13.67 -8.70
N LYS A 26 -0.23 -12.66 -7.91
CA LYS A 26 -0.63 -12.62 -6.50
C LYS A 26 -1.70 -11.58 -6.27
N LYS A 27 -2.47 -11.75 -5.20
CA LYS A 27 -3.52 -10.79 -4.90
C LYS A 27 -3.59 -10.53 -3.40
N PHE A 28 -3.91 -9.30 -3.04
CA PHE A 28 -4.03 -8.92 -1.64
C PHE A 28 -5.17 -7.93 -1.42
N SER A 29 -5.77 -7.96 -0.24
CA SER A 29 -6.87 -7.06 0.07
C SER A 29 -6.37 -5.86 0.88
N ILE A 30 -6.48 -4.67 0.30
CA ILE A 30 -6.04 -3.46 0.98
C ILE A 30 -7.15 -2.91 1.87
N TYR A 31 -6.84 -2.77 3.16
CA TYR A 31 -7.82 -2.24 4.11
C TYR A 31 -7.57 -0.76 4.37
N TRP A 32 -8.66 0.01 4.45
CA TRP A 32 -8.54 1.44 4.68
C TRP A 32 -7.85 1.71 6.02
N GLY A 33 -6.80 2.53 5.97
CA GLY A 33 -6.05 2.87 7.17
C GLY A 33 -5.10 1.75 7.56
N ALA A 34 -4.31 1.99 8.58
CA ALA A 34 -3.38 0.99 9.04
C ALA A 34 -3.09 1.15 10.53
N ASP A 35 -3.60 0.22 11.33
CA ASP A 35 -3.40 0.27 12.78
C ASP A 35 -2.19 -0.57 13.18
N ASP A 36 -1.16 0.10 13.69
CA ASP A 36 0.06 -0.60 14.11
C ASP A 36 -0.16 -1.27 15.46
N ALA A 37 -1.29 -0.99 16.09
CA ALA A 37 -1.60 -1.59 17.39
C ALA A 37 -1.74 -3.10 17.26
N THR A 38 -2.29 -3.55 16.14
CA THR A 38 -2.48 -4.98 15.91
C THR A 38 -1.51 -5.47 14.83
N LEU A 39 -0.75 -6.53 15.16
CA LEU A 39 0.21 -7.08 14.21
C LEU A 39 -0.48 -8.06 13.26
N LYS A 40 -1.74 -8.37 13.56
CA LYS A 40 -2.50 -9.29 12.73
C LYS A 40 -2.69 -8.72 11.33
N LYS A 41 -2.98 -7.43 11.26
CA LYS A 41 -3.18 -6.76 9.99
C LYS A 41 -1.88 -6.15 9.49
N GLY A 42 -1.56 -6.40 8.23
CA GLY A 42 -0.34 -5.85 7.64
C GLY A 42 -0.66 -5.04 6.39
N VAL A 43 -1.58 -5.54 5.57
CA VAL A 43 -1.95 -4.85 4.34
C VAL A 43 -2.98 -3.75 4.62
N GLY A 44 -2.48 -2.54 4.83
CA GLY A 44 -3.36 -1.41 5.11
C GLY A 44 -2.95 -0.17 4.31
N MET A 45 -3.90 0.72 4.08
CA MET A 45 -3.63 1.94 3.33
C MET A 45 -3.47 3.11 4.30
N PHE A 46 -2.40 3.88 4.11
CA PHE A 46 -2.15 5.03 4.97
C PHE A 46 -3.23 6.09 4.79
N VAL A 47 -3.75 6.59 5.89
CA VAL A 47 -4.78 7.62 5.85
C VAL A 47 -4.33 8.87 6.61
N SER A 48 -4.16 9.97 5.87
CA SER A 48 -3.73 11.21 6.47
C SER A 48 -4.13 12.40 5.58
N ASP A 49 -3.91 13.61 6.10
CA ASP A 49 -4.25 14.81 5.35
C ASP A 49 -3.50 14.85 4.02
N VAL A 50 -2.47 14.01 3.90
CA VAL A 50 -1.69 13.96 2.67
C VAL A 50 -1.93 12.65 1.92
N THR A 51 -2.06 11.56 2.67
CA THR A 51 -2.29 10.25 2.07
C THR A 51 -3.74 10.12 1.64
N THR A 52 -3.95 9.50 0.48
CA THR A 52 -5.31 9.30 -0.04
C THR A 52 -5.41 7.96 -0.76
N THR A 53 -6.63 7.54 -1.04
CA THR A 53 -6.84 6.28 -1.74
C THR A 53 -6.76 6.47 -3.25
N PRO A 54 -6.48 5.42 -3.98
CA PRO A 54 -6.36 5.48 -5.47
C PRO A 54 -7.73 5.50 -6.15
N SER A 55 -8.32 6.67 -6.25
CA SER A 55 -9.62 6.81 -6.87
C SER A 55 -9.52 7.65 -8.14
N GLY A 56 -8.32 8.15 -8.42
CA GLY A 56 -8.10 8.95 -9.60
C GLY A 56 -7.14 10.11 -9.32
N GLY A 57 -5.85 9.88 -9.52
CA GLY A 57 -4.86 10.91 -9.28
C GLY A 57 -4.78 11.26 -7.80
N GLY A 58 -4.04 10.45 -7.04
CA GLY A 58 -3.90 10.68 -5.61
C GLY A 58 -2.72 9.90 -5.06
N HIS A 59 -2.26 10.30 -3.88
CA HIS A 59 -1.15 9.61 -3.23
C HIS A 59 -1.66 8.39 -2.48
N THR A 60 -1.19 7.22 -2.87
CA THR A 60 -1.61 5.98 -2.22
C THR A 60 -0.42 5.31 -1.57
N VAL A 61 -0.53 5.00 -0.28
CA VAL A 61 0.55 4.35 0.44
C VAL A 61 0.11 2.97 0.92
N LEU A 62 0.95 1.99 0.67
CA LEU A 62 0.65 0.62 1.08
C LEU A 62 1.60 0.16 2.17
N SER A 63 1.04 -0.48 3.17
CA SER A 63 1.83 -0.98 4.29
C SER A 63 1.73 -2.50 4.38
N GLY A 64 2.89 -3.16 4.54
CA GLY A 64 2.93 -4.62 4.63
C GLY A 64 3.87 -5.08 5.74
N HIS A 65 3.37 -5.99 6.58
CA HIS A 65 4.16 -6.53 7.68
C HIS A 65 5.21 -7.50 7.15
N ARG A 66 6.46 -7.28 7.54
CA ARG A 66 7.55 -8.14 7.10
C ARG A 66 7.98 -7.77 5.69
N ASP A 67 9.30 -7.76 5.46
CA ASP A 67 9.82 -7.43 4.15
C ASP A 67 10.46 -8.66 3.52
N THR A 68 11.48 -9.22 4.18
CA THR A 68 12.17 -10.40 3.68
C THR A 68 11.95 -10.55 2.18
N VAL A 69 12.21 -9.49 1.44
CA VAL A 69 12.03 -9.52 0.00
C VAL A 69 13.04 -10.45 -0.65
N PHE A 70 12.62 -11.69 -0.88
CA PHE A 70 13.50 -12.68 -1.51
C PHE A 70 13.17 -12.81 -2.99
N THR A 71 12.05 -12.23 -3.40
CA THR A 71 11.63 -12.28 -4.80
C THR A 71 12.05 -11.00 -5.53
N ASP A 72 13.24 -11.03 -6.11
CA ASP A 72 13.76 -9.87 -6.82
C ASP A 72 12.80 -9.47 -7.93
N LEU A 73 12.36 -10.44 -8.71
CA LEU A 73 11.44 -10.14 -9.80
C LEU A 73 10.02 -9.95 -9.27
N GLY A 74 9.80 -10.35 -8.01
CA GLY A 74 8.49 -10.23 -7.40
C GLY A 74 8.07 -8.78 -7.28
N GLN A 75 8.95 -7.96 -6.71
CA GLN A 75 8.65 -6.55 -6.52
C GLN A 75 9.87 -5.69 -6.83
N LEU A 76 11.05 -6.32 -6.87
CA LEU A 76 12.27 -5.58 -7.13
C LEU A 76 12.57 -5.53 -8.62
N LYS A 77 11.65 -4.94 -9.37
CA LYS A 77 11.83 -4.81 -10.81
C LYS A 77 10.84 -3.78 -11.36
N GLU A 78 11.29 -3.02 -12.37
CA GLU A 78 10.46 -2.01 -12.99
C GLU A 78 9.44 -2.65 -13.91
N LYS A 79 9.72 -3.88 -14.29
CA LYS A 79 8.82 -4.61 -15.16
C LYS A 79 7.56 -5.00 -14.41
N ASP A 80 7.62 -4.90 -13.08
CA ASP A 80 6.46 -5.25 -12.24
C ASP A 80 5.33 -4.25 -12.41
N THR A 81 4.11 -4.72 -12.20
CA THR A 81 2.95 -3.86 -12.32
C THR A 81 1.95 -4.18 -11.24
N LEU A 82 1.61 -3.20 -10.45
CA LEU A 82 0.66 -3.40 -9.37
C LEU A 82 -0.71 -2.90 -9.80
N VAL A 83 -1.68 -3.80 -9.87
CA VAL A 83 -3.02 -3.42 -10.28
C VAL A 83 -3.91 -3.28 -9.06
N LEU A 84 -4.48 -2.10 -8.90
CA LEU A 84 -5.34 -1.81 -7.76
C LEU A 84 -6.79 -1.68 -8.19
N GLU A 85 -7.68 -2.37 -7.47
CA GLU A 85 -9.10 -2.31 -7.77
C GLU A 85 -9.83 -1.41 -6.78
N TYR A 86 -10.52 -0.41 -7.32
CA TYR A 86 -11.25 0.54 -6.49
C TYR A 86 -12.56 0.96 -7.16
N ASP A 87 -13.70 0.67 -6.52
CA ASP A 87 -15.00 1.05 -7.08
C ASP A 87 -15.20 0.46 -8.47
N ASN A 88 -15.00 -0.85 -8.58
CA ASN A 88 -15.18 -1.53 -9.85
C ASN A 88 -14.20 -1.00 -10.90
N LYS A 89 -13.28 -0.16 -10.45
CA LYS A 89 -12.29 0.38 -11.37
C LYS A 89 -10.94 -0.25 -11.10
N THR A 90 -10.18 -0.49 -12.16
CA THR A 90 -8.87 -1.11 -12.01
C THR A 90 -7.77 -0.13 -12.41
N TYR A 91 -6.85 0.10 -11.49
CA TYR A 91 -5.73 1.01 -11.75
C TYR A 91 -4.44 0.21 -11.94
N THR A 92 -3.74 0.48 -13.04
CA THR A 92 -2.51 -0.22 -13.33
C THR A 92 -1.29 0.61 -12.94
N TYR A 93 -0.53 0.12 -11.97
CA TYR A 93 0.67 0.80 -11.52
C TYR A 93 1.92 0.04 -11.93
N GLU A 94 3.02 0.75 -12.08
CA GLU A 94 4.29 0.14 -12.47
C GLU A 94 5.38 0.51 -11.49
N ILE A 95 6.23 -0.46 -11.15
CA ILE A 95 7.31 -0.19 -10.22
C ILE A 95 8.24 0.87 -10.78
N GLN A 96 8.36 1.96 -10.06
CA GLN A 96 9.22 3.06 -10.49
C GLN A 96 10.64 2.86 -9.96
N LYS A 97 10.79 2.95 -8.64
CA LYS A 97 12.10 2.78 -8.04
C LYS A 97 11.98 2.17 -6.65
N ILE A 98 12.83 1.20 -6.36
CA ILE A 98 12.79 0.54 -5.07
C ILE A 98 13.97 0.94 -4.20
N TRP A 99 13.69 1.24 -2.93
CA TRP A 99 14.76 1.65 -2.02
C TRP A 99 14.32 1.48 -0.56
N ILE A 100 15.21 1.84 0.36
CA ILE A 100 14.91 1.72 1.78
C ILE A 100 15.13 3.06 2.49
N THR A 101 14.17 3.47 3.30
CA THR A 101 14.28 4.74 4.01
C THR A 101 13.85 4.59 5.47
N HIS A 102 13.99 5.66 6.24
CA HIS A 102 13.61 5.63 7.65
C HIS A 102 12.10 5.71 7.82
N ALA A 103 11.60 5.13 8.90
CA ALA A 103 10.17 5.12 9.17
C ALA A 103 9.67 6.55 9.43
N ASP A 104 10.60 7.44 9.76
CA ASP A 104 10.24 8.83 10.04
C ASP A 104 10.39 9.70 8.79
N ASP A 105 10.43 9.06 7.63
CA ASP A 105 10.58 9.78 6.37
C ASP A 105 9.21 10.08 5.77
N ARG A 106 8.76 11.32 5.94
CA ARG A 106 7.47 11.74 5.39
C ARG A 106 7.53 11.81 3.88
N THR A 107 8.72 12.16 3.37
CA THR A 107 8.92 12.26 1.92
C THR A 107 8.16 11.17 1.19
N VAL A 108 7.82 10.10 1.94
CA VAL A 108 7.10 8.98 1.35
C VAL A 108 5.64 8.98 1.78
N ILE A 109 5.34 9.70 2.87
CA ILE A 109 3.98 9.79 3.37
C ILE A 109 3.43 11.21 3.22
N ILE A 110 3.94 11.93 2.23
CA ILE A 110 3.50 13.30 1.99
C ILE A 110 2.35 13.33 1.00
N LYS A 111 2.01 14.53 0.52
CA LYS A 111 0.91 14.68 -0.43
C LYS A 111 1.44 14.75 -1.87
N LYS A 112 0.65 14.24 -2.81
CA LYS A 112 1.04 14.25 -4.22
C LYS A 112 -0.08 14.80 -5.09
N GLU A 113 0.29 15.33 -6.25
CA GLU A 113 -0.70 15.88 -7.16
C GLU A 113 -0.98 14.91 -8.30
N GLU A 114 -0.51 13.66 -8.13
CA GLU A 114 -0.70 12.65 -9.17
C GLU A 114 -0.94 11.28 -8.55
N PRO A 115 -1.35 10.33 -9.36
CA PRO A 115 -1.62 8.93 -8.90
C PRO A 115 -0.35 8.12 -8.74
N ILE A 116 0.14 8.08 -7.52
CA ILE A 116 1.34 7.34 -7.21
C ILE A 116 1.09 6.37 -6.06
N LEU A 117 1.46 5.12 -6.27
CA LEU A 117 1.28 4.10 -5.24
C LEU A 117 2.62 3.77 -4.60
N THR A 118 2.70 3.98 -3.29
CA THR A 118 3.92 3.72 -2.55
C THR A 118 3.70 2.58 -1.56
N LEU A 119 4.55 1.58 -1.62
CA LEU A 119 4.44 0.43 -0.72
C LEU A 119 5.60 0.38 0.25
N THR A 120 5.26 0.29 1.54
CA THR A 120 6.28 0.20 2.56
C THR A 120 6.12 -1.07 3.39
N THR A 121 7.21 -1.82 3.54
CA THR A 121 7.16 -3.06 4.31
C THR A 121 8.34 -3.18 5.25
N CYS A 122 8.20 -4.10 6.19
CA CYS A 122 9.27 -4.33 7.14
C CYS A 122 8.71 -4.82 8.47
N TYR A 123 8.15 -3.89 9.22
CA TYR A 123 7.56 -4.19 10.54
C TYR A 123 8.54 -5.01 11.39
N PRO A 124 8.37 -5.03 12.70
CA PRO A 124 9.25 -5.82 13.61
C PRO A 124 9.31 -7.31 13.24
N PHE A 125 9.80 -7.60 12.04
CA PHE A 125 9.90 -8.99 11.58
C PHE A 125 11.12 -9.67 12.17
N ASP A 126 12.24 -8.95 12.20
CA ASP A 126 13.48 -9.49 12.74
C ASP A 126 14.05 -8.55 13.80
N TYR A 127 13.69 -7.27 13.71
CA TYR A 127 14.17 -6.28 14.65
C TYR A 127 13.05 -5.88 15.61
N ILE A 128 13.36 -5.85 16.90
CA ILE A 128 12.36 -5.49 17.91
C ILE A 128 12.08 -3.99 17.84
N GLY A 129 10.82 -3.64 17.69
CA GLY A 129 10.42 -2.24 17.59
C GLY A 129 10.48 -1.75 16.15
N ASP A 130 10.68 -0.45 15.97
CA ASP A 130 10.74 0.12 14.63
C ASP A 130 12.06 -0.25 13.96
N ALA A 131 11.99 -1.15 12.98
CA ALA A 131 13.19 -1.59 12.27
C ALA A 131 14.08 -0.40 11.91
N PRO A 132 15.37 -0.60 11.88
CA PRO A 132 16.33 0.48 11.52
C PRO A 132 15.93 1.22 10.26
N ASP A 133 15.38 0.47 9.29
CA ASP A 133 14.95 1.06 8.03
C ASP A 133 13.71 0.36 7.50
N ARG A 134 12.95 1.05 6.66
CA ARG A 134 11.74 0.48 6.09
C ARG A 134 11.84 0.39 4.57
N TYR A 135 11.46 -0.75 4.01
CA TYR A 135 11.55 -0.93 2.57
C TYR A 135 10.52 -0.04 1.87
N ILE A 136 10.94 0.68 0.83
CA ILE A 136 10.03 1.57 0.12
C ILE A 136 9.88 1.15 -1.35
N ILE A 137 8.67 0.74 -1.72
CA ILE A 137 8.41 0.34 -3.10
C ILE A 137 7.56 1.42 -3.77
N GLU A 138 8.16 2.17 -4.68
CA GLU A 138 7.46 3.22 -5.38
C GLU A 138 6.84 2.70 -6.67
N ALA A 139 5.69 3.26 -7.02
CA ALA A 139 5.01 2.86 -8.24
C ALA A 139 4.15 3.99 -8.80
N LYS A 140 4.11 4.09 -10.13
CA LYS A 140 3.32 5.12 -10.79
C LYS A 140 2.20 4.50 -11.62
N LEU A 141 1.11 5.25 -11.76
CA LEU A 141 -0.02 4.76 -12.55
C LEU A 141 0.28 4.92 -14.03
N THR A 142 0.20 3.81 -14.75
CA THR A 142 0.45 3.80 -16.19
C THR A 142 -0.86 3.61 -16.96
N GLY A 143 -1.72 2.72 -16.46
CA GLY A 143 -2.99 2.45 -17.12
C GLY A 143 -4.12 2.36 -16.11
N SER A 144 -5.35 2.44 -16.60
CA SER A 144 -6.51 2.37 -15.71
C SER A 144 -7.71 1.78 -16.45
N TYR A 145 -8.61 1.14 -15.72
CA TYR A 145 -9.79 0.53 -16.31
C TYR A 145 -11.02 0.83 -15.47
N SER A 146 -12.19 0.81 -16.10
CA SER A 146 -13.43 1.07 -15.39
C SER A 146 -14.55 0.18 -15.93
N LYS A 147 -15.19 -0.55 -15.02
CA LYS A 147 -16.28 -1.45 -15.41
C LYS A 147 -17.64 -0.73 -15.28
N GLY A 1 -18.11 -2.42 23.47
CA GLY A 1 -19.37 -2.56 22.69
C GLY A 1 -19.35 -1.61 21.50
N SER A 2 -19.35 -2.16 20.30
CA SER A 2 -19.33 -1.35 19.09
C SER A 2 -20.58 -1.60 18.26
N HIS A 3 -21.22 -0.51 17.83
CA HIS A 3 -22.43 -0.63 17.02
C HIS A 3 -22.08 -0.86 15.56
N MET A 4 -23.05 -0.61 14.68
CA MET A 4 -22.82 -0.79 13.25
C MET A 4 -21.85 0.26 12.71
N SER A 5 -20.93 -0.18 11.86
CA SER A 5 -19.95 0.74 11.28
C SER A 5 -19.10 0.02 10.23
N SER A 6 -19.22 -1.31 10.18
CA SER A 6 -18.47 -2.10 9.22
C SER A 6 -19.04 -1.94 7.82
N GLN A 7 -18.16 -2.03 6.82
CA GLN A 7 -18.59 -1.90 5.43
C GLN A 7 -19.41 -0.63 5.23
N THR A 8 -19.29 0.30 6.17
CA THR A 8 -20.03 1.55 6.10
C THR A 8 -19.12 2.74 6.44
N GLU A 9 -19.26 3.82 5.67
CA GLU A 9 -18.46 5.02 5.90
C GLU A 9 -16.98 4.66 5.94
N HIS A 10 -16.13 5.64 5.64
CA HIS A 10 -14.70 5.41 5.63
C HIS A 10 -14.18 5.17 7.05
N LYS A 11 -13.72 3.96 7.29
CA LYS A 11 -13.19 3.60 8.60
C LYS A 11 -11.89 2.82 8.46
N GLU A 12 -10.94 3.10 9.34
CA GLU A 12 -9.66 2.43 9.31
C GLU A 12 -9.83 0.97 9.74
N GLY A 13 -9.41 0.04 8.89
CA GLY A 13 -9.53 -1.38 9.20
C GLY A 13 -10.57 -2.05 8.34
N GLU A 14 -11.04 -1.34 7.31
CA GLU A 14 -12.04 -1.90 6.43
C GLU A 14 -11.50 -2.00 5.01
N LYS A 15 -11.74 -3.14 4.38
CA LYS A 15 -11.27 -3.35 3.02
C LYS A 15 -11.83 -2.28 2.10
N VAL A 16 -10.94 -1.43 1.61
CA VAL A 16 -11.34 -0.36 0.71
C VAL A 16 -10.76 -0.55 -0.69
N ALA A 17 -9.53 -1.04 -0.75
CA ALA A 17 -8.86 -1.27 -2.03
C ALA A 17 -8.22 -2.65 -2.05
N MET A 18 -8.05 -3.20 -3.26
CA MET A 18 -7.44 -4.51 -3.40
C MET A 18 -6.16 -4.41 -4.22
N LEU A 19 -5.12 -5.11 -3.77
CA LEU A 19 -3.85 -5.10 -4.48
C LEU A 19 -3.65 -6.41 -5.24
N ASN A 20 -3.52 -6.31 -6.56
CA ASN A 20 -3.32 -7.50 -7.39
C ASN A 20 -2.00 -7.42 -8.13
N ILE A 21 -1.20 -8.48 -7.99
CA ILE A 21 0.09 -8.53 -8.65
C ILE A 21 0.08 -9.57 -9.77
N PRO A 22 0.27 -9.14 -11.01
CA PRO A 22 0.26 -10.07 -12.18
C PRO A 22 1.56 -10.86 -12.32
N LYS A 23 2.69 -10.18 -12.18
CA LYS A 23 3.99 -10.83 -12.31
C LYS A 23 4.17 -11.90 -11.24
N LEU A 24 3.70 -11.62 -10.04
CA LEU A 24 3.82 -12.56 -8.94
C LEU A 24 2.54 -13.37 -8.79
N LYS A 25 1.62 -13.15 -9.71
CA LYS A 25 0.36 -13.88 -9.69
C LYS A 25 -0.16 -13.98 -8.26
N LYS A 26 -0.18 -12.84 -7.56
CA LYS A 26 -0.66 -12.81 -6.19
C LYS A 26 -1.59 -11.63 -5.96
N LYS A 27 -2.42 -11.73 -4.95
CA LYS A 27 -3.36 -10.66 -4.64
C LYS A 27 -3.45 -10.43 -3.13
N PHE A 28 -3.52 -9.17 -2.74
CA PHE A 28 -3.62 -8.84 -1.32
C PHE A 28 -4.70 -7.78 -1.10
N SER A 29 -5.44 -7.90 0.00
CA SER A 29 -6.50 -6.96 0.30
C SER A 29 -5.97 -5.80 1.15
N ILE A 30 -6.14 -4.57 0.66
CA ILE A 30 -5.69 -3.41 1.38
C ILE A 30 -6.83 -2.80 2.19
N TYR A 31 -6.62 -2.67 3.50
CA TYR A 31 -7.63 -2.11 4.38
C TYR A 31 -7.29 -0.67 4.75
N TRP A 32 -8.32 0.16 4.89
CA TRP A 32 -8.11 1.57 5.23
C TRP A 32 -7.37 1.68 6.57
N GLY A 33 -6.32 2.49 6.57
CA GLY A 33 -5.52 2.68 7.78
C GLY A 33 -4.52 1.56 7.95
N ALA A 34 -3.32 1.91 8.39
CA ALA A 34 -2.28 0.91 8.59
C ALA A 34 -1.85 0.85 10.05
N ASP A 35 -2.62 0.15 10.86
CA ASP A 35 -2.31 0.02 12.28
C ASP A 35 -1.67 -1.33 12.57
N ASP A 36 -0.38 -1.32 12.87
CA ASP A 36 0.33 -2.57 13.16
C ASP A 36 0.18 -2.93 14.63
N ALA A 37 -0.39 -2.02 15.42
CA ALA A 37 -0.60 -2.26 16.84
C ALA A 37 -1.91 -3.01 17.07
N THR A 38 -2.74 -3.07 16.04
CA THR A 38 -4.03 -3.75 16.15
C THR A 38 -4.02 -5.04 15.32
N LEU A 39 -5.19 -5.39 14.78
CA LEU A 39 -5.31 -6.60 13.97
C LEU A 39 -4.07 -6.80 13.11
N LYS A 40 -3.84 -5.86 12.19
CA LYS A 40 -2.69 -5.96 11.30
C LYS A 40 -2.76 -7.20 10.42
N LYS A 41 -2.95 -6.99 9.12
CA LYS A 41 -3.03 -8.12 8.19
C LYS A 41 -1.84 -8.13 7.24
N GLY A 42 -1.00 -7.10 7.35
CA GLY A 42 0.18 -6.99 6.49
C GLY A 42 -0.01 -5.95 5.41
N VAL A 43 -1.25 -5.78 4.95
CA VAL A 43 -1.53 -4.79 3.92
C VAL A 43 -2.47 -3.71 4.45
N GLY A 44 -1.88 -2.63 4.96
CA GLY A 44 -2.68 -1.54 5.51
C GLY A 44 -2.36 -0.22 4.80
N MET A 45 -3.40 0.58 4.58
CA MET A 45 -3.22 1.86 3.93
C MET A 45 -3.03 2.97 4.96
N PHE A 46 -1.94 3.71 4.83
CA PHE A 46 -1.66 4.79 5.77
C PHE A 46 -2.69 5.90 5.62
N VAL A 47 -3.10 6.47 6.75
CA VAL A 47 -4.10 7.53 6.75
C VAL A 47 -3.49 8.85 7.22
N SER A 48 -3.69 9.90 6.44
CA SER A 48 -3.16 11.22 6.79
C SER A 48 -3.86 12.31 5.99
N ASP A 49 -3.67 13.56 6.40
CA ASP A 49 -4.29 14.68 5.71
C ASP A 49 -3.66 14.87 4.34
N VAL A 50 -2.56 14.18 4.09
CA VAL A 50 -1.88 14.29 2.81
C VAL A 50 -2.04 13.00 2.01
N THR A 51 -2.48 11.95 2.68
CA THR A 51 -2.67 10.67 2.01
C THR A 51 -4.05 10.59 1.37
N THR A 52 -4.14 9.86 0.27
CA THR A 52 -5.40 9.71 -0.44
C THR A 52 -5.59 8.29 -0.94
N THR A 53 -6.80 7.96 -1.31
CA THR A 53 -7.11 6.63 -1.83
C THR A 53 -7.06 6.63 -3.35
N PRO A 54 -6.74 5.51 -3.93
CA PRO A 54 -6.65 5.37 -5.41
C PRO A 54 -8.02 5.30 -6.08
N SER A 55 -8.85 6.30 -5.80
CA SER A 55 -10.18 6.36 -6.38
C SER A 55 -10.23 7.36 -7.52
N GLY A 56 -9.15 8.10 -7.67
CA GLY A 56 -9.06 9.10 -8.73
C GLY A 56 -7.90 10.05 -8.49
N GLY A 57 -6.70 9.61 -8.87
CA GLY A 57 -5.51 10.44 -8.71
C GLY A 57 -5.34 10.87 -7.25
N GLY A 58 -4.42 10.22 -6.55
CA GLY A 58 -4.17 10.54 -5.16
C GLY A 58 -2.87 9.87 -4.68
N HIS A 59 -2.32 10.39 -3.59
CA HIS A 59 -1.10 9.82 -3.01
C HIS A 59 -1.49 8.62 -2.16
N THR A 60 -1.34 7.43 -2.72
CA THR A 60 -1.68 6.22 -1.99
C THR A 60 -0.45 5.67 -1.30
N VAL A 61 -0.55 5.43 0.01
CA VAL A 61 0.58 4.91 0.77
C VAL A 61 0.25 3.53 1.32
N LEU A 62 1.14 2.58 1.08
CA LEU A 62 0.94 1.22 1.56
C LEU A 62 2.01 0.86 2.59
N SER A 63 1.60 0.12 3.61
CA SER A 63 2.54 -0.30 4.65
C SER A 63 2.46 -1.80 4.88
N GLY A 64 3.59 -2.39 5.22
CA GLY A 64 3.66 -3.83 5.46
C GLY A 64 5.06 -4.26 5.91
N HIS A 65 5.21 -5.56 6.14
CA HIS A 65 6.49 -6.10 6.59
C HIS A 65 7.06 -7.04 5.53
N ARG A 66 8.37 -7.28 5.60
CA ARG A 66 9.03 -8.16 4.65
C ARG A 66 8.34 -9.52 4.63
N ASP A 67 8.16 -10.06 3.42
CA ASP A 67 7.52 -11.36 3.26
C ASP A 67 8.52 -12.50 3.44
N THR A 68 8.84 -13.16 2.33
CA THR A 68 9.78 -14.28 2.36
C THR A 68 10.88 -14.08 1.33
N VAL A 69 11.78 -15.05 1.24
CA VAL A 69 12.89 -14.97 0.29
C VAL A 69 12.37 -14.88 -1.14
N PHE A 70 11.40 -15.73 -1.48
CA PHE A 70 10.83 -15.73 -2.82
C PHE A 70 9.49 -14.99 -2.83
N THR A 71 9.54 -13.68 -2.68
CA THR A 71 8.32 -12.88 -2.68
C THR A 71 8.65 -11.40 -2.86
N ASP A 72 9.29 -10.82 -1.86
CA ASP A 72 9.66 -9.41 -1.91
C ASP A 72 10.65 -9.17 -3.04
N LEU A 73 11.42 -10.19 -3.37
CA LEU A 73 12.42 -10.08 -4.44
C LEU A 73 11.76 -9.75 -5.77
N GLY A 74 10.64 -10.41 -6.08
CA GLY A 74 9.95 -10.15 -7.33
C GLY A 74 9.10 -8.89 -7.24
N GLN A 75 8.64 -8.58 -6.03
CA GLN A 75 7.81 -7.40 -5.82
C GLN A 75 8.58 -6.12 -6.14
N LEU A 76 9.86 -6.10 -5.76
CA LEU A 76 10.69 -4.94 -6.01
C LEU A 76 11.42 -5.04 -7.34
N LYS A 77 10.89 -4.32 -8.33
CA LYS A 77 11.49 -4.32 -9.67
C LYS A 77 10.64 -3.48 -10.62
N GLU A 78 11.28 -2.92 -11.63
CA GLU A 78 10.57 -2.08 -12.61
C GLU A 78 9.65 -2.93 -13.47
N LYS A 79 10.05 -4.16 -13.68
CA LYS A 79 9.27 -5.09 -14.49
C LYS A 79 8.00 -5.49 -13.76
N ASP A 80 7.94 -5.19 -12.45
CA ASP A 80 6.77 -5.52 -11.65
C ASP A 80 5.69 -4.47 -11.82
N THR A 81 4.43 -4.89 -11.63
CA THR A 81 3.32 -3.99 -11.76
C THR A 81 2.33 -4.29 -10.65
N LEU A 82 1.63 -3.28 -10.23
CA LEU A 82 0.66 -3.46 -9.17
C LEU A 82 -0.73 -3.05 -9.66
N VAL A 83 -1.68 -3.96 -9.58
CA VAL A 83 -3.03 -3.66 -10.03
C VAL A 83 -3.91 -3.41 -8.83
N LEU A 84 -4.42 -2.18 -8.74
CA LEU A 84 -5.27 -1.80 -7.62
C LEU A 84 -6.73 -1.71 -8.02
N GLU A 85 -7.60 -2.32 -7.22
CA GLU A 85 -9.03 -2.29 -7.50
C GLU A 85 -9.75 -1.40 -6.51
N TYR A 86 -10.47 -0.41 -7.04
CA TYR A 86 -11.21 0.52 -6.20
C TYR A 86 -12.53 0.93 -6.85
N ASP A 87 -13.57 1.14 -6.03
CA ASP A 87 -14.88 1.54 -6.54
C ASP A 87 -15.21 0.86 -7.88
N ASN A 88 -15.07 -0.45 -7.91
CA ASN A 88 -15.35 -1.22 -9.12
C ASN A 88 -14.48 -0.75 -10.26
N LYS A 89 -13.32 -0.19 -9.91
CA LYS A 89 -12.40 0.27 -10.93
C LYS A 89 -11.04 -0.38 -10.72
N THR A 90 -10.36 -0.68 -11.82
CA THR A 90 -9.05 -1.31 -11.74
C THR A 90 -7.96 -0.35 -12.21
N TYR A 91 -6.95 -0.17 -11.38
CA TYR A 91 -5.85 0.73 -11.71
C TYR A 91 -4.57 -0.07 -11.92
N THR A 92 -3.87 0.22 -13.01
CA THR A 92 -2.64 -0.48 -13.34
C THR A 92 -1.42 0.38 -13.01
N TYR A 93 -0.73 0.01 -11.93
CA TYR A 93 0.47 0.74 -11.51
C TYR A 93 1.71 0.04 -12.02
N GLU A 94 2.81 0.76 -12.05
CA GLU A 94 4.08 0.21 -12.52
C GLU A 94 5.19 0.65 -11.60
N ILE A 95 6.10 -0.26 -11.25
CA ILE A 95 7.18 0.10 -10.36
C ILE A 95 8.07 1.13 -11.04
N GLN A 96 8.26 2.27 -10.40
CA GLN A 96 9.08 3.33 -10.99
C GLN A 96 10.50 3.32 -10.41
N LYS A 97 10.60 3.55 -9.09
CA LYS A 97 11.90 3.57 -8.44
C LYS A 97 11.79 2.92 -7.08
N ILE A 98 12.80 2.13 -6.75
CA ILE A 98 12.79 1.45 -5.47
C ILE A 98 14.01 1.84 -4.63
N TRP A 99 13.77 2.26 -3.40
CA TRP A 99 14.85 2.67 -2.53
C TRP A 99 14.48 2.46 -1.06
N ILE A 100 15.38 2.84 -0.17
CA ILE A 100 15.15 2.69 1.26
C ILE A 100 15.32 4.03 1.99
N THR A 101 14.37 4.37 2.85
CA THR A 101 14.43 5.63 3.58
C THR A 101 13.90 5.45 5.00
N HIS A 102 14.16 6.44 5.84
CA HIS A 102 13.69 6.38 7.23
C HIS A 102 12.17 6.43 7.28
N ALA A 103 11.59 5.77 8.26
CA ALA A 103 10.14 5.75 8.41
C ALA A 103 9.60 7.16 8.63
N ASP A 104 10.35 7.98 9.36
CA ASP A 104 9.95 9.35 9.64
C ASP A 104 9.87 10.16 8.34
N ASP A 105 10.75 9.84 7.40
CA ASP A 105 10.78 10.54 6.11
C ASP A 105 9.37 10.81 5.62
N ARG A 106 8.87 12.01 5.90
CA ARG A 106 7.53 12.39 5.49
C ARG A 106 7.46 12.55 3.98
N THR A 107 8.60 12.85 3.37
CA THR A 107 8.69 13.03 1.93
C THR A 107 8.03 11.88 1.20
N VAL A 108 7.92 10.76 1.90
CA VAL A 108 7.30 9.58 1.31
C VAL A 108 5.84 9.49 1.75
N ILE A 109 5.49 10.28 2.75
CA ILE A 109 4.12 10.27 3.27
C ILE A 109 3.44 11.62 3.01
N ILE A 110 3.98 12.40 2.09
CA ILE A 110 3.41 13.71 1.76
C ILE A 110 2.20 13.56 0.84
N LYS A 111 1.89 14.62 0.11
CA LYS A 111 0.75 14.60 -0.81
C LYS A 111 1.21 14.55 -2.26
N LYS A 112 0.43 13.90 -3.12
CA LYS A 112 0.79 13.80 -4.53
C LYS A 112 -0.35 14.32 -5.39
N GLU A 113 0.01 15.02 -6.47
CA GLU A 113 -0.99 15.55 -7.38
C GLU A 113 -1.30 14.52 -8.47
N GLU A 114 -0.80 13.30 -8.26
CA GLU A 114 -1.01 12.23 -9.25
C GLU A 114 -1.23 10.89 -8.57
N PRO A 115 -1.95 10.00 -9.21
CA PRO A 115 -2.21 8.64 -8.66
C PRO A 115 -0.92 7.87 -8.49
N ILE A 116 -0.30 8.09 -7.37
CA ILE A 116 0.96 7.43 -7.07
C ILE A 116 0.82 6.51 -5.87
N LEU A 117 1.31 5.29 -6.01
CA LEU A 117 1.24 4.32 -4.92
C LEU A 117 2.62 4.12 -4.33
N THR A 118 2.73 4.43 -3.04
CA THR A 118 3.99 4.28 -2.34
C THR A 118 3.86 3.22 -1.25
N LEU A 119 4.62 2.15 -1.37
CA LEU A 119 4.58 1.09 -0.38
C LEU A 119 5.84 1.08 0.47
N THR A 120 5.66 1.16 1.78
CA THR A 120 6.78 1.15 2.70
C THR A 120 6.72 -0.04 3.63
N THR A 121 7.76 -0.86 3.62
CA THR A 121 7.78 -2.04 4.46
C THR A 121 9.19 -2.57 4.65
N CYS A 122 9.31 -3.60 5.48
CA CYS A 122 10.60 -4.21 5.74
C CYS A 122 10.64 -4.84 7.11
N TYR A 123 10.55 -4.00 8.13
CA TYR A 123 10.59 -4.46 9.51
C TYR A 123 10.00 -5.87 9.62
N PRO A 124 10.82 -6.89 9.59
CA PRO A 124 10.37 -8.29 9.69
C PRO A 124 10.12 -8.70 11.13
N PHE A 125 9.95 -10.00 11.35
CA PHE A 125 9.70 -10.51 12.69
C PHE A 125 10.93 -10.28 13.58
N ASP A 126 12.09 -10.07 12.95
CA ASP A 126 13.32 -9.85 13.68
C ASP A 126 13.24 -8.57 14.51
N TYR A 127 13.15 -7.43 13.84
CA TYR A 127 13.07 -6.16 14.53
C TYR A 127 11.72 -6.01 15.21
N ILE A 128 11.74 -5.67 16.50
CA ILE A 128 10.49 -5.51 17.24
C ILE A 128 10.05 -4.05 17.18
N GLY A 129 9.25 -3.72 16.18
CA GLY A 129 8.76 -2.36 16.01
C GLY A 129 9.08 -1.83 14.62
N ASP A 130 9.70 -0.65 14.56
CA ASP A 130 10.05 -0.06 13.28
C ASP A 130 11.55 -0.19 13.01
N ALA A 131 11.91 -0.95 11.98
CA ALA A 131 13.31 -1.15 11.64
C ALA A 131 14.01 0.19 11.38
N PRO A 132 15.31 0.24 11.51
CA PRO A 132 16.08 1.50 11.27
C PRO A 132 15.73 2.15 9.94
N ASP A 133 15.51 1.32 8.92
CA ASP A 133 15.16 1.85 7.60
C ASP A 133 14.07 0.98 6.97
N ARG A 134 13.05 1.62 6.43
CA ARG A 134 11.97 0.87 5.79
C ARG A 134 12.15 0.85 4.28
N TYR A 135 11.79 -0.26 3.66
CA TYR A 135 11.94 -0.39 2.21
C TYR A 135 10.86 0.42 1.52
N ILE A 136 11.24 1.22 0.52
CA ILE A 136 10.26 2.05 -0.18
C ILE A 136 10.03 1.58 -1.63
N ILE A 137 8.85 1.05 -1.89
CA ILE A 137 8.50 0.61 -3.24
C ILE A 137 7.62 1.67 -3.87
N GLU A 138 8.16 2.40 -4.85
CA GLU A 138 7.41 3.46 -5.52
C GLU A 138 6.79 2.97 -6.81
N ALA A 139 5.58 3.44 -7.08
CA ALA A 139 4.89 3.05 -8.30
C ALA A 139 3.90 4.12 -8.73
N LYS A 140 3.72 4.25 -10.05
CA LYS A 140 2.79 5.24 -10.58
C LYS A 140 1.67 4.55 -11.33
N LEU A 141 0.54 5.24 -11.47
CA LEU A 141 -0.61 4.67 -12.16
C LEU A 141 -0.52 4.97 -13.65
N THR A 142 -0.45 3.91 -14.45
CA THR A 142 -0.34 4.06 -15.89
C THR A 142 -1.64 3.65 -16.56
N GLY A 143 -1.99 2.37 -16.44
CA GLY A 143 -3.21 1.86 -17.04
C GLY A 143 -4.35 1.89 -16.04
N SER A 144 -5.58 1.91 -16.55
CA SER A 144 -6.75 1.93 -15.67
C SER A 144 -7.94 1.30 -16.36
N TYR A 145 -8.86 0.74 -15.57
CA TYR A 145 -10.03 0.09 -16.12
C TYR A 145 -11.24 0.36 -15.21
N SER A 146 -12.36 0.74 -15.82
CA SER A 146 -13.56 1.00 -15.04
C SER A 146 -14.70 0.11 -15.52
N LYS A 147 -15.37 -0.53 -14.56
CA LYS A 147 -16.47 -1.43 -14.88
C LYS A 147 -17.56 -1.34 -13.82
N GLY A 1 -15.92 8.56 19.23
CA GLY A 1 -17.13 7.80 19.68
C GLY A 1 -17.91 7.32 18.46
N SER A 2 -17.47 7.76 17.28
CA SER A 2 -18.13 7.36 16.04
C SER A 2 -17.76 5.93 15.67
N HIS A 3 -17.17 5.21 16.61
CA HIS A 3 -16.76 3.82 16.38
C HIS A 3 -17.89 2.87 16.75
N MET A 4 -18.24 1.99 15.82
CA MET A 4 -19.31 1.03 16.05
C MET A 4 -18.78 -0.39 15.89
N SER A 5 -19.69 -1.37 15.97
CA SER A 5 -19.31 -2.77 15.83
C SER A 5 -20.04 -3.42 14.67
N SER A 6 -20.25 -2.64 13.61
CA SER A 6 -20.94 -3.14 12.43
C SER A 6 -20.24 -2.68 11.16
N GLN A 7 -20.83 -2.99 10.02
CA GLN A 7 -20.25 -2.62 8.73
C GLN A 7 -20.72 -1.23 8.31
N THR A 8 -19.75 -0.35 8.04
CA THR A 8 -20.07 1.02 7.61
C THR A 8 -19.50 1.29 6.22
N GLU A 9 -18.60 2.27 6.14
CA GLU A 9 -17.98 2.61 4.87
C GLU A 9 -16.77 3.50 5.10
N HIS A 10 -15.61 3.05 4.63
CA HIS A 10 -14.37 3.82 4.79
C HIS A 10 -13.82 3.62 6.20
N LYS A 11 -14.37 2.66 6.92
CA LYS A 11 -13.91 2.39 8.28
C LYS A 11 -12.50 1.82 8.25
N GLU A 12 -11.62 2.38 9.07
CA GLU A 12 -10.25 1.92 9.12
C GLU A 12 -10.20 0.48 9.63
N GLY A 13 -9.48 -0.39 8.91
CA GLY A 13 -9.37 -1.79 9.31
C GLY A 13 -10.39 -2.65 8.58
N GLU A 14 -10.88 -2.14 7.44
CA GLU A 14 -11.85 -2.87 6.66
C GLU A 14 -11.41 -2.97 5.20
N LYS A 15 -11.75 -4.08 4.57
CA LYS A 15 -11.39 -4.29 3.19
C LYS A 15 -12.08 -3.25 2.31
N VAL A 16 -11.29 -2.47 1.60
CA VAL A 16 -11.85 -1.44 0.73
C VAL A 16 -11.43 -1.67 -0.72
N ALA A 17 -10.14 -1.94 -0.91
CA ALA A 17 -9.62 -2.16 -2.25
C ALA A 17 -8.82 -3.46 -2.30
N MET A 18 -8.48 -3.90 -3.51
CA MET A 18 -7.71 -5.13 -3.67
C MET A 18 -6.47 -4.88 -4.52
N LEU A 19 -5.36 -5.49 -4.12
CA LEU A 19 -4.11 -5.32 -4.86
C LEU A 19 -3.76 -6.60 -5.61
N ASN A 20 -3.57 -6.48 -6.92
CA ASN A 20 -3.24 -7.64 -7.74
C ASN A 20 -1.87 -7.48 -8.40
N ILE A 21 -1.03 -8.50 -8.25
CA ILE A 21 0.31 -8.46 -8.83
C ILE A 21 0.44 -9.54 -9.91
N PRO A 22 0.56 -9.15 -11.16
CA PRO A 22 0.68 -10.11 -12.29
C PRO A 22 2.07 -10.73 -12.41
N LYS A 23 3.09 -9.92 -12.15
CA LYS A 23 4.46 -10.40 -12.24
C LYS A 23 4.72 -11.52 -11.24
N LEU A 24 4.12 -11.41 -10.08
CA LEU A 24 4.29 -12.42 -9.05
C LEU A 24 3.10 -13.36 -9.04
N LYS A 25 2.12 -13.07 -9.89
CA LYS A 25 0.95 -13.93 -9.99
C LYS A 25 0.29 -14.13 -8.63
N LYS A 26 -0.25 -13.05 -8.08
CA LYS A 26 -0.90 -13.13 -6.77
C LYS A 26 -1.73 -11.88 -6.50
N LYS A 27 -2.29 -11.81 -5.31
CA LYS A 27 -3.12 -10.68 -4.94
C LYS A 27 -3.15 -10.47 -3.43
N PHE A 28 -3.44 -9.25 -3.03
CA PHE A 28 -3.52 -8.92 -1.62
C PHE A 28 -4.75 -8.04 -1.34
N SER A 29 -5.34 -8.22 -0.17
CA SER A 29 -6.52 -7.43 0.19
C SER A 29 -6.08 -6.13 0.84
N ILE A 30 -6.43 -5.01 0.22
CA ILE A 30 -6.08 -3.71 0.76
C ILE A 30 -7.10 -3.26 1.79
N TYR A 31 -6.67 -3.17 3.05
CA TYR A 31 -7.57 -2.76 4.12
C TYR A 31 -7.38 -1.28 4.45
N TRP A 32 -8.49 -0.57 4.62
CA TRP A 32 -8.44 0.85 4.93
C TRP A 32 -7.71 1.09 6.25
N GLY A 33 -6.64 1.89 6.19
CA GLY A 33 -5.85 2.18 7.38
C GLY A 33 -4.78 1.13 7.60
N ALA A 34 -3.73 1.51 8.31
CA ALA A 34 -2.65 0.58 8.60
C ALA A 34 -2.52 0.35 10.10
N ASP A 35 -3.31 -0.58 10.63
CA ASP A 35 -3.27 -0.87 12.05
C ASP A 35 -2.38 -2.08 12.32
N ASP A 36 -1.14 -1.80 12.72
CA ASP A 36 -0.20 -2.87 13.01
C ASP A 36 -0.42 -3.39 14.43
N ALA A 37 -1.30 -2.72 15.17
CA ALA A 37 -1.60 -3.12 16.54
C ALA A 37 -2.33 -4.45 16.57
N THR A 38 -3.31 -4.61 15.69
CA THR A 38 -4.08 -5.84 15.62
C THR A 38 -3.37 -6.87 14.76
N LEU A 39 -3.82 -8.12 14.85
CA LEU A 39 -3.20 -9.19 14.07
C LEU A 39 -3.87 -9.30 12.71
N LYS A 40 -3.65 -8.31 11.87
CA LYS A 40 -4.22 -8.29 10.53
C LYS A 40 -3.17 -8.64 9.49
N LYS A 41 -3.55 -8.57 8.22
CA LYS A 41 -2.63 -8.88 7.13
C LYS A 41 -1.67 -7.73 6.90
N GLY A 42 -0.47 -8.05 6.44
CA GLY A 42 0.54 -7.03 6.18
C GLY A 42 0.24 -6.26 4.89
N VAL A 43 -0.95 -5.69 4.81
CA VAL A 43 -1.34 -4.92 3.64
C VAL A 43 -2.49 -3.97 3.97
N GLY A 44 -2.14 -2.75 4.34
CA GLY A 44 -3.13 -1.75 4.68
C GLY A 44 -2.83 -0.42 4.01
N MET A 45 -3.85 0.43 3.92
CA MET A 45 -3.69 1.74 3.30
C MET A 45 -3.62 2.82 4.37
N PHE A 46 -2.61 3.67 4.28
CA PHE A 46 -2.45 4.75 5.25
C PHE A 46 -3.62 5.71 5.19
N VAL A 47 -3.97 6.27 6.35
CA VAL A 47 -5.09 7.21 6.43
C VAL A 47 -4.61 8.57 6.92
N SER A 48 -4.94 9.62 6.18
CA SER A 48 -4.53 10.97 6.55
C SER A 48 -5.30 12.00 5.72
N ASP A 49 -5.12 13.27 6.05
CA ASP A 49 -5.79 14.34 5.33
C ASP A 49 -5.12 14.59 3.98
N VAL A 50 -3.99 13.93 3.75
CA VAL A 50 -3.27 14.10 2.49
C VAL A 50 -3.29 12.82 1.67
N THR A 51 -3.47 11.70 2.35
CA THR A 51 -3.50 10.40 1.69
C THR A 51 -4.91 10.09 1.19
N THR A 52 -5.00 9.19 0.21
CA THR A 52 -6.30 8.81 -0.33
C THR A 52 -6.19 7.45 -1.03
N THR A 53 -7.33 6.91 -1.43
CA THR A 53 -7.33 5.62 -2.11
C THR A 53 -7.26 5.82 -3.63
N PRO A 54 -6.79 4.83 -4.33
CA PRO A 54 -6.66 4.90 -5.81
C PRO A 54 -8.01 4.76 -6.53
N SER A 55 -8.73 5.87 -6.64
CA SER A 55 -10.03 5.86 -7.30
C SER A 55 -9.99 6.72 -8.56
N GLY A 56 -8.87 7.38 -8.77
CA GLY A 56 -8.71 8.24 -9.94
C GLY A 56 -7.81 9.43 -9.64
N GLY A 57 -6.52 9.25 -9.86
CA GLY A 57 -5.56 10.33 -9.60
C GLY A 57 -5.56 10.72 -8.13
N GLY A 58 -4.76 10.03 -7.33
CA GLY A 58 -4.70 10.30 -5.90
C GLY A 58 -3.43 9.70 -5.30
N HIS A 59 -3.14 10.09 -4.07
CA HIS A 59 -1.96 9.57 -3.38
C HIS A 59 -2.34 8.29 -2.63
N THR A 60 -1.73 7.18 -3.00
CA THR A 60 -2.04 5.92 -2.35
C THR A 60 -0.82 5.44 -1.55
N VAL A 61 -1.03 5.13 -0.27
CA VAL A 61 0.06 4.67 0.57
C VAL A 61 -0.22 3.27 1.11
N LEU A 62 0.72 2.37 0.88
CA LEU A 62 0.59 1.00 1.34
C LEU A 62 1.67 0.66 2.36
N SER A 63 1.32 -0.17 3.33
CA SER A 63 2.27 -0.56 4.35
C SER A 63 2.16 -2.05 4.65
N GLY A 64 3.27 -2.62 5.13
CA GLY A 64 3.29 -4.03 5.47
C GLY A 64 4.23 -4.29 6.65
N HIS A 65 4.00 -5.40 7.35
CA HIS A 65 4.82 -5.74 8.51
C HIS A 65 5.09 -7.24 8.55
N ARG A 66 6.30 -7.61 8.97
CA ARG A 66 6.69 -9.02 9.07
C ARG A 66 5.90 -9.88 8.10
N ASP A 67 4.65 -10.17 8.45
CA ASP A 67 3.80 -10.99 7.60
C ASP A 67 4.59 -12.16 7.01
N THR A 68 4.01 -12.80 5.99
CA THR A 68 4.65 -13.94 5.35
C THR A 68 4.79 -13.71 3.85
N VAL A 69 5.90 -13.11 3.44
CA VAL A 69 6.13 -12.85 2.02
C VAL A 69 7.53 -13.31 1.61
N PHE A 70 7.60 -14.09 0.54
CA PHE A 70 8.89 -14.59 0.05
C PHE A 70 9.17 -14.06 -1.36
N THR A 71 8.39 -13.08 -1.79
CA THR A 71 8.57 -12.50 -3.12
C THR A 71 9.18 -11.11 -3.01
N ASP A 72 10.22 -10.98 -2.19
CA ASP A 72 10.87 -9.69 -2.01
C ASP A 72 11.49 -9.21 -3.31
N LEU A 73 12.08 -10.14 -4.06
CA LEU A 73 12.72 -9.79 -5.33
C LEU A 73 11.72 -9.14 -6.28
N GLY A 74 10.48 -9.64 -6.28
CA GLY A 74 9.46 -9.10 -7.15
C GLY A 74 8.79 -7.87 -6.54
N GLN A 75 8.99 -7.67 -5.24
CA GLN A 75 8.41 -6.53 -4.56
C GLN A 75 9.25 -5.28 -4.79
N LEU A 76 10.55 -5.46 -5.01
CA LEU A 76 11.44 -4.34 -5.24
C LEU A 76 12.12 -4.45 -6.60
N LYS A 77 11.49 -3.87 -7.61
CA LYS A 77 12.04 -3.89 -8.96
C LYS A 77 11.14 -3.10 -9.90
N GLU A 78 11.75 -2.47 -10.89
CA GLU A 78 11.02 -1.65 -11.87
C GLU A 78 10.23 -2.53 -12.82
N LYS A 79 10.61 -3.79 -12.86
CA LYS A 79 9.95 -4.75 -13.73
C LYS A 79 8.62 -5.16 -13.11
N ASP A 80 8.46 -4.87 -11.83
CA ASP A 80 7.23 -5.22 -11.13
C ASP A 80 6.10 -4.27 -11.48
N THR A 81 4.87 -4.75 -11.35
CA THR A 81 3.70 -3.94 -11.66
C THR A 81 2.64 -4.21 -10.61
N LEU A 82 1.97 -3.16 -10.22
CA LEU A 82 0.93 -3.29 -9.23
C LEU A 82 -0.40 -2.85 -9.82
N VAL A 83 -1.42 -3.68 -9.66
CA VAL A 83 -2.73 -3.37 -10.20
C VAL A 83 -3.70 -3.11 -9.06
N LEU A 84 -4.22 -1.90 -9.02
CA LEU A 84 -5.14 -1.49 -7.96
C LEU A 84 -6.59 -1.57 -8.42
N GLU A 85 -7.42 -2.21 -7.61
CA GLU A 85 -8.83 -2.33 -7.94
C GLU A 85 -9.69 -1.57 -6.94
N TYR A 86 -10.36 -0.54 -7.43
CA TYR A 86 -11.21 0.29 -6.58
C TYR A 86 -12.41 0.82 -7.37
N ASP A 87 -13.61 0.65 -6.81
CA ASP A 87 -14.82 1.14 -7.47
C ASP A 87 -15.06 0.42 -8.81
N ASN A 88 -14.81 -0.89 -8.82
CA ASN A 88 -15.00 -1.68 -10.02
C ASN A 88 -14.06 -1.22 -11.12
N LYS A 89 -13.11 -0.36 -10.74
CA LYS A 89 -12.14 0.14 -11.69
C LYS A 89 -10.78 -0.48 -11.45
N THR A 90 -10.06 -0.75 -12.52
CA THR A 90 -8.73 -1.36 -12.43
C THR A 90 -7.67 -0.37 -12.85
N TYR A 91 -6.70 -0.14 -11.96
CA TYR A 91 -5.63 0.78 -12.25
C TYR A 91 -4.30 0.03 -12.36
N THR A 92 -3.49 0.39 -13.34
CA THR A 92 -2.21 -0.28 -13.55
C THR A 92 -1.02 0.59 -13.10
N TYR A 93 -0.28 0.10 -12.12
CA TYR A 93 0.89 0.81 -11.62
C TYR A 93 2.17 0.06 -11.94
N GLU A 94 3.29 0.77 -11.88
CA GLU A 94 4.59 0.19 -12.17
C GLU A 94 5.63 0.74 -11.21
N ILE A 95 6.55 -0.11 -10.75
CA ILE A 95 7.57 0.34 -9.84
C ILE A 95 8.50 1.31 -10.55
N GLN A 96 8.67 2.51 -10.00
CA GLN A 96 9.54 3.49 -10.62
C GLN A 96 10.93 3.47 -10.00
N LYS A 97 10.99 3.73 -8.70
CA LYS A 97 12.26 3.75 -8.00
C LYS A 97 12.09 3.20 -6.59
N ILE A 98 13.09 2.49 -6.13
CA ILE A 98 13.05 1.90 -4.80
C ILE A 98 14.16 2.46 -3.91
N TRP A 99 13.79 2.84 -2.68
CA TRP A 99 14.76 3.39 -1.74
C TRP A 99 14.34 3.13 -0.30
N ILE A 100 15.11 3.67 0.63
CA ILE A 100 14.82 3.50 2.06
C ILE A 100 14.73 4.86 2.76
N THR A 101 13.69 5.04 3.55
CA THR A 101 13.49 6.30 4.26
C THR A 101 13.14 6.06 5.73
N HIS A 102 13.18 7.13 6.52
CA HIS A 102 12.87 7.02 7.94
C HIS A 102 11.37 6.91 8.16
N ALA A 103 10.99 6.35 9.30
CA ALA A 103 9.58 6.17 9.63
C ALA A 103 8.92 7.53 9.84
N ASP A 104 9.72 8.58 9.90
CA ASP A 104 9.20 9.93 10.11
C ASP A 104 9.33 10.76 8.84
N ASP A 105 9.40 10.10 7.69
CA ASP A 105 9.51 10.79 6.42
C ASP A 105 8.13 11.12 5.84
N ARG A 106 7.64 12.31 6.15
CA ARG A 106 6.33 12.74 5.66
C ARG A 106 6.35 12.88 4.15
N THR A 107 7.50 13.31 3.63
CA THR A 107 7.68 13.48 2.19
C THR A 107 7.05 12.31 1.43
N VAL A 108 6.80 11.24 2.15
CA VAL A 108 6.22 10.05 1.54
C VAL A 108 4.73 9.94 1.88
N ILE A 109 4.32 10.61 2.94
CA ILE A 109 2.92 10.58 3.35
C ILE A 109 2.25 11.93 3.10
N ILE A 110 2.83 12.71 2.21
CA ILE A 110 2.28 14.03 1.87
C ILE A 110 1.15 13.91 0.84
N LYS A 111 0.69 15.06 0.35
CA LYS A 111 -0.39 15.10 -0.63
C LYS A 111 0.16 14.97 -2.04
N LYS A 112 -0.57 14.24 -2.90
CA LYS A 112 -0.15 14.05 -4.28
C LYS A 112 -1.21 14.58 -5.24
N GLU A 113 -0.76 15.09 -6.38
CA GLU A 113 -1.68 15.60 -7.38
C GLU A 113 -1.85 14.59 -8.50
N GLU A 114 -1.45 13.35 -8.24
CA GLU A 114 -1.58 12.31 -9.27
C GLU A 114 -1.71 10.93 -8.64
N PRO A 115 -2.00 9.94 -9.45
CA PRO A 115 -2.17 8.54 -8.98
C PRO A 115 -0.83 7.84 -8.77
N ILE A 116 -0.39 7.87 -7.54
CA ILE A 116 0.88 7.28 -7.16
C ILE A 116 0.70 6.33 -5.98
N LEU A 117 1.38 5.19 -6.04
CA LEU A 117 1.29 4.22 -4.97
C LEU A 117 2.62 4.12 -4.24
N THR A 118 2.58 4.41 -2.95
CA THR A 118 3.78 4.35 -2.13
C THR A 118 3.64 3.21 -1.15
N LEU A 119 4.52 2.22 -1.26
CA LEU A 119 4.45 1.07 -0.37
C LEU A 119 5.62 1.09 0.60
N THR A 120 5.31 1.10 1.89
CA THR A 120 6.36 1.10 2.90
C THR A 120 6.44 -0.28 3.55
N THR A 121 7.62 -0.88 3.52
CA THR A 121 7.80 -2.21 4.09
C THR A 121 8.54 -2.16 5.43
N CYS A 122 7.93 -2.77 6.44
CA CYS A 122 8.53 -2.83 7.76
C CYS A 122 8.77 -4.29 8.13
N TYR A 123 9.87 -4.84 7.62
CA TYR A 123 10.20 -6.24 7.86
C TYR A 123 11.66 -6.38 8.30
N PRO A 124 11.91 -6.91 9.48
CA PRO A 124 13.29 -7.08 10.00
C PRO A 124 14.00 -8.27 9.37
N PHE A 125 14.45 -8.09 8.12
CA PHE A 125 15.15 -9.16 7.42
C PHE A 125 16.54 -9.36 8.00
N ASP A 126 17.11 -8.29 8.55
CA ASP A 126 18.45 -8.37 9.14
C ASP A 126 18.47 -7.73 10.53
N TYR A 127 17.70 -6.66 10.70
CA TYR A 127 17.64 -5.96 11.97
C TYR A 127 17.12 -6.89 13.06
N ILE A 128 16.17 -7.75 12.71
CA ILE A 128 15.58 -8.69 13.66
C ILE A 128 14.75 -7.93 14.69
N GLY A 129 13.49 -7.67 14.36
CA GLY A 129 12.59 -6.95 15.25
C GLY A 129 12.10 -5.66 14.61
N ASP A 130 12.46 -4.54 15.20
CA ASP A 130 12.04 -3.24 14.67
C ASP A 130 13.19 -2.58 13.91
N ALA A 131 13.14 -2.66 12.58
CA ALA A 131 14.19 -2.07 11.75
C ALA A 131 14.20 -0.55 11.92
N PRO A 132 15.36 0.06 11.79
CA PRO A 132 15.50 1.54 11.93
C PRO A 132 14.76 2.30 10.84
N ASP A 133 15.14 2.06 9.59
CA ASP A 133 14.50 2.72 8.47
C ASP A 133 13.43 1.82 7.85
N ARG A 134 12.49 2.41 7.14
CA ARG A 134 11.43 1.63 6.51
C ARG A 134 11.61 1.65 4.99
N TYR A 135 11.54 0.48 4.39
CA TYR A 135 11.70 0.35 2.94
C TYR A 135 10.57 1.07 2.21
N ILE A 136 10.90 1.73 1.10
CA ILE A 136 9.88 2.46 0.34
C ILE A 136 9.87 2.09 -1.15
N ILE A 137 8.75 1.52 -1.60
CA ILE A 137 8.60 1.18 -3.00
C ILE A 137 7.66 2.17 -3.67
N GLU A 138 8.21 2.98 -4.56
CA GLU A 138 7.41 3.99 -5.26
C GLU A 138 6.91 3.45 -6.60
N ALA A 139 5.66 3.76 -6.92
CA ALA A 139 5.08 3.30 -8.18
C ALA A 139 4.12 4.33 -8.75
N LYS A 140 4.03 4.37 -10.08
CA LYS A 140 3.15 5.31 -10.76
C LYS A 140 2.15 4.58 -11.63
N LEU A 141 0.96 5.16 -11.78
CA LEU A 141 -0.07 4.55 -12.60
C LEU A 141 0.26 4.68 -14.09
N THR A 142 0.50 3.55 -14.73
CA THR A 142 0.81 3.53 -16.16
C THR A 142 -0.47 3.45 -17.00
N GLY A 143 -1.41 2.59 -16.59
CA GLY A 143 -2.65 2.44 -17.32
C GLY A 143 -3.85 2.42 -16.37
N SER A 144 -5.04 2.69 -16.89
CA SER A 144 -6.23 2.69 -16.06
C SER A 144 -7.37 1.97 -16.78
N TYR A 145 -8.16 1.24 -16.01
CA TYR A 145 -9.29 0.50 -16.55
C TYR A 145 -10.55 0.77 -15.75
N SER A 146 -11.71 0.60 -16.39
CA SER A 146 -12.99 0.84 -15.73
C SER A 146 -14.01 -0.19 -16.19
N LYS A 147 -14.54 -0.95 -15.22
CA LYS A 147 -15.53 -1.98 -15.54
C LYS A 147 -14.98 -2.95 -16.58
N GLY A 1 -24.70 0.34 17.30
CA GLY A 1 -23.73 1.44 17.54
C GLY A 1 -24.00 2.59 16.58
N SER A 2 -22.97 3.01 15.85
CA SER A 2 -23.11 4.10 14.90
C SER A 2 -23.84 3.62 13.65
N HIS A 3 -24.40 4.56 12.89
CA HIS A 3 -25.12 4.23 11.68
C HIS A 3 -24.23 3.43 10.73
N MET A 4 -24.68 2.23 10.37
CA MET A 4 -23.92 1.38 9.48
C MET A 4 -24.83 0.74 8.42
N SER A 5 -24.24 0.35 7.31
CA SER A 5 -25.00 -0.27 6.23
C SER A 5 -24.11 -1.20 5.41
N SER A 6 -23.78 -2.36 5.98
CA SER A 6 -22.93 -3.32 5.29
C SER A 6 -21.74 -2.63 4.65
N GLN A 7 -20.57 -2.76 5.27
CA GLN A 7 -19.36 -2.13 4.73
C GLN A 7 -19.65 -0.72 4.25
N THR A 8 -19.38 0.27 5.12
CA THR A 8 -19.61 1.65 4.77
C THR A 8 -18.74 2.58 5.62
N GLU A 9 -18.66 3.85 5.22
CA GLU A 9 -17.86 4.82 5.95
C GLU A 9 -16.39 4.39 5.97
N HIS A 10 -15.52 5.33 6.33
CA HIS A 10 -14.09 5.03 6.39
C HIS A 10 -13.69 4.55 7.77
N LYS A 11 -13.47 3.24 7.91
CA LYS A 11 -13.09 2.67 9.18
C LYS A 11 -11.86 1.79 9.02
N GLU A 12 -10.83 2.05 9.83
CA GLU A 12 -9.60 1.28 9.75
C GLU A 12 -9.84 -0.16 10.22
N GLY A 13 -9.10 -1.09 9.65
CA GLY A 13 -9.23 -2.50 10.02
C GLY A 13 -10.26 -3.19 9.13
N GLU A 14 -10.83 -2.46 8.20
CA GLU A 14 -11.82 -3.02 7.32
C GLU A 14 -11.32 -3.02 5.88
N LYS A 15 -11.45 -4.15 5.21
CA LYS A 15 -11.00 -4.25 3.83
C LYS A 15 -11.70 -3.20 2.98
N VAL A 16 -10.90 -2.41 2.28
CA VAL A 16 -11.46 -1.37 1.43
C VAL A 16 -11.10 -1.60 -0.03
N ALA A 17 -9.88 -2.08 -0.28
CA ALA A 17 -9.44 -2.32 -1.64
C ALA A 17 -8.62 -3.61 -1.72
N MET A 18 -8.38 -4.07 -2.94
CA MET A 18 -7.61 -5.30 -3.13
C MET A 18 -6.38 -5.01 -3.99
N LEU A 19 -5.30 -5.74 -3.72
CA LEU A 19 -4.06 -5.55 -4.46
C LEU A 19 -3.72 -6.80 -5.28
N ASN A 20 -3.73 -6.66 -6.59
CA ASN A 20 -3.41 -7.77 -7.48
C ASN A 20 -2.01 -7.59 -8.06
N ILE A 21 -1.25 -8.68 -8.07
CA ILE A 21 0.12 -8.64 -8.62
C ILE A 21 0.21 -9.49 -9.88
N PRO A 22 -0.03 -8.90 -11.02
CA PRO A 22 0.00 -9.60 -12.34
C PRO A 22 1.32 -10.31 -12.59
N LYS A 23 2.43 -9.65 -12.27
CA LYS A 23 3.75 -10.21 -12.48
C LYS A 23 3.92 -11.51 -11.70
N LEU A 24 3.45 -11.50 -10.45
CA LEU A 24 3.53 -12.68 -9.60
C LEU A 24 2.21 -13.42 -9.58
N LYS A 25 1.25 -12.90 -10.35
CA LYS A 25 -0.05 -13.55 -10.40
C LYS A 25 -0.58 -13.80 -8.99
N LYS A 26 -0.30 -12.87 -8.09
CA LYS A 26 -0.76 -13.00 -6.72
C LYS A 26 -1.77 -11.92 -6.38
N LYS A 27 -2.37 -12.02 -5.21
CA LYS A 27 -3.35 -11.03 -4.80
C LYS A 27 -3.34 -10.84 -3.28
N PHE A 28 -3.52 -9.59 -2.86
CA PHE A 28 -3.53 -9.28 -1.42
C PHE A 28 -4.71 -8.37 -1.08
N SER A 29 -5.18 -8.45 0.16
CA SER A 29 -6.31 -7.62 0.59
C SER A 29 -5.80 -6.36 1.28
N ILE A 30 -6.17 -5.20 0.74
CA ILE A 30 -5.75 -3.94 1.31
C ILE A 30 -6.75 -3.48 2.37
N TYR A 31 -6.29 -3.38 3.61
CA TYR A 31 -7.16 -2.94 4.70
C TYR A 31 -6.92 -1.49 5.07
N TRP A 32 -7.99 -0.73 5.27
CA TRP A 32 -7.87 0.67 5.62
C TRP A 32 -7.10 0.83 6.93
N GLY A 33 -6.04 1.64 6.89
CA GLY A 33 -5.21 1.88 8.06
C GLY A 33 -4.34 0.68 8.38
N ALA A 34 -3.45 0.85 9.35
CA ALA A 34 -2.57 -0.23 9.73
C ALA A 34 -2.57 -0.41 11.24
N ASP A 35 -2.65 -1.66 11.69
CA ASP A 35 -2.65 -1.95 13.12
C ASP A 35 -1.24 -2.23 13.62
N ASP A 36 -0.58 -1.20 14.14
CA ASP A 36 0.77 -1.34 14.66
C ASP A 36 0.78 -2.22 15.90
N ALA A 37 -0.31 -2.16 16.67
CA ALA A 37 -0.42 -2.95 17.88
C ALA A 37 -0.67 -4.42 17.58
N THR A 38 -1.82 -4.70 16.96
CA THR A 38 -2.17 -6.07 16.60
C THR A 38 -1.52 -6.47 15.29
N LEU A 39 -1.51 -7.77 15.00
CA LEU A 39 -0.91 -8.27 13.78
C LEU A 39 -1.84 -8.00 12.60
N LYS A 40 -1.26 -7.66 11.45
CA LYS A 40 -2.05 -7.38 10.25
C LYS A 40 -2.39 -8.67 9.51
N LYS A 41 -3.53 -8.66 8.83
CA LYS A 41 -3.96 -9.84 8.08
C LYS A 41 -2.99 -10.14 6.95
N GLY A 42 -2.58 -9.12 6.22
CA GLY A 42 -1.64 -9.30 5.11
C GLY A 42 -1.01 -7.97 4.71
N VAL A 43 -1.85 -6.99 4.40
CA VAL A 43 -1.34 -5.67 4.00
C VAL A 43 -2.19 -4.56 4.59
N GLY A 44 -1.54 -3.52 5.13
CA GLY A 44 -2.27 -2.42 5.73
C GLY A 44 -1.97 -1.11 5.01
N MET A 45 -3.01 -0.30 4.80
CA MET A 45 -2.84 0.97 4.12
C MET A 45 -2.71 2.10 5.12
N PHE A 46 -1.68 2.92 4.96
CA PHE A 46 -1.45 4.03 5.87
C PHE A 46 -2.59 5.04 5.79
N VAL A 47 -2.95 5.61 6.93
CA VAL A 47 -4.03 6.60 6.98
C VAL A 47 -3.53 7.91 7.55
N SER A 48 -3.80 9.00 6.84
CA SER A 48 -3.39 10.32 7.28
C SER A 48 -4.12 11.40 6.51
N ASP A 49 -4.00 12.65 6.98
CA ASP A 49 -4.66 13.77 6.32
C ASP A 49 -4.10 13.97 4.91
N VAL A 50 -2.80 13.73 4.73
CA VAL A 50 -2.17 13.90 3.43
C VAL A 50 -2.28 12.63 2.60
N THR A 51 -2.42 11.50 3.28
CA THR A 51 -2.52 10.22 2.60
C THR A 51 -3.93 10.03 2.03
N THR A 52 -3.99 9.47 0.83
CA THR A 52 -5.27 9.23 0.17
C THR A 52 -5.35 7.81 -0.36
N THR A 53 -6.54 7.43 -0.82
CA THR A 53 -6.73 6.09 -1.35
C THR A 53 -6.68 6.09 -2.88
N PRO A 54 -6.35 4.97 -3.46
CA PRO A 54 -6.27 4.84 -4.94
C PRO A 54 -7.64 4.71 -5.60
N SER A 55 -8.45 5.76 -5.46
CA SER A 55 -9.78 5.77 -6.04
C SER A 55 -9.88 6.79 -7.16
N GLY A 56 -8.80 7.53 -7.37
CA GLY A 56 -8.77 8.54 -8.42
C GLY A 56 -7.79 9.66 -8.10
N GLY A 57 -6.55 9.50 -8.55
CA GLY A 57 -5.53 10.51 -8.30
C GLY A 57 -5.41 10.79 -6.80
N GLY A 58 -4.56 10.02 -6.11
CA GLY A 58 -4.36 10.20 -4.68
C GLY A 58 -3.06 9.57 -4.23
N HIS A 59 -2.50 10.11 -3.16
CA HIS A 59 -1.27 9.57 -2.60
C HIS A 59 -1.58 8.33 -1.78
N THR A 60 -1.24 7.17 -2.32
CA THR A 60 -1.50 5.92 -1.64
C THR A 60 -0.22 5.39 -0.99
N VAL A 61 -0.26 5.16 0.31
CA VAL A 61 0.90 4.65 1.01
C VAL A 61 0.59 3.27 1.60
N LEU A 62 1.48 2.33 1.33
CA LEU A 62 1.31 0.97 1.83
C LEU A 62 2.31 0.68 2.94
N SER A 63 1.89 -0.09 3.92
CA SER A 63 2.75 -0.42 5.04
C SER A 63 2.79 -1.93 5.27
N GLY A 64 3.99 -2.46 5.50
CA GLY A 64 4.16 -3.89 5.73
C GLY A 64 5.40 -4.18 6.60
N HIS A 65 5.27 -5.13 7.52
CA HIS A 65 6.38 -5.49 8.40
C HIS A 65 7.32 -6.45 7.69
N ARG A 66 8.62 -6.33 7.95
CA ARG A 66 9.60 -7.21 7.33
C ARG A 66 9.13 -8.66 7.39
N ASP A 67 8.16 -8.93 8.26
CA ASP A 67 7.64 -10.28 8.41
C ASP A 67 6.99 -10.77 7.12
N THR A 68 6.27 -9.87 6.45
CA THR A 68 5.61 -10.22 5.20
C THR A 68 6.61 -10.37 4.07
N VAL A 69 6.94 -11.62 3.74
CA VAL A 69 7.89 -11.88 2.67
C VAL A 69 7.35 -12.95 1.71
N PHE A 70 7.31 -12.64 0.43
CA PHE A 70 6.81 -13.60 -0.55
C PHE A 70 7.73 -13.63 -1.77
N THR A 71 7.36 -12.89 -2.81
CA THR A 71 8.16 -12.84 -4.02
C THR A 71 9.10 -11.64 -3.99
N ASP A 72 10.18 -11.76 -3.22
CA ASP A 72 11.15 -10.68 -3.11
C ASP A 72 11.80 -10.42 -4.47
N LEU A 73 12.10 -11.47 -5.20
CA LEU A 73 12.73 -11.34 -6.50
C LEU A 73 11.79 -10.60 -7.46
N GLY A 74 10.49 -10.85 -7.33
CA GLY A 74 9.50 -10.22 -8.20
C GLY A 74 9.20 -8.80 -7.74
N GLN A 75 9.26 -8.56 -6.43
CA GLN A 75 8.99 -7.24 -5.89
C GLN A 75 10.07 -6.24 -6.32
N LEU A 76 11.30 -6.70 -6.42
CA LEU A 76 12.40 -5.84 -6.80
C LEU A 76 12.57 -5.80 -8.31
N LYS A 77 11.79 -4.95 -8.97
CA LYS A 77 11.86 -4.81 -10.42
C LYS A 77 10.88 -3.73 -10.87
N GLU A 78 11.36 -2.86 -11.76
CA GLU A 78 10.54 -1.77 -12.28
C GLU A 78 9.51 -2.29 -13.25
N LYS A 79 9.66 -3.55 -13.62
CA LYS A 79 8.74 -4.17 -14.55
C LYS A 79 7.50 -4.66 -13.80
N ASP A 80 7.59 -4.73 -12.47
CA ASP A 80 6.46 -5.20 -11.67
C ASP A 80 5.28 -4.23 -11.80
N THR A 81 4.07 -4.75 -11.58
CA THR A 81 2.86 -3.93 -11.68
C THR A 81 1.98 -4.18 -10.49
N LEU A 82 1.38 -3.10 -10.00
CA LEU A 82 0.51 -3.21 -8.87
C LEU A 82 -0.89 -2.73 -9.25
N VAL A 83 -1.86 -3.62 -9.11
CA VAL A 83 -3.23 -3.27 -9.46
C VAL A 83 -4.07 -3.10 -8.21
N LEU A 84 -4.79 -1.98 -8.16
CA LEU A 84 -5.64 -1.68 -7.01
C LEU A 84 -7.11 -1.69 -7.38
N GLU A 85 -7.90 -2.42 -6.60
CA GLU A 85 -9.34 -2.51 -6.85
C GLU A 85 -10.10 -1.67 -5.84
N TYR A 86 -10.83 -0.67 -6.34
CA TYR A 86 -11.59 0.22 -5.47
C TYR A 86 -12.79 0.81 -6.22
N ASP A 87 -13.97 0.71 -5.63
CA ASP A 87 -15.18 1.27 -6.23
C ASP A 87 -15.48 0.64 -7.59
N ASN A 88 -15.56 -0.69 -7.59
CA ASN A 88 -15.84 -1.41 -8.82
C ASN A 88 -14.88 -0.97 -9.91
N LYS A 89 -13.81 -0.29 -9.50
CA LYS A 89 -12.83 0.19 -10.46
C LYS A 89 -11.46 -0.42 -10.17
N THR A 90 -10.72 -0.73 -11.22
CA THR A 90 -9.39 -1.32 -11.04
C THR A 90 -8.32 -0.37 -11.56
N TYR A 91 -7.41 0.02 -10.67
CA TYR A 91 -6.33 0.92 -11.04
C TYR A 91 -5.05 0.14 -11.29
N THR A 92 -4.35 0.49 -12.36
CA THR A 92 -3.13 -0.22 -12.71
C THR A 92 -1.90 0.65 -12.46
N TYR A 93 -1.03 0.17 -11.58
CA TYR A 93 0.19 0.89 -11.24
C TYR A 93 1.42 0.12 -11.72
N GLU A 94 2.56 0.80 -11.77
CA GLU A 94 3.80 0.16 -12.22
C GLU A 94 4.99 0.68 -11.41
N ILE A 95 5.90 -0.23 -11.08
CA ILE A 95 7.07 0.18 -10.32
C ILE A 95 7.97 1.05 -11.17
N GLN A 96 8.23 2.27 -10.71
CA GLN A 96 9.08 3.19 -11.44
C GLN A 96 10.50 3.15 -10.89
N LYS A 97 10.62 3.11 -9.57
CA LYS A 97 11.94 3.07 -8.93
C LYS A 97 11.84 2.50 -7.52
N ILE A 98 12.82 1.68 -7.15
CA ILE A 98 12.82 1.09 -5.83
C ILE A 98 14.05 1.54 -5.05
N TRP A 99 13.84 2.07 -3.86
CA TRP A 99 14.94 2.52 -3.03
C TRP A 99 14.62 2.39 -1.55
N ILE A 100 15.56 2.80 -0.70
CA ILE A 100 15.36 2.71 0.74
C ILE A 100 15.58 4.09 1.37
N THR A 101 14.60 4.55 2.15
CA THR A 101 14.70 5.85 2.79
C THR A 101 14.40 5.73 4.28
N HIS A 102 14.58 6.84 5.01
CA HIS A 102 14.33 6.84 6.44
C HIS A 102 12.84 6.83 6.73
N ALA A 103 12.47 6.29 7.89
CA ALA A 103 11.07 6.21 8.27
C ALA A 103 10.50 7.60 8.52
N ASP A 104 11.39 8.56 8.72
CA ASP A 104 10.97 9.94 8.96
C ASP A 104 10.91 10.73 7.67
N ASP A 105 11.14 10.04 6.55
CA ASP A 105 11.11 10.69 5.24
C ASP A 105 9.67 10.97 4.82
N ARG A 106 8.97 11.75 5.61
CA ARG A 106 7.57 12.08 5.31
C ARG A 106 7.39 12.29 3.82
N THR A 107 8.47 12.62 3.13
CA THR A 107 8.42 12.85 1.69
C THR A 107 7.64 11.75 1.00
N VAL A 108 7.45 10.64 1.70
CA VAL A 108 6.72 9.52 1.14
C VAL A 108 5.32 9.44 1.76
N ILE A 109 5.15 10.16 2.84
CA ILE A 109 3.87 10.19 3.55
C ILE A 109 3.22 11.56 3.42
N ILE A 110 3.62 12.32 2.41
CA ILE A 110 3.08 13.65 2.18
C ILE A 110 1.84 13.59 1.29
N LYS A 111 1.45 14.74 0.75
CA LYS A 111 0.28 14.81 -0.13
C LYS A 111 0.71 14.91 -1.59
N LYS A 112 -0.01 14.23 -2.47
CA LYS A 112 0.29 14.28 -3.90
C LYS A 112 -0.98 14.54 -4.70
N GLU A 113 -0.87 15.36 -5.73
CA GLU A 113 -2.02 15.68 -6.58
C GLU A 113 -2.14 14.65 -7.70
N GLU A 114 -1.38 13.56 -7.58
CA GLU A 114 -1.42 12.52 -8.60
C GLU A 114 -1.54 11.13 -7.95
N PRO A 115 -1.98 10.16 -8.71
CA PRO A 115 -2.14 8.76 -8.22
C PRO A 115 -0.80 8.04 -8.14
N ILE A 116 -0.27 8.00 -6.94
CA ILE A 116 1.02 7.35 -6.69
C ILE A 116 0.93 6.37 -5.52
N LEU A 117 1.47 5.18 -5.72
CA LEU A 117 1.46 4.17 -4.67
C LEU A 117 2.87 3.99 -4.11
N THR A 118 3.01 4.29 -2.82
CA THR A 118 4.31 4.15 -2.17
C THR A 118 4.22 3.13 -1.04
N LEU A 119 5.05 2.10 -1.10
CA LEU A 119 5.03 1.07 -0.08
C LEU A 119 6.27 1.15 0.80
N THR A 120 6.05 1.12 2.11
CA THR A 120 7.16 1.17 3.05
C THR A 120 7.12 0.01 4.02
N THR A 121 8.18 -0.78 4.03
CA THR A 121 8.25 -1.93 4.91
C THR A 121 9.59 -2.04 5.58
N CYS A 122 9.62 -2.78 6.69
CA CYS A 122 10.85 -2.97 7.42
C CYS A 122 10.57 -3.21 8.90
N TYR A 123 10.06 -2.18 9.57
CA TYR A 123 9.75 -2.28 10.99
C TYR A 123 11.00 -2.72 11.77
N PRO A 124 11.59 -1.83 12.55
CA PRO A 124 12.82 -2.14 13.35
C PRO A 124 12.74 -3.47 14.10
N PHE A 125 11.93 -3.50 15.16
CA PHE A 125 11.79 -4.71 15.97
C PHE A 125 11.44 -5.91 15.11
N ASP A 126 10.44 -5.75 14.26
CA ASP A 126 10.02 -6.84 13.38
C ASP A 126 11.20 -7.32 12.54
N TYR A 127 11.99 -6.38 12.06
CA TYR A 127 13.15 -6.71 11.24
C TYR A 127 14.25 -7.33 12.09
N ILE A 128 14.91 -8.36 11.56
CA ILE A 128 15.98 -9.02 12.29
C ILE A 128 17.01 -8.01 12.75
N GLY A 129 16.80 -7.48 13.96
CA GLY A 129 17.71 -6.49 14.52
C GLY A 129 17.11 -5.10 14.44
N ASP A 130 17.74 -4.25 13.64
CA ASP A 130 17.26 -2.89 13.48
C ASP A 130 17.32 -2.48 12.02
N ALA A 131 16.27 -1.83 11.55
CA ALA A 131 16.19 -1.37 10.16
C ALA A 131 16.23 0.16 10.12
N PRO A 132 17.41 0.73 10.16
CA PRO A 132 17.59 2.21 10.10
C PRO A 132 16.81 2.84 8.94
N ASP A 133 16.77 2.16 7.80
CA ASP A 133 16.07 2.67 6.64
C ASP A 133 14.89 1.77 6.28
N ARG A 134 13.84 2.35 5.72
CA ARG A 134 12.66 1.58 5.34
C ARG A 134 12.65 1.38 3.82
N TYR A 135 12.33 0.17 3.38
CA TYR A 135 12.30 -0.13 1.96
C TYR A 135 11.15 0.63 1.30
N ILE A 136 11.43 1.33 0.19
CA ILE A 136 10.38 2.10 -0.48
C ILE A 136 10.17 1.65 -1.92
N ILE A 137 8.95 1.19 -2.22
CA ILE A 137 8.61 0.79 -3.59
C ILE A 137 7.68 1.82 -4.19
N GLU A 138 8.18 2.59 -5.14
CA GLU A 138 7.39 3.63 -5.79
C GLU A 138 6.70 3.09 -7.03
N ALA A 139 5.45 3.50 -7.22
CA ALA A 139 4.69 3.06 -8.38
C ALA A 139 3.66 4.12 -8.78
N LYS A 140 3.54 4.35 -10.09
CA LYS A 140 2.60 5.33 -10.61
C LYS A 140 1.48 4.66 -11.40
N LEU A 141 0.37 5.36 -11.53
CA LEU A 141 -0.77 4.81 -12.27
C LEU A 141 -0.53 4.91 -13.76
N THR A 142 -0.58 3.76 -14.43
CA THR A 142 -0.37 3.71 -15.87
C THR A 142 -1.70 3.50 -16.59
N GLY A 143 -2.57 2.67 -16.01
CA GLY A 143 -3.86 2.39 -16.60
C GLY A 143 -4.91 2.11 -15.52
N SER A 144 -6.16 2.45 -15.81
CA SER A 144 -7.24 2.23 -14.86
C SER A 144 -8.45 1.63 -15.56
N TYR A 145 -9.26 0.89 -14.81
CA TYR A 145 -10.45 0.27 -15.37
C TYR A 145 -11.68 0.59 -14.52
N SER A 146 -12.83 0.68 -15.17
CA SER A 146 -14.06 0.98 -14.46
C SER A 146 -15.18 0.04 -14.91
N LYS A 147 -15.93 -0.45 -13.95
CA LYS A 147 -17.03 -1.37 -14.23
C LYS A 147 -18.37 -0.64 -14.15
N GLY A 1 -33.45 -5.71 6.64
CA GLY A 1 -32.74 -5.79 7.95
C GLY A 1 -31.66 -4.72 8.02
N SER A 2 -32.06 -3.53 8.47
CA SER A 2 -31.12 -2.42 8.57
C SER A 2 -31.03 -1.93 10.01
N HIS A 3 -29.80 -1.69 10.47
CA HIS A 3 -29.58 -1.21 11.83
C HIS A 3 -28.26 -0.46 11.95
N MET A 4 -28.16 0.42 12.94
CA MET A 4 -26.95 1.20 13.13
C MET A 4 -25.71 0.32 12.93
N SER A 5 -24.65 0.92 12.40
CA SER A 5 -23.42 0.17 12.15
C SER A 5 -22.21 1.11 12.23
N SER A 6 -21.02 0.52 12.26
CA SER A 6 -19.79 1.31 12.34
C SER A 6 -19.47 1.91 10.97
N GLN A 7 -18.54 2.87 10.97
CA GLN A 7 -18.13 3.53 9.73
C GLN A 7 -17.09 2.70 9.00
N THR A 8 -17.33 2.44 7.72
CA THR A 8 -16.40 1.66 6.92
C THR A 8 -15.80 2.53 5.83
N GLU A 9 -16.22 3.78 5.76
CA GLU A 9 -15.71 4.71 4.76
C GLU A 9 -14.21 4.91 4.94
N HIS A 10 -13.86 5.98 5.64
CA HIS A 10 -12.45 6.30 5.87
C HIS A 10 -12.03 5.80 7.25
N LYS A 11 -12.86 4.95 7.85
CA LYS A 11 -12.55 4.41 9.18
C LYS A 11 -11.37 3.44 9.10
N GLU A 12 -10.36 3.70 9.91
CA GLU A 12 -9.18 2.84 9.92
C GLU A 12 -9.52 1.46 10.47
N GLY A 13 -8.79 0.45 10.02
CA GLY A 13 -9.02 -0.92 10.47
C GLY A 13 -10.13 -1.58 9.66
N GLU A 14 -10.55 -0.93 8.60
CA GLU A 14 -11.60 -1.48 7.77
C GLU A 14 -11.11 -1.65 6.34
N LYS A 15 -11.42 -2.79 5.75
CA LYS A 15 -10.99 -3.07 4.38
C LYS A 15 -11.61 -2.04 3.43
N VAL A 16 -10.75 -1.33 2.70
CA VAL A 16 -11.21 -0.32 1.76
C VAL A 16 -10.83 -0.67 0.34
N ALA A 17 -9.61 -1.19 0.16
CA ALA A 17 -9.13 -1.57 -1.17
C ALA A 17 -8.34 -2.86 -1.10
N MET A 18 -8.11 -3.46 -2.27
CA MET A 18 -7.35 -4.70 -2.34
C MET A 18 -6.25 -4.61 -3.39
N LEU A 19 -5.08 -5.12 -3.04
CA LEU A 19 -3.94 -5.09 -3.94
C LEU A 19 -3.78 -6.43 -4.64
N ASN A 20 -3.69 -6.39 -5.97
CA ASN A 20 -3.54 -7.60 -6.75
C ASN A 20 -2.21 -7.58 -7.50
N ILE A 21 -1.41 -8.62 -7.31
CA ILE A 21 -0.11 -8.70 -7.98
C ILE A 21 -0.18 -9.67 -9.16
N PRO A 22 -0.15 -9.18 -10.38
CA PRO A 22 -0.23 -10.03 -11.60
C PRO A 22 1.09 -10.76 -11.88
N LYS A 23 2.21 -10.05 -11.67
CA LYS A 23 3.52 -10.63 -11.90
C LYS A 23 3.74 -11.85 -11.00
N LEU A 24 3.35 -11.72 -9.74
CA LEU A 24 3.51 -12.81 -8.79
C LEU A 24 2.21 -13.57 -8.63
N LYS A 25 1.20 -13.18 -9.40
CA LYS A 25 -0.09 -13.85 -9.33
C LYS A 25 -0.54 -13.98 -7.88
N LYS A 26 -0.53 -12.88 -7.14
CA LYS A 26 -0.93 -12.89 -5.75
C LYS A 26 -1.90 -11.76 -5.46
N LYS A 27 -2.45 -11.76 -4.24
CA LYS A 27 -3.39 -10.73 -3.86
C LYS A 27 -3.23 -10.34 -2.39
N PHE A 28 -3.58 -9.10 -2.08
CA PHE A 28 -3.48 -8.62 -0.71
C PHE A 28 -4.59 -7.61 -0.40
N SER A 29 -5.28 -7.82 0.72
CA SER A 29 -6.37 -6.93 1.11
C SER A 29 -5.83 -5.69 1.83
N ILE A 30 -5.97 -4.53 1.19
CA ILE A 30 -5.50 -3.28 1.77
C ILE A 30 -6.54 -2.71 2.73
N TYR A 31 -6.12 -2.47 3.97
CA TYR A 31 -7.02 -1.93 4.98
C TYR A 31 -6.66 -0.48 5.32
N TRP A 32 -7.68 0.35 5.50
CA TRP A 32 -7.43 1.76 5.83
C TRP A 32 -6.66 1.87 7.15
N GLY A 33 -5.47 2.46 7.09
CA GLY A 33 -4.64 2.63 8.27
C GLY A 33 -3.68 1.47 8.45
N ALA A 34 -2.61 1.70 9.19
CA ALA A 34 -1.64 0.65 9.43
C ALA A 34 -1.27 0.57 10.91
N ASP A 35 -1.82 -0.43 11.59
CA ASP A 35 -1.55 -0.62 13.02
C ASP A 35 -0.52 -1.73 13.23
N ASP A 36 0.39 -1.50 14.17
CA ASP A 36 1.42 -2.47 14.48
C ASP A 36 0.89 -3.53 15.44
N ALA A 37 -0.15 -3.17 16.19
CA ALA A 37 -0.74 -4.09 17.16
C ALA A 37 -1.43 -5.25 16.45
N THR A 38 -2.11 -4.94 15.35
CA THR A 38 -2.81 -5.96 14.58
C THR A 38 -1.82 -6.85 13.82
N LEU A 39 -2.05 -8.15 13.89
CA LEU A 39 -1.17 -9.10 13.20
C LEU A 39 -1.78 -9.52 11.87
N LYS A 40 -2.96 -8.99 11.56
CA LYS A 40 -3.63 -9.32 10.31
C LYS A 40 -2.61 -9.44 9.18
N LYS A 41 -3.04 -10.02 8.05
CA LYS A 41 -2.15 -10.19 6.90
C LYS A 41 -0.86 -9.39 7.06
N GLY A 42 -0.96 -8.08 6.83
CA GLY A 42 0.21 -7.23 6.96
C GLY A 42 0.29 -6.21 5.81
N VAL A 43 -0.75 -5.39 5.70
CA VAL A 43 -0.79 -4.38 4.64
C VAL A 43 -1.89 -3.36 4.91
N GLY A 44 -1.49 -2.19 5.41
CA GLY A 44 -2.45 -1.14 5.71
C GLY A 44 -2.05 0.17 5.03
N MET A 45 -3.04 1.02 4.77
CA MET A 45 -2.78 2.29 4.12
C MET A 45 -2.51 3.36 5.16
N PHE A 46 -1.45 4.14 4.97
CA PHE A 46 -1.11 5.18 5.91
C PHE A 46 -2.12 6.31 5.86
N VAL A 47 -2.76 6.58 7.00
CA VAL A 47 -3.76 7.64 7.07
C VAL A 47 -3.12 8.96 7.48
N SER A 48 -3.37 10.00 6.70
CA SER A 48 -2.82 11.32 6.99
C SER A 48 -3.55 12.39 6.19
N ASP A 49 -3.36 13.64 6.59
CA ASP A 49 -4.00 14.76 5.90
C ASP A 49 -3.51 14.86 4.45
N VAL A 50 -2.24 14.52 4.24
CA VAL A 50 -1.65 14.60 2.91
C VAL A 50 -1.84 13.28 2.16
N THR A 51 -2.23 12.24 2.89
CA THR A 51 -2.44 10.93 2.28
C THR A 51 -3.84 10.82 1.70
N THR A 52 -3.94 10.11 0.58
CA THR A 52 -5.22 9.93 -0.10
C THR A 52 -5.40 8.47 -0.52
N THR A 53 -6.58 8.16 -1.05
CA THR A 53 -6.87 6.81 -1.48
C THR A 53 -6.78 6.70 -3.00
N PRO A 54 -6.62 5.50 -3.51
CA PRO A 54 -6.52 5.26 -4.97
C PRO A 54 -7.89 5.21 -5.65
N SER A 55 -8.59 6.34 -5.66
CA SER A 55 -9.90 6.42 -6.28
C SER A 55 -9.87 7.31 -7.51
N GLY A 56 -8.73 7.95 -7.72
CA GLY A 56 -8.57 8.82 -8.87
C GLY A 56 -7.56 9.94 -8.60
N GLY A 57 -6.30 9.69 -8.95
CA GLY A 57 -5.25 10.68 -8.74
C GLY A 57 -5.13 11.06 -7.27
N GLY A 58 -4.37 10.27 -6.52
CA GLY A 58 -4.19 10.52 -5.09
C GLY A 58 -2.89 9.88 -4.60
N HIS A 59 -2.35 10.42 -3.53
CA HIS A 59 -1.13 9.88 -2.95
C HIS A 59 -1.48 8.68 -2.09
N THR A 60 -1.19 7.49 -2.60
CA THR A 60 -1.51 6.29 -1.84
C THR A 60 -0.24 5.75 -1.18
N VAL A 61 -0.28 5.61 0.14
CA VAL A 61 0.87 5.11 0.88
C VAL A 61 0.58 3.74 1.46
N LEU A 62 1.43 2.78 1.12
CA LEU A 62 1.29 1.41 1.61
C LEU A 62 2.42 1.06 2.55
N SER A 63 2.08 0.35 3.62
CA SER A 63 3.08 -0.05 4.60
C SER A 63 2.82 -1.46 5.09
N GLY A 64 3.89 -2.12 5.53
CA GLY A 64 3.77 -3.47 6.04
C GLY A 64 4.77 -3.73 7.16
N HIS A 65 4.36 -4.50 8.17
CA HIS A 65 5.23 -4.81 9.29
C HIS A 65 5.54 -6.31 9.33
N ARG A 66 6.82 -6.65 9.42
CA ARG A 66 7.20 -8.07 9.45
C ARG A 66 6.73 -8.78 8.20
N ASP A 67 5.57 -9.42 8.27
CA ASP A 67 5.02 -10.15 7.14
C ASP A 67 6.05 -11.11 6.55
N THR A 68 5.72 -12.39 6.55
CA THR A 68 6.63 -13.40 6.01
C THR A 68 6.25 -13.74 4.57
N VAL A 69 6.66 -12.89 3.64
CA VAL A 69 6.37 -13.11 2.24
C VAL A 69 7.65 -13.15 1.41
N PHE A 70 7.78 -14.18 0.58
CA PHE A 70 8.97 -14.33 -0.25
C PHE A 70 8.85 -13.46 -1.50
N THR A 71 8.77 -14.10 -2.66
CA THR A 71 8.65 -13.38 -3.92
C THR A 71 9.30 -12.00 -3.83
N ASP A 72 10.36 -11.90 -3.04
CA ASP A 72 11.06 -10.63 -2.86
C ASP A 72 11.63 -10.13 -4.19
N LEU A 73 12.10 -11.06 -5.01
CA LEU A 73 12.67 -10.72 -6.30
C LEU A 73 11.62 -10.08 -7.19
N GLY A 74 10.37 -10.49 -7.01
CA GLY A 74 9.28 -9.95 -7.81
C GLY A 74 8.71 -8.68 -7.18
N GLN A 75 8.99 -8.47 -5.90
CA GLN A 75 8.50 -7.27 -5.22
C GLN A 75 9.27 -6.05 -5.67
N LEU A 76 10.58 -6.21 -5.87
CA LEU A 76 11.41 -5.11 -6.30
C LEU A 76 11.86 -5.29 -7.75
N LYS A 77 11.23 -4.55 -8.66
CA LYS A 77 11.59 -4.63 -10.07
C LYS A 77 10.74 -3.66 -10.89
N GLU A 78 11.30 -3.18 -11.99
CA GLU A 78 10.59 -2.25 -12.87
C GLU A 78 9.60 -3.00 -13.75
N LYS A 79 9.75 -4.31 -13.79
CA LYS A 79 8.87 -5.15 -14.60
C LYS A 79 7.63 -5.51 -13.80
N ASP A 80 7.67 -5.27 -12.49
CA ASP A 80 6.53 -5.58 -11.61
C ASP A 80 5.41 -4.56 -11.79
N THR A 81 4.18 -4.98 -11.52
CA THR A 81 3.04 -4.11 -11.65
C THR A 81 2.12 -4.32 -10.47
N LEU A 82 1.52 -3.25 -10.01
CA LEU A 82 0.62 -3.34 -8.88
C LEU A 82 -0.78 -2.91 -9.30
N VAL A 83 -1.78 -3.73 -8.98
CA VAL A 83 -3.14 -3.41 -9.35
C VAL A 83 -3.99 -3.19 -8.11
N LEU A 84 -4.57 -1.99 -8.00
CA LEU A 84 -5.41 -1.64 -6.86
C LEU A 84 -6.89 -1.76 -7.21
N GLU A 85 -7.65 -2.39 -6.32
CA GLU A 85 -9.09 -2.56 -6.55
C GLU A 85 -9.86 -1.66 -5.59
N TYR A 86 -10.67 -0.76 -6.15
CA TYR A 86 -11.46 0.17 -5.35
C TYR A 86 -12.79 0.49 -6.02
N ASP A 87 -13.87 0.51 -5.24
CA ASP A 87 -15.18 0.84 -5.79
C ASP A 87 -15.49 -0.01 -7.02
N ASN A 88 -15.15 -1.29 -6.95
CA ASN A 88 -15.38 -2.19 -8.07
C ASN A 88 -14.56 -1.75 -9.29
N LYS A 89 -13.45 -1.09 -9.02
CA LYS A 89 -12.58 -0.63 -10.10
C LYS A 89 -11.23 -1.31 -10.00
N THR A 90 -10.41 -1.13 -11.02
CA THR A 90 -9.08 -1.73 -11.02
C THR A 90 -8.05 -0.77 -11.58
N TYR A 91 -7.15 -0.30 -10.72
CA TYR A 91 -6.11 0.64 -11.14
C TYR A 91 -4.83 -0.13 -11.45
N THR A 92 -4.17 0.24 -12.54
CA THR A 92 -2.94 -0.42 -12.93
C THR A 92 -1.71 0.43 -12.64
N TYR A 93 -0.89 -0.01 -11.70
CA TYR A 93 0.33 0.71 -11.33
C TYR A 93 1.56 -0.06 -11.79
N GLU A 94 2.64 0.67 -12.07
CA GLU A 94 3.88 0.04 -12.52
C GLU A 94 5.05 0.51 -11.66
N ILE A 95 5.96 -0.41 -11.33
CA ILE A 95 7.09 -0.01 -10.52
C ILE A 95 8.02 0.91 -11.32
N GLN A 96 8.18 2.13 -10.82
CA GLN A 96 9.04 3.11 -11.50
C GLN A 96 10.44 3.10 -10.92
N LYS A 97 10.55 3.37 -9.63
CA LYS A 97 11.84 3.39 -8.98
C LYS A 97 11.74 2.87 -7.56
N ILE A 98 12.74 2.10 -7.15
CA ILE A 98 12.73 1.55 -5.81
C ILE A 98 13.96 2.02 -5.03
N TRP A 99 13.72 2.56 -3.84
CA TRP A 99 14.81 3.04 -3.01
C TRP A 99 14.55 2.79 -1.53
N ILE A 100 15.46 3.27 -0.68
CA ILE A 100 15.31 3.08 0.77
C ILE A 100 15.39 4.42 1.49
N THR A 101 14.44 4.66 2.40
CA THR A 101 14.42 5.91 3.14
C THR A 101 14.19 5.66 4.62
N HIS A 102 14.44 6.67 5.44
CA HIS A 102 14.25 6.54 6.88
C HIS A 102 12.76 6.55 7.22
N ALA A 103 12.42 5.85 8.30
CA ALA A 103 11.02 5.78 8.72
C ALA A 103 10.47 7.18 9.02
N ASP A 104 11.37 8.16 9.07
CA ASP A 104 10.98 9.53 9.35
C ASP A 104 11.09 10.39 8.09
N ASP A 105 11.01 9.77 6.92
CA ASP A 105 11.10 10.49 5.65
C ASP A 105 9.71 10.93 5.19
N ARG A 106 9.41 12.20 5.39
CA ARG A 106 8.13 12.76 4.99
C ARG A 106 8.03 12.86 3.47
N THR A 107 9.16 13.17 2.84
CA THR A 107 9.22 13.30 1.39
C THR A 107 8.43 12.18 0.73
N VAL A 108 8.17 11.13 1.48
CA VAL A 108 7.43 9.99 0.96
C VAL A 108 6.00 9.98 1.49
N ILE A 109 5.76 10.75 2.54
CA ILE A 109 4.43 10.81 3.14
C ILE A 109 3.82 12.20 2.98
N ILE A 110 4.33 12.95 2.01
CA ILE A 110 3.84 14.30 1.75
C ILE A 110 2.60 14.28 0.87
N LYS A 111 2.14 15.45 0.45
CA LYS A 111 0.96 15.55 -0.39
C LYS A 111 1.34 15.56 -1.88
N LYS A 112 0.48 14.96 -2.71
CA LYS A 112 0.73 14.91 -4.15
C LYS A 112 -0.53 15.30 -4.91
N GLU A 113 -0.42 15.35 -6.23
CA GLU A 113 -1.56 15.69 -7.07
C GLU A 113 -1.72 14.66 -8.18
N GLU A 114 -1.08 13.51 -8.01
CA GLU A 114 -1.15 12.46 -9.01
C GLU A 114 -1.38 11.08 -8.38
N PRO A 115 -1.88 10.15 -9.15
CA PRO A 115 -2.14 8.76 -8.69
C PRO A 115 -0.85 7.98 -8.55
N ILE A 116 -0.25 8.12 -7.38
CA ILE A 116 1.01 7.45 -7.11
C ILE A 116 0.90 6.55 -5.89
N LEU A 117 1.41 5.33 -6.02
CA LEU A 117 1.36 4.37 -4.92
C LEU A 117 2.75 4.18 -4.34
N THR A 118 2.87 4.49 -3.05
CA THR A 118 4.16 4.35 -2.36
C THR A 118 4.07 3.28 -1.28
N LEU A 119 4.86 2.23 -1.43
CA LEU A 119 4.86 1.15 -0.46
C LEU A 119 6.11 1.19 0.40
N THR A 120 5.91 1.15 1.71
CA THR A 120 7.02 1.16 2.64
C THR A 120 7.08 -0.16 3.40
N THR A 121 8.15 -0.91 3.16
CA THR A 121 8.34 -2.20 3.82
C THR A 121 9.19 -2.06 5.08
N CYS A 122 8.76 -2.73 6.14
CA CYS A 122 9.49 -2.68 7.41
C CYS A 122 9.63 -4.08 7.99
N TYR A 123 10.31 -4.95 7.25
CA TYR A 123 10.51 -6.32 7.71
C TYR A 123 11.92 -6.50 8.25
N PRO A 124 12.08 -7.19 9.36
CA PRO A 124 13.41 -7.43 9.98
C PRO A 124 14.23 -8.45 9.21
N PHE A 125 14.35 -8.25 7.90
CA PHE A 125 15.11 -9.17 7.06
C PHE A 125 16.56 -9.26 7.55
N ASP A 126 17.17 -8.10 7.76
CA ASP A 126 18.56 -8.06 8.23
C ASP A 126 18.62 -7.49 9.64
N TYR A 127 17.70 -6.59 9.96
CA TYR A 127 17.67 -5.97 11.29
C TYR A 127 16.80 -6.80 12.23
N ILE A 128 16.99 -6.59 13.53
CA ILE A 128 16.22 -7.32 14.53
C ILE A 128 15.14 -6.43 15.14
N GLY A 129 13.88 -6.78 14.90
CA GLY A 129 12.76 -6.01 15.43
C GLY A 129 12.36 -4.90 14.47
N ASP A 130 12.48 -3.65 14.93
CA ASP A 130 12.11 -2.52 14.09
C ASP A 130 13.28 -2.09 13.22
N ALA A 131 13.25 -2.50 11.95
CA ALA A 131 14.32 -2.16 11.02
C ALA A 131 14.43 -0.64 10.88
N PRO A 132 15.52 -0.07 11.34
CA PRO A 132 15.73 1.41 11.25
C PRO A 132 15.44 1.96 9.86
N ASP A 133 15.91 1.25 8.83
CA ASP A 133 15.68 1.69 7.46
C ASP A 133 14.34 1.17 6.97
N ARG A 134 13.70 1.94 6.09
CA ARG A 134 12.40 1.53 5.55
C ARG A 134 12.46 1.48 4.02
N TYR A 135 12.21 0.30 3.47
CA TYR A 135 12.24 0.13 2.02
C TYR A 135 11.07 0.87 1.38
N ILE A 136 11.31 1.55 0.27
CA ILE A 136 10.23 2.30 -0.39
C ILE A 136 10.02 1.85 -1.84
N ILE A 137 8.80 1.42 -2.15
CA ILE A 137 8.46 1.02 -3.51
C ILE A 137 7.56 2.07 -4.15
N GLU A 138 8.10 2.76 -5.15
CA GLU A 138 7.34 3.79 -5.85
C GLU A 138 6.70 3.23 -7.11
N ALA A 139 5.42 3.54 -7.30
CA ALA A 139 4.69 3.08 -8.47
C ALA A 139 3.74 4.15 -9.01
N LYS A 140 3.59 4.20 -10.33
CA LYS A 140 2.72 5.18 -10.96
C LYS A 140 1.57 4.50 -11.70
N LEU A 141 0.41 5.15 -11.70
CA LEU A 141 -0.74 4.58 -12.38
C LEU A 141 -0.55 4.63 -13.89
N THR A 142 -0.64 3.47 -14.51
CA THR A 142 -0.49 3.35 -15.96
C THR A 142 -1.86 3.29 -16.63
N GLY A 143 -2.76 2.50 -16.05
CA GLY A 143 -4.10 2.35 -16.62
C GLY A 143 -5.14 2.16 -15.51
N SER A 144 -6.42 2.32 -15.86
CA SER A 144 -7.48 2.15 -14.89
C SER A 144 -8.67 1.41 -15.50
N TYR A 145 -9.29 0.55 -14.69
CA TYR A 145 -10.43 -0.23 -15.16
C TYR A 145 -11.63 0.00 -14.24
N SER A 146 -12.82 0.04 -14.82
CA SER A 146 -14.04 0.25 -14.04
C SER A 146 -15.11 -0.76 -14.45
N LYS A 147 -15.67 -1.46 -13.46
CA LYS A 147 -16.71 -2.44 -13.73
C LYS A 147 -16.17 -3.58 -14.59
N GLY A 1 -18.95 -8.90 20.65
CA GLY A 1 -18.41 -8.28 19.40
C GLY A 1 -18.82 -6.81 19.34
N SER A 2 -19.07 -6.23 20.51
CA SER A 2 -19.48 -4.82 20.57
C SER A 2 -20.15 -4.40 19.27
N HIS A 3 -21.41 -4.80 19.11
CA HIS A 3 -22.15 -4.45 17.90
C HIS A 3 -21.38 -4.90 16.65
N MET A 4 -22.11 -5.41 15.67
CA MET A 4 -21.49 -5.87 14.43
C MET A 4 -21.66 -4.82 13.33
N SER A 5 -20.54 -4.27 12.87
CA SER A 5 -20.57 -3.25 11.82
C SER A 5 -19.42 -3.47 10.84
N SER A 6 -19.69 -3.22 9.56
CA SER A 6 -18.66 -3.39 8.53
C SER A 6 -19.17 -2.85 7.19
N GLN A 7 -19.06 -1.55 7.00
CA GLN A 7 -19.51 -0.92 5.76
C GLN A 7 -18.59 0.23 5.38
N THR A 8 -18.48 0.50 4.07
CA THR A 8 -17.63 1.57 3.60
C THR A 8 -18.15 2.92 4.08
N GLU A 9 -17.33 3.63 4.85
CA GLU A 9 -17.73 4.93 5.36
C GLU A 9 -16.51 5.83 5.55
N HIS A 10 -15.36 5.34 5.11
CA HIS A 10 -14.11 6.10 5.23
C HIS A 10 -13.46 5.83 6.59
N LYS A 11 -13.99 4.86 7.31
CA LYS A 11 -13.45 4.51 8.63
C LYS A 11 -12.14 3.74 8.48
N GLU A 12 -11.17 4.09 9.32
CA GLU A 12 -9.86 3.42 9.28
C GLU A 12 -10.00 1.98 9.76
N GLY A 13 -9.33 1.06 9.06
CA GLY A 13 -9.37 -0.35 9.42
C GLY A 13 -10.45 -1.08 8.62
N GLU A 14 -10.97 -0.43 7.58
CA GLU A 14 -11.99 -1.03 6.75
C GLU A 14 -11.52 -1.14 5.31
N LYS A 15 -11.75 -2.30 4.69
CA LYS A 15 -11.35 -2.52 3.31
C LYS A 15 -12.00 -1.48 2.40
N VAL A 16 -11.16 -0.70 1.72
CA VAL A 16 -11.66 0.33 0.81
C VAL A 16 -11.26 0.03 -0.62
N ALA A 17 -10.11 -0.59 -0.80
CA ALA A 17 -9.61 -0.92 -2.13
C ALA A 17 -8.97 -2.31 -2.13
N MET A 18 -8.82 -2.88 -3.32
CA MET A 18 -8.21 -4.20 -3.45
C MET A 18 -7.01 -4.14 -4.39
N LEU A 19 -5.91 -4.75 -3.98
CA LEU A 19 -4.70 -4.77 -4.79
C LEU A 19 -4.51 -6.13 -5.46
N ASN A 20 -4.43 -6.13 -6.78
CA ASN A 20 -4.26 -7.37 -7.54
C ASN A 20 -2.92 -7.38 -8.27
N ILE A 21 -2.14 -8.43 -8.03
CA ILE A 21 -0.83 -8.55 -8.67
C ILE A 21 -0.89 -9.54 -9.83
N PRO A 22 -0.69 -9.07 -11.03
CA PRO A 22 -0.73 -9.94 -12.24
C PRO A 22 0.54 -10.75 -12.41
N LYS A 23 1.69 -10.13 -12.21
CA LYS A 23 2.97 -10.82 -12.37
C LYS A 23 3.07 -11.98 -11.39
N LEU A 24 2.61 -11.77 -10.16
CA LEU A 24 2.65 -12.82 -9.15
C LEU A 24 1.30 -13.51 -9.04
N LYS A 25 0.34 -13.07 -9.85
CA LYS A 25 -0.99 -13.65 -9.82
C LYS A 25 -1.53 -13.72 -8.39
N LYS A 26 -1.30 -12.66 -7.63
CA LYS A 26 -1.75 -12.60 -6.25
C LYS A 26 -2.71 -11.44 -6.04
N LYS A 27 -3.47 -11.48 -4.95
CA LYS A 27 -4.42 -10.43 -4.65
C LYS A 27 -4.34 -10.03 -3.18
N PHE A 28 -4.55 -8.75 -2.90
CA PHE A 28 -4.51 -8.25 -1.53
C PHE A 28 -5.59 -7.20 -1.32
N SER A 29 -6.08 -7.11 -0.09
CA SER A 29 -7.13 -6.14 0.23
C SER A 29 -6.55 -4.94 0.98
N ILE A 30 -6.69 -3.76 0.40
CA ILE A 30 -6.18 -2.55 1.03
C ILE A 30 -7.18 -2.01 2.04
N TYR A 31 -6.73 -1.84 3.27
CA TYR A 31 -7.60 -1.34 4.33
C TYR A 31 -7.24 0.10 4.69
N TRP A 32 -8.27 0.94 4.83
CA TRP A 32 -8.04 2.34 5.18
C TRP A 32 -7.33 2.46 6.52
N GLY A 33 -6.23 3.20 6.54
CA GLY A 33 -5.47 3.39 7.77
C GLY A 33 -4.67 2.14 8.10
N ALA A 34 -3.48 2.35 8.66
CA ALA A 34 -2.62 1.23 9.03
C ALA A 34 -2.51 1.09 10.54
N ASP A 35 -3.52 0.47 11.15
CA ASP A 35 -3.53 0.29 12.60
C ASP A 35 -2.60 -0.84 13.00
N ASP A 36 -1.75 -0.56 13.99
CA ASP A 36 -0.81 -1.57 14.47
C ASP A 36 -1.43 -2.41 15.58
N ALA A 37 -2.66 -2.08 15.94
CA ALA A 37 -3.36 -2.82 16.99
C ALA A 37 -3.66 -4.25 16.55
N THR A 38 -4.06 -4.39 15.29
CA THR A 38 -4.37 -5.70 14.75
C THR A 38 -3.11 -6.42 14.29
N LEU A 39 -3.16 -7.75 14.28
CA LEU A 39 -2.01 -8.55 13.86
C LEU A 39 -1.89 -8.54 12.35
N LYS A 40 -0.65 -8.53 11.85
CA LYS A 40 -0.41 -8.52 10.41
C LYS A 40 -1.59 -9.14 9.67
N LYS A 41 -2.40 -8.29 9.04
CA LYS A 41 -3.55 -8.77 8.29
C LYS A 41 -3.19 -9.01 6.84
N GLY A 42 -2.60 -8.00 6.20
CA GLY A 42 -2.21 -8.13 4.80
C GLY A 42 -1.53 -6.85 4.31
N VAL A 43 -2.24 -5.73 4.44
CA VAL A 43 -1.70 -4.45 4.00
C VAL A 43 -2.64 -3.31 4.40
N GLY A 44 -2.11 -2.35 5.16
CA GLY A 44 -2.92 -1.22 5.60
C GLY A 44 -2.52 0.04 4.84
N MET A 45 -3.48 0.94 4.67
CA MET A 45 -3.22 2.19 3.95
C MET A 45 -2.90 3.32 4.94
N PHE A 46 -1.79 4.00 4.71
CA PHE A 46 -1.38 5.10 5.58
C PHE A 46 -2.33 6.29 5.42
N VAL A 47 -2.79 6.82 6.54
CA VAL A 47 -3.70 7.96 6.51
C VAL A 47 -3.02 9.22 7.04
N SER A 48 -3.11 10.29 6.27
CA SER A 48 -2.49 11.55 6.66
C SER A 48 -3.09 12.72 5.86
N ASP A 49 -2.73 13.93 6.25
CA ASP A 49 -3.23 15.12 5.56
C ASP A 49 -2.54 15.29 4.21
N VAL A 50 -1.77 14.28 3.81
CA VAL A 50 -1.06 14.33 2.54
C VAL A 50 -1.27 13.05 1.74
N THR A 51 -1.77 12.02 2.41
CA THR A 51 -2.01 10.74 1.75
C THR A 51 -3.40 10.71 1.14
N THR A 52 -3.51 10.13 -0.05
CA THR A 52 -4.78 10.04 -0.74
C THR A 52 -5.03 8.62 -1.23
N THR A 53 -6.25 8.36 -1.69
CA THR A 53 -6.60 7.04 -2.19
C THR A 53 -6.48 6.99 -3.72
N PRO A 54 -6.25 5.83 -4.27
CA PRO A 54 -6.12 5.64 -5.74
C PRO A 54 -7.47 5.61 -6.44
N SER A 55 -8.21 6.72 -6.33
CA SER A 55 -9.51 6.82 -6.97
C SER A 55 -9.46 7.75 -8.17
N GLY A 56 -8.31 8.37 -8.38
CA GLY A 56 -8.14 9.29 -9.50
C GLY A 56 -7.08 10.35 -9.19
N GLY A 57 -5.84 10.06 -9.55
CA GLY A 57 -4.74 10.99 -9.31
C GLY A 57 -4.66 11.35 -7.83
N GLY A 58 -3.84 10.61 -7.08
CA GLY A 58 -3.67 10.85 -5.67
C GLY A 58 -2.47 10.08 -5.11
N HIS A 59 -1.91 10.59 -4.03
CA HIS A 59 -0.76 9.93 -3.40
C HIS A 59 -1.24 8.75 -2.56
N THR A 60 -0.87 7.55 -2.99
CA THR A 60 -1.28 6.34 -2.27
C THR A 60 -0.09 5.76 -1.51
N VAL A 61 -0.23 5.60 -0.21
CA VAL A 61 0.83 5.05 0.62
C VAL A 61 0.40 3.73 1.25
N LEU A 62 1.22 2.69 1.06
CA LEU A 62 0.92 1.39 1.61
C LEU A 62 1.88 1.05 2.74
N SER A 63 1.38 0.34 3.74
CA SER A 63 2.19 -0.05 4.89
C SER A 63 2.06 -1.54 5.17
N GLY A 64 3.16 -2.15 5.60
CA GLY A 64 3.15 -3.58 5.90
C GLY A 64 4.47 -4.01 6.55
N HIS A 65 4.57 -5.28 6.89
CA HIS A 65 5.77 -5.80 7.53
C HIS A 65 6.39 -6.91 6.68
N ARG A 66 7.71 -7.04 6.77
CA ARG A 66 8.42 -8.06 6.01
C ARG A 66 7.83 -9.45 6.28
N ASP A 67 7.28 -10.06 5.24
CA ASP A 67 6.68 -11.38 5.38
C ASP A 67 7.59 -12.46 4.81
N THR A 68 8.07 -13.35 5.68
CA THR A 68 8.95 -14.43 5.25
C THR A 68 9.58 -14.11 3.90
N VAL A 69 9.42 -15.02 2.95
CA VAL A 69 9.96 -14.81 1.61
C VAL A 69 8.85 -14.83 0.56
N PHE A 70 9.18 -15.29 -0.64
CA PHE A 70 8.20 -15.36 -1.72
C PHE A 70 7.62 -13.97 -1.99
N THR A 71 7.09 -13.78 -3.20
CA THR A 71 6.51 -12.50 -3.58
C THR A 71 7.58 -11.41 -3.56
N ASP A 72 8.60 -11.59 -2.73
CA ASP A 72 9.67 -10.61 -2.62
C ASP A 72 10.36 -10.44 -3.97
N LEU A 73 10.67 -11.56 -4.61
CA LEU A 73 11.36 -11.52 -5.90
C LEU A 73 10.53 -10.75 -6.92
N GLY A 74 9.24 -11.01 -6.94
CA GLY A 74 8.34 -10.33 -7.87
C GLY A 74 8.22 -8.85 -7.55
N GLN A 75 8.48 -8.50 -6.31
CA GLN A 75 8.41 -7.10 -5.88
C GLN A 75 9.56 -6.30 -6.47
N LEU A 76 10.72 -6.92 -6.57
CA LEU A 76 11.89 -6.24 -7.10
C LEU A 76 11.96 -6.39 -8.62
N LYS A 77 11.10 -5.68 -9.32
CA LYS A 77 11.07 -5.73 -10.77
C LYS A 77 10.18 -4.63 -11.34
N GLU A 78 10.70 -3.87 -12.30
CA GLU A 78 9.95 -2.80 -12.92
C GLU A 78 8.91 -3.36 -13.88
N LYS A 79 9.00 -4.65 -14.15
CA LYS A 79 8.07 -5.31 -15.06
C LYS A 79 6.76 -5.62 -14.34
N ASP A 80 6.80 -5.57 -13.00
CA ASP A 80 5.61 -5.86 -12.21
C ASP A 80 4.60 -4.72 -12.34
N THR A 81 3.32 -5.03 -12.14
CA THR A 81 2.27 -4.04 -12.23
C THR A 81 1.21 -4.25 -11.17
N LEU A 82 1.06 -3.28 -10.28
CA LEU A 82 0.07 -3.38 -9.20
C LEU A 82 -1.26 -2.79 -9.66
N VAL A 83 -2.33 -3.56 -9.47
CA VAL A 83 -3.65 -3.10 -9.87
C VAL A 83 -4.47 -2.70 -8.64
N LEU A 84 -5.01 -1.48 -8.67
CA LEU A 84 -5.80 -0.99 -7.55
C LEU A 84 -7.27 -0.86 -7.95
N GLU A 85 -8.13 -1.53 -7.20
CA GLU A 85 -9.57 -1.48 -7.46
C GLU A 85 -10.25 -0.50 -6.52
N TYR A 86 -10.88 0.53 -7.10
CA TYR A 86 -11.56 1.54 -6.30
C TYR A 86 -12.73 2.13 -7.05
N ASP A 87 -13.89 2.16 -6.42
CA ASP A 87 -15.08 2.73 -7.04
C ASP A 87 -15.39 2.04 -8.37
N ASN A 88 -15.29 0.72 -8.39
CA ASN A 88 -15.56 -0.05 -9.59
C ASN A 88 -14.58 0.34 -10.69
N LYS A 89 -13.49 1.01 -10.31
CA LYS A 89 -12.48 1.42 -11.28
C LYS A 89 -11.16 0.71 -11.00
N THR A 90 -10.51 0.24 -12.05
CA THR A 90 -9.25 -0.48 -11.90
C THR A 90 -8.07 0.38 -12.37
N TYR A 91 -7.11 0.59 -11.48
CA TYR A 91 -5.94 1.38 -11.83
C TYR A 91 -4.71 0.48 -11.96
N THR A 92 -4.05 0.55 -13.10
CA THR A 92 -2.87 -0.27 -13.34
C THR A 92 -1.59 0.48 -13.00
N TYR A 93 -0.97 0.09 -11.89
CA TYR A 93 0.28 0.72 -11.46
C TYR A 93 1.48 -0.09 -11.95
N GLU A 94 2.62 0.59 -12.06
CA GLU A 94 3.84 -0.07 -12.51
C GLU A 94 5.00 0.24 -11.58
N ILE A 95 5.77 -0.79 -11.20
CA ILE A 95 6.90 -0.60 -10.30
C ILE A 95 7.96 0.26 -10.98
N GLN A 96 8.19 1.45 -10.45
CA GLN A 96 9.18 2.35 -11.00
C GLN A 96 10.57 2.02 -10.49
N LYS A 97 10.78 2.21 -9.18
CA LYS A 97 12.07 1.93 -8.58
C LYS A 97 11.89 1.52 -7.12
N ILE A 98 12.76 0.63 -6.65
CA ILE A 98 12.70 0.16 -5.28
C ILE A 98 13.93 0.61 -4.49
N TRP A 99 13.70 1.10 -3.28
CA TRP A 99 14.80 1.56 -2.44
C TRP A 99 14.41 1.50 -0.96
N ILE A 100 15.34 1.87 -0.09
CA ILE A 100 15.08 1.85 1.35
C ILE A 100 15.42 3.21 1.96
N THR A 101 14.47 3.75 2.72
CA THR A 101 14.66 5.05 3.36
C THR A 101 14.30 5.00 4.83
N HIS A 102 14.58 6.08 5.55
CA HIS A 102 14.28 6.15 6.97
C HIS A 102 12.77 6.02 7.21
N ALA A 103 12.39 5.90 8.47
CA ALA A 103 10.97 5.78 8.82
C ALA A 103 10.35 7.17 8.96
N ASP A 104 11.18 8.18 9.19
CA ASP A 104 10.69 9.54 9.35
C ASP A 104 10.87 10.33 8.06
N ASP A 105 11.04 9.61 6.95
CA ASP A 105 11.24 10.26 5.66
C ASP A 105 9.90 10.65 5.04
N ARG A 106 9.47 11.89 5.31
CA ARG A 106 8.21 12.38 4.77
C ARG A 106 8.28 12.43 3.25
N THR A 107 9.44 12.81 2.72
CA THR A 107 9.62 12.89 1.27
C THR A 107 8.88 11.76 0.58
N VAL A 108 8.53 10.73 1.34
CA VAL A 108 7.81 9.59 0.78
C VAL A 108 6.36 9.57 1.28
N ILE A 109 6.12 10.24 2.40
CA ILE A 109 4.79 10.29 2.98
C ILE A 109 4.18 11.69 2.84
N ILE A 110 4.61 12.39 1.80
CA ILE A 110 4.10 13.74 1.56
C ILE A 110 2.92 13.69 0.60
N LYS A 111 2.55 14.85 0.06
CA LYS A 111 1.42 14.93 -0.86
C LYS A 111 1.92 14.96 -2.31
N LYS A 112 1.19 14.28 -3.20
CA LYS A 112 1.56 14.26 -4.61
C LYS A 112 0.37 14.64 -5.48
N GLU A 113 0.60 15.49 -6.47
CA GLU A 113 -0.47 15.93 -7.36
C GLU A 113 -0.71 14.89 -8.45
N GLU A 114 -0.06 13.73 -8.31
CA GLU A 114 -0.22 12.66 -9.29
C GLU A 114 -0.48 11.33 -8.61
N PRO A 115 -1.02 10.39 -9.32
CA PRO A 115 -1.31 9.03 -8.77
C PRO A 115 -0.06 8.19 -8.61
N ILE A 116 0.43 8.10 -7.39
CA ILE A 116 1.64 7.33 -7.10
C ILE A 116 1.42 6.40 -5.91
N LEU A 117 1.86 5.15 -6.05
CA LEU A 117 1.71 4.18 -4.98
C LEU A 117 3.05 3.91 -4.30
N THR A 118 3.12 4.22 -3.01
CA THR A 118 4.35 3.99 -2.24
C THR A 118 4.07 3.08 -1.05
N LEU A 119 4.77 1.95 -1.01
CA LEU A 119 4.59 1.00 0.09
C LEU A 119 5.80 0.99 1.01
N THR A 120 5.56 1.22 2.29
CA THR A 120 6.64 1.21 3.28
C THR A 120 6.43 0.09 4.28
N THR A 121 7.44 -0.78 4.42
CA THR A 121 7.35 -1.91 5.34
C THR A 121 8.73 -2.29 5.86
N CYS A 122 8.75 -3.28 6.74
CA CYS A 122 10.02 -3.76 7.31
C CYS A 122 9.79 -4.41 8.66
N TYR A 123 9.57 -3.58 9.67
CA TYR A 123 9.33 -4.09 11.02
C TYR A 123 9.99 -5.46 11.21
N PRO A 124 11.29 -5.50 11.20
CA PRO A 124 12.06 -6.76 11.38
C PRO A 124 12.11 -7.20 12.85
N PHE A 125 12.18 -8.51 13.07
CA PHE A 125 12.23 -9.04 14.42
C PHE A 125 13.55 -8.64 15.09
N ASP A 126 14.60 -8.51 14.30
CA ASP A 126 15.90 -8.15 14.83
C ASP A 126 15.84 -6.78 15.52
N TYR A 127 15.26 -5.81 14.83
CA TYR A 127 15.13 -4.46 15.39
C TYR A 127 13.88 -4.36 16.25
N ILE A 128 14.03 -3.74 17.42
CA ILE A 128 12.89 -3.58 18.33
C ILE A 128 12.34 -2.15 18.25
N GLY A 129 11.09 -2.04 17.84
CA GLY A 129 10.45 -0.73 17.71
C GLY A 129 10.23 -0.37 16.24
N ASP A 130 11.07 0.53 15.73
CA ASP A 130 10.95 0.95 14.34
C ASP A 130 12.30 0.83 13.63
N ALA A 131 12.43 -0.18 12.78
CA ALA A 131 13.67 -0.39 12.05
C ALA A 131 14.24 0.94 11.55
N PRO A 132 15.53 1.06 11.54
CA PRO A 132 16.23 2.30 11.07
C PRO A 132 15.93 2.62 9.61
N ASP A 133 15.68 1.57 8.82
CA ASP A 133 15.38 1.76 7.41
C ASP A 133 14.10 1.01 7.04
N ARG A 134 13.29 1.63 6.19
CA ARG A 134 12.03 1.01 5.77
C ARG A 134 12.04 0.74 4.27
N TYR A 135 11.53 -0.44 3.89
CA TYR A 135 11.50 -0.81 2.47
C TYR A 135 10.44 -0.01 1.74
N ILE A 136 10.85 0.68 0.70
CA ILE A 136 9.92 1.52 -0.06
C ILE A 136 9.76 1.02 -1.49
N ILE A 137 8.54 0.65 -1.84
CA ILE A 137 8.25 0.20 -3.21
C ILE A 137 7.50 1.31 -3.94
N GLU A 138 8.19 1.97 -4.87
CA GLU A 138 7.57 3.06 -5.63
C GLU A 138 6.87 2.52 -6.88
N ALA A 139 5.66 3.01 -7.13
CA ALA A 139 4.90 2.61 -8.30
C ALA A 139 3.99 3.73 -8.76
N LYS A 140 3.91 3.92 -10.07
CA LYS A 140 3.08 4.98 -10.64
C LYS A 140 1.85 4.39 -11.34
N LEU A 141 0.84 5.23 -11.55
CA LEU A 141 -0.36 4.77 -12.22
C LEU A 141 -0.26 5.02 -13.72
N THR A 142 -0.26 3.94 -14.50
CA THR A 142 -0.16 4.05 -15.94
C THR A 142 -1.46 3.64 -16.62
N GLY A 143 -1.82 2.36 -16.49
CA GLY A 143 -3.05 1.86 -17.09
C GLY A 143 -4.24 2.13 -16.20
N SER A 144 -5.44 2.00 -16.75
CA SER A 144 -6.66 2.22 -15.99
C SER A 144 -7.84 1.51 -16.64
N TYR A 145 -8.88 1.25 -15.85
CA TYR A 145 -10.07 0.59 -16.35
C TYR A 145 -11.29 0.96 -15.53
N SER A 146 -12.14 1.82 -16.08
CA SER A 146 -13.35 2.26 -15.39
C SER A 146 -14.56 1.46 -15.87
N LYS A 147 -15.23 0.79 -14.94
CA LYS A 147 -16.41 0.00 -15.30
C LYS A 147 -17.56 0.30 -14.34
N GLY A 1 -26.55 6.71 1.95
CA GLY A 1 -26.19 7.24 3.29
C GLY A 1 -26.52 6.19 4.35
N SER A 2 -26.83 6.66 5.56
CA SER A 2 -27.16 5.75 6.66
C SER A 2 -26.06 4.72 6.86
N HIS A 3 -25.67 4.50 8.12
CA HIS A 3 -24.62 3.54 8.43
C HIS A 3 -25.21 2.15 8.63
N MET A 4 -26.52 2.09 8.87
CA MET A 4 -27.19 0.82 9.09
C MET A 4 -26.74 0.18 10.39
N SER A 5 -26.41 -1.11 10.33
CA SER A 5 -25.96 -1.83 11.52
C SER A 5 -24.59 -1.33 11.97
N SER A 6 -23.57 -1.61 11.16
CA SER A 6 -22.21 -1.20 11.48
C SER A 6 -21.39 -1.02 10.21
N GLN A 7 -20.07 -0.98 10.36
CA GLN A 7 -19.18 -0.82 9.22
C GLN A 7 -19.53 0.44 8.45
N THR A 8 -18.60 1.39 8.42
CA THR A 8 -18.83 2.65 7.70
C THR A 8 -18.10 2.63 6.35
N GLU A 9 -16.79 2.85 6.40
CA GLU A 9 -15.99 2.86 5.17
C GLU A 9 -14.61 3.46 5.44
N HIS A 10 -14.56 4.39 6.38
CA HIS A 10 -13.31 5.04 6.73
C HIS A 10 -12.69 4.41 7.97
N LYS A 11 -13.38 3.42 8.52
CA LYS A 11 -12.87 2.74 9.71
C LYS A 11 -11.61 1.98 9.36
N GLU A 12 -10.63 2.03 10.26
CA GLU A 12 -9.36 1.35 10.03
C GLU A 12 -9.50 -0.14 10.38
N GLY A 13 -8.72 -0.98 9.71
CA GLY A 13 -8.77 -2.42 9.97
C GLY A 13 -9.90 -3.07 9.18
N GLU A 14 -10.43 -2.36 8.20
CA GLU A 14 -11.51 -2.88 7.39
C GLU A 14 -11.07 -3.00 5.94
N LYS A 15 -11.33 -4.15 5.35
CA LYS A 15 -10.97 -4.39 3.96
C LYS A 15 -11.62 -3.36 3.06
N VAL A 16 -10.81 -2.42 2.57
CA VAL A 16 -11.31 -1.37 1.69
C VAL A 16 -10.77 -1.55 0.28
N ALA A 17 -9.52 -1.96 0.17
CA ALA A 17 -8.90 -2.16 -1.14
C ALA A 17 -8.20 -3.51 -1.20
N MET A 18 -8.04 -4.03 -2.41
CA MET A 18 -7.38 -5.32 -2.58
C MET A 18 -6.16 -5.15 -3.49
N LEU A 19 -5.03 -5.70 -3.05
CA LEU A 19 -3.80 -5.60 -3.83
C LEU A 19 -3.63 -6.83 -4.71
N ASN A 20 -3.49 -6.60 -6.01
CA ASN A 20 -3.32 -7.69 -6.95
C ASN A 20 -1.99 -7.57 -7.68
N ILE A 21 -1.19 -8.62 -7.61
CA ILE A 21 0.11 -8.62 -8.27
C ILE A 21 0.09 -9.53 -9.51
N PRO A 22 0.17 -8.96 -10.69
CA PRO A 22 0.14 -9.73 -11.96
C PRO A 22 1.47 -10.38 -12.29
N LYS A 23 2.56 -9.65 -12.08
CA LYS A 23 3.89 -10.16 -12.36
C LYS A 23 4.22 -11.36 -11.48
N LEU A 24 3.79 -11.30 -10.22
CA LEU A 24 4.05 -12.39 -9.29
C LEU A 24 2.81 -13.26 -9.15
N LYS A 25 1.80 -12.98 -9.96
CA LYS A 25 0.58 -13.76 -9.93
C LYS A 25 0.15 -14.01 -8.49
N LYS A 26 -0.04 -12.93 -7.74
CA LYS A 26 -0.46 -13.03 -6.34
C LYS A 26 -1.45 -11.94 -6.00
N LYS A 27 -2.22 -12.17 -4.95
CA LYS A 27 -3.22 -11.18 -4.53
C LYS A 27 -3.27 -11.09 -3.01
N PHE A 28 -3.41 -9.88 -2.50
CA PHE A 28 -3.49 -9.66 -1.06
C PHE A 28 -4.64 -8.72 -0.71
N SER A 29 -5.14 -8.83 0.51
CA SER A 29 -6.23 -7.97 0.96
C SER A 29 -5.69 -6.77 1.73
N ILE A 30 -5.95 -5.57 1.20
CA ILE A 30 -5.47 -4.35 1.85
C ILE A 30 -6.58 -3.77 2.73
N TYR A 31 -6.26 -3.58 4.01
CA TYR A 31 -7.24 -3.04 4.96
C TYR A 31 -6.94 -1.57 5.26
N TRP A 32 -8.00 -0.76 5.42
CA TRP A 32 -7.84 0.66 5.71
C TRP A 32 -7.11 0.85 7.03
N GLY A 33 -6.09 1.70 7.02
CA GLY A 33 -5.31 1.96 8.22
C GLY A 33 -4.22 0.93 8.42
N ALA A 34 -3.35 1.17 9.38
CA ALA A 34 -2.28 0.24 9.65
C ALA A 34 -1.90 0.26 11.13
N ASP A 35 -2.52 -0.62 11.91
CA ASP A 35 -2.23 -0.69 13.34
C ASP A 35 -1.26 -1.83 13.64
N ASP A 36 0.01 -1.48 13.84
CA ASP A 36 1.03 -2.49 14.13
C ASP A 36 0.83 -3.05 15.54
N ALA A 37 0.16 -2.28 16.39
CA ALA A 37 -0.07 -2.70 17.77
C ALA A 37 -0.79 -4.05 17.80
N THR A 38 -1.87 -4.16 17.04
CA THR A 38 -2.63 -5.39 16.98
C THR A 38 -2.06 -6.33 15.92
N LEU A 39 -2.44 -7.60 16.00
CA LEU A 39 -1.97 -8.59 15.04
C LEU A 39 -3.11 -9.08 14.15
N LYS A 40 -2.91 -9.00 12.84
CA LYS A 40 -3.93 -9.43 11.90
C LYS A 40 -3.30 -9.86 10.57
N LYS A 41 -2.97 -8.88 9.75
CA LYS A 41 -2.35 -9.14 8.45
C LYS A 41 -1.24 -8.14 8.16
N GLY A 42 -0.28 -8.55 7.33
CA GLY A 42 0.84 -7.68 6.98
C GLY A 42 0.51 -6.83 5.75
N VAL A 43 -0.73 -6.35 5.67
CA VAL A 43 -1.13 -5.51 4.55
C VAL A 43 -2.14 -4.46 4.99
N GLY A 44 -1.64 -3.27 5.34
CA GLY A 44 -2.51 -2.20 5.79
C GLY A 44 -2.23 -0.91 5.03
N MET A 45 -3.23 -0.07 4.91
CA MET A 45 -3.08 1.21 4.22
C MET A 45 -2.96 2.35 5.22
N PHE A 46 -2.12 3.32 4.90
CA PHE A 46 -1.91 4.46 5.79
C PHE A 46 -3.09 5.42 5.70
N VAL A 47 -3.49 5.96 6.84
CA VAL A 47 -4.60 6.89 6.88
C VAL A 47 -4.17 8.22 7.50
N SER A 48 -4.38 9.30 6.77
CA SER A 48 -4.00 10.62 7.26
C SER A 48 -4.58 11.71 6.37
N ASP A 49 -4.50 12.96 6.82
CA ASP A 49 -5.01 14.08 6.05
C ASP A 49 -4.24 14.19 4.73
N VAL A 50 -2.93 13.94 4.77
CA VAL A 50 -2.11 14.02 3.58
C VAL A 50 -2.19 12.73 2.78
N THR A 51 -2.47 11.63 3.47
CA THR A 51 -2.57 10.33 2.81
C THR A 51 -4.01 9.97 2.54
N THR A 52 -4.25 9.34 1.40
CA THR A 52 -5.60 8.93 1.03
C THR A 52 -5.57 7.60 0.29
N THR A 53 -6.76 7.08 -0.02
CA THR A 53 -6.87 5.80 -0.72
C THR A 53 -6.91 6.01 -2.23
N PRO A 54 -6.51 5.03 -2.98
CA PRO A 54 -6.49 5.10 -4.47
C PRO A 54 -7.88 4.93 -5.08
N SER A 55 -8.63 6.02 -5.15
CA SER A 55 -9.98 5.98 -5.71
C SER A 55 -10.05 6.82 -6.97
N GLY A 56 -8.99 7.55 -7.24
CA GLY A 56 -8.94 8.40 -8.44
C GLY A 56 -8.04 9.60 -8.22
N GLY A 57 -6.76 9.44 -8.55
CA GLY A 57 -5.80 10.52 -8.39
C GLY A 57 -5.65 10.91 -6.92
N GLY A 58 -4.77 10.19 -6.21
CA GLY A 58 -4.54 10.47 -4.81
C GLY A 58 -3.29 9.76 -4.30
N HIS A 59 -2.75 10.27 -3.21
CA HIS A 59 -1.55 9.67 -2.60
C HIS A 59 -1.94 8.44 -1.81
N THR A 60 -1.35 7.30 -2.16
CA THR A 60 -1.65 6.07 -1.46
C THR A 60 -0.39 5.50 -0.83
N VAL A 61 -0.46 5.19 0.46
CA VAL A 61 0.69 4.63 1.16
C VAL A 61 0.34 3.25 1.71
N LEU A 62 1.24 2.30 1.47
CA LEU A 62 1.05 0.93 1.94
C LEU A 62 2.06 0.57 3.02
N SER A 63 1.61 -0.15 4.03
CA SER A 63 2.49 -0.54 5.12
C SER A 63 2.60 -2.06 5.22
N GLY A 64 3.84 -2.54 5.44
CA GLY A 64 4.09 -3.97 5.56
C GLY A 64 5.31 -4.24 6.45
N HIS A 65 5.08 -4.35 7.75
CA HIS A 65 6.17 -4.61 8.69
C HIS A 65 6.74 -6.00 8.46
N ARG A 66 8.07 -6.10 8.43
CA ARG A 66 8.71 -7.39 8.21
C ARG A 66 8.22 -8.02 6.90
N ASP A 67 9.15 -8.51 6.10
CA ASP A 67 8.78 -9.14 4.83
C ASP A 67 9.25 -10.60 4.81
N THR A 68 9.10 -11.25 3.65
CA THR A 68 9.52 -12.64 3.51
C THR A 68 10.91 -12.73 2.89
N VAL A 69 10.97 -13.22 1.66
CA VAL A 69 12.24 -13.37 0.96
C VAL A 69 12.03 -13.94 -0.44
N PHE A 70 10.83 -14.47 -0.68
CA PHE A 70 10.50 -15.04 -1.98
C PHE A 70 9.78 -14.02 -2.85
N THR A 71 9.88 -14.19 -4.16
CA THR A 71 9.23 -13.26 -5.09
C THR A 71 9.60 -11.83 -4.77
N ASP A 72 10.56 -11.65 -3.87
CA ASP A 72 11.00 -10.32 -3.49
C ASP A 72 11.56 -9.58 -4.70
N LEU A 73 12.37 -10.30 -5.49
CA LEU A 73 12.96 -9.71 -6.69
C LEU A 73 11.89 -9.25 -7.67
N GLY A 74 10.85 -10.06 -7.84
CA GLY A 74 9.78 -9.70 -8.75
C GLY A 74 9.05 -8.45 -8.27
N GLN A 75 9.03 -8.24 -6.95
CA GLN A 75 8.37 -7.09 -6.39
C GLN A 75 9.10 -5.81 -6.78
N LEU A 76 10.43 -5.87 -6.77
CA LEU A 76 11.23 -4.70 -7.12
C LEU A 76 11.64 -4.74 -8.60
N LYS A 77 10.94 -3.96 -9.42
CA LYS A 77 11.25 -3.90 -10.84
C LYS A 77 10.24 -3.01 -11.58
N GLU A 78 10.71 -2.32 -12.61
CA GLU A 78 9.84 -1.44 -13.39
C GLU A 78 8.95 -2.24 -14.30
N LYS A 79 9.28 -3.50 -14.46
CA LYS A 79 8.50 -4.39 -15.30
C LYS A 79 7.27 -4.87 -14.54
N ASP A 80 7.28 -4.67 -13.21
CA ASP A 80 6.15 -5.08 -12.39
C ASP A 80 5.01 -4.06 -12.49
N THR A 81 3.79 -4.53 -12.24
CA THR A 81 2.61 -3.69 -12.28
C THR A 81 1.67 -4.09 -11.18
N LEU A 82 1.46 -3.18 -10.26
CA LEU A 82 0.59 -3.46 -9.14
C LEU A 82 -0.85 -3.07 -9.49
N VAL A 83 -1.79 -3.97 -9.22
CA VAL A 83 -3.18 -3.68 -9.53
C VAL A 83 -3.97 -3.54 -8.24
N LEU A 84 -4.60 -2.38 -8.07
CA LEU A 84 -5.37 -2.11 -6.87
C LEU A 84 -6.86 -2.00 -7.16
N GLU A 85 -7.66 -2.68 -6.36
CA GLU A 85 -9.10 -2.63 -6.53
C GLU A 85 -9.73 -1.75 -5.46
N TYR A 86 -10.40 -0.68 -5.92
CA TYR A 86 -11.03 0.26 -4.99
C TYR A 86 -12.38 0.72 -5.54
N ASP A 87 -13.39 0.79 -4.67
CA ASP A 87 -14.73 1.21 -5.07
C ASP A 87 -15.21 0.44 -6.30
N ASN A 88 -14.94 -0.86 -6.30
CA ASN A 88 -15.35 -1.70 -7.43
C ASN A 88 -14.60 -1.30 -8.68
N LYS A 89 -13.52 -0.56 -8.51
CA LYS A 89 -12.71 -0.14 -9.65
C LYS A 89 -11.32 -0.71 -9.55
N THR A 90 -10.70 -0.94 -10.70
CA THR A 90 -9.36 -1.52 -10.73
C THR A 90 -8.34 -0.50 -11.22
N TYR A 91 -7.29 -0.29 -10.43
CA TYR A 91 -6.25 0.65 -10.81
C TYR A 91 -4.97 -0.10 -11.13
N THR A 92 -4.44 0.16 -12.32
CA THR A 92 -3.21 -0.50 -12.76
C THR A 92 -2.00 0.40 -12.52
N TYR A 93 -1.19 0.03 -11.54
CA TYR A 93 0.00 0.79 -11.20
C TYR A 93 1.23 0.16 -11.83
N GLU A 94 2.22 0.99 -12.11
CA GLU A 94 3.47 0.51 -12.69
C GLU A 94 4.63 0.94 -11.82
N ILE A 95 5.54 0.01 -11.53
CA ILE A 95 6.67 0.35 -10.69
C ILE A 95 7.56 1.35 -11.39
N GLN A 96 7.73 2.52 -10.80
CA GLN A 96 8.57 3.56 -11.41
C GLN A 96 10.01 3.42 -10.95
N LYS A 97 10.22 3.48 -9.65
CA LYS A 97 11.56 3.37 -9.10
C LYS A 97 11.50 2.82 -7.69
N ILE A 98 12.57 2.13 -7.31
CA ILE A 98 12.63 1.53 -5.99
C ILE A 98 13.85 2.04 -5.22
N TRP A 99 13.62 2.45 -3.97
CA TRP A 99 14.71 2.95 -3.15
C TRP A 99 14.46 2.66 -1.66
N ILE A 100 15.41 3.06 -0.82
CA ILE A 100 15.28 2.85 0.62
C ILE A 100 15.46 4.16 1.37
N THR A 101 14.63 4.37 2.39
CA THR A 101 14.70 5.60 3.18
C THR A 101 14.53 5.31 4.67
N HIS A 102 14.80 6.32 5.49
CA HIS A 102 14.67 6.17 6.94
C HIS A 102 13.21 6.02 7.35
N ALA A 103 12.99 5.64 8.59
CA ALA A 103 11.63 5.46 9.09
C ALA A 103 10.97 6.80 9.37
N ASP A 104 11.77 7.87 9.31
CA ASP A 104 11.25 9.22 9.56
C ASP A 104 11.12 10.00 8.26
N ASP A 105 11.07 9.29 7.13
CA ASP A 105 10.95 9.94 5.83
C ASP A 105 9.49 10.18 5.47
N ARG A 106 9.00 11.39 5.77
CA ARG A 106 7.61 11.74 5.47
C ARG A 106 7.43 11.96 3.96
N THR A 107 8.53 12.21 3.29
CA THR A 107 8.49 12.44 1.85
C THR A 107 7.59 11.41 1.16
N VAL A 108 7.27 10.35 1.89
CA VAL A 108 6.43 9.31 1.36
C VAL A 108 5.08 9.27 2.07
N ILE A 109 4.99 9.98 3.19
CA ILE A 109 3.76 10.02 3.97
C ILE A 109 3.09 11.39 3.85
N ILE A 110 3.55 12.18 2.89
CA ILE A 110 3.00 13.53 2.68
C ILE A 110 1.87 13.49 1.65
N LYS A 111 1.43 14.67 1.24
CA LYS A 111 0.35 14.77 0.25
C LYS A 111 0.90 14.93 -1.16
N LYS A 112 0.11 14.53 -2.15
CA LYS A 112 0.52 14.64 -3.55
C LYS A 112 -0.59 15.28 -4.38
N GLU A 113 -0.36 15.32 -5.69
CA GLU A 113 -1.35 15.88 -6.61
C GLU A 113 -1.69 14.87 -7.69
N GLU A 114 -1.24 13.64 -7.52
CA GLU A 114 -1.51 12.59 -8.49
C GLU A 114 -1.62 11.23 -7.82
N PRO A 115 -2.10 10.24 -8.54
CA PRO A 115 -2.27 8.86 -8.03
C PRO A 115 -0.94 8.12 -7.93
N ILE A 116 -0.38 8.12 -6.74
CA ILE A 116 0.88 7.45 -6.51
C ILE A 116 0.78 6.49 -5.34
N LEU A 117 1.27 5.28 -5.53
CA LEU A 117 1.24 4.27 -4.47
C LEU A 117 2.63 4.08 -3.90
N THR A 118 2.73 4.27 -2.60
CA THR A 118 4.01 4.12 -1.91
C THR A 118 3.93 2.96 -0.93
N LEU A 119 4.87 2.04 -1.03
CA LEU A 119 4.86 0.88 -0.15
C LEU A 119 6.06 0.93 0.79
N THR A 120 5.79 0.84 2.09
CA THR A 120 6.87 0.87 3.06
C THR A 120 6.85 -0.38 3.93
N THR A 121 7.93 -1.16 3.84
CA THR A 121 8.03 -2.39 4.61
C THR A 121 9.36 -2.49 5.33
N CYS A 122 9.49 -3.56 6.10
CA CYS A 122 10.70 -3.80 6.87
C CYS A 122 10.52 -3.31 8.30
N TYR A 123 10.42 -2.00 8.46
CA TYR A 123 10.23 -1.41 9.78
C TYR A 123 11.44 -1.72 10.68
N PRO A 124 11.68 -0.92 11.68
CA PRO A 124 12.83 -1.09 12.62
C PRO A 124 13.04 -2.55 13.03
N PHE A 125 13.06 -2.79 14.35
CA PHE A 125 13.25 -4.15 14.87
C PHE A 125 12.19 -5.10 14.34
N ASP A 126 10.98 -4.58 14.18
CA ASP A 126 9.87 -5.38 13.68
C ASP A 126 10.36 -6.35 12.61
N TYR A 127 11.47 -5.99 11.97
CA TYR A 127 12.04 -6.85 10.93
C TYR A 127 13.05 -7.83 11.53
N ILE A 128 13.38 -8.87 10.79
CA ILE A 128 14.33 -9.86 11.26
C ILE A 128 15.73 -9.24 11.37
N GLY A 129 16.08 -8.79 12.56
CA GLY A 129 17.38 -8.16 12.78
C GLY A 129 17.22 -6.66 13.03
N ASP A 130 17.97 -5.86 12.28
CA ASP A 130 17.89 -4.40 12.44
C ASP A 130 17.79 -3.72 11.08
N ALA A 131 16.65 -3.06 10.84
CA ALA A 131 16.45 -2.36 9.57
C ALA A 131 16.25 -0.87 9.82
N PRO A 132 17.32 -0.15 9.99
CA PRO A 132 17.28 1.32 10.24
C PRO A 132 16.47 2.05 9.17
N ASP A 133 16.60 1.60 7.93
CA ASP A 133 15.88 2.22 6.82
C ASP A 133 14.76 1.30 6.34
N ARG A 134 13.64 1.90 5.93
CA ARG A 134 12.51 1.12 5.45
C ARG A 134 12.50 1.09 3.93
N TYR A 135 12.13 -0.05 3.36
CA TYR A 135 12.11 -0.19 1.92
C TYR A 135 10.93 0.57 1.32
N ILE A 136 11.18 1.36 0.27
CA ILE A 136 10.12 2.16 -0.35
C ILE A 136 9.86 1.77 -1.81
N ILE A 137 8.63 1.35 -2.08
CA ILE A 137 8.24 1.00 -3.45
C ILE A 137 7.35 2.08 -4.01
N GLU A 138 7.87 2.81 -5.01
CA GLU A 138 7.09 3.88 -5.62
C GLU A 138 6.45 3.42 -6.93
N ALA A 139 5.16 3.64 -7.05
CA ALA A 139 4.43 3.23 -8.25
C ALA A 139 3.49 4.33 -8.74
N LYS A 140 3.26 4.36 -10.05
CA LYS A 140 2.38 5.35 -10.66
C LYS A 140 1.18 4.66 -11.28
N LEU A 141 0.01 5.28 -11.14
CA LEU A 141 -1.21 4.73 -11.72
C LEU A 141 -1.26 5.05 -13.20
N THR A 142 -1.25 4.02 -14.02
CA THR A 142 -1.28 4.22 -15.46
C THR A 142 -2.63 3.81 -16.03
N GLY A 143 -2.97 2.54 -15.85
CA GLY A 143 -4.25 2.04 -16.36
C GLY A 143 -5.24 1.85 -15.22
N SER A 144 -6.52 1.96 -15.53
CA SER A 144 -7.56 1.78 -14.51
C SER A 144 -8.83 1.23 -15.15
N TYR A 145 -9.58 0.45 -14.37
CA TYR A 145 -10.81 -0.15 -14.86
C TYR A 145 -11.93 0.06 -13.85
N SER A 146 -13.18 0.00 -14.32
CA SER A 146 -14.31 0.17 -13.43
C SER A 146 -15.40 -0.85 -13.75
N LYS A 147 -15.81 -1.62 -12.73
CA LYS A 147 -16.83 -2.64 -12.92
C LYS A 147 -16.32 -3.74 -13.85
N GLY A 1 -25.52 5.99 15.04
CA GLY A 1 -26.43 6.42 16.14
C GLY A 1 -27.30 5.24 16.56
N SER A 2 -28.55 5.24 16.10
CA SER A 2 -29.48 4.17 16.45
C SER A 2 -28.94 2.81 15.97
N HIS A 3 -28.51 2.76 14.71
CA HIS A 3 -27.97 1.52 14.15
C HIS A 3 -26.97 1.84 13.04
N MET A 4 -25.69 1.62 13.33
CA MET A 4 -24.65 1.89 12.35
C MET A 4 -23.78 0.66 12.13
N SER A 5 -24.05 -0.07 11.06
CA SER A 5 -23.27 -1.26 10.76
C SER A 5 -23.10 -1.43 9.25
N SER A 6 -23.61 -0.46 8.49
CA SER A 6 -23.50 -0.51 7.04
C SER A 6 -22.05 -0.43 6.61
N GLN A 7 -21.76 -0.99 5.43
CA GLN A 7 -20.40 -0.98 4.90
C GLN A 7 -20.21 0.16 3.91
N THR A 8 -19.12 0.12 3.16
CA THR A 8 -18.84 1.16 2.17
C THR A 8 -18.32 2.42 2.85
N GLU A 9 -18.55 2.52 4.15
CA GLU A 9 -18.11 3.67 4.91
C GLU A 9 -16.59 3.71 4.99
N HIS A 10 -16.06 4.64 5.77
CA HIS A 10 -14.62 4.77 5.92
C HIS A 10 -14.19 4.39 7.34
N LYS A 11 -13.85 3.12 7.53
CA LYS A 11 -13.42 2.66 8.85
C LYS A 11 -12.15 1.84 8.72
N GLU A 12 -11.15 2.18 9.53
CA GLU A 12 -9.87 1.48 9.52
C GLU A 12 -10.07 0.04 9.97
N GLY A 13 -9.29 -0.88 9.41
CA GLY A 13 -9.40 -2.28 9.78
C GLY A 13 -10.44 -3.00 8.94
N GLU A 14 -10.92 -2.33 7.91
CA GLU A 14 -11.91 -2.91 7.04
C GLU A 14 -11.37 -3.01 5.62
N LYS A 15 -11.61 -4.15 4.99
CA LYS A 15 -11.15 -4.36 3.63
C LYS A 15 -11.75 -3.31 2.71
N VAL A 16 -10.90 -2.49 2.11
CA VAL A 16 -11.38 -1.45 1.21
C VAL A 16 -10.86 -1.66 -0.21
N ALA A 17 -9.58 -2.00 -0.32
CA ALA A 17 -8.97 -2.22 -1.64
C ALA A 17 -8.24 -3.55 -1.67
N MET A 18 -7.98 -4.05 -2.88
CA MET A 18 -7.28 -5.31 -3.04
C MET A 18 -6.06 -5.14 -3.94
N LEU A 19 -4.93 -5.64 -3.49
CA LEU A 19 -3.69 -5.54 -4.26
C LEU A 19 -3.47 -6.81 -5.07
N ASN A 20 -3.33 -6.64 -6.38
CA ASN A 20 -3.10 -7.80 -7.26
C ASN A 20 -1.79 -7.64 -8.00
N ILE A 21 -0.96 -8.68 -7.92
CA ILE A 21 0.34 -8.66 -8.60
C ILE A 21 0.31 -9.58 -9.83
N PRO A 22 0.46 -9.04 -11.01
CA PRO A 22 0.43 -9.82 -12.28
C PRO A 22 1.75 -10.56 -12.54
N LYS A 23 2.85 -9.83 -12.43
CA LYS A 23 4.17 -10.41 -12.66
C LYS A 23 4.48 -11.49 -11.65
N LEU A 24 4.04 -11.28 -10.42
CA LEU A 24 4.29 -12.25 -9.36
C LEU A 24 3.08 -13.16 -9.18
N LYS A 25 2.10 -13.00 -10.05
CA LYS A 25 0.91 -13.81 -9.99
C LYS A 25 0.48 -14.02 -8.54
N LYS A 26 0.31 -12.92 -7.83
CA LYS A 26 -0.10 -12.97 -6.43
C LYS A 26 -1.17 -11.94 -6.14
N LYS A 27 -1.92 -12.15 -5.06
CA LYS A 27 -2.97 -11.23 -4.67
C LYS A 27 -2.97 -10.99 -3.16
N PHE A 28 -3.48 -9.84 -2.76
CA PHE A 28 -3.55 -9.51 -1.33
C PHE A 28 -4.68 -8.52 -1.06
N SER A 29 -5.24 -8.59 0.14
CA SER A 29 -6.33 -7.68 0.52
C SER A 29 -5.80 -6.54 1.37
N ILE A 30 -5.97 -5.32 0.87
CA ILE A 30 -5.51 -4.14 1.60
C ILE A 30 -6.62 -3.57 2.47
N TYR A 31 -6.36 -3.49 3.77
CA TYR A 31 -7.35 -2.95 4.71
C TYR A 31 -7.06 -1.49 5.00
N TRP A 32 -8.13 -0.69 5.11
CA TRP A 32 -7.97 0.73 5.40
C TRP A 32 -7.27 0.94 6.73
N GLY A 33 -6.25 1.79 6.71
CA GLY A 33 -5.48 2.09 7.91
C GLY A 33 -4.26 1.20 8.02
N ALA A 34 -3.26 1.68 8.76
CA ALA A 34 -2.05 0.90 8.93
C ALA A 34 -1.50 1.09 10.34
N ASP A 35 -2.11 0.41 11.31
CA ASP A 35 -1.65 0.52 12.69
C ASP A 35 -0.76 -0.66 13.07
N ASP A 36 0.53 -0.41 13.21
CA ASP A 36 1.48 -1.46 13.57
C ASP A 36 1.37 -1.79 15.06
N ALA A 37 0.83 -0.85 15.83
CA ALA A 37 0.67 -1.05 17.26
C ALA A 37 -0.33 -2.17 17.53
N THR A 38 -1.37 -2.23 16.72
CA THR A 38 -2.40 -3.26 16.87
C THR A 38 -1.97 -4.55 16.19
N LEU A 39 -0.67 -4.66 15.91
CA LEU A 39 -0.14 -5.86 15.27
C LEU A 39 -1.19 -6.50 14.36
N LYS A 40 -1.07 -7.81 14.16
CA LYS A 40 -2.01 -8.53 13.31
C LYS A 40 -2.09 -7.89 11.93
N LYS A 41 -2.79 -8.54 11.01
CA LYS A 41 -2.93 -8.03 9.66
C LYS A 41 -1.64 -8.26 8.86
N GLY A 42 -1.77 -8.26 7.53
CA GLY A 42 -0.61 -8.46 6.68
C GLY A 42 -0.29 -7.19 5.90
N VAL A 43 -1.29 -6.68 5.18
CA VAL A 43 -1.11 -5.47 4.39
C VAL A 43 -2.21 -4.44 4.70
N GLY A 44 -1.81 -3.21 5.01
CA GLY A 44 -2.78 -2.18 5.31
C GLY A 44 -2.46 -0.88 4.57
N MET A 45 -3.48 -0.06 4.37
CA MET A 45 -3.30 1.21 3.68
C MET A 45 -3.14 2.32 4.69
N PHE A 46 -2.09 3.10 4.54
CA PHE A 46 -1.83 4.21 5.45
C PHE A 46 -2.93 5.25 5.34
N VAL A 47 -3.31 5.83 6.48
CA VAL A 47 -4.35 6.84 6.51
C VAL A 47 -3.83 8.13 7.15
N SER A 48 -3.97 9.24 6.43
CA SER A 48 -3.53 10.53 6.94
C SER A 48 -4.19 11.66 6.17
N ASP A 49 -4.03 12.88 6.67
CA ASP A 49 -4.61 14.04 6.00
C ASP A 49 -4.05 14.19 4.60
N VAL A 50 -2.75 13.93 4.45
CA VAL A 50 -2.10 14.03 3.15
C VAL A 50 -2.26 12.75 2.36
N THR A 51 -2.32 11.62 3.07
CA THR A 51 -2.46 10.33 2.41
C THR A 51 -3.93 10.06 2.08
N THR A 52 -4.15 9.21 1.08
CA THR A 52 -5.51 8.87 0.68
C THR A 52 -5.52 7.55 -0.10
N THR A 53 -6.71 7.03 -0.36
CA THR A 53 -6.85 5.78 -1.10
C THR A 53 -6.88 6.05 -2.60
N PRO A 54 -6.46 5.10 -3.39
CA PRO A 54 -6.45 5.23 -4.87
C PRO A 54 -7.85 5.10 -5.49
N SER A 55 -8.59 6.21 -5.49
CA SER A 55 -9.93 6.20 -6.05
C SER A 55 -10.03 7.16 -7.22
N GLY A 56 -8.92 7.83 -7.52
CA GLY A 56 -8.89 8.77 -8.63
C GLY A 56 -7.93 9.93 -8.34
N GLY A 57 -6.66 9.74 -8.72
CA GLY A 57 -5.66 10.79 -8.49
C GLY A 57 -5.51 11.10 -7.01
N GLY A 58 -4.62 10.39 -6.34
CA GLY A 58 -4.39 10.59 -4.92
C GLY A 58 -3.10 9.92 -4.49
N HIS A 59 -2.60 10.31 -3.32
CA HIS A 59 -1.37 9.73 -2.78
C HIS A 59 -1.71 8.47 -1.99
N THR A 60 -1.40 7.31 -2.56
CA THR A 60 -1.68 6.06 -1.88
C THR A 60 -0.41 5.50 -1.24
N VAL A 61 -0.47 5.25 0.05
CA VAL A 61 0.68 4.72 0.77
C VAL A 61 0.35 3.34 1.35
N LEU A 62 1.22 2.39 1.08
CA LEU A 62 1.04 1.02 1.56
C LEU A 62 2.15 0.64 2.54
N SER A 63 1.77 -0.18 3.51
CA SER A 63 2.73 -0.61 4.53
C SER A 63 2.55 -2.10 4.82
N GLY A 64 3.66 -2.71 5.21
CA GLY A 64 3.66 -4.12 5.54
C GLY A 64 4.34 -4.37 6.89
N HIS A 65 3.67 -5.13 7.75
CA HIS A 65 4.20 -5.45 9.07
C HIS A 65 4.66 -6.90 9.13
N ARG A 66 5.96 -7.10 9.29
CA ARG A 66 6.52 -8.45 9.37
C ARG A 66 5.76 -9.41 8.46
N ASP A 67 6.35 -9.66 7.28
CA ASP A 67 5.75 -10.56 6.31
C ASP A 67 6.81 -11.43 5.64
N THR A 68 6.40 -12.60 5.17
CA THR A 68 7.33 -13.50 4.50
C THR A 68 7.32 -13.28 2.99
N VAL A 69 8.43 -12.77 2.47
CA VAL A 69 8.53 -12.50 1.03
C VAL A 69 9.82 -13.08 0.46
N PHE A 70 9.71 -13.86 -0.60
CA PHE A 70 10.88 -14.45 -1.23
C PHE A 70 10.90 -14.15 -2.73
N THR A 71 9.92 -13.38 -3.18
CA THR A 71 9.83 -13.01 -4.60
C THR A 71 10.13 -11.52 -4.78
N ASP A 72 10.81 -10.95 -3.80
CA ASP A 72 11.15 -9.53 -3.86
C ASP A 72 11.92 -9.23 -5.15
N LEU A 73 12.57 -10.25 -5.70
CA LEU A 73 13.34 -10.07 -6.92
C LEU A 73 12.44 -9.52 -8.03
N GLY A 74 11.18 -9.95 -8.06
CA GLY A 74 10.25 -9.48 -9.07
C GLY A 74 9.56 -8.19 -8.63
N GLN A 75 9.39 -8.03 -7.32
CA GLN A 75 8.75 -6.83 -6.79
C GLN A 75 9.61 -5.59 -7.02
N LEU A 76 10.92 -5.73 -6.86
CA LEU A 76 11.83 -4.60 -7.04
C LEU A 76 12.33 -4.53 -8.47
N LYS A 77 11.56 -3.86 -9.32
CA LYS A 77 11.92 -3.70 -10.72
C LYS A 77 10.85 -2.87 -11.44
N GLU A 78 11.26 -2.22 -12.53
CA GLU A 78 10.35 -1.38 -13.32
C GLU A 78 9.49 -2.23 -14.23
N LYS A 79 9.85 -3.49 -14.35
CA LYS A 79 9.10 -4.40 -15.19
C LYS A 79 7.85 -4.87 -14.45
N ASP A 80 7.82 -4.66 -13.13
CA ASP A 80 6.67 -5.10 -12.33
C ASP A 80 5.51 -4.12 -12.49
N THR A 81 4.29 -4.59 -12.21
CA THR A 81 3.10 -3.76 -12.32
C THR A 81 2.12 -4.11 -11.24
N LEU A 82 1.82 -3.15 -10.38
CA LEU A 82 0.90 -3.40 -9.29
C LEU A 82 -0.51 -2.94 -9.67
N VAL A 83 -1.50 -3.77 -9.37
CA VAL A 83 -2.87 -3.42 -9.70
C VAL A 83 -3.71 -3.34 -8.43
N LEU A 84 -4.38 -2.20 -8.25
CA LEU A 84 -5.21 -1.99 -7.07
C LEU A 84 -6.69 -1.90 -7.44
N GLU A 85 -7.51 -2.60 -6.66
CA GLU A 85 -8.95 -2.58 -6.91
C GLU A 85 -9.68 -1.76 -5.84
N TYR A 86 -10.45 -0.78 -6.30
CA TYR A 86 -11.19 0.10 -5.39
C TYR A 86 -12.50 0.56 -6.02
N ASP A 87 -13.60 0.47 -5.26
CA ASP A 87 -14.90 0.92 -5.75
C ASP A 87 -15.24 0.30 -7.10
N ASN A 88 -15.15 -1.02 -7.18
CA ASN A 88 -15.46 -1.73 -8.41
C ASN A 88 -14.62 -1.19 -9.55
N LYS A 89 -13.46 -0.66 -9.20
CA LYS A 89 -12.56 -0.12 -10.21
C LYS A 89 -11.16 -0.67 -10.02
N THR A 90 -10.48 -0.98 -11.12
CA THR A 90 -9.13 -1.53 -11.04
C THR A 90 -8.12 -0.51 -11.54
N TYR A 91 -7.13 -0.23 -10.70
CA TYR A 91 -6.09 0.73 -11.04
C TYR A 91 -4.80 -0.01 -11.39
N THR A 92 -4.15 0.42 -12.47
CA THR A 92 -2.91 -0.21 -12.91
C THR A 92 -1.70 0.63 -12.52
N TYR A 93 -0.87 0.11 -11.63
CA TYR A 93 0.32 0.81 -11.18
C TYR A 93 1.59 0.09 -11.67
N GLU A 94 2.63 0.86 -11.95
CA GLU A 94 3.88 0.29 -12.42
C GLU A 94 5.03 0.80 -11.57
N ILE A 95 6.02 -0.06 -11.35
CA ILE A 95 7.16 0.35 -10.54
C ILE A 95 7.94 1.42 -11.26
N GLN A 96 8.05 2.56 -10.63
CA GLN A 96 8.80 3.69 -11.20
C GLN A 96 10.23 3.70 -10.67
N LYS A 97 10.37 3.83 -9.36
CA LYS A 97 11.70 3.86 -8.75
C LYS A 97 11.66 3.27 -7.36
N ILE A 98 12.70 2.51 -7.02
CA ILE A 98 12.76 1.88 -5.72
C ILE A 98 13.94 2.40 -4.92
N TRP A 99 13.71 2.68 -3.64
CA TRP A 99 14.78 3.18 -2.79
C TRP A 99 14.52 2.84 -1.31
N ILE A 100 15.45 3.24 -0.45
CA ILE A 100 15.32 2.99 0.98
C ILE A 100 15.52 4.27 1.78
N THR A 101 14.64 4.51 2.73
CA THR A 101 14.74 5.71 3.55
C THR A 101 14.28 5.42 4.99
N HIS A 102 14.69 6.28 5.92
CA HIS A 102 14.32 6.11 7.31
C HIS A 102 12.81 6.18 7.47
N ALA A 103 12.29 5.48 8.47
CA ALA A 103 10.86 5.46 8.73
C ALA A 103 10.35 6.85 9.08
N ASP A 104 11.28 7.80 9.19
CA ASP A 104 10.93 9.18 9.51
C ASP A 104 10.90 10.05 8.25
N ASP A 105 10.90 9.40 7.09
CA ASP A 105 10.88 10.11 5.82
C ASP A 105 9.44 10.50 5.45
N ARG A 106 9.07 11.73 5.78
CA ARG A 106 7.73 12.23 5.48
C ARG A 106 7.50 12.33 3.98
N THR A 107 8.61 12.35 3.24
CA THR A 107 8.55 12.45 1.79
C THR A 107 7.75 11.30 1.20
N VAL A 108 7.55 10.27 1.99
CA VAL A 108 6.79 9.12 1.55
C VAL A 108 5.36 9.18 2.08
N ILE A 109 5.13 10.04 3.05
CA ILE A 109 3.80 10.18 3.63
C ILE A 109 3.24 11.58 3.40
N ILE A 110 3.75 12.23 2.37
CA ILE A 110 3.30 13.58 2.02
C ILE A 110 2.04 13.53 1.17
N LYS A 111 1.73 14.64 0.50
CA LYS A 111 0.55 14.72 -0.35
C LYS A 111 0.95 14.68 -1.83
N LYS A 112 0.25 13.88 -2.62
CA LYS A 112 0.55 13.78 -4.04
C LYS A 112 -0.62 14.30 -4.86
N GLU A 113 -0.34 15.23 -5.76
CA GLU A 113 -1.39 15.79 -6.59
C GLU A 113 -1.74 14.82 -7.71
N GLU A 114 -1.29 13.57 -7.57
CA GLU A 114 -1.56 12.57 -8.60
C GLU A 114 -1.72 11.18 -7.98
N PRO A 115 -2.14 10.23 -8.77
CA PRO A 115 -2.33 8.82 -8.31
C PRO A 115 -1.03 8.05 -8.26
N ILE A 116 -0.41 8.11 -7.10
CA ILE A 116 0.86 7.43 -6.88
C ILE A 116 0.75 6.44 -5.72
N LEU A 117 1.26 5.24 -5.94
CA LEU A 117 1.21 4.20 -4.92
C LEU A 117 2.59 3.98 -4.32
N THR A 118 2.66 4.11 -3.01
CA THR A 118 3.92 3.93 -2.30
C THR A 118 3.81 2.80 -1.30
N LEU A 119 4.73 1.83 -1.37
CA LEU A 119 4.69 0.70 -0.46
C LEU A 119 5.97 0.62 0.37
N THR A 120 5.82 0.58 1.69
CA THR A 120 6.98 0.49 2.57
C THR A 120 7.02 -0.88 3.23
N THR A 121 8.17 -1.56 3.10
CA THR A 121 8.34 -2.90 3.66
C THR A 121 9.14 -2.86 4.96
N CYS A 122 8.61 -3.51 6.01
CA CYS A 122 9.30 -3.55 7.30
C CYS A 122 9.21 -4.96 7.91
N TYR A 123 9.98 -5.87 7.32
CA TYR A 123 10.02 -7.26 7.77
C TYR A 123 11.44 -7.66 8.23
N PRO A 124 12.46 -7.02 7.72
CA PRO A 124 13.87 -7.35 8.10
C PRO A 124 14.05 -7.48 9.61
N PHE A 125 13.94 -8.73 10.10
CA PHE A 125 14.10 -9.00 11.51
C PHE A 125 15.58 -8.99 11.89
N ASP A 126 16.43 -9.31 10.92
CA ASP A 126 17.87 -9.34 11.15
C ASP A 126 18.28 -8.17 12.06
N TYR A 127 17.51 -7.10 12.01
CA TYR A 127 17.79 -5.93 12.83
C TYR A 127 17.27 -6.13 14.25
N ILE A 128 17.77 -5.33 15.18
CA ILE A 128 17.34 -5.43 16.56
C ILE A 128 16.09 -4.57 16.79
N GLY A 129 14.92 -5.20 16.64
CA GLY A 129 13.67 -4.49 16.82
C GLY A 129 13.07 -4.05 15.48
N ASP A 130 12.78 -2.76 15.36
CA ASP A 130 12.20 -2.23 14.13
C ASP A 130 13.31 -1.77 13.18
N ALA A 131 13.41 -2.45 12.05
CA ALA A 131 14.43 -2.10 11.06
C ALA A 131 14.50 -0.58 10.87
N PRO A 132 15.57 0.05 11.30
CA PRO A 132 15.74 1.54 11.18
C PRO A 132 15.46 2.03 9.77
N ASP A 133 16.01 1.34 8.78
CA ASP A 133 15.78 1.72 7.39
C ASP A 133 14.67 0.87 6.79
N ARG A 134 13.66 1.52 6.25
CA ARG A 134 12.54 0.82 5.66
C ARG A 134 12.62 0.85 4.13
N TYR A 135 12.28 -0.27 3.50
CA TYR A 135 12.32 -0.35 2.05
C TYR A 135 11.02 0.20 1.47
N ILE A 136 11.13 1.12 0.51
CA ILE A 136 9.95 1.74 -0.08
C ILE A 136 9.89 1.57 -1.59
N ILE A 137 8.75 1.06 -2.05
CA ILE A 137 8.53 0.86 -3.47
C ILE A 137 7.57 1.91 -4.02
N GLU A 138 8.09 2.75 -4.90
CA GLU A 138 7.27 3.80 -5.51
C GLU A 138 6.71 3.34 -6.86
N ALA A 139 5.43 3.65 -7.09
CA ALA A 139 4.78 3.26 -8.35
C ALA A 139 3.73 4.29 -8.75
N LYS A 140 3.54 4.46 -10.06
CA LYS A 140 2.55 5.42 -10.55
C LYS A 140 1.44 4.73 -11.30
N LEU A 141 0.30 5.41 -11.44
CA LEU A 141 -0.82 4.82 -12.15
C LEU A 141 -0.61 4.87 -13.66
N THR A 142 -0.65 3.72 -14.30
CA THR A 142 -0.48 3.64 -15.74
C THR A 142 -1.83 3.54 -16.44
N GLY A 143 -2.75 2.77 -15.86
CA GLY A 143 -4.08 2.62 -16.44
C GLY A 143 -5.14 2.49 -15.35
N SER A 144 -6.40 2.69 -15.72
CA SER A 144 -7.49 2.58 -14.77
C SER A 144 -8.68 1.88 -15.40
N TYR A 145 -9.37 1.07 -14.61
CA TYR A 145 -10.52 0.33 -15.10
C TYR A 145 -11.72 0.52 -14.16
N SER A 146 -12.91 0.64 -14.73
CA SER A 146 -14.11 0.83 -13.94
C SER A 146 -15.24 -0.03 -14.49
N LYS A 147 -16.04 -0.59 -13.59
CA LYS A 147 -17.15 -1.44 -13.99
C LYS A 147 -18.29 -1.35 -12.98
N GLY A 1 -15.15 -5.09 22.97
CA GLY A 1 -16.28 -5.29 22.01
C GLY A 1 -15.93 -4.65 20.68
N SER A 2 -15.42 -3.42 20.73
CA SER A 2 -15.06 -2.71 19.51
C SER A 2 -16.25 -2.62 18.56
N HIS A 3 -15.99 -2.19 17.33
CA HIS A 3 -17.04 -2.07 16.34
C HIS A 3 -16.82 -3.05 15.20
N MET A 4 -17.92 -3.52 14.61
CA MET A 4 -17.84 -4.47 13.50
C MET A 4 -17.66 -3.73 12.18
N SER A 5 -17.62 -4.50 11.08
CA SER A 5 -17.46 -3.91 9.76
C SER A 5 -18.76 -3.29 9.27
N SER A 6 -19.58 -2.86 10.21
CA SER A 6 -20.87 -2.25 9.86
C SER A 6 -20.65 -0.96 9.05
N GLN A 7 -19.46 -0.38 9.19
CA GLN A 7 -19.13 0.83 8.47
C GLN A 7 -18.13 0.57 7.36
N THR A 8 -18.49 0.94 6.14
CA THR A 8 -17.62 0.72 4.99
C THR A 8 -17.20 2.05 4.38
N GLU A 9 -17.78 3.14 4.88
CA GLU A 9 -17.47 4.47 4.38
C GLU A 9 -15.96 4.67 4.29
N HIS A 10 -15.44 5.60 5.08
CA HIS A 10 -14.01 5.88 5.08
C HIS A 10 -13.39 5.47 6.41
N LYS A 11 -14.09 4.62 7.14
CA LYS A 11 -13.59 4.16 8.43
C LYS A 11 -12.32 3.34 8.26
N GLU A 12 -11.29 3.66 9.05
CA GLU A 12 -10.02 2.95 8.97
C GLU A 12 -10.18 1.52 9.49
N GLY A 13 -9.36 0.62 8.98
CA GLY A 13 -9.42 -0.77 9.39
C GLY A 13 -10.50 -1.52 8.61
N GLU A 14 -11.03 -0.89 7.56
CA GLU A 14 -12.07 -1.51 6.77
C GLU A 14 -11.59 -1.69 5.34
N LYS A 15 -11.84 -2.86 4.77
CA LYS A 15 -11.44 -3.15 3.40
C LYS A 15 -12.08 -2.16 2.45
N VAL A 16 -11.25 -1.39 1.76
CA VAL A 16 -11.75 -0.39 0.82
C VAL A 16 -11.28 -0.71 -0.61
N ALA A 17 -10.08 -1.24 -0.73
CA ALA A 17 -9.54 -1.58 -2.04
C ALA A 17 -8.81 -2.90 -2.00
N MET A 18 -8.56 -3.49 -3.17
CA MET A 18 -7.87 -4.77 -3.25
C MET A 18 -6.61 -4.63 -4.10
N LEU A 19 -5.55 -5.33 -3.70
CA LEU A 19 -4.30 -5.28 -4.44
C LEU A 19 -4.09 -6.59 -5.20
N ASN A 20 -3.91 -6.47 -6.52
CA ASN A 20 -3.70 -7.65 -7.36
C ASN A 20 -2.37 -7.57 -8.08
N ILE A 21 -1.57 -8.63 -7.96
CA ILE A 21 -0.27 -8.67 -8.61
C ILE A 21 -0.31 -9.59 -9.83
N PRO A 22 -0.11 -9.06 -11.01
CA PRO A 22 -0.14 -9.86 -12.26
C PRO A 22 1.12 -10.69 -12.48
N LYS A 23 2.27 -10.04 -12.35
CA LYS A 23 3.55 -10.73 -12.54
C LYS A 23 3.70 -11.87 -11.53
N LEU A 24 3.26 -11.63 -10.31
CA LEU A 24 3.35 -12.64 -9.26
C LEU A 24 2.02 -13.35 -9.07
N LYS A 25 1.05 -13.00 -9.90
CA LYS A 25 -0.27 -13.61 -9.82
C LYS A 25 -0.71 -13.73 -8.36
N LYS A 26 -0.43 -12.70 -7.58
CA LYS A 26 -0.80 -12.69 -6.17
C LYS A 26 -1.80 -11.57 -5.89
N LYS A 27 -2.66 -11.78 -4.90
CA LYS A 27 -3.66 -10.78 -4.56
C LYS A 27 -3.68 -10.52 -3.06
N PHE A 28 -4.00 -9.29 -2.67
CA PHE A 28 -4.05 -8.92 -1.27
C PHE A 28 -5.20 -7.96 -1.00
N SER A 29 -5.58 -7.84 0.27
CA SER A 29 -6.68 -6.95 0.65
C SER A 29 -6.16 -5.66 1.27
N ILE A 30 -6.51 -4.53 0.67
CA ILE A 30 -6.07 -3.23 1.17
C ILE A 30 -7.14 -2.64 2.08
N TYR A 31 -6.75 -2.31 3.31
CA TYR A 31 -7.67 -1.73 4.27
C TYR A 31 -7.37 -0.25 4.49
N TRP A 32 -8.42 0.55 4.66
CA TRP A 32 -8.26 1.98 4.88
C TRP A 32 -7.55 2.24 6.22
N GLY A 33 -6.54 3.11 6.19
CA GLY A 33 -5.80 3.44 7.40
C GLY A 33 -4.84 2.33 7.78
N ALA A 34 -3.83 2.69 8.57
CA ALA A 34 -2.85 1.70 9.00
C ALA A 34 -2.81 1.63 10.53
N ASP A 35 -3.79 0.96 11.12
CA ASP A 35 -3.85 0.84 12.57
C ASP A 35 -3.41 -0.56 13.01
N ASP A 36 -2.69 -0.62 14.13
CA ASP A 36 -2.22 -1.89 14.65
C ASP A 36 -3.38 -2.72 15.18
N ALA A 37 -4.56 -2.11 15.25
CA ALA A 37 -5.74 -2.80 15.75
C ALA A 37 -6.08 -3.98 14.84
N THR A 38 -5.87 -3.82 13.54
CA THR A 38 -6.16 -4.89 12.60
C THR A 38 -5.20 -6.05 12.80
N LEU A 39 -5.71 -7.12 13.42
CA LEU A 39 -4.88 -8.30 13.67
C LEU A 39 -4.43 -8.93 12.36
N LYS A 40 -5.33 -8.99 11.39
CA LYS A 40 -5.00 -9.57 10.09
C LYS A 40 -3.89 -8.78 9.41
N LYS A 41 -3.96 -7.45 9.52
CA LYS A 41 -2.95 -6.60 8.91
C LYS A 41 -2.56 -7.12 7.54
N GLY A 42 -1.29 -6.98 7.19
CA GLY A 42 -0.79 -7.45 5.90
C GLY A 42 -0.64 -6.28 4.92
N VAL A 43 -1.68 -5.46 4.81
CA VAL A 43 -1.64 -4.31 3.92
C VAL A 43 -2.61 -3.24 4.39
N GLY A 44 -2.07 -2.15 4.93
CA GLY A 44 -2.90 -1.06 5.42
C GLY A 44 -2.65 0.21 4.62
N MET A 45 -3.71 0.95 4.34
CA MET A 45 -3.58 2.20 3.58
C MET A 45 -3.39 3.38 4.52
N PHE A 46 -2.48 4.28 4.16
CA PHE A 46 -2.21 5.45 4.98
C PHE A 46 -3.31 6.49 4.83
N VAL A 47 -3.63 7.17 5.93
CA VAL A 47 -4.66 8.19 5.91
C VAL A 47 -4.16 9.46 6.58
N SER A 48 -4.15 10.56 5.82
CA SER A 48 -3.70 11.84 6.35
C SER A 48 -3.99 12.96 5.35
N ASP A 49 -3.72 14.20 5.77
CA ASP A 49 -3.95 15.35 4.91
C ASP A 49 -3.09 15.26 3.66
N VAL A 50 -1.86 14.81 3.81
CA VAL A 50 -0.95 14.69 2.68
C VAL A 50 -1.16 13.37 1.95
N THR A 51 -1.70 12.39 2.67
CA THR A 51 -1.95 11.07 2.08
C THR A 51 -3.37 10.99 1.54
N THR A 52 -3.53 10.27 0.43
CA THR A 52 -4.83 10.12 -0.19
C THR A 52 -5.05 8.68 -0.67
N THR A 53 -6.26 8.39 -1.11
CA THR A 53 -6.58 7.04 -1.60
C THR A 53 -6.61 7.02 -3.12
N PRO A 54 -6.26 5.92 -3.71
CA PRO A 54 -6.24 5.77 -5.20
C PRO A 54 -7.64 5.68 -5.80
N SER A 55 -8.25 6.85 -6.01
CA SER A 55 -9.59 6.90 -6.59
C SER A 55 -9.62 7.82 -7.80
N GLY A 56 -8.47 8.43 -8.09
CA GLY A 56 -8.38 9.34 -9.23
C GLY A 56 -7.31 10.40 -8.99
N GLY A 57 -6.06 9.95 -8.87
CA GLY A 57 -4.95 10.87 -8.64
C GLY A 57 -4.83 11.23 -7.15
N GLY A 58 -3.85 10.64 -6.48
CA GLY A 58 -3.64 10.89 -5.06
C GLY A 58 -2.43 10.12 -4.55
N HIS A 59 -1.84 10.63 -3.47
CA HIS A 59 -0.68 9.96 -2.88
C HIS A 59 -1.14 8.78 -2.04
N THR A 60 -0.96 7.58 -2.57
CA THR A 60 -1.38 6.37 -1.87
C THR A 60 -0.18 5.72 -1.18
N VAL A 61 -0.20 5.70 0.14
CA VAL A 61 0.89 5.09 0.90
C VAL A 61 0.41 3.82 1.58
N LEU A 62 1.16 2.74 1.36
CA LEU A 62 0.80 1.45 1.94
C LEU A 62 1.89 0.96 2.88
N SER A 63 1.48 0.12 3.83
CA SER A 63 2.44 -0.41 4.80
C SER A 63 2.21 -1.89 5.06
N GLY A 64 3.29 -2.61 5.36
CA GLY A 64 3.19 -4.04 5.62
C GLY A 64 4.44 -4.57 6.33
N HIS A 65 4.36 -5.80 6.82
CA HIS A 65 5.49 -6.41 7.51
C HIS A 65 6.23 -7.37 6.59
N ARG A 66 7.56 -7.34 6.65
CA ARG A 66 8.36 -8.22 5.81
C ARG A 66 8.00 -9.68 6.06
N ASP A 67 7.77 -10.42 4.98
CA ASP A 67 7.41 -11.83 5.11
C ASP A 67 8.39 -12.69 4.32
N THR A 68 8.00 -13.94 4.05
CA THR A 68 8.85 -14.85 3.30
C THR A 68 8.06 -15.49 2.17
N VAL A 69 7.43 -14.66 1.35
CA VAL A 69 6.65 -15.14 0.22
C VAL A 69 7.56 -15.85 -0.79
N PHE A 70 8.74 -15.29 -0.99
CA PHE A 70 9.70 -15.86 -1.94
C PHE A 70 9.48 -15.28 -3.33
N THR A 71 8.69 -14.22 -3.40
CA THR A 71 8.40 -13.57 -4.67
C THR A 71 9.10 -12.21 -4.75
N ASP A 72 10.16 -12.05 -3.97
CA ASP A 72 10.91 -10.79 -3.95
C ASP A 72 11.51 -10.52 -5.32
N LEU A 73 11.89 -11.58 -6.03
CA LEU A 73 12.47 -11.45 -7.35
C LEU A 73 11.49 -10.77 -8.31
N GLY A 74 10.20 -11.05 -8.13
CA GLY A 74 9.18 -10.47 -8.99
C GLY A 74 8.75 -9.09 -8.47
N GLN A 75 8.91 -8.88 -7.17
CA GLN A 75 8.55 -7.60 -6.57
C GLN A 75 9.51 -6.50 -6.99
N LEU A 76 10.80 -6.82 -7.03
CA LEU A 76 11.81 -5.86 -7.42
C LEU A 76 12.05 -5.88 -8.92
N LYS A 77 11.32 -5.04 -9.64
CA LYS A 77 11.45 -4.97 -11.09
C LYS A 77 10.51 -3.90 -11.65
N GLU A 78 11.03 -3.09 -12.57
CA GLU A 78 10.23 -2.03 -13.19
C GLU A 78 9.22 -2.62 -14.15
N LYS A 79 9.38 -3.90 -14.45
CA LYS A 79 8.47 -4.57 -15.36
C LYS A 79 7.21 -5.00 -14.61
N ASP A 80 7.28 -5.00 -13.28
CA ASP A 80 6.13 -5.38 -12.46
C ASP A 80 5.01 -4.36 -12.60
N THR A 81 3.76 -4.79 -12.40
CA THR A 81 2.62 -3.90 -12.51
C THR A 81 1.60 -4.23 -11.43
N LEU A 82 1.37 -3.28 -10.55
CA LEU A 82 0.41 -3.48 -9.47
C LEU A 82 -0.97 -2.97 -9.86
N VAL A 83 -1.98 -3.81 -9.68
CA VAL A 83 -3.34 -3.42 -10.02
C VAL A 83 -4.18 -3.26 -8.77
N LEU A 84 -4.75 -2.07 -8.60
CA LEU A 84 -5.57 -1.79 -7.43
C LEU A 84 -7.04 -1.66 -7.80
N GLU A 85 -7.90 -2.26 -6.99
CA GLU A 85 -9.33 -2.19 -7.23
C GLU A 85 -9.98 -1.18 -6.30
N TYR A 86 -10.69 -0.21 -6.90
CA TYR A 86 -11.35 0.83 -6.11
C TYR A 86 -12.66 1.24 -6.77
N ASP A 87 -13.67 1.52 -5.96
CA ASP A 87 -14.97 1.93 -6.48
C ASP A 87 -15.31 1.18 -7.76
N ASN A 88 -15.25 -0.14 -7.70
CA ASN A 88 -15.56 -0.98 -8.86
C ASN A 88 -14.70 -0.58 -10.04
N LYS A 89 -13.52 -0.02 -9.75
CA LYS A 89 -12.61 0.39 -10.81
C LYS A 89 -11.24 -0.25 -10.60
N THR A 90 -10.57 -0.58 -11.70
CA THR A 90 -9.26 -1.21 -11.62
C THR A 90 -8.17 -0.22 -12.04
N TYR A 91 -7.21 0.00 -11.16
CA TYR A 91 -6.11 0.92 -11.47
C TYR A 91 -4.84 0.15 -11.78
N THR A 92 -4.18 0.51 -12.88
CA THR A 92 -2.95 -0.17 -13.28
C THR A 92 -1.73 0.64 -12.91
N TYR A 93 -0.93 0.12 -11.98
CA TYR A 93 0.28 0.79 -11.54
C TYR A 93 1.52 0.05 -12.03
N GLU A 94 2.61 0.78 -12.20
CA GLU A 94 3.85 0.19 -12.67
C GLU A 94 4.99 0.54 -11.73
N ILE A 95 5.84 -0.44 -11.42
CA ILE A 95 6.96 -0.20 -10.53
C ILE A 95 7.96 0.75 -11.17
N GLN A 96 8.17 1.90 -10.52
CA GLN A 96 9.11 2.89 -11.03
C GLN A 96 10.51 2.63 -10.50
N LYS A 97 10.67 2.75 -9.17
CA LYS A 97 11.97 2.53 -8.55
C LYS A 97 11.79 1.94 -7.16
N ILE A 98 12.70 1.03 -6.80
CA ILE A 98 12.63 0.40 -5.48
C ILE A 98 13.88 0.72 -4.68
N TRP A 99 13.69 1.14 -3.42
CA TRP A 99 14.81 1.46 -2.56
C TRP A 99 14.43 1.29 -1.09
N ILE A 100 15.33 1.67 -0.19
CA ILE A 100 15.08 1.55 1.23
C ILE A 100 15.45 2.86 1.94
N THR A 101 14.55 3.34 2.79
CA THR A 101 14.78 4.58 3.51
C THR A 101 14.48 4.40 5.00
N HIS A 102 14.76 5.44 5.79
CA HIS A 102 14.51 5.38 7.22
C HIS A 102 13.02 5.55 7.51
N ALA A 103 12.57 4.99 8.63
CA ALA A 103 11.17 5.08 9.01
C ALA A 103 10.77 6.53 9.24
N ASP A 104 11.75 7.36 9.58
CA ASP A 104 11.48 8.77 9.83
C ASP A 104 11.53 9.57 8.52
N ASP A 105 11.57 8.85 7.41
CA ASP A 105 11.62 9.50 6.09
C ASP A 105 10.22 9.90 5.66
N ARG A 106 9.82 11.12 6.01
CA ARG A 106 8.50 11.63 5.65
C ARG A 106 8.42 11.85 4.14
N THR A 107 9.58 12.00 3.51
CA THR A 107 9.64 12.22 2.06
C THR A 107 8.76 11.20 1.34
N VAL A 108 8.31 10.19 2.07
CA VAL A 108 7.47 9.15 1.50
C VAL A 108 6.06 9.23 2.05
N ILE A 109 5.87 10.03 3.08
CA ILE A 109 4.56 10.18 3.70
C ILE A 109 3.99 11.59 3.46
N ILE A 110 4.66 12.33 2.59
CA ILE A 110 4.22 13.68 2.27
C ILE A 110 3.08 13.67 1.25
N LYS A 111 2.81 14.82 0.65
CA LYS A 111 1.75 14.92 -0.35
C LYS A 111 2.31 14.82 -1.77
N LYS A 112 1.44 14.47 -2.71
CA LYS A 112 1.86 14.35 -4.10
C LYS A 112 0.95 15.19 -5.00
N GLU A 113 1.07 14.98 -6.30
CA GLU A 113 0.26 15.72 -7.26
C GLU A 113 -0.25 14.79 -8.36
N GLU A 114 -0.19 13.50 -8.11
CA GLU A 114 -0.64 12.51 -9.08
C GLU A 114 -0.87 11.16 -8.42
N PRO A 115 -1.48 10.26 -9.14
CA PRO A 115 -1.78 8.88 -8.63
C PRO A 115 -0.51 8.04 -8.47
N ILE A 116 0.07 8.13 -7.28
CA ILE A 116 1.30 7.38 -6.98
C ILE A 116 1.10 6.46 -5.78
N LEU A 117 1.55 5.22 -5.93
CA LEU A 117 1.42 4.25 -4.84
C LEU A 117 2.79 3.95 -4.23
N THR A 118 2.88 4.16 -2.93
CA THR A 118 4.14 3.91 -2.21
C THR A 118 3.91 2.90 -1.09
N LEU A 119 4.73 1.86 -1.06
CA LEU A 119 4.61 0.83 -0.03
C LEU A 119 5.79 0.86 0.93
N THR A 120 5.49 0.95 2.23
CA THR A 120 6.54 0.98 3.24
C THR A 120 6.37 -0.18 4.21
N THR A 121 7.27 -1.16 4.12
CA THR A 121 7.20 -2.32 4.99
C THR A 121 8.57 -2.69 5.54
N CYS A 122 8.60 -3.68 6.42
CA CYS A 122 9.86 -4.11 7.02
C CYS A 122 9.61 -4.76 8.38
N TYR A 123 9.25 -3.93 9.36
CA TYR A 123 8.99 -4.43 10.70
C TYR A 123 9.77 -5.72 10.97
N PRO A 124 11.07 -5.62 11.02
CA PRO A 124 11.96 -6.78 11.27
C PRO A 124 12.13 -7.08 12.76
N PHE A 125 13.14 -7.86 13.09
CA PHE A 125 13.41 -8.20 14.48
C PHE A 125 13.78 -6.97 15.28
N ASP A 126 14.44 -6.02 14.62
CA ASP A 126 14.85 -4.79 15.28
C ASP A 126 13.76 -3.72 15.16
N TYR A 127 12.53 -4.16 14.89
CA TYR A 127 11.42 -3.25 14.75
C TYR A 127 11.23 -2.42 16.01
N ILE A 128 11.25 -3.08 17.17
CA ILE A 128 11.07 -2.40 18.45
C ILE A 128 10.85 -0.91 18.24
N GLY A 129 9.59 -0.53 18.06
CA GLY A 129 9.25 0.87 17.84
C GLY A 129 9.00 1.14 16.36
N ASP A 130 10.05 1.53 15.64
CA ASP A 130 9.94 1.83 14.23
C ASP A 130 11.15 1.31 13.46
N ALA A 131 10.92 0.27 12.65
CA ALA A 131 12.00 -0.32 11.87
C ALA A 131 12.95 0.77 11.36
N PRO A 132 14.20 0.71 11.75
CA PRO A 132 15.23 1.72 11.31
C PRO A 132 15.19 1.94 9.80
N ASP A 133 15.03 0.86 9.04
CA ASP A 133 14.98 0.96 7.59
C ASP A 133 13.72 0.27 7.05
N ARG A 134 12.94 1.00 6.27
CA ARG A 134 11.72 0.44 5.71
C ARG A 134 11.83 0.33 4.18
N TYR A 135 11.30 -0.76 3.64
CA TYR A 135 11.34 -0.97 2.19
C TYR A 135 10.34 -0.07 1.50
N ILE A 136 10.80 0.69 0.50
CA ILE A 136 9.92 1.60 -0.21
C ILE A 136 9.68 1.17 -1.66
N ILE A 137 8.43 0.87 -1.99
CA ILE A 137 8.10 0.47 -3.35
C ILE A 137 7.33 1.60 -4.03
N GLU A 138 7.99 2.28 -4.96
CA GLU A 138 7.37 3.38 -5.68
C GLU A 138 6.74 2.90 -6.97
N ALA A 139 5.50 3.32 -7.22
CA ALA A 139 4.79 2.92 -8.42
C ALA A 139 3.88 4.04 -8.92
N LYS A 140 3.76 4.16 -10.24
CA LYS A 140 2.90 5.19 -10.83
C LYS A 140 1.77 4.56 -11.62
N LEU A 141 0.65 5.29 -11.72
CA LEU A 141 -0.50 4.79 -12.45
C LEU A 141 -0.28 4.96 -13.95
N THR A 142 -0.35 3.85 -14.68
CA THR A 142 -0.16 3.88 -16.13
C THR A 142 -1.50 3.71 -16.85
N GLY A 143 -2.33 2.81 -16.35
CA GLY A 143 -3.62 2.55 -16.95
C GLY A 143 -4.70 2.43 -15.89
N SER A 144 -5.95 2.67 -16.29
CA SER A 144 -7.07 2.59 -15.35
C SER A 144 -8.26 1.91 -16.01
N TYR A 145 -9.08 1.24 -15.19
CA TYR A 145 -10.26 0.56 -15.71
C TYR A 145 -11.47 0.84 -14.83
N SER A 146 -12.66 0.82 -15.43
CA SER A 146 -13.89 1.08 -14.68
C SER A 146 -15.00 0.14 -15.16
N LYS A 147 -15.71 -0.43 -14.20
CA LYS A 147 -16.80 -1.34 -14.52
C LYS A 147 -17.95 -0.59 -15.21
N GLY A 1 -26.84 3.06 14.09
CA GLY A 1 -28.24 2.60 14.32
C GLY A 1 -28.85 2.15 12.99
N SER A 2 -29.56 1.02 13.03
CA SER A 2 -30.20 0.49 11.83
C SER A 2 -29.20 -0.35 11.03
N HIS A 3 -29.65 -1.53 10.61
CA HIS A 3 -28.80 -2.43 9.84
C HIS A 3 -28.53 -1.87 8.45
N MET A 4 -29.47 -1.05 7.96
CA MET A 4 -29.33 -0.45 6.63
C MET A 4 -28.07 0.41 6.57
N SER A 5 -27.79 1.11 7.66
CA SER A 5 -26.61 1.98 7.71
C SER A 5 -25.34 1.16 7.52
N SER A 6 -24.26 1.84 7.12
CA SER A 6 -22.98 1.18 6.89
C SER A 6 -22.43 0.60 8.19
N GLN A 7 -21.57 -0.41 8.06
CA GLN A 7 -20.98 -1.03 9.23
C GLN A 7 -19.88 -0.15 9.83
N THR A 8 -18.72 -0.17 9.20
CA THR A 8 -17.59 0.63 9.68
C THR A 8 -16.84 1.25 8.50
N GLU A 9 -16.21 2.40 8.75
CA GLU A 9 -15.45 3.09 7.71
C GLU A 9 -14.42 3.99 8.34
N HIS A 10 -13.34 4.23 7.61
CA HIS A 10 -12.27 5.08 8.09
C HIS A 10 -11.55 4.43 9.26
N LYS A 11 -12.12 3.34 9.76
CA LYS A 11 -11.51 2.62 10.88
C LYS A 11 -10.29 1.86 10.40
N GLU A 12 -9.17 2.06 11.08
CA GLU A 12 -7.93 1.38 10.70
C GLU A 12 -8.07 -0.12 10.96
N GLY A 13 -7.84 -0.93 9.94
CA GLY A 13 -7.94 -2.37 10.07
C GLY A 13 -9.09 -2.92 9.26
N GLU A 14 -9.90 -2.03 8.71
CA GLU A 14 -11.04 -2.44 7.91
C GLU A 14 -10.67 -2.45 6.44
N LYS A 15 -11.04 -3.52 5.76
CA LYS A 15 -10.73 -3.65 4.34
C LYS A 15 -11.32 -2.49 3.56
N VAL A 16 -10.47 -1.76 2.87
CA VAL A 16 -10.92 -0.61 2.08
C VAL A 16 -10.53 -0.77 0.61
N ALA A 17 -9.38 -1.38 0.37
CA ALA A 17 -8.90 -1.58 -1.00
C ALA A 17 -8.22 -2.94 -1.13
N MET A 18 -8.16 -3.45 -2.35
CA MET A 18 -7.53 -4.74 -2.59
C MET A 18 -6.39 -4.59 -3.60
N LEU A 19 -5.30 -5.30 -3.34
CA LEU A 19 -4.14 -5.24 -4.22
C LEU A 19 -4.04 -6.52 -5.05
N ASN A 20 -3.88 -6.35 -6.36
CA ASN A 20 -3.76 -7.49 -7.25
C ASN A 20 -2.45 -7.44 -8.03
N ILE A 21 -1.76 -8.58 -8.08
CA ILE A 21 -0.49 -8.66 -8.79
C ILE A 21 -0.60 -9.59 -9.99
N PRO A 22 -0.50 -9.06 -11.19
CA PRO A 22 -0.61 -9.87 -12.43
C PRO A 22 0.67 -10.65 -12.73
N LYS A 23 1.82 -9.99 -12.56
CA LYS A 23 3.10 -10.62 -12.81
C LYS A 23 3.32 -11.81 -11.88
N LEU A 24 2.88 -11.66 -10.63
CA LEU A 24 3.03 -12.73 -9.65
C LEU A 24 1.72 -13.48 -9.45
N LYS A 25 0.72 -13.11 -10.23
CA LYS A 25 -0.58 -13.76 -10.13
C LYS A 25 -0.98 -13.94 -8.68
N LYS A 26 -0.87 -12.87 -7.90
CA LYS A 26 -1.22 -12.90 -6.48
C LYS A 26 -2.05 -11.69 -6.10
N LYS A 27 -2.90 -11.85 -5.09
CA LYS A 27 -3.73 -10.75 -4.64
C LYS A 27 -3.63 -10.58 -3.12
N PHE A 28 -3.66 -9.33 -2.68
CA PHE A 28 -3.57 -9.02 -1.26
C PHE A 28 -4.67 -8.05 -0.84
N SER A 29 -5.17 -8.23 0.38
CA SER A 29 -6.22 -7.35 0.89
C SER A 29 -5.63 -6.20 1.70
N ILE A 30 -5.78 -4.99 1.19
CA ILE A 30 -5.26 -3.81 1.89
C ILE A 30 -6.30 -3.26 2.84
N TYR A 31 -5.93 -3.14 4.11
CA TYR A 31 -6.85 -2.63 5.12
C TYR A 31 -6.47 -1.20 5.53
N TRP A 32 -7.46 -0.42 5.91
CA TRP A 32 -7.21 0.97 6.31
C TRP A 32 -6.25 1.03 7.50
N GLY A 33 -5.24 1.89 7.39
CA GLY A 33 -4.26 2.03 8.45
C GLY A 33 -3.29 0.87 8.45
N ALA A 34 -2.15 1.06 9.11
CA ALA A 34 -1.16 0.02 9.19
C ALA A 34 -0.78 -0.24 10.65
N ASP A 35 -1.04 -1.45 11.12
CA ASP A 35 -0.73 -1.81 12.50
C ASP A 35 0.65 -2.46 12.59
N ASP A 36 1.56 -1.81 13.31
CA ASP A 36 2.91 -2.34 13.46
C ASP A 36 2.98 -3.28 14.66
N ALA A 37 1.87 -3.41 15.39
CA ALA A 37 1.81 -4.28 16.55
C ALA A 37 1.50 -5.71 16.14
N THR A 38 0.36 -5.90 15.48
CA THR A 38 -0.05 -7.23 15.05
C THR A 38 0.53 -7.55 13.67
N LEU A 39 1.08 -8.76 13.55
CA LEU A 39 1.67 -9.19 12.30
C LEU A 39 0.69 -10.05 11.51
N LYS A 40 -0.50 -10.25 12.06
CA LYS A 40 -1.52 -11.06 11.40
C LYS A 40 -1.92 -10.43 10.06
N LYS A 41 -2.08 -9.11 10.05
CA LYS A 41 -2.46 -8.42 8.82
C LYS A 41 -1.21 -7.97 8.06
N GLY A 42 -0.54 -6.96 8.60
CA GLY A 42 0.66 -6.43 7.96
C GLY A 42 0.32 -5.53 6.77
N VAL A 43 -0.53 -6.03 5.88
CA VAL A 43 -0.94 -5.25 4.72
C VAL A 43 -1.97 -4.20 5.11
N GLY A 44 -1.50 -2.98 5.34
CA GLY A 44 -2.38 -1.89 5.72
C GLY A 44 -2.01 -0.61 4.98
N MET A 45 -2.97 0.31 4.88
CA MET A 45 -2.73 1.58 4.21
C MET A 45 -2.34 2.65 5.22
N PHE A 46 -1.39 3.49 4.84
CA PHE A 46 -0.93 4.55 5.72
C PHE A 46 -2.02 5.59 5.92
N VAL A 47 -2.19 6.02 7.18
CA VAL A 47 -3.18 7.02 7.50
C VAL A 47 -2.53 8.31 8.01
N SER A 48 -2.69 9.39 7.26
CA SER A 48 -2.11 10.67 7.65
C SER A 48 -2.80 11.81 6.91
N ASP A 49 -2.55 13.03 7.36
CA ASP A 49 -3.16 14.20 6.73
C ASP A 49 -2.61 14.40 5.32
N VAL A 50 -1.67 13.53 4.94
CA VAL A 50 -1.06 13.62 3.61
C VAL A 50 -1.32 12.35 2.81
N THR A 51 -1.44 11.22 3.51
CA THR A 51 -1.68 9.94 2.85
C THR A 51 -3.16 9.78 2.49
N THR A 52 -3.42 9.17 1.34
CA THR A 52 -4.79 8.97 0.90
C THR A 52 -4.89 7.66 0.11
N THR A 53 -6.12 7.22 -0.14
CA THR A 53 -6.34 5.98 -0.88
C THR A 53 -6.43 6.27 -2.38
N PRO A 54 -6.21 5.27 -3.18
CA PRO A 54 -6.27 5.39 -4.66
C PRO A 54 -7.69 5.49 -5.18
N SER A 55 -8.26 6.69 -5.15
CA SER A 55 -9.62 6.91 -5.61
C SER A 55 -9.62 7.77 -6.87
N GLY A 56 -8.43 8.22 -7.27
CA GLY A 56 -8.32 9.05 -8.46
C GLY A 56 -7.33 10.19 -8.24
N GLY A 57 -6.07 9.95 -8.58
CA GLY A 57 -5.05 10.98 -8.41
C GLY A 57 -4.83 11.29 -6.94
N GLY A 58 -4.10 10.41 -6.25
CA GLY A 58 -3.83 10.59 -4.84
C GLY A 58 -2.60 9.81 -4.41
N HIS A 59 -2.05 10.16 -3.26
CA HIS A 59 -0.87 9.48 -2.74
C HIS A 59 -1.29 8.20 -2.02
N THR A 60 -0.85 7.06 -2.53
CA THR A 60 -1.19 5.79 -1.91
C THR A 60 0.05 5.16 -1.29
N VAL A 61 -0.02 4.85 0.00
CA VAL A 61 1.11 4.23 0.68
C VAL A 61 0.73 2.85 1.20
N LEU A 62 1.56 1.86 0.88
CA LEU A 62 1.31 0.50 1.32
C LEU A 62 2.34 0.07 2.35
N SER A 63 1.86 -0.64 3.38
CA SER A 63 2.73 -1.10 4.45
C SER A 63 2.69 -2.61 4.59
N GLY A 64 3.87 -3.22 4.70
CA GLY A 64 3.97 -4.67 4.85
C GLY A 64 5.24 -5.07 5.58
N HIS A 65 5.08 -5.58 6.80
CA HIS A 65 6.23 -5.99 7.59
C HIS A 65 6.98 -7.12 6.88
N ARG A 66 8.28 -7.20 7.13
CA ARG A 66 9.12 -8.23 6.51
C ARG A 66 8.27 -9.45 6.14
N ASP A 67 7.92 -9.54 4.86
CA ASP A 67 7.12 -10.66 4.38
C ASP A 67 7.97 -11.61 3.54
N THR A 68 8.23 -12.80 4.06
CA THR A 68 9.03 -13.78 3.34
C THR A 68 8.12 -14.81 2.67
N VAL A 69 8.06 -14.75 1.34
CA VAL A 69 7.22 -15.67 0.58
C VAL A 69 7.84 -15.96 -0.79
N PHE A 70 9.07 -15.50 -0.99
CA PHE A 70 9.75 -15.70 -2.25
C PHE A 70 9.03 -14.95 -3.38
N THR A 71 8.81 -13.66 -3.16
CA THR A 71 8.13 -12.85 -4.17
C THR A 71 8.82 -11.49 -4.31
N ASP A 72 9.86 -11.27 -3.51
CA ASP A 72 10.59 -10.01 -3.55
C ASP A 72 11.21 -9.79 -4.93
N LEU A 73 11.65 -10.89 -5.56
CA LEU A 73 12.29 -10.79 -6.86
C LEU A 73 11.32 -10.21 -7.89
N GLY A 74 10.09 -10.68 -7.88
CA GLY A 74 9.08 -10.20 -8.81
C GLY A 74 8.58 -8.81 -8.41
N GLN A 75 8.58 -8.55 -7.11
CA GLN A 75 8.11 -7.27 -6.59
C GLN A 75 9.02 -6.14 -7.05
N LEU A 76 10.33 -6.37 -7.02
CA LEU A 76 11.29 -5.36 -7.42
C LEU A 76 11.64 -5.50 -8.90
N LYS A 77 11.04 -4.64 -9.72
CA LYS A 77 11.30 -4.66 -11.16
C LYS A 77 10.33 -3.73 -11.88
N GLU A 78 10.86 -2.94 -12.81
CA GLU A 78 10.05 -2.01 -13.59
C GLU A 78 9.10 -2.76 -14.50
N LYS A 79 9.38 -4.04 -14.68
CA LYS A 79 8.56 -4.88 -15.53
C LYS A 79 7.32 -5.33 -14.77
N ASP A 80 7.34 -5.17 -13.45
CA ASP A 80 6.20 -5.57 -12.61
C ASP A 80 5.10 -4.51 -12.65
N THR A 81 3.88 -4.92 -12.34
CA THR A 81 2.74 -4.03 -12.34
C THR A 81 1.87 -4.30 -11.13
N LEU A 82 1.26 -3.25 -10.62
CA LEU A 82 0.40 -3.40 -9.46
C LEU A 82 -0.99 -2.89 -9.78
N VAL A 83 -2.01 -3.72 -9.55
CA VAL A 83 -3.37 -3.31 -9.83
C VAL A 83 -4.15 -3.19 -8.53
N LEU A 84 -4.75 -2.01 -8.33
CA LEU A 84 -5.50 -1.75 -7.11
C LEU A 84 -6.98 -1.64 -7.39
N GLU A 85 -7.78 -2.23 -6.51
CA GLU A 85 -9.23 -2.18 -6.65
C GLU A 85 -9.83 -1.25 -5.60
N TYR A 86 -10.44 -0.17 -6.07
CA TYR A 86 -11.03 0.81 -5.18
C TYR A 86 -12.34 1.35 -5.77
N ASP A 87 -13.42 1.25 -5.00
CA ASP A 87 -14.71 1.75 -5.46
C ASP A 87 -15.17 1.03 -6.73
N ASN A 88 -15.02 -0.29 -6.74
CA ASN A 88 -15.42 -1.09 -7.88
C ASN A 88 -14.59 -0.73 -9.10
N LYS A 89 -13.57 0.10 -8.90
CA LYS A 89 -12.70 0.51 -9.98
C LYS A 89 -11.34 -0.15 -9.86
N THR A 90 -10.74 -0.48 -10.99
CA THR A 90 -9.43 -1.12 -10.98
C THR A 90 -8.35 -0.17 -11.52
N TYR A 91 -7.36 0.11 -10.69
CA TYR A 91 -6.27 1.00 -11.08
C TYR A 91 -5.06 0.19 -11.51
N THR A 92 -4.35 0.68 -12.52
CA THR A 92 -3.18 -0.02 -13.02
C THR A 92 -1.90 0.77 -12.71
N TYR A 93 -1.10 0.23 -11.81
CA TYR A 93 0.16 0.87 -11.42
C TYR A 93 1.35 0.09 -11.98
N GLU A 94 2.47 0.79 -12.15
CA GLU A 94 3.68 0.16 -12.67
C GLU A 94 4.89 0.52 -11.82
N ILE A 95 5.78 -0.44 -11.59
CA ILE A 95 6.96 -0.17 -10.79
C ILE A 95 7.89 0.80 -11.52
N GLN A 96 8.14 1.94 -10.88
CA GLN A 96 9.01 2.95 -11.48
C GLN A 96 10.45 2.77 -11.02
N LYS A 97 10.69 2.95 -9.73
CA LYS A 97 12.02 2.80 -9.17
C LYS A 97 11.96 2.21 -7.78
N ILE A 98 12.86 1.29 -7.50
CA ILE A 98 12.88 0.65 -6.19
C ILE A 98 14.14 1.02 -5.42
N TRP A 99 13.96 1.43 -4.18
CA TRP A 99 15.09 1.82 -3.34
C TRP A 99 14.78 1.61 -1.86
N ILE A 100 15.73 1.97 -1.01
CA ILE A 100 15.55 1.82 0.43
C ILE A 100 15.77 3.15 1.14
N THR A 101 14.85 3.50 2.03
CA THR A 101 14.96 4.77 2.76
C THR A 101 14.72 4.56 4.25
N HIS A 102 15.05 5.57 5.05
CA HIS A 102 14.86 5.49 6.49
C HIS A 102 13.38 5.50 6.83
N ALA A 103 13.06 4.99 8.02
CA ALA A 103 11.67 4.94 8.46
C ALA A 103 11.15 6.34 8.78
N ASP A 104 12.07 7.28 8.93
CA ASP A 104 11.71 8.66 9.24
C ASP A 104 11.67 9.51 7.97
N ASP A 105 11.79 8.86 6.82
CA ASP A 105 11.78 9.57 5.54
C ASP A 105 10.35 9.93 5.15
N ARG A 106 9.90 11.09 5.63
CA ARG A 106 8.55 11.55 5.31
C ARG A 106 8.42 11.85 3.82
N THR A 107 9.52 12.28 3.22
CA THR A 107 9.53 12.61 1.80
C THR A 107 8.79 11.54 1.00
N VAL A 108 8.60 10.38 1.63
CA VAL A 108 7.90 9.28 0.99
C VAL A 108 6.50 9.10 1.55
N ILE A 109 6.26 9.70 2.72
CA ILE A 109 4.95 9.60 3.36
C ILE A 109 4.22 10.92 3.34
N ILE A 110 4.63 11.80 2.43
CA ILE A 110 4.00 13.11 2.28
C ILE A 110 2.80 13.04 1.35
N LYS A 111 2.34 14.20 0.90
CA LYS A 111 1.19 14.27 0.00
C LYS A 111 1.64 14.39 -1.46
N LYS A 112 0.82 13.89 -2.37
CA LYS A 112 1.13 13.95 -3.79
C LYS A 112 -0.10 14.36 -4.59
N GLU A 113 0.09 15.31 -5.53
CA GLU A 113 -1.02 15.75 -6.35
C GLU A 113 -1.21 14.81 -7.53
N GLU A 114 -0.60 13.64 -7.45
CA GLU A 114 -0.72 12.65 -8.52
C GLU A 114 -0.95 11.25 -7.94
N PRO A 115 -1.47 10.36 -8.75
CA PRO A 115 -1.74 8.95 -8.34
C PRO A 115 -0.48 8.11 -8.30
N ILE A 116 0.12 8.05 -7.12
CA ILE A 116 1.35 7.30 -6.92
C ILE A 116 1.21 6.29 -5.80
N LEU A 117 1.73 5.09 -6.02
CA LEU A 117 1.66 4.04 -5.01
C LEU A 117 3.05 3.77 -4.43
N THR A 118 3.18 4.00 -3.13
CA THR A 118 4.44 3.78 -2.45
C THR A 118 4.31 2.64 -1.45
N LEU A 119 5.13 1.61 -1.59
CA LEU A 119 5.04 0.48 -0.68
C LEU A 119 6.24 0.47 0.26
N THR A 120 5.95 0.52 1.56
CA THR A 120 7.01 0.50 2.56
C THR A 120 6.90 -0.75 3.43
N THR A 121 7.90 -1.61 3.31
CA THR A 121 7.90 -2.86 4.07
C THR A 121 9.24 -3.09 4.73
N CYS A 122 9.44 -4.33 5.20
CA CYS A 122 10.68 -4.69 5.86
C CYS A 122 10.55 -4.55 7.37
N TYR A 123 10.31 -3.32 7.82
CA TYR A 123 10.15 -3.05 9.25
C TYR A 123 9.51 -4.25 9.95
N PRO A 124 10.30 -5.11 10.53
CA PRO A 124 9.80 -6.31 11.24
C PRO A 124 9.34 -6.00 12.66
N PHE A 125 10.20 -6.30 13.63
CA PHE A 125 9.87 -6.04 15.02
C PHE A 125 10.86 -5.05 15.63
N ASP A 126 11.91 -4.74 14.88
CA ASP A 126 12.93 -3.81 15.35
C ASP A 126 12.58 -2.39 14.95
N TYR A 127 11.35 -2.20 14.46
CA TYR A 127 10.89 -0.88 14.04
C TYR A 127 11.13 0.14 15.14
N ILE A 128 10.91 -0.26 16.39
CA ILE A 128 11.10 0.64 17.52
C ILE A 128 11.05 2.09 17.07
N GLY A 129 9.85 2.59 16.84
CA GLY A 129 9.67 3.97 16.41
C GLY A 129 10.21 4.17 15.00
N ASP A 130 11.41 3.68 14.74
CA ASP A 130 12.01 3.83 13.42
C ASP A 130 12.76 2.56 13.02
N ALA A 131 12.42 2.03 11.85
CA ALA A 131 13.09 0.82 11.37
C ALA A 131 14.47 1.16 10.80
N PRO A 132 15.48 0.38 11.14
CA PRO A 132 16.86 0.61 10.64
C PRO A 132 16.89 0.93 9.15
N ASP A 133 16.01 0.27 8.39
CA ASP A 133 15.94 0.50 6.95
C ASP A 133 14.68 -0.12 6.38
N ARG A 134 13.77 0.72 5.87
CA ARG A 134 12.54 0.23 5.31
C ARG A 134 12.62 0.21 3.79
N TYR A 135 12.08 -0.84 3.19
CA TYR A 135 12.11 -0.97 1.73
C TYR A 135 11.07 -0.07 1.10
N ILE A 136 11.44 0.64 0.03
CA ILE A 136 10.50 1.55 -0.63
C ILE A 136 10.31 1.19 -2.09
N ILE A 137 9.10 0.77 -2.45
CA ILE A 137 8.78 0.45 -3.84
C ILE A 137 7.86 1.55 -4.39
N GLU A 138 8.39 2.30 -5.34
CA GLU A 138 7.62 3.38 -5.95
C GLU A 138 6.93 2.90 -7.21
N ALA A 139 5.69 3.34 -7.39
CA ALA A 139 4.92 2.97 -8.56
C ALA A 139 3.98 4.08 -8.99
N LYS A 140 3.72 4.17 -10.29
CA LYS A 140 2.85 5.21 -10.83
C LYS A 140 1.64 4.61 -11.53
N LEU A 141 0.55 5.36 -11.56
CA LEU A 141 -0.67 4.89 -12.21
C LEU A 141 -0.54 5.03 -13.72
N THR A 142 -0.62 3.91 -14.42
CA THR A 142 -0.53 3.92 -15.87
C THR A 142 -1.92 3.95 -16.50
N GLY A 143 -2.84 3.17 -15.94
CA GLY A 143 -4.20 3.12 -16.48
C GLY A 143 -5.22 2.95 -15.35
N SER A 144 -6.49 2.89 -15.72
CA SER A 144 -7.55 2.73 -14.72
C SER A 144 -8.78 2.07 -15.35
N TYR A 145 -9.64 1.52 -14.51
CA TYR A 145 -10.85 0.86 -14.97
C TYR A 145 -12.01 1.10 -14.02
N SER A 146 -13.23 0.93 -14.52
CA SER A 146 -14.41 1.13 -13.70
C SER A 146 -15.52 0.13 -14.08
N LYS A 147 -16.03 -0.57 -13.07
CA LYS A 147 -17.09 -1.55 -13.30
C LYS A 147 -18.24 -1.34 -12.32
N GLY A 1 -18.75 -0.49 21.08
CA GLY A 1 -17.72 -0.99 20.13
C GLY A 1 -17.72 -0.12 18.86
N SER A 2 -16.54 0.25 18.42
CA SER A 2 -16.41 1.08 17.22
C SER A 2 -16.99 0.36 16.01
N HIS A 3 -16.82 -0.96 15.96
CA HIS A 3 -17.34 -1.75 14.85
C HIS A 3 -18.81 -2.08 15.08
N MET A 4 -19.23 -3.23 14.57
CA MET A 4 -20.63 -3.66 14.72
C MET A 4 -21.57 -2.62 14.12
N SER A 5 -22.40 -3.07 13.19
CA SER A 5 -23.35 -2.18 12.53
C SER A 5 -22.62 -1.06 11.81
N SER A 6 -21.55 -1.42 11.10
CA SER A 6 -20.76 -0.44 10.37
C SER A 6 -20.46 -0.93 8.95
N GLN A 7 -20.30 0.00 8.03
CA GLN A 7 -20.01 -0.34 6.64
C GLN A 7 -18.58 0.03 6.27
N THR A 8 -18.20 -0.26 5.03
CA THR A 8 -16.84 0.04 4.57
C THR A 8 -16.58 1.54 4.59
N GLU A 9 -17.52 2.30 4.04
CA GLU A 9 -17.38 3.77 4.00
C GLU A 9 -15.92 4.15 3.90
N HIS A 10 -15.41 4.83 4.92
CA HIS A 10 -14.01 5.25 4.92
C HIS A 10 -13.38 5.00 6.29
N LYS A 11 -13.92 4.01 7.01
CA LYS A 11 -13.42 3.68 8.34
C LYS A 11 -12.15 2.84 8.23
N GLU A 12 -11.21 3.09 9.13
CA GLU A 12 -9.96 2.34 9.14
C GLU A 12 -10.20 0.90 9.55
N GLY A 13 -9.48 -0.03 8.92
CA GLY A 13 -9.62 -1.45 9.24
C GLY A 13 -10.75 -2.07 8.42
N GLU A 14 -11.17 -1.37 7.37
CA GLU A 14 -12.23 -1.87 6.52
C GLU A 14 -11.73 -2.03 5.09
N LYS A 15 -12.11 -3.14 4.47
CA LYS A 15 -11.70 -3.42 3.10
C LYS A 15 -12.24 -2.35 2.16
N VAL A 16 -11.35 -1.48 1.69
CA VAL A 16 -11.75 -0.42 0.77
C VAL A 16 -11.20 -0.67 -0.63
N ALA A 17 -9.96 -1.15 -0.70
CA ALA A 17 -9.34 -1.41 -1.99
C ALA A 17 -8.62 -2.76 -1.97
N MET A 18 -8.29 -3.26 -3.15
CA MET A 18 -7.60 -4.54 -3.25
C MET A 18 -6.39 -4.44 -4.18
N LEU A 19 -5.24 -4.87 -3.70
CA LEU A 19 -4.02 -4.82 -4.51
C LEU A 19 -3.77 -6.18 -5.15
N ASN A 20 -3.79 -6.22 -6.47
CA ASN A 20 -3.56 -7.47 -7.20
C ASN A 20 -2.23 -7.44 -7.95
N ILE A 21 -1.50 -8.54 -7.88
CA ILE A 21 -0.22 -8.62 -8.57
C ILE A 21 -0.26 -9.69 -9.66
N PRO A 22 -0.13 -9.32 -10.90
CA PRO A 22 -0.17 -10.27 -12.05
C PRO A 22 1.13 -11.07 -12.20
N LYS A 23 2.25 -10.40 -11.98
CA LYS A 23 3.56 -11.04 -12.11
C LYS A 23 3.72 -12.15 -11.07
N LEU A 24 3.17 -11.93 -9.90
CA LEU A 24 3.27 -12.90 -8.81
C LEU A 24 1.98 -13.70 -8.67
N LYS A 25 1.07 -13.49 -9.60
CA LYS A 25 -0.20 -14.19 -9.58
C LYS A 25 -0.75 -14.30 -8.17
N LYS A 26 -0.97 -13.15 -7.54
CA LYS A 26 -1.51 -13.11 -6.20
C LYS A 26 -2.33 -11.85 -5.98
N LYS A 27 -3.09 -11.83 -4.89
CA LYS A 27 -3.92 -10.68 -4.58
C LYS A 27 -3.91 -10.37 -3.09
N PHE A 28 -3.99 -9.09 -2.76
CA PHE A 28 -4.00 -8.67 -1.36
C PHE A 28 -5.12 -7.68 -1.10
N SER A 29 -5.79 -7.84 0.04
CA SER A 29 -6.88 -6.94 0.39
C SER A 29 -6.37 -5.74 1.17
N ILE A 30 -6.43 -4.56 0.55
CA ILE A 30 -5.97 -3.35 1.21
C ILE A 30 -7.06 -2.78 2.11
N TYR A 31 -6.75 -2.66 3.39
CA TYR A 31 -7.72 -2.13 4.36
C TYR A 31 -7.42 -0.66 4.67
N TRP A 32 -8.47 0.14 4.80
CA TRP A 32 -8.29 1.56 5.10
C TRP A 32 -7.56 1.72 6.43
N GLY A 33 -6.54 2.57 6.44
CA GLY A 33 -5.76 2.82 7.67
C GLY A 33 -4.81 1.67 7.94
N ALA A 34 -3.61 2.02 8.38
CA ALA A 34 -2.62 1.02 8.69
C ALA A 34 -2.36 0.95 10.19
N ASP A 35 -3.26 0.28 10.91
CA ASP A 35 -3.10 0.15 12.35
C ASP A 35 -2.31 -1.11 12.69
N ASP A 36 -1.36 -0.97 13.60
CA ASP A 36 -0.53 -2.11 14.02
C ASP A 36 -1.24 -2.90 15.12
N ALA A 37 -2.34 -2.35 15.62
CA ALA A 37 -3.09 -3.01 16.68
C ALA A 37 -3.74 -4.29 16.17
N THR A 38 -4.23 -4.23 14.93
CA THR A 38 -4.88 -5.40 14.33
C THR A 38 -3.85 -6.40 13.84
N LEU A 39 -4.07 -7.67 14.15
CA LEU A 39 -3.14 -8.72 13.74
C LEU A 39 -3.72 -9.47 12.54
N LYS A 40 -4.83 -8.98 12.00
CA LYS A 40 -5.47 -9.64 10.87
C LYS A 40 -4.54 -9.63 9.65
N LYS A 41 -4.03 -8.45 9.31
CA LYS A 41 -3.13 -8.34 8.16
C LYS A 41 -2.23 -7.13 8.32
N GLY A 42 -1.19 -7.06 7.47
CA GLY A 42 -0.24 -5.94 7.53
C GLY A 42 -0.49 -4.97 6.39
N VAL A 43 -1.30 -5.38 5.42
CA VAL A 43 -1.59 -4.52 4.27
C VAL A 43 -2.72 -3.54 4.61
N GLY A 44 -2.34 -2.32 4.94
CA GLY A 44 -3.32 -1.29 5.28
C GLY A 44 -3.00 0.02 4.56
N MET A 45 -4.04 0.81 4.32
CA MET A 45 -3.87 2.09 3.65
C MET A 45 -3.55 3.19 4.66
N PHE A 46 -2.72 4.14 4.25
CA PHE A 46 -2.35 5.24 5.13
C PHE A 46 -3.48 6.27 5.22
N VAL A 47 -3.71 6.78 6.43
CA VAL A 47 -4.76 7.77 6.64
C VAL A 47 -4.15 9.08 7.12
N SER A 48 -4.36 10.15 6.36
CA SER A 48 -3.84 11.46 6.72
C SER A 48 -4.41 12.54 5.82
N ASP A 49 -4.06 13.79 6.10
CA ASP A 49 -4.55 14.91 5.30
C ASP A 49 -3.86 14.94 3.94
N VAL A 50 -2.72 14.26 3.83
CA VAL A 50 -1.97 14.22 2.58
C VAL A 50 -2.09 12.86 1.91
N THR A 51 -2.42 11.84 2.72
CA THR A 51 -2.57 10.50 2.19
C THR A 51 -4.00 10.25 1.72
N THR A 52 -4.15 9.79 0.49
CA THR A 52 -5.47 9.52 -0.06
C THR A 52 -5.49 8.19 -0.80
N THR A 53 -6.69 7.71 -1.11
CA THR A 53 -6.82 6.44 -1.81
C THR A 53 -6.74 6.65 -3.33
N PRO A 54 -6.40 5.62 -4.05
CA PRO A 54 -6.28 5.67 -5.53
C PRO A 54 -7.64 5.64 -6.23
N SER A 55 -8.30 6.79 -6.27
CA SER A 55 -9.61 6.89 -6.91
C SER A 55 -9.54 7.76 -8.16
N GLY A 56 -8.38 8.35 -8.39
CA GLY A 56 -8.19 9.19 -9.55
C GLY A 56 -7.19 10.31 -9.25
N GLY A 57 -5.91 10.05 -9.53
CA GLY A 57 -4.87 11.04 -9.27
C GLY A 57 -4.83 11.42 -7.80
N GLY A 58 -4.00 10.71 -7.03
CA GLY A 58 -3.89 10.97 -5.60
C GLY A 58 -2.72 10.20 -5.01
N HIS A 59 -2.29 10.61 -3.83
CA HIS A 59 -1.18 9.95 -3.15
C HIS A 59 -1.69 8.72 -2.39
N THR A 60 -1.24 7.54 -2.77
CA THR A 60 -1.66 6.32 -2.11
C THR A 60 -0.49 5.70 -1.36
N VAL A 61 -0.53 5.78 -0.03
CA VAL A 61 0.54 5.22 0.78
C VAL A 61 0.06 3.95 1.46
N LEU A 62 0.85 2.89 1.30
CA LEU A 62 0.52 1.60 1.89
C LEU A 62 1.60 1.15 2.86
N SER A 63 1.22 0.24 3.76
CA SER A 63 2.17 -0.26 4.75
C SER A 63 2.00 -1.76 4.96
N GLY A 64 3.10 -2.44 5.31
CA GLY A 64 3.06 -3.88 5.53
C GLY A 64 4.33 -4.38 6.23
N HIS A 65 4.36 -5.68 6.51
CA HIS A 65 5.52 -6.25 7.17
C HIS A 65 6.46 -6.90 6.16
N ARG A 66 7.76 -6.61 6.28
CA ARG A 66 8.75 -7.17 5.37
C ARG A 66 9.17 -8.55 5.84
N ASP A 67 8.32 -9.54 5.61
CA ASP A 67 8.61 -10.90 6.02
C ASP A 67 8.94 -11.78 4.80
N THR A 68 9.66 -12.87 5.04
CA THR A 68 10.04 -13.77 3.96
C THR A 68 10.81 -13.03 2.88
N VAL A 69 11.97 -13.57 2.51
CA VAL A 69 12.80 -12.95 1.49
C VAL A 69 12.25 -13.24 0.09
N PHE A 70 11.28 -14.16 0.03
CA PHE A 70 10.67 -14.51 -1.24
C PHE A 70 9.78 -13.38 -1.75
N THR A 71 9.50 -13.40 -3.05
CA THR A 71 8.67 -12.36 -3.66
C THR A 71 9.48 -11.10 -3.92
N ASP A 72 10.69 -11.05 -3.37
CA ASP A 72 11.56 -9.90 -3.55
C ASP A 72 11.91 -9.75 -5.03
N LEU A 73 12.14 -10.86 -5.70
CA LEU A 73 12.49 -10.84 -7.11
C LEU A 73 11.35 -10.22 -7.93
N GLY A 74 10.12 -10.53 -7.55
CA GLY A 74 8.96 -10.00 -8.26
C GLY A 74 8.63 -8.59 -7.79
N GLN A 75 8.94 -8.31 -6.52
CA GLN A 75 8.68 -7.00 -5.95
C GLN A 75 9.73 -5.99 -6.39
N LEU A 76 10.98 -6.41 -6.40
CA LEU A 76 12.08 -5.53 -6.80
C LEU A 76 12.34 -5.61 -8.30
N LYS A 77 11.53 -4.90 -9.07
CA LYS A 77 11.67 -4.88 -10.52
C LYS A 77 10.74 -3.85 -11.13
N GLU A 78 11.22 -3.18 -12.17
CA GLU A 78 10.43 -2.15 -12.85
C GLU A 78 9.41 -2.79 -13.78
N LYS A 79 9.62 -4.07 -14.06
CA LYS A 79 8.71 -4.80 -14.93
C LYS A 79 7.47 -5.23 -14.15
N ASP A 80 7.56 -5.16 -12.82
CA ASP A 80 6.43 -5.55 -11.97
C ASP A 80 5.29 -4.53 -12.10
N THR A 81 4.05 -4.97 -11.86
CA THR A 81 2.91 -4.10 -11.95
C THR A 81 1.98 -4.33 -10.77
N LEU A 82 1.39 -3.26 -10.28
CA LEU A 82 0.49 -3.35 -9.15
C LEU A 82 -0.89 -2.86 -9.56
N VAL A 83 -1.91 -3.70 -9.40
CA VAL A 83 -3.26 -3.32 -9.76
C VAL A 83 -4.09 -3.06 -8.52
N LEU A 84 -4.68 -1.87 -8.45
CA LEU A 84 -5.49 -1.50 -7.30
C LEU A 84 -6.96 -1.41 -7.68
N GLU A 85 -7.81 -2.07 -6.89
CA GLU A 85 -9.25 -2.06 -7.15
C GLU A 85 -9.94 -1.08 -6.22
N TYR A 86 -10.67 -0.13 -6.80
CA TYR A 86 -11.37 0.87 -6.00
C TYR A 86 -12.65 1.33 -6.71
N ASP A 87 -13.76 1.32 -5.99
CA ASP A 87 -15.03 1.77 -6.57
C ASP A 87 -15.35 0.97 -7.84
N ASN A 88 -15.14 -0.34 -7.78
CA ASN A 88 -15.41 -1.21 -8.92
C ASN A 88 -14.49 -0.87 -10.08
N LYS A 89 -13.51 -0.01 -9.82
CA LYS A 89 -12.55 0.37 -10.85
C LYS A 89 -11.20 -0.27 -10.60
N THR A 90 -10.45 -0.51 -11.66
CA THR A 90 -9.14 -1.14 -11.52
C THR A 90 -8.04 -0.20 -12.01
N TYR A 91 -7.10 0.11 -11.14
CA TYR A 91 -6.00 1.00 -11.50
C TYR A 91 -4.74 0.18 -11.71
N THR A 92 -4.06 0.42 -12.83
CA THR A 92 -2.84 -0.31 -13.14
C THR A 92 -1.61 0.53 -12.82
N TYR A 93 -0.82 0.06 -11.85
CA TYR A 93 0.40 0.76 -11.45
C TYR A 93 1.64 -0.03 -11.85
N GLU A 94 2.75 0.67 -12.01
CA GLU A 94 4.00 0.04 -12.41
C GLU A 94 5.14 0.46 -11.50
N ILE A 95 6.02 -0.48 -11.14
CA ILE A 95 7.13 -0.15 -10.28
C ILE A 95 8.03 0.88 -10.94
N GLN A 96 8.18 2.03 -10.30
CA GLN A 96 9.01 3.10 -10.84
C GLN A 96 10.43 3.02 -10.26
N LYS A 97 10.54 3.22 -8.96
CA LYS A 97 11.84 3.17 -8.29
C LYS A 97 11.70 2.62 -6.88
N ILE A 98 12.58 1.68 -6.54
CA ILE A 98 12.54 1.07 -5.22
C ILE A 98 13.76 1.49 -4.41
N TRP A 99 13.52 1.93 -3.18
CA TRP A 99 14.61 2.36 -2.32
C TRP A 99 14.25 2.20 -0.84
N ILE A 100 15.16 2.61 0.04
CA ILE A 100 14.91 2.50 1.48
C ILE A 100 15.15 3.85 2.15
N THR A 101 14.22 4.24 3.01
CA THR A 101 14.34 5.52 3.72
C THR A 101 13.76 5.41 5.13
N HIS A 102 13.95 6.46 5.91
CA HIS A 102 13.45 6.48 7.28
C HIS A 102 11.92 6.36 7.29
N ALA A 103 11.38 5.89 8.40
CA ALA A 103 9.94 5.74 8.53
C ALA A 103 9.26 7.10 8.73
N ASP A 104 10.00 8.05 9.27
CA ASP A 104 9.46 9.38 9.50
C ASP A 104 9.67 10.27 8.28
N ASP A 105 10.25 9.70 7.24
CA ASP A 105 10.52 10.45 6.01
C ASP A 105 9.21 10.88 5.35
N ARG A 106 8.73 12.06 5.74
CA ARG A 106 7.49 12.58 5.18
C ARG A 106 7.56 12.65 3.65
N THR A 107 8.75 12.97 3.15
CA THR A 107 8.96 13.06 1.71
C THR A 107 8.23 11.93 0.99
N VAL A 108 7.87 10.90 1.75
CA VAL A 108 7.16 9.76 1.18
C VAL A 108 5.72 9.70 1.67
N ILE A 109 5.41 10.46 2.72
CA ILE A 109 4.07 10.49 3.28
C ILE A 109 3.43 11.85 3.09
N ILE A 110 3.94 12.61 2.13
CA ILE A 110 3.41 13.95 1.84
C ILE A 110 2.26 13.88 0.85
N LYS A 111 1.84 15.04 0.34
CA LYS A 111 0.75 15.10 -0.62
C LYS A 111 1.29 15.08 -2.05
N LYS A 112 0.52 14.49 -2.97
CA LYS A 112 0.93 14.43 -4.37
C LYS A 112 -0.24 14.82 -5.26
N GLU A 113 0.06 15.43 -6.41
CA GLU A 113 -0.96 15.85 -7.35
C GLU A 113 -1.11 14.81 -8.45
N GLU A 114 -0.48 13.65 -8.25
CA GLU A 114 -0.54 12.59 -9.26
C GLU A 114 -0.85 11.25 -8.60
N PRO A 115 -1.34 10.30 -9.36
CA PRO A 115 -1.68 8.94 -8.86
C PRO A 115 -0.43 8.08 -8.64
N ILE A 116 0.10 8.18 -7.44
CA ILE A 116 1.31 7.43 -7.07
C ILE A 116 1.05 6.51 -5.88
N LEU A 117 1.53 5.28 -5.98
CA LEU A 117 1.36 4.31 -4.91
C LEU A 117 2.68 4.03 -4.22
N THR A 118 2.73 4.31 -2.92
CA THR A 118 3.95 4.08 -2.16
C THR A 118 3.71 3.01 -1.10
N LEU A 119 4.47 1.92 -1.16
CA LEU A 119 4.31 0.85 -0.20
C LEU A 119 5.52 0.77 0.71
N THR A 120 5.31 1.05 2.00
CA THR A 120 6.40 0.99 2.96
C THR A 120 6.28 -0.24 3.86
N THR A 121 7.35 -1.02 3.95
CA THR A 121 7.32 -2.21 4.78
C THR A 121 8.58 -2.34 5.62
N CYS A 122 8.51 -3.17 6.64
CA CYS A 122 9.65 -3.38 7.51
C CYS A 122 9.33 -4.37 8.62
N TYR A 123 8.66 -3.86 9.65
CA TYR A 123 8.29 -4.70 10.79
C TYR A 123 9.50 -5.47 11.32
N PRO A 124 9.50 -5.78 12.59
CA PRO A 124 10.63 -6.53 13.23
C PRO A 124 10.74 -7.96 12.70
N PHE A 125 10.90 -8.08 11.40
CA PHE A 125 11.03 -9.40 10.77
C PHE A 125 12.49 -9.85 10.78
N ASP A 126 13.41 -8.88 10.68
CA ASP A 126 14.83 -9.19 10.69
C ASP A 126 15.57 -8.35 11.72
N TYR A 127 14.93 -7.28 12.16
CA TYR A 127 15.53 -6.38 13.15
C TYR A 127 14.81 -6.52 14.49
N ILE A 128 15.52 -6.19 15.57
CA ILE A 128 14.95 -6.28 16.90
C ILE A 128 14.36 -4.93 17.31
N GLY A 129 13.05 -4.92 17.57
CA GLY A 129 12.38 -3.69 17.97
C GLY A 129 11.68 -3.04 16.77
N ASP A 130 12.15 -1.85 16.39
CA ASP A 130 11.56 -1.15 15.26
C ASP A 130 12.61 -0.87 14.19
N ALA A 131 12.52 -1.59 13.08
CA ALA A 131 13.48 -1.42 11.99
C ALA A 131 13.71 0.06 11.70
N PRO A 132 14.89 0.57 11.99
CA PRO A 132 15.23 2.00 11.74
C PRO A 132 14.89 2.44 10.32
N ASP A 133 15.20 1.57 9.36
CA ASP A 133 14.93 1.88 7.95
C ASP A 133 13.73 1.09 7.46
N ARG A 134 12.99 1.66 6.50
CA ARG A 134 11.81 0.98 5.97
C ARG A 134 11.89 0.87 4.45
N TYR A 135 11.51 -0.30 3.93
CA TYR A 135 11.54 -0.51 2.49
C TYR A 135 10.33 0.14 1.86
N ILE A 136 10.57 1.00 0.86
CA ILE A 136 9.48 1.69 0.18
C ILE A 136 9.47 1.41 -1.32
N ILE A 137 8.31 0.97 -1.81
CA ILE A 137 8.15 0.68 -3.22
C ILE A 137 7.27 1.74 -3.88
N GLU A 138 7.87 2.52 -4.76
CA GLU A 138 7.13 3.56 -5.46
C GLU A 138 6.66 3.06 -6.83
N ALA A 139 5.42 3.37 -7.16
CA ALA A 139 4.85 2.95 -8.45
C ALA A 139 4.00 4.06 -9.05
N LYS A 140 3.89 4.04 -10.37
CA LYS A 140 3.11 5.05 -11.08
C LYS A 140 1.93 4.42 -11.80
N LEU A 141 0.82 5.15 -11.88
CA LEU A 141 -0.35 4.65 -12.58
C LEU A 141 -0.09 4.59 -14.08
N THR A 142 -0.27 3.41 -14.65
CA THR A 142 -0.07 3.21 -16.09
C THR A 142 -1.41 3.24 -16.83
N GLY A 143 -2.39 2.50 -16.31
CA GLY A 143 -3.70 2.47 -16.94
C GLY A 143 -4.81 2.42 -15.90
N SER A 144 -6.06 2.55 -16.35
CA SER A 144 -7.19 2.53 -15.44
C SER A 144 -8.39 1.84 -16.09
N TYR A 145 -9.05 0.96 -15.33
CA TYR A 145 -10.20 0.25 -15.85
C TYR A 145 -11.41 0.49 -14.96
N SER A 146 -12.59 0.54 -15.57
CA SER A 146 -13.82 0.76 -14.82
C SER A 146 -14.89 -0.23 -15.25
N LYS A 147 -15.42 -0.97 -14.28
CA LYS A 147 -16.47 -1.95 -14.57
C LYS A 147 -15.97 -2.98 -15.59
N GLY A 1 -24.13 -11.62 11.26
CA GLY A 1 -23.88 -10.16 11.09
C GLY A 1 -22.70 -9.75 11.97
N SER A 2 -22.14 -10.72 12.68
CA SER A 2 -20.99 -10.46 13.56
C SER A 2 -21.34 -9.35 14.55
N HIS A 3 -20.31 -8.81 15.20
CA HIS A 3 -20.52 -7.74 16.18
C HIS A 3 -20.16 -6.39 15.58
N MET A 4 -21.18 -5.59 15.28
CA MET A 4 -20.97 -4.28 14.69
C MET A 4 -19.89 -4.33 13.61
N SER A 5 -18.85 -3.53 13.78
CA SER A 5 -17.76 -3.50 12.81
C SER A 5 -18.30 -3.27 11.40
N SER A 6 -18.65 -2.03 11.09
CA SER A 6 -19.18 -1.70 9.77
C SER A 6 -18.08 -1.75 8.73
N GLN A 7 -18.43 -2.18 7.52
CA GLN A 7 -17.45 -2.27 6.43
C GLN A 7 -17.94 -1.51 5.21
N THR A 8 -18.51 -0.33 5.44
CA THR A 8 -19.01 0.49 4.34
C THR A 8 -18.28 1.83 4.29
N GLU A 9 -18.07 2.42 5.46
CA GLU A 9 -17.37 3.69 5.55
C GLU A 9 -15.88 3.52 5.30
N HIS A 10 -15.21 4.60 4.91
CA HIS A 10 -13.78 4.56 4.65
C HIS A 10 -12.99 4.69 5.95
N LYS A 11 -13.66 4.45 7.07
CA LYS A 11 -13.01 4.55 8.37
C LYS A 11 -11.78 3.65 8.41
N GLU A 12 -10.75 4.11 9.14
CA GLU A 12 -9.51 3.34 9.23
C GLU A 12 -9.79 1.96 9.82
N GLY A 13 -9.19 0.95 9.21
CA GLY A 13 -9.38 -0.43 9.65
C GLY A 13 -10.47 -1.11 8.84
N GLU A 14 -11.00 -0.41 7.85
CA GLU A 14 -12.05 -0.95 7.02
C GLU A 14 -11.56 -1.09 5.58
N LYS A 15 -11.95 -2.19 4.94
CA LYS A 15 -11.55 -2.42 3.56
C LYS A 15 -12.13 -1.34 2.66
N VAL A 16 -11.25 -0.63 1.97
CA VAL A 16 -11.69 0.43 1.06
C VAL A 16 -11.23 0.15 -0.37
N ALA A 17 -10.01 -0.35 -0.51
CA ALA A 17 -9.46 -0.65 -1.83
C ALA A 17 -8.89 -2.06 -1.87
N MET A 18 -8.80 -2.61 -3.07
CA MET A 18 -8.26 -3.97 -3.22
C MET A 18 -7.02 -3.93 -4.12
N LEU A 19 -6.03 -4.75 -3.77
CA LEU A 19 -4.80 -4.80 -4.55
C LEU A 19 -4.71 -6.10 -5.33
N ASN A 20 -4.58 -5.99 -6.65
CA ASN A 20 -4.49 -7.17 -7.50
C ASN A 20 -3.16 -7.21 -8.25
N ILE A 21 -2.46 -8.32 -8.14
CA ILE A 21 -1.17 -8.48 -8.81
C ILE A 21 -1.32 -9.38 -10.05
N PRO A 22 -1.09 -8.85 -11.22
CA PRO A 22 -1.22 -9.61 -12.49
C PRO A 22 -0.01 -10.52 -12.74
N LYS A 23 1.18 -9.98 -12.54
CA LYS A 23 2.41 -10.74 -12.76
C LYS A 23 2.44 -11.97 -11.84
N LEU A 24 2.00 -11.78 -10.60
CA LEU A 24 1.97 -12.87 -9.63
C LEU A 24 0.54 -13.40 -9.47
N LYS A 25 -0.35 -12.94 -10.33
CA LYS A 25 -1.74 -13.37 -10.27
C LYS A 25 -2.20 -13.48 -8.82
N LYS A 26 -1.80 -12.51 -8.00
CA LYS A 26 -2.17 -12.52 -6.60
C LYS A 26 -3.11 -11.36 -6.30
N LYS A 27 -3.87 -11.49 -5.22
CA LYS A 27 -4.80 -10.44 -4.84
C LYS A 27 -4.79 -10.21 -3.34
N PHE A 28 -4.85 -8.95 -2.92
CA PHE A 28 -4.85 -8.62 -1.50
C PHE A 28 -5.88 -7.54 -1.19
N SER A 29 -6.28 -7.45 0.07
CA SER A 29 -7.26 -6.45 0.48
C SER A 29 -6.58 -5.27 1.17
N ILE A 30 -6.78 -4.07 0.63
CA ILE A 30 -6.20 -2.87 1.22
C ILE A 30 -7.17 -2.21 2.18
N TYR A 31 -6.79 -2.13 3.45
CA TYR A 31 -7.65 -1.52 4.46
C TYR A 31 -7.23 -0.09 4.77
N TRP A 32 -8.20 0.81 4.88
CA TRP A 32 -7.90 2.21 5.19
C TRP A 32 -7.20 2.33 6.52
N GLY A 33 -6.12 3.11 6.56
CA GLY A 33 -5.36 3.30 7.79
C GLY A 33 -4.49 2.11 8.09
N ALA A 34 -3.52 2.31 8.99
CA ALA A 34 -2.63 1.24 9.37
C ALA A 34 -1.90 1.57 10.67
N ASP A 35 -2.46 1.13 11.79
CA ASP A 35 -1.85 1.39 13.09
C ASP A 35 -0.68 0.44 13.34
N ASP A 36 0.43 0.98 13.81
CA ASP A 36 1.61 0.17 14.09
C ASP A 36 1.38 -0.70 15.32
N ALA A 37 0.73 -0.14 16.33
CA ALA A 37 0.45 -0.87 17.56
C ALA A 37 -0.41 -2.10 17.26
N THR A 38 -1.16 -2.04 16.17
CA THR A 38 -2.02 -3.15 15.78
C THR A 38 -1.38 -3.95 14.66
N LEU A 39 -1.58 -5.27 14.70
CA LEU A 39 -1.02 -6.15 13.68
C LEU A 39 -2.11 -6.72 12.79
N LYS A 40 -1.90 -6.64 11.48
CA LYS A 40 -2.89 -7.16 10.52
C LYS A 40 -2.21 -8.04 9.49
N LYS A 41 -2.88 -8.24 8.36
CA LYS A 41 -2.33 -9.08 7.30
C LYS A 41 -1.04 -8.49 6.76
N GLY A 42 -1.01 -7.17 6.60
CA GLY A 42 0.18 -6.50 6.10
C GLY A 42 -0.17 -5.50 5.01
N VAL A 43 -1.44 -5.46 4.63
CA VAL A 43 -1.89 -4.54 3.59
C VAL A 43 -2.80 -3.46 4.18
N GLY A 44 -2.20 -2.35 4.58
CA GLY A 44 -2.96 -1.25 5.15
C GLY A 44 -2.56 0.08 4.52
N MET A 45 -3.52 1.00 4.43
CA MET A 45 -3.26 2.31 3.85
C MET A 45 -2.93 3.31 4.95
N PHE A 46 -1.88 4.10 4.72
CA PHE A 46 -1.46 5.10 5.70
C PHE A 46 -2.40 6.29 5.68
N VAL A 47 -2.73 6.82 6.85
CA VAL A 47 -3.62 7.97 6.95
C VAL A 47 -2.86 9.20 7.42
N SER A 48 -2.93 10.27 6.63
CA SER A 48 -2.25 11.50 6.97
C SER A 48 -2.84 12.68 6.21
N ASP A 49 -2.52 13.89 6.65
CA ASP A 49 -3.02 15.09 5.99
C ASP A 49 -2.41 15.25 4.60
N VAL A 50 -1.24 14.66 4.41
CA VAL A 50 -0.54 14.75 3.12
C VAL A 50 -0.88 13.55 2.25
N THR A 51 -0.94 12.37 2.85
CA THR A 51 -1.24 11.17 2.09
C THR A 51 -2.72 11.11 1.75
N THR A 52 -3.05 10.39 0.67
CA THR A 52 -4.44 10.25 0.25
C THR A 52 -4.65 8.89 -0.42
N THR A 53 -5.91 8.57 -0.71
CA THR A 53 -6.24 7.30 -1.34
C THR A 53 -6.17 7.43 -2.87
N PRO A 54 -5.97 6.33 -3.55
CA PRO A 54 -5.89 6.32 -5.03
C PRO A 54 -7.26 6.36 -5.70
N SER A 55 -7.81 7.56 -5.84
CA SER A 55 -9.11 7.73 -6.47
C SER A 55 -8.99 8.48 -7.78
N GLY A 56 -7.80 9.01 -8.03
CA GLY A 56 -7.55 9.75 -9.26
C GLY A 56 -6.51 10.85 -9.05
N GLY A 57 -5.25 10.50 -9.27
CA GLY A 57 -4.17 11.46 -9.10
C GLY A 57 -4.01 11.86 -7.64
N GLY A 58 -3.25 11.07 -6.88
CA GLY A 58 -3.03 11.35 -5.48
C GLY A 58 -1.89 10.50 -4.93
N HIS A 59 -1.34 10.92 -3.81
CA HIS A 59 -0.25 10.18 -3.17
C HIS A 59 -0.83 9.06 -2.32
N THR A 60 -0.52 7.82 -2.69
CA THR A 60 -1.00 6.68 -1.94
C THR A 60 0.14 5.97 -1.22
N VAL A 61 0.00 5.77 0.08
CA VAL A 61 1.05 5.11 0.85
C VAL A 61 0.53 3.81 1.44
N LEU A 62 1.29 2.74 1.24
CA LEU A 62 0.90 1.43 1.75
C LEU A 62 1.87 0.98 2.84
N SER A 63 1.33 0.27 3.83
CA SER A 63 2.16 -0.21 4.93
C SER A 63 1.99 -1.71 5.12
N GLY A 64 3.09 -2.37 5.49
CA GLY A 64 3.04 -3.82 5.71
C GLY A 64 4.27 -4.30 6.49
N HIS A 65 4.21 -5.54 6.97
CA HIS A 65 5.32 -6.10 7.73
C HIS A 65 5.90 -7.30 7.00
N ARG A 66 7.20 -7.48 7.11
CA ARG A 66 7.87 -8.60 6.46
C ARG A 66 8.05 -9.76 7.43
N ASP A 67 7.75 -10.97 6.97
CA ASP A 67 7.89 -12.15 7.80
C ASP A 67 8.05 -13.40 6.94
N THR A 68 7.15 -13.57 5.99
CA THR A 68 7.19 -14.73 5.10
C THR A 68 7.16 -14.29 3.64
N VAL A 69 8.09 -14.81 2.85
CA VAL A 69 8.15 -14.46 1.43
C VAL A 69 8.38 -15.71 0.59
N PHE A 70 7.63 -15.81 -0.51
CA PHE A 70 7.76 -16.97 -1.40
C PHE A 70 8.11 -16.51 -2.82
N THR A 71 7.88 -15.22 -3.09
CA THR A 71 8.17 -14.67 -4.41
C THR A 71 8.90 -13.34 -4.28
N ASP A 72 10.18 -13.40 -3.95
CA ASP A 72 10.97 -12.18 -3.80
C ASP A 72 11.08 -11.45 -5.13
N LEU A 73 11.27 -12.21 -6.20
CA LEU A 73 11.40 -11.61 -7.53
C LEU A 73 10.13 -10.87 -7.93
N GLY A 74 8.98 -11.50 -7.68
CA GLY A 74 7.70 -10.89 -8.01
C GLY A 74 7.45 -9.64 -7.17
N GLN A 75 7.95 -9.64 -5.94
CA GLN A 75 7.78 -8.51 -5.04
C GLN A 75 8.49 -7.30 -5.60
N LEU A 76 9.68 -7.52 -6.13
CA LEU A 76 10.47 -6.42 -6.70
C LEU A 76 10.74 -6.65 -8.17
N LYS A 77 10.14 -5.83 -9.03
CA LYS A 77 10.35 -5.95 -10.47
C LYS A 77 9.65 -4.80 -11.20
N GLU A 78 10.29 -4.29 -12.24
CA GLU A 78 9.73 -3.19 -13.01
C GLU A 78 8.66 -3.70 -13.96
N LYS A 79 8.61 -5.01 -14.11
CA LYS A 79 7.63 -5.62 -15.00
C LYS A 79 6.31 -5.82 -14.26
N ASP A 80 6.35 -5.72 -12.92
CA ASP A 80 5.15 -5.89 -12.11
C ASP A 80 4.18 -4.73 -12.31
N THR A 81 2.89 -4.99 -12.12
CA THR A 81 1.88 -3.97 -12.27
C THR A 81 0.80 -4.13 -11.22
N LEU A 82 0.69 -3.15 -10.34
CA LEU A 82 -0.29 -3.21 -9.28
C LEU A 82 -1.59 -2.57 -9.72
N VAL A 83 -2.70 -3.26 -9.48
CA VAL A 83 -4.00 -2.73 -9.85
C VAL A 83 -4.79 -2.34 -8.60
N LEU A 84 -5.07 -1.06 -8.47
CA LEU A 84 -5.81 -0.55 -7.33
C LEU A 84 -7.29 -0.45 -7.64
N GLU A 85 -8.09 -1.11 -6.82
CA GLU A 85 -9.55 -1.07 -7.00
C GLU A 85 -10.18 -0.08 -6.03
N TYR A 86 -10.82 0.95 -6.59
CA TYR A 86 -11.45 1.98 -5.78
C TYR A 86 -12.67 2.57 -6.50
N ASP A 87 -13.78 2.70 -5.80
CA ASP A 87 -14.99 3.26 -6.39
C ASP A 87 -15.40 2.50 -7.64
N ASN A 88 -15.36 1.18 -7.57
CA ASN A 88 -15.73 0.36 -8.70
C ASN A 88 -14.81 0.64 -9.89
N LYS A 89 -13.76 1.40 -9.64
CA LYS A 89 -12.82 1.72 -10.70
C LYS A 89 -11.52 0.97 -10.49
N THR A 90 -10.84 0.67 -11.60
CA THR A 90 -9.59 -0.06 -11.52
C THR A 90 -8.43 0.79 -12.06
N TYR A 91 -7.41 0.98 -11.24
CA TYR A 91 -6.24 1.75 -11.66
C TYR A 91 -5.05 0.83 -11.88
N THR A 92 -4.37 1.02 -13.01
CA THR A 92 -3.22 0.19 -13.33
C THR A 92 -1.90 0.88 -12.97
N TYR A 93 -1.21 0.33 -11.97
CA TYR A 93 0.07 0.88 -11.55
C TYR A 93 1.20 -0.05 -11.92
N GLU A 94 2.37 0.53 -12.21
CA GLU A 94 3.55 -0.26 -12.58
C GLU A 94 4.71 0.08 -11.67
N ILE A 95 5.47 -0.93 -11.28
CA ILE A 95 6.60 -0.71 -10.40
C ILE A 95 7.64 0.16 -11.09
N GLN A 96 7.87 1.34 -10.53
CA GLN A 96 8.85 2.28 -11.10
C GLN A 96 10.25 1.94 -10.62
N LYS A 97 10.50 2.15 -9.33
CA LYS A 97 11.81 1.86 -8.77
C LYS A 97 11.67 1.36 -7.35
N ILE A 98 12.48 0.36 -7.00
CA ILE A 98 12.41 -0.21 -5.65
C ILE A 98 13.69 0.10 -4.89
N TRP A 99 13.55 0.65 -3.69
CA TRP A 99 14.70 0.97 -2.87
C TRP A 99 14.36 0.90 -1.39
N ILE A 100 15.32 1.23 -0.55
CA ILE A 100 15.11 1.19 0.90
C ILE A 100 15.50 2.53 1.54
N THR A 101 14.62 3.06 2.38
CA THR A 101 14.90 4.33 3.04
C THR A 101 14.60 4.24 4.53
N HIS A 102 15.07 5.22 5.29
CA HIS A 102 14.86 5.24 6.73
C HIS A 102 13.39 5.53 7.04
N ALA A 103 12.95 5.06 8.20
CA ALA A 103 11.57 5.27 8.61
C ALA A 103 11.30 6.74 8.89
N ASP A 104 12.37 7.52 8.99
CA ASP A 104 12.26 8.94 9.26
C ASP A 104 12.22 9.74 7.95
N ASP A 105 12.13 9.03 6.83
CA ASP A 105 12.09 9.68 5.53
C ASP A 105 10.66 10.06 5.17
N ARG A 106 10.27 11.27 5.55
CA ARG A 106 8.91 11.75 5.26
C ARG A 106 8.75 12.01 3.77
N THR A 107 9.88 12.27 3.10
CA THR A 107 9.87 12.55 1.67
C THR A 107 9.06 11.49 0.93
N VAL A 108 8.75 10.40 1.64
CA VAL A 108 7.99 9.32 1.05
C VAL A 108 6.60 9.23 1.67
N ILE A 109 6.37 9.99 2.73
CA ILE A 109 5.07 9.99 3.41
C ILE A 109 4.36 11.33 3.21
N ILE A 110 4.93 12.18 2.37
CA ILE A 110 4.34 13.48 2.09
C ILE A 110 3.19 13.35 1.10
N LYS A 111 2.83 14.46 0.47
CA LYS A 111 1.74 14.46 -0.49
C LYS A 111 2.27 14.66 -1.91
N LYS A 112 1.51 14.19 -2.89
CA LYS A 112 1.91 14.34 -4.29
C LYS A 112 0.71 14.71 -5.15
N GLU A 113 0.95 15.55 -6.16
CA GLU A 113 -0.13 15.96 -7.05
C GLU A 113 -0.30 14.95 -8.17
N GLU A 114 0.36 13.80 -8.02
CA GLU A 114 0.28 12.75 -9.04
C GLU A 114 -0.13 11.42 -8.42
N PRO A 115 -0.68 10.53 -9.21
CA PRO A 115 -1.12 9.18 -8.75
C PRO A 115 0.07 8.23 -8.60
N ILE A 116 0.65 8.27 -7.42
CA ILE A 116 1.81 7.44 -7.11
C ILE A 116 1.55 6.56 -5.90
N LEU A 117 1.85 5.27 -6.02
CA LEU A 117 1.66 4.34 -4.92
C LEU A 117 3.01 3.97 -4.31
N THR A 118 3.14 4.22 -3.02
CA THR A 118 4.37 3.93 -2.31
C THR A 118 4.11 2.91 -1.20
N LEU A 119 4.87 1.82 -1.21
CA LEU A 119 4.69 0.79 -0.19
C LEU A 119 5.85 0.79 0.78
N THR A 120 5.53 0.93 2.06
CA THR A 120 6.56 0.92 3.09
C THR A 120 6.32 -0.21 4.09
N THR A 121 7.24 -1.16 4.10
CA THR A 121 7.12 -2.31 5.00
C THR A 121 8.48 -2.76 5.50
N CYS A 122 8.46 -3.66 6.48
CA CYS A 122 9.70 -4.18 7.04
C CYS A 122 9.47 -4.63 8.47
N TYR A 123 9.29 -3.67 9.37
CA TYR A 123 9.06 -3.97 10.79
C TYR A 123 9.74 -5.28 11.18
N PRO A 124 11.05 -5.28 11.23
CA PRO A 124 11.84 -6.49 11.60
C PRO A 124 11.84 -6.73 13.10
N PHE A 125 12.15 -7.97 13.50
CA PHE A 125 12.18 -8.32 14.92
C PHE A 125 12.98 -7.28 15.71
N ASP A 126 13.71 -6.43 14.99
CA ASP A 126 14.52 -5.40 15.63
C ASP A 126 13.84 -4.04 15.50
N TYR A 127 12.58 -4.04 15.08
CA TYR A 127 11.83 -2.80 14.93
C TYR A 127 11.92 -1.93 16.17
N ILE A 128 11.61 -2.52 17.32
CA ILE A 128 11.64 -1.80 18.58
C ILE A 128 11.83 -0.30 18.35
N GLY A 129 10.73 0.42 18.29
CA GLY A 129 10.78 1.87 18.05
C GLY A 129 10.56 2.18 16.58
N ASP A 130 11.65 2.34 15.84
CA ASP A 130 11.56 2.64 14.41
C ASP A 130 12.48 1.74 13.60
N ALA A 131 11.90 0.86 12.78
CA ALA A 131 12.70 -0.04 11.96
C ALA A 131 13.96 0.65 11.45
N PRO A 132 15.06 -0.05 11.43
CA PRO A 132 16.36 0.51 10.94
C PRO A 132 16.33 0.83 9.46
N ASP A 133 15.38 0.21 8.75
CA ASP A 133 15.24 0.43 7.32
C ASP A 133 13.92 -0.13 6.81
N ARG A 134 13.13 0.73 6.16
CA ARG A 134 11.84 0.30 5.62
C ARG A 134 11.93 0.15 4.10
N TYR A 135 11.35 -0.93 3.59
CA TYR A 135 11.39 -1.19 2.15
C TYR A 135 10.41 -0.25 1.44
N ILE A 136 10.88 0.41 0.38
CA ILE A 136 10.01 1.34 -0.34
C ILE A 136 9.74 0.88 -1.77
N ILE A 137 8.47 0.61 -2.07
CA ILE A 137 8.10 0.21 -3.42
C ILE A 137 7.37 1.35 -4.11
N GLU A 138 8.01 1.94 -5.10
CA GLU A 138 7.42 3.05 -5.84
C GLU A 138 6.67 2.55 -7.07
N ALA A 139 5.48 3.11 -7.29
CA ALA A 139 4.67 2.71 -8.44
C ALA A 139 4.02 3.92 -9.10
N LYS A 140 3.82 3.82 -10.41
CA LYS A 140 3.21 4.91 -11.17
C LYS A 140 1.97 4.43 -11.91
N LEU A 141 0.95 5.28 -11.96
CA LEU A 141 -0.28 4.92 -12.66
C LEU A 141 -0.03 4.88 -14.17
N THR A 142 -0.31 3.73 -14.76
CA THR A 142 -0.14 3.55 -16.20
C THR A 142 -1.46 3.71 -16.93
N GLY A 143 -2.51 3.06 -16.41
CA GLY A 143 -3.82 3.15 -17.03
C GLY A 143 -4.92 3.20 -15.99
N SER A 144 -6.17 3.23 -16.44
CA SER A 144 -7.30 3.28 -15.53
C SER A 144 -8.53 2.61 -16.14
N TYR A 145 -9.40 2.09 -15.28
CA TYR A 145 -10.61 1.43 -15.75
C TYR A 145 -11.78 1.78 -14.84
N SER A 146 -12.98 1.81 -15.42
CA SER A 146 -14.18 2.14 -14.67
C SER A 146 -15.33 1.22 -15.08
N LYS A 147 -15.85 0.45 -14.13
CA LYS A 147 -16.96 -0.46 -14.41
C LYS A 147 -17.32 -1.27 -13.16
N GLY A 1 -26.05 -10.50 17.06
CA GLY A 1 -26.32 -11.12 15.73
C GLY A 1 -25.29 -10.63 14.71
N SER A 2 -24.06 -11.12 14.84
CA SER A 2 -23.00 -10.73 13.94
C SER A 2 -23.15 -9.26 13.54
N HIS A 3 -22.54 -8.90 12.41
CA HIS A 3 -22.60 -7.52 11.93
C HIS A 3 -23.43 -7.45 10.65
N MET A 4 -23.79 -6.22 10.26
CA MET A 4 -24.59 -6.02 9.06
C MET A 4 -23.86 -6.54 7.83
N SER A 5 -23.00 -5.70 7.25
CA SER A 5 -22.24 -6.10 6.07
C SER A 5 -21.10 -5.12 5.81
N SER A 6 -19.90 -5.65 5.65
CA SER A 6 -18.73 -4.81 5.40
C SER A 6 -18.68 -3.64 6.37
N GLN A 7 -19.49 -2.61 6.10
CA GLN A 7 -19.53 -1.43 6.96
C GLN A 7 -18.14 -0.77 7.02
N THR A 8 -17.56 -0.52 5.84
CA THR A 8 -16.26 0.11 5.78
C THR A 8 -16.34 1.43 5.04
N GLU A 9 -15.63 2.45 5.55
CA GLU A 9 -15.64 3.76 4.93
C GLU A 9 -14.45 4.59 5.41
N HIS A 10 -14.75 5.71 6.07
CA HIS A 10 -13.70 6.58 6.57
C HIS A 10 -13.02 5.95 7.78
N LYS A 11 -13.64 4.90 8.32
CA LYS A 11 -13.08 4.21 9.48
C LYS A 11 -11.72 3.62 9.14
N GLU A 12 -10.73 3.94 9.97
CA GLU A 12 -9.38 3.45 9.76
C GLU A 12 -9.28 1.99 10.25
N GLY A 13 -8.34 1.24 9.70
CA GLY A 13 -8.16 -0.15 10.09
C GLY A 13 -9.23 -1.05 9.47
N GLU A 14 -9.88 -0.55 8.42
CA GLU A 14 -10.93 -1.31 7.78
C GLU A 14 -10.64 -1.43 6.28
N LYS A 15 -11.06 -2.55 5.71
CA LYS A 15 -10.84 -2.78 4.29
C LYS A 15 -11.61 -1.74 3.47
N VAL A 16 -10.87 -0.96 2.70
CA VAL A 16 -11.48 0.06 1.86
C VAL A 16 -11.20 -0.18 0.38
N ALA A 17 -10.16 -0.94 0.11
CA ALA A 17 -9.78 -1.24 -1.28
C ALA A 17 -9.15 -2.62 -1.39
N MET A 18 -9.12 -3.14 -2.60
CA MET A 18 -8.53 -4.47 -2.81
C MET A 18 -7.31 -4.36 -3.72
N LEU A 19 -6.28 -5.14 -3.41
CA LEU A 19 -5.06 -5.14 -4.20
C LEU A 19 -4.92 -6.44 -4.98
N ASN A 20 -4.83 -6.32 -6.29
CA ASN A 20 -4.68 -7.51 -7.14
C ASN A 20 -3.35 -7.47 -7.89
N ILE A 21 -2.62 -8.57 -7.82
CA ILE A 21 -1.32 -8.66 -8.50
C ILE A 21 -1.38 -9.70 -9.61
N PRO A 22 -1.36 -9.29 -10.86
CA PRO A 22 -1.44 -10.21 -12.02
C PRO A 22 -0.12 -10.91 -12.33
N LYS A 23 0.96 -10.15 -12.25
CA LYS A 23 2.28 -10.70 -12.54
C LYS A 23 2.61 -11.88 -11.63
N LEU A 24 2.32 -11.73 -10.34
CA LEU A 24 2.58 -12.78 -9.38
C LEU A 24 1.29 -13.54 -9.05
N LYS A 25 0.21 -13.15 -9.73
CA LYS A 25 -1.07 -13.80 -9.52
C LYS A 25 -1.42 -13.88 -8.03
N LYS A 26 -1.44 -12.72 -7.39
CA LYS A 26 -1.75 -12.66 -5.97
C LYS A 26 -2.74 -11.55 -5.68
N LYS A 27 -3.49 -11.68 -4.60
CA LYS A 27 -4.47 -10.66 -4.24
C LYS A 27 -4.40 -10.36 -2.74
N PHE A 28 -4.51 -9.07 -2.40
CA PHE A 28 -4.46 -8.66 -0.99
C PHE A 28 -5.51 -7.59 -0.71
N SER A 29 -5.89 -7.45 0.55
CA SER A 29 -6.88 -6.46 0.94
C SER A 29 -6.21 -5.22 1.52
N ILE A 30 -6.66 -4.05 1.08
CA ILE A 30 -6.09 -2.80 1.56
C ILE A 30 -6.98 -2.19 2.64
N TYR A 31 -6.40 -1.88 3.80
CA TYR A 31 -7.16 -1.30 4.90
C TYR A 31 -6.86 0.19 5.05
N TRP A 32 -7.90 0.99 5.32
CA TRP A 32 -7.73 2.42 5.49
C TRP A 32 -6.99 2.73 6.79
N GLY A 33 -5.98 3.58 6.71
CA GLY A 33 -5.21 3.94 7.90
C GLY A 33 -4.34 2.79 8.35
N ALA A 34 -3.50 3.06 9.33
CA ALA A 34 -2.62 2.02 9.85
C ALA A 34 -2.32 2.25 11.33
N ASP A 35 -3.26 1.89 12.19
CA ASP A 35 -3.08 2.08 13.62
C ASP A 35 -2.56 0.80 14.26
N ASP A 36 -1.78 0.96 15.34
CA ASP A 36 -1.21 -0.19 16.03
C ASP A 36 -2.28 -0.92 16.82
N ALA A 37 -3.42 -0.26 17.04
CA ALA A 37 -4.52 -0.86 17.77
C ALA A 37 -5.06 -2.09 17.04
N THR A 38 -5.10 -2.00 15.71
CA THR A 38 -5.59 -3.12 14.90
C THR A 38 -4.70 -4.34 15.08
N LEU A 39 -5.32 -5.49 15.28
CA LEU A 39 -4.58 -6.74 15.46
C LEU A 39 -4.55 -7.55 14.17
N LYS A 40 -3.37 -8.05 13.81
CA LYS A 40 -3.22 -8.83 12.60
C LYS A 40 -3.37 -7.94 11.36
N LYS A 41 -2.48 -6.97 11.21
CA LYS A 41 -2.56 -6.08 10.06
C LYS A 41 -1.75 -6.63 8.90
N GLY A 42 -0.76 -5.87 8.44
CA GLY A 42 0.07 -6.29 7.32
C GLY A 42 0.04 -5.29 6.18
N VAL A 43 -1.16 -4.97 5.71
CA VAL A 43 -1.31 -4.00 4.62
C VAL A 43 -2.24 -2.87 5.03
N GLY A 44 -1.67 -1.80 5.56
CA GLY A 44 -2.46 -0.65 5.98
C GLY A 44 -2.17 0.58 5.13
N MET A 45 -3.20 1.36 4.85
CA MET A 45 -3.04 2.57 4.05
C MET A 45 -2.75 3.76 4.95
N PHE A 46 -1.68 4.49 4.64
CA PHE A 46 -1.32 5.65 5.43
C PHE A 46 -2.32 6.78 5.22
N VAL A 47 -2.77 7.37 6.32
CA VAL A 47 -3.73 8.47 6.24
C VAL A 47 -3.10 9.75 6.78
N SER A 48 -2.83 10.69 5.88
CA SER A 48 -2.24 11.96 6.27
C SER A 48 -2.67 13.08 5.33
N ASP A 49 -2.32 14.31 5.67
CA ASP A 49 -2.68 15.44 4.84
C ASP A 49 -2.02 15.36 3.47
N VAL A 50 -0.79 14.87 3.45
CA VAL A 50 -0.06 14.73 2.18
C VAL A 50 -0.42 13.43 1.49
N THR A 51 -0.59 12.37 2.26
CA THR A 51 -0.93 11.08 1.69
C THR A 51 -2.44 10.96 1.52
N THR A 52 -2.86 10.07 0.63
CA THR A 52 -4.28 9.86 0.37
C THR A 52 -4.51 8.51 -0.29
N THR A 53 -5.78 8.15 -0.45
CA THR A 53 -6.12 6.87 -1.07
C THR A 53 -6.13 6.99 -2.60
N PRO A 54 -6.00 5.89 -3.29
CA PRO A 54 -5.99 5.88 -4.78
C PRO A 54 -7.39 5.88 -5.37
N SER A 55 -7.98 7.07 -5.48
CA SER A 55 -9.32 7.20 -6.04
C SER A 55 -9.31 8.07 -7.28
N GLY A 56 -8.16 8.65 -7.58
CA GLY A 56 -8.01 9.51 -8.74
C GLY A 56 -6.92 10.56 -8.53
N GLY A 57 -5.69 10.19 -8.86
CA GLY A 57 -4.56 11.10 -8.70
C GLY A 57 -4.35 11.46 -7.23
N GLY A 58 -3.42 10.76 -6.58
CA GLY A 58 -3.13 11.01 -5.18
C GLY A 58 -1.92 10.20 -4.71
N HIS A 59 -1.21 10.74 -3.74
CA HIS A 59 -0.05 10.05 -3.18
C HIS A 59 -0.53 8.94 -2.27
N THR A 60 -0.47 7.71 -2.75
CA THR A 60 -0.91 6.57 -1.97
C THR A 60 0.28 5.91 -1.29
N VAL A 61 0.20 5.77 0.03
CA VAL A 61 1.29 5.17 0.77
C VAL A 61 0.79 3.90 1.46
N LEU A 62 1.54 2.82 1.29
CA LEU A 62 1.19 1.55 1.89
C LEU A 62 2.23 1.16 2.93
N SER A 63 1.75 0.61 4.04
CA SER A 63 2.63 0.21 5.13
C SER A 63 2.63 -1.31 5.28
N GLY A 64 3.83 -1.88 5.42
CA GLY A 64 4.00 -3.31 5.59
C GLY A 64 4.91 -3.62 6.76
N HIS A 65 4.41 -3.40 7.98
CA HIS A 65 5.21 -3.65 9.18
C HIS A 65 5.73 -5.08 9.18
N ARG A 66 7.00 -5.24 9.55
CA ARG A 66 7.62 -6.56 9.59
C ARG A 66 7.86 -7.09 8.18
N ASP A 67 8.52 -8.24 8.09
CA ASP A 67 8.83 -8.84 6.80
C ASP A 67 7.76 -9.85 6.41
N THR A 68 7.14 -9.65 5.25
CA THR A 68 6.11 -10.54 4.77
C THR A 68 6.13 -10.64 3.25
N VAL A 69 7.33 -10.82 2.69
CA VAL A 69 7.47 -10.92 1.25
C VAL A 69 7.74 -12.36 0.83
N PHE A 70 6.83 -12.93 0.03
CA PHE A 70 6.99 -14.30 -0.42
C PHE A 70 8.05 -14.39 -1.51
N THR A 71 7.81 -13.71 -2.63
CA THR A 71 8.76 -13.72 -3.73
C THR A 71 9.35 -12.33 -3.92
N ASP A 72 10.54 -12.11 -3.38
CA ASP A 72 11.19 -10.82 -3.49
C ASP A 72 11.42 -10.46 -4.95
N LEU A 73 11.85 -11.44 -5.74
CA LEU A 73 12.10 -11.21 -7.16
C LEU A 73 10.80 -10.83 -7.88
N GLY A 74 9.71 -11.49 -7.53
CA GLY A 74 8.42 -11.21 -8.15
C GLY A 74 7.92 -9.82 -7.77
N GLN A 75 8.09 -9.47 -6.50
CA GLN A 75 7.64 -8.17 -6.00
C GLN A 75 8.50 -7.04 -6.55
N LEU A 76 9.82 -7.26 -6.57
CA LEU A 76 10.73 -6.24 -7.06
C LEU A 76 11.01 -6.43 -8.56
N LYS A 77 10.47 -5.54 -9.37
CA LYS A 77 10.66 -5.60 -10.81
C LYS A 77 9.88 -4.49 -11.50
N GLU A 78 10.38 -4.04 -12.64
CA GLU A 78 9.73 -2.98 -13.41
C GLU A 78 8.59 -3.56 -14.23
N LYS A 79 8.55 -4.88 -14.32
CA LYS A 79 7.51 -5.56 -15.08
C LYS A 79 6.28 -5.81 -14.21
N ASP A 80 6.46 -5.68 -12.89
CA ASP A 80 5.36 -5.92 -11.96
C ASP A 80 4.28 -4.85 -12.12
N THR A 81 3.04 -5.20 -11.77
CA THR A 81 1.94 -4.28 -11.88
C THR A 81 1.01 -4.46 -10.69
N LEU A 82 0.59 -3.36 -10.13
CA LEU A 82 -0.30 -3.41 -8.99
C LEU A 82 -1.66 -2.82 -9.37
N VAL A 83 -2.71 -3.56 -9.10
CA VAL A 83 -4.05 -3.10 -9.44
C VAL A 83 -4.80 -2.69 -8.17
N LEU A 84 -5.22 -1.44 -8.13
CA LEU A 84 -5.94 -0.92 -6.98
C LEU A 84 -7.42 -0.77 -7.27
N GLU A 85 -8.24 -1.45 -6.46
CA GLU A 85 -9.68 -1.38 -6.64
C GLU A 85 -10.29 -0.45 -5.61
N TYR A 86 -10.83 0.67 -6.09
CA TYR A 86 -11.44 1.66 -5.21
C TYR A 86 -12.61 2.37 -5.90
N ASP A 87 -13.74 2.47 -5.19
CA ASP A 87 -14.92 3.14 -5.74
C ASP A 87 -15.40 2.44 -7.01
N ASN A 88 -15.38 1.12 -7.00
CA ASN A 88 -15.84 0.34 -8.15
C ASN A 88 -14.95 0.62 -9.36
N LYS A 89 -13.83 1.30 -9.11
CA LYS A 89 -12.90 1.62 -10.18
C LYS A 89 -11.61 0.83 -10.03
N THR A 90 -10.98 0.53 -11.16
CA THR A 90 -9.74 -0.24 -11.13
C THR A 90 -8.58 0.60 -11.65
N TYR A 91 -7.64 0.90 -10.76
CA TYR A 91 -6.48 1.70 -11.13
C TYR A 91 -5.30 0.77 -11.34
N THR A 92 -4.62 0.92 -12.48
CA THR A 92 -3.50 0.06 -12.80
C THR A 92 -2.17 0.76 -12.54
N TYR A 93 -1.36 0.17 -11.65
CA TYR A 93 -0.06 0.73 -11.32
C TYR A 93 1.06 -0.16 -11.82
N GLU A 94 2.24 0.44 -11.99
CA GLU A 94 3.41 -0.29 -12.47
C GLU A 94 4.62 0.03 -11.61
N ILE A 95 5.43 -0.98 -11.31
CA ILE A 95 6.61 -0.76 -10.50
C ILE A 95 7.62 0.09 -11.26
N GLN A 96 7.95 1.23 -10.69
CA GLN A 96 8.91 2.14 -11.33
C GLN A 96 10.32 1.84 -10.87
N LYS A 97 10.57 2.00 -9.57
CA LYS A 97 11.89 1.73 -9.03
C LYS A 97 11.77 1.25 -7.60
N ILE A 98 12.64 0.32 -7.22
CA ILE A 98 12.61 -0.21 -5.88
C ILE A 98 13.91 0.09 -5.15
N TRP A 99 13.80 0.63 -3.95
CA TRP A 99 14.98 0.97 -3.16
C TRP A 99 14.70 0.87 -1.67
N ILE A 100 15.70 1.23 -0.86
CA ILE A 100 15.56 1.17 0.58
C ILE A 100 15.91 2.53 1.20
N THR A 101 15.06 3.00 2.10
CA THR A 101 15.28 4.29 2.75
C THR A 101 15.11 4.18 4.26
N HIS A 102 15.46 5.24 4.97
CA HIS A 102 15.34 5.24 6.42
C HIS A 102 13.88 5.35 6.84
N ALA A 103 13.60 4.99 8.10
CA ALA A 103 12.24 5.06 8.62
C ALA A 103 11.81 6.50 8.83
N ASP A 104 12.76 7.43 8.74
CA ASP A 104 12.47 8.84 8.93
C ASP A 104 12.45 9.57 7.58
N ASP A 105 12.36 8.82 6.49
CA ASP A 105 12.33 9.41 5.15
C ASP A 105 10.91 9.80 4.77
N ARG A 106 10.61 11.09 4.88
CA ARG A 106 9.29 11.59 4.54
C ARG A 106 9.08 11.58 3.03
N THR A 107 10.18 11.57 2.30
CA THR A 107 10.14 11.58 0.84
C THR A 107 9.12 10.59 0.33
N VAL A 108 8.76 9.62 1.16
CA VAL A 108 7.78 8.63 0.77
C VAL A 108 6.43 8.95 1.38
N ILE A 109 6.44 9.81 2.39
CA ILE A 109 5.21 10.22 3.06
C ILE A 109 4.87 11.67 2.75
N ILE A 110 5.39 12.16 1.63
CA ILE A 110 5.13 13.54 1.21
C ILE A 110 3.86 13.63 0.36
N LYS A 111 3.72 14.73 -0.37
CA LYS A 111 2.56 14.94 -1.22
C LYS A 111 2.96 14.89 -2.70
N LYS A 112 2.07 14.32 -3.52
CA LYS A 112 2.33 14.23 -4.95
C LYS A 112 1.13 14.71 -5.74
N GLU A 113 1.39 15.34 -6.89
CA GLU A 113 0.31 15.85 -7.72
C GLU A 113 -0.17 14.76 -8.69
N GLU A 114 0.26 13.52 -8.43
CA GLU A 114 -0.14 12.41 -9.29
C GLU A 114 -0.40 11.14 -8.47
N PRO A 115 -1.03 10.17 -9.07
CA PRO A 115 -1.33 8.88 -8.39
C PRO A 115 -0.13 7.97 -8.34
N ILE A 116 0.52 7.99 -7.19
CA ILE A 116 1.71 7.18 -6.98
C ILE A 116 1.55 6.33 -5.74
N LEU A 117 1.85 5.04 -5.86
CA LEU A 117 1.74 4.12 -4.74
C LEU A 117 3.12 3.85 -4.15
N THR A 118 3.26 4.16 -2.88
CA THR A 118 4.52 3.94 -2.19
C THR A 118 4.32 2.94 -1.06
N LEU A 119 4.80 1.72 -1.26
CA LEU A 119 4.65 0.69 -0.25
C LEU A 119 5.96 0.53 0.52
N THR A 120 5.85 0.59 1.85
CA THR A 120 7.03 0.45 2.68
C THR A 120 6.89 -0.75 3.61
N THR A 121 7.96 -1.51 3.75
CA THR A 121 7.93 -2.69 4.61
C THR A 121 9.16 -2.75 5.49
N CYS A 122 9.13 -3.66 6.45
CA CYS A 122 10.23 -3.85 7.38
C CYS A 122 9.99 -3.06 8.66
N TYR A 123 10.15 -1.75 8.56
CA TYR A 123 9.96 -0.88 9.72
C TYR A 123 10.88 -1.32 10.86
N PRO A 124 11.86 -0.53 11.20
CA PRO A 124 12.83 -0.87 12.29
C PRO A 124 12.13 -1.31 13.58
N PHE A 125 11.07 -0.61 13.96
CA PHE A 125 10.34 -0.94 15.17
C PHE A 125 9.66 -2.31 15.04
N ASP A 126 8.93 -2.49 13.95
CA ASP A 126 8.21 -3.75 13.71
C ASP A 126 9.18 -4.87 13.38
N TYR A 127 10.15 -4.57 12.53
CA TYR A 127 11.15 -5.56 12.12
C TYR A 127 11.83 -6.16 13.34
N ILE A 128 12.10 -7.45 13.28
CA ILE A 128 12.75 -8.14 14.38
C ILE A 128 14.06 -7.44 14.75
N GLY A 129 14.06 -6.76 15.89
CA GLY A 129 15.25 -6.05 16.34
C GLY A 129 15.26 -4.62 15.81
N ASP A 130 16.22 -4.33 14.94
CA ASP A 130 16.34 -2.99 14.36
C ASP A 130 16.73 -3.08 12.88
N ALA A 131 15.79 -2.81 11.99
CA ALA A 131 16.07 -2.85 10.56
C ALA A 131 16.94 -1.66 10.16
N PRO A 132 18.12 -1.90 9.64
CA PRO A 132 19.04 -0.81 9.21
C PRO A 132 18.31 0.23 8.35
N ASP A 133 17.31 -0.21 7.60
CA ASP A 133 16.55 0.69 6.75
C ASP A 133 15.16 0.11 6.47
N ARG A 134 14.35 0.85 5.72
CA ARG A 134 13.01 0.40 5.40
C ARG A 134 12.87 0.23 3.89
N TYR A 135 12.31 -0.90 3.47
CA TYR A 135 12.14 -1.17 2.05
C TYR A 135 11.08 -0.24 1.45
N ILE A 136 11.37 0.33 0.28
CA ILE A 136 10.42 1.25 -0.36
C ILE A 136 10.03 0.76 -1.76
N ILE A 137 8.76 0.43 -1.94
CA ILE A 137 8.28 -0.01 -3.23
C ILE A 137 7.56 1.14 -3.92
N GLU A 138 8.17 1.70 -4.96
CA GLU A 138 7.56 2.82 -5.68
C GLU A 138 6.84 2.35 -6.93
N ALA A 139 5.66 2.91 -7.17
CA ALA A 139 4.87 2.53 -8.34
C ALA A 139 4.00 3.70 -8.81
N LYS A 140 3.76 3.78 -10.12
CA LYS A 140 2.94 4.86 -10.67
C LYS A 140 1.74 4.30 -11.43
N LEU A 141 0.71 5.12 -11.57
CA LEU A 141 -0.50 4.68 -12.27
C LEU A 141 -0.31 4.80 -13.77
N THR A 142 -0.46 3.68 -14.47
CA THR A 142 -0.32 3.66 -15.92
C THR A 142 -1.69 3.72 -16.60
N GLY A 143 -2.66 2.99 -16.04
CA GLY A 143 -4.00 2.98 -16.61
C GLY A 143 -5.05 2.75 -15.54
N SER A 144 -6.27 3.21 -15.79
CA SER A 144 -7.35 3.03 -14.83
C SER A 144 -8.63 2.57 -15.51
N TYR A 145 -9.51 1.96 -14.73
CA TYR A 145 -10.77 1.46 -15.25
C TYR A 145 -11.93 1.82 -14.32
N SER A 146 -13.09 2.08 -14.90
CA SER A 146 -14.27 2.43 -14.10
C SER A 146 -15.45 1.56 -14.50
N LYS A 147 -15.90 0.72 -13.57
CA LYS A 147 -17.02 -0.17 -13.84
C LYS A 147 -16.79 -0.96 -15.12
N GLY A 1 -20.68 -5.43 19.40
CA GLY A 1 -19.36 -5.98 18.98
C GLY A 1 -18.45 -4.84 18.54
N SER A 2 -17.87 -4.15 19.51
CA SER A 2 -16.98 -3.03 19.22
C SER A 2 -17.38 -2.36 17.91
N HIS A 3 -18.10 -1.24 18.03
CA HIS A 3 -18.54 -0.51 16.86
C HIS A 3 -18.83 -1.47 15.70
N MET A 4 -20.06 -1.93 15.60
CA MET A 4 -20.45 -2.85 14.55
C MET A 4 -19.62 -2.61 13.29
N SER A 5 -19.43 -3.65 12.50
CA SER A 5 -18.64 -3.54 11.28
C SER A 5 -19.41 -2.75 10.22
N SER A 6 -18.68 -2.21 9.25
CA SER A 6 -19.30 -1.43 8.19
C SER A 6 -18.78 -1.86 6.83
N GLN A 7 -19.64 -1.78 5.81
CA GLN A 7 -19.25 -2.18 4.47
C GLN A 7 -18.05 -1.37 4.00
N THR A 8 -18.26 -0.54 2.98
CA THR A 8 -17.19 0.29 2.45
C THR A 8 -17.45 1.76 2.75
N GLU A 9 -16.57 2.36 3.54
CA GLU A 9 -16.71 3.76 3.89
C GLU A 9 -15.34 4.41 4.11
N HIS A 10 -15.33 5.54 4.80
CA HIS A 10 -14.08 6.25 5.06
C HIS A 10 -13.46 5.77 6.38
N LYS A 11 -14.12 4.83 7.03
CA LYS A 11 -13.65 4.30 8.31
C LYS A 11 -12.38 3.48 8.11
N GLU A 12 -11.53 3.44 9.12
CA GLU A 12 -10.28 2.68 9.04
C GLU A 12 -10.53 1.23 9.46
N GLY A 13 -9.79 0.31 8.85
CA GLY A 13 -9.94 -1.11 9.17
C GLY A 13 -11.03 -1.76 8.33
N GLU A 14 -11.38 -1.11 7.22
CA GLU A 14 -12.41 -1.64 6.34
C GLU A 14 -11.86 -1.79 4.92
N LYS A 15 -12.08 -2.96 4.33
CA LYS A 15 -11.61 -3.23 2.99
C LYS A 15 -12.16 -2.18 2.03
N VAL A 16 -11.33 -1.20 1.68
CA VAL A 16 -11.74 -0.13 0.79
C VAL A 16 -11.21 -0.39 -0.63
N ALA A 17 -10.07 -1.04 -0.73
CA ALA A 17 -9.48 -1.33 -2.03
C ALA A 17 -8.81 -2.70 -2.03
N MET A 18 -8.63 -3.26 -3.21
CA MET A 18 -8.00 -4.57 -3.33
C MET A 18 -6.72 -4.48 -4.16
N LEU A 19 -5.69 -5.20 -3.74
CA LEU A 19 -4.43 -5.18 -4.47
C LEU A 19 -4.23 -6.48 -5.23
N ASN A 20 -4.23 -6.39 -6.56
CA ASN A 20 -4.06 -7.56 -7.41
C ASN A 20 -2.68 -7.56 -8.05
N ILE A 21 -1.96 -8.65 -7.86
CA ILE A 21 -0.62 -8.78 -8.43
C ILE A 21 -0.64 -9.69 -9.65
N PRO A 22 -0.38 -9.15 -10.82
CA PRO A 22 -0.40 -9.93 -12.09
C PRO A 22 0.85 -10.79 -12.28
N LYS A 23 2.01 -10.20 -12.06
CA LYS A 23 3.27 -10.92 -12.22
C LYS A 23 3.32 -12.12 -11.28
N LEU A 24 2.84 -11.94 -10.06
CA LEU A 24 2.83 -13.03 -9.09
C LEU A 24 1.47 -13.69 -9.03
N LYS A 25 0.53 -13.15 -9.79
CA LYS A 25 -0.81 -13.73 -9.82
C LYS A 25 -1.37 -13.86 -8.41
N LYS A 26 -1.11 -12.86 -7.59
CA LYS A 26 -1.58 -12.88 -6.21
C LYS A 26 -2.49 -11.69 -5.94
N LYS A 27 -3.41 -11.86 -5.00
CA LYS A 27 -4.34 -10.80 -4.66
C LYS A 27 -4.35 -10.56 -3.15
N PHE A 28 -4.47 -9.28 -2.77
CA PHE A 28 -4.50 -8.92 -1.35
C PHE A 28 -5.59 -7.89 -1.08
N SER A 29 -6.14 -7.92 0.13
CA SER A 29 -7.20 -6.97 0.49
C SER A 29 -6.61 -5.81 1.28
N ILE A 30 -6.69 -4.61 0.72
CA ILE A 30 -6.18 -3.43 1.39
C ILE A 30 -7.28 -2.74 2.19
N TYR A 31 -7.02 -2.49 3.47
CA TYR A 31 -8.00 -1.85 4.33
C TYR A 31 -7.59 -0.41 4.65
N TRP A 32 -8.57 0.48 4.72
CA TRP A 32 -8.28 1.87 5.02
C TRP A 32 -7.63 2.03 6.39
N GLY A 33 -6.50 2.70 6.42
CA GLY A 33 -5.77 2.91 7.68
C GLY A 33 -4.80 1.79 7.94
N ALA A 34 -3.92 1.99 8.92
CA ALA A 34 -2.96 0.97 9.27
C ALA A 34 -2.32 1.28 10.63
N ASP A 35 -2.63 0.45 11.62
CA ASP A 35 -2.08 0.64 12.96
C ASP A 35 -0.93 -0.33 13.21
N ASP A 36 0.22 0.20 13.60
CA ASP A 36 1.38 -0.64 13.87
C ASP A 36 1.29 -1.23 15.27
N ALA A 37 0.26 -0.85 16.01
CA ALA A 37 0.06 -1.36 17.37
C ALA A 37 -0.35 -2.82 17.34
N THR A 38 -1.53 -3.09 16.77
CA THR A 38 -2.02 -4.45 16.69
C THR A 38 -1.50 -5.14 15.44
N LEU A 39 -1.68 -6.46 15.36
CA LEU A 39 -1.21 -7.21 14.20
C LEU A 39 -2.36 -7.46 13.23
N LYS A 40 -2.59 -6.50 12.34
CA LYS A 40 -3.67 -6.62 11.36
C LYS A 40 -3.23 -7.49 10.19
N LYS A 41 -4.05 -7.55 9.16
CA LYS A 41 -3.73 -8.35 7.97
C LYS A 41 -2.35 -8.00 7.46
N GLY A 42 -1.92 -6.77 7.70
CA GLY A 42 -0.61 -6.31 7.25
C GLY A 42 -0.74 -5.34 6.09
N VAL A 43 -1.72 -5.56 5.22
CA VAL A 43 -1.92 -4.68 4.09
C VAL A 43 -2.93 -3.59 4.43
N GLY A 44 -2.42 -2.42 4.82
CA GLY A 44 -3.29 -1.31 5.18
C GLY A 44 -2.84 -0.03 4.48
N MET A 45 -3.76 0.93 4.40
CA MET A 45 -3.46 2.21 3.76
C MET A 45 -3.22 3.30 4.81
N PHE A 46 -2.23 4.14 4.57
CA PHE A 46 -1.93 5.22 5.51
C PHE A 46 -2.94 6.35 5.36
N VAL A 47 -3.64 6.64 6.45
CA VAL A 47 -4.64 7.70 6.43
C VAL A 47 -4.07 9.00 6.98
N SER A 48 -4.08 10.04 6.16
CA SER A 48 -3.55 11.32 6.58
C SER A 48 -4.14 12.45 5.71
N ASP A 49 -3.97 13.69 6.16
CA ASP A 49 -4.48 14.83 5.43
C ASP A 49 -3.79 14.95 4.07
N VAL A 50 -2.52 14.58 4.02
CA VAL A 50 -1.78 14.65 2.76
C VAL A 50 -2.00 13.40 1.92
N THR A 51 -2.01 12.25 2.56
CA THR A 51 -2.21 11.01 1.83
C THR A 51 -3.67 10.81 1.47
N THR A 52 -3.93 9.95 0.50
CA THR A 52 -5.31 9.67 0.07
C THR A 52 -5.40 8.30 -0.58
N THR A 53 -6.63 7.85 -0.81
CA THR A 53 -6.85 6.55 -1.44
C THR A 53 -6.88 6.69 -2.96
N PRO A 54 -6.54 5.63 -3.66
CA PRO A 54 -6.53 5.62 -5.15
C PRO A 54 -7.93 5.61 -5.75
N SER A 55 -8.51 6.79 -5.89
CA SER A 55 -9.85 6.92 -6.45
C SER A 55 -9.82 7.74 -7.74
N GLY A 56 -8.63 8.11 -8.17
CA GLY A 56 -8.48 8.90 -9.38
C GLY A 56 -7.46 10.02 -9.19
N GLY A 57 -6.20 9.73 -9.49
CA GLY A 57 -5.14 10.72 -9.34
C GLY A 57 -5.00 11.16 -7.89
N GLY A 58 -4.22 10.41 -7.10
CA GLY A 58 -4.01 10.74 -5.70
C GLY A 58 -2.83 9.96 -5.14
N HIS A 59 -2.32 10.43 -4.01
CA HIS A 59 -1.20 9.77 -3.37
C HIS A 59 -1.68 8.58 -2.54
N THR A 60 -1.18 7.40 -2.86
CA THR A 60 -1.57 6.21 -2.14
C THR A 60 -0.37 5.62 -1.39
N VAL A 61 -0.51 5.48 -0.08
CA VAL A 61 0.57 4.94 0.73
C VAL A 61 0.15 3.61 1.36
N LEU A 62 0.98 2.59 1.19
CA LEU A 62 0.71 1.26 1.73
C LEU A 62 1.72 0.89 2.80
N SER A 63 1.24 0.15 3.81
CA SER A 63 2.10 -0.27 4.90
C SER A 63 1.95 -1.76 5.15
N GLY A 64 3.08 -2.44 5.34
CA GLY A 64 3.06 -3.88 5.59
C GLY A 64 4.33 -4.33 6.31
N HIS A 65 4.28 -5.54 6.87
CA HIS A 65 5.42 -6.08 7.57
C HIS A 65 5.86 -7.41 6.98
N ARG A 66 7.14 -7.73 7.14
CA ARG A 66 7.67 -8.99 6.62
C ARG A 66 7.54 -9.04 5.09
N ASP A 67 8.64 -8.78 4.40
CA ASP A 67 8.63 -8.79 2.95
C ASP A 67 8.34 -10.19 2.43
N THR A 68 8.79 -11.20 3.20
CA THR A 68 8.58 -12.59 2.80
C THR A 68 9.45 -12.95 1.60
N VAL A 69 10.49 -13.74 1.85
CA VAL A 69 11.40 -14.14 0.79
C VAL A 69 10.60 -14.59 -0.44
N PHE A 70 9.39 -15.06 -0.21
CA PHE A 70 8.52 -15.51 -1.31
C PHE A 70 7.99 -14.32 -2.09
N THR A 71 7.88 -14.49 -3.41
CA THR A 71 7.37 -13.43 -4.27
C THR A 71 8.11 -12.13 -3.99
N ASP A 72 9.14 -12.20 -3.17
CA ASP A 72 9.92 -11.02 -2.83
C ASP A 72 10.54 -10.42 -4.09
N LEU A 73 11.13 -11.25 -4.92
CA LEU A 73 11.75 -10.77 -6.15
C LEU A 73 10.72 -10.10 -7.06
N GLY A 74 9.56 -10.72 -7.16
CA GLY A 74 8.49 -10.18 -7.99
C GLY A 74 8.03 -8.82 -7.48
N GLN A 75 8.13 -8.61 -6.17
CA GLN A 75 7.72 -7.35 -5.56
C GLN A 75 8.67 -6.22 -5.95
N LEU A 76 9.95 -6.55 -5.98
CA LEU A 76 10.97 -5.56 -6.33
C LEU A 76 11.43 -5.74 -7.78
N LYS A 77 10.86 -4.94 -8.67
CA LYS A 77 11.22 -5.03 -10.09
C LYS A 77 10.39 -4.03 -10.88
N GLU A 78 10.97 -3.52 -11.97
CA GLU A 78 10.29 -2.56 -12.83
C GLU A 78 9.31 -3.25 -13.74
N LYS A 79 9.42 -4.57 -13.82
CA LYS A 79 8.54 -5.36 -14.65
C LYS A 79 7.24 -5.66 -13.91
N ASP A 80 7.25 -5.46 -12.59
CA ASP A 80 6.06 -5.73 -11.78
C ASP A 80 4.99 -4.66 -12.02
N THR A 81 3.72 -5.02 -11.83
CA THR A 81 2.62 -4.09 -12.04
C THR A 81 1.56 -4.30 -10.98
N LEU A 82 1.27 -3.26 -10.24
CA LEU A 82 0.28 -3.35 -9.18
C LEU A 82 -1.07 -2.81 -9.65
N VAL A 83 -2.13 -3.54 -9.40
CA VAL A 83 -3.46 -3.12 -9.82
C VAL A 83 -4.31 -2.76 -8.60
N LEU A 84 -4.79 -1.53 -8.58
CA LEU A 84 -5.61 -1.06 -7.47
C LEU A 84 -7.09 -1.06 -7.84
N GLU A 85 -7.89 -1.76 -7.04
CA GLU A 85 -9.33 -1.82 -7.28
C GLU A 85 -10.05 -0.87 -6.34
N TYR A 86 -10.69 0.14 -6.93
CA TYR A 86 -11.43 1.14 -6.15
C TYR A 86 -12.67 1.60 -6.90
N ASP A 87 -13.76 1.83 -6.17
CA ASP A 87 -15.01 2.28 -6.77
C ASP A 87 -15.25 1.59 -8.12
N ASN A 88 -15.19 0.27 -8.12
CA ASN A 88 -15.41 -0.50 -9.34
C ASN A 88 -14.42 -0.09 -10.42
N LYS A 89 -13.43 0.71 -10.02
CA LYS A 89 -12.42 1.16 -10.97
C LYS A 89 -11.12 0.41 -10.76
N THR A 90 -10.42 0.14 -11.86
CA THR A 90 -9.16 -0.58 -11.78
C THR A 90 -8.01 0.28 -12.28
N TYR A 91 -7.01 0.49 -11.43
CA TYR A 91 -5.86 1.29 -11.82
C TYR A 91 -4.63 0.41 -11.97
N THR A 92 -3.97 0.53 -13.11
CA THR A 92 -2.78 -0.27 -13.38
C THR A 92 -1.50 0.49 -13.05
N TYR A 93 -0.83 0.08 -11.98
CA TYR A 93 0.41 0.72 -11.55
C TYR A 93 1.61 -0.08 -12.02
N GLU A 94 2.74 0.61 -12.16
CA GLU A 94 3.97 -0.04 -12.60
C GLU A 94 5.13 0.33 -11.68
N ILE A 95 5.87 -0.66 -11.21
CA ILE A 95 6.98 -0.38 -10.31
C ILE A 95 8.01 0.50 -11.01
N GLN A 96 8.24 1.67 -10.42
CA GLN A 96 9.21 2.61 -10.98
C GLN A 96 10.59 2.37 -10.38
N LYS A 97 10.73 2.61 -9.09
CA LYS A 97 12.01 2.42 -8.41
C LYS A 97 11.79 1.96 -6.97
N ILE A 98 12.59 1.00 -6.54
CA ILE A 98 12.48 0.48 -5.18
C ILE A 98 13.71 0.84 -4.37
N TRP A 99 13.50 1.33 -3.15
CA TRP A 99 14.61 1.70 -2.29
C TRP A 99 14.20 1.61 -0.81
N ILE A 100 15.13 1.96 0.07
CA ILE A 100 14.86 1.90 1.50
C ILE A 100 15.14 3.26 2.15
N THR A 101 14.19 3.75 2.92
CA THR A 101 14.35 5.04 3.59
C THR A 101 14.04 4.93 5.07
N HIS A 102 14.29 6.00 5.81
CA HIS A 102 14.02 5.99 7.25
C HIS A 102 12.52 6.08 7.53
N ALA A 103 12.12 5.56 8.68
CA ALA A 103 10.71 5.57 9.06
C ALA A 103 10.21 7.01 9.19
N ASP A 104 11.08 7.90 9.65
CA ASP A 104 10.71 9.30 9.82
C ASP A 104 10.75 10.03 8.48
N ASP A 105 10.70 9.27 7.38
CA ASP A 105 10.73 9.85 6.05
C ASP A 105 9.30 10.15 5.58
N ARG A 106 8.91 11.42 5.72
CA ARG A 106 7.58 11.83 5.31
C ARG A 106 7.52 12.04 3.80
N THR A 107 8.68 12.22 3.18
CA THR A 107 8.76 12.44 1.74
C THR A 107 7.92 11.42 0.99
N VAL A 108 7.59 10.32 1.66
CA VAL A 108 6.79 9.28 1.04
C VAL A 108 5.39 9.21 1.66
N ILE A 109 5.21 9.95 2.75
CA ILE A 109 3.91 9.97 3.43
C ILE A 109 3.17 11.28 3.15
N ILE A 110 3.79 12.13 2.34
CA ILE A 110 3.19 13.41 1.99
C ILE A 110 2.11 13.23 0.93
N LYS A 111 1.67 14.33 0.35
CA LYS A 111 0.62 14.27 -0.67
C LYS A 111 1.22 14.35 -2.07
N LYS A 112 0.53 13.76 -3.04
CA LYS A 112 1.01 13.76 -4.42
C LYS A 112 -0.05 14.32 -5.35
N GLU A 113 0.36 15.20 -6.25
CA GLU A 113 -0.57 15.80 -7.19
C GLU A 113 -0.87 14.82 -8.32
N GLU A 114 -0.40 13.59 -8.19
CA GLU A 114 -0.62 12.57 -9.21
C GLU A 114 -0.84 11.20 -8.57
N PRO A 115 -1.35 10.28 -9.32
CA PRO A 115 -1.62 8.89 -8.82
C PRO A 115 -0.35 8.09 -8.63
N ILE A 116 0.13 8.07 -7.40
CA ILE A 116 1.36 7.36 -7.05
C ILE A 116 1.15 6.44 -5.86
N LEU A 117 1.62 5.20 -5.97
CA LEU A 117 1.48 4.24 -4.89
C LEU A 117 2.82 4.02 -4.21
N THR A 118 2.87 4.31 -2.92
CA THR A 118 4.10 4.13 -2.15
C THR A 118 3.89 3.12 -1.04
N LEU A 119 4.65 2.03 -1.09
CA LEU A 119 4.51 0.99 -0.07
C LEU A 119 5.69 1.03 0.90
N THR A 120 5.39 1.08 2.19
CA THR A 120 6.43 1.11 3.20
C THR A 120 6.29 -0.06 4.15
N THR A 121 7.31 -0.92 4.18
CA THR A 121 7.29 -2.10 5.03
C THR A 121 8.70 -2.49 5.43
N CYS A 122 8.81 -3.66 6.05
CA CYS A 122 10.12 -4.18 6.47
C CYS A 122 9.97 -5.10 7.68
N TYR A 123 9.94 -4.51 8.85
CA TYR A 123 9.80 -5.30 10.08
C TYR A 123 10.70 -6.52 10.06
N PRO A 124 11.99 -6.30 10.09
CA PRO A 124 13.00 -7.39 10.07
C PRO A 124 13.24 -7.99 11.46
N PHE A 125 14.10 -9.00 11.53
CA PHE A 125 14.41 -9.63 12.80
C PHE A 125 14.85 -8.60 13.83
N ASP A 126 15.37 -7.49 13.33
CA ASP A 126 15.83 -6.41 14.21
C ASP A 126 14.73 -5.38 14.42
N TYR A 127 13.51 -5.74 14.04
CA TYR A 127 12.38 -4.84 14.20
C TYR A 127 12.18 -4.45 15.64
N ILE A 128 12.19 -5.44 16.54
CA ILE A 128 12.01 -5.19 17.97
C ILE A 128 11.71 -3.72 18.22
N GLY A 129 10.48 -3.32 17.99
CA GLY A 129 10.08 -1.93 18.17
C GLY A 129 9.77 -1.27 16.83
N ASP A 130 10.72 -0.49 16.33
CA ASP A 130 10.53 0.20 15.05
C ASP A 130 11.75 0.02 14.15
N ALA A 131 11.63 -0.84 13.15
CA ALA A 131 12.75 -1.09 12.24
C ALA A 131 13.52 0.20 11.96
N PRO A 132 14.82 0.13 11.90
CA PRO A 132 15.69 1.31 11.62
C PRO A 132 15.55 1.79 10.17
N ASP A 133 15.07 0.90 9.31
CA ASP A 133 14.89 1.25 7.90
C ASP A 133 13.58 0.68 7.37
N ARG A 134 12.93 1.44 6.49
CA ARG A 134 11.66 0.98 5.91
C ARG A 134 11.80 0.82 4.40
N TYR A 135 11.32 -0.32 3.89
CA TYR A 135 11.40 -0.57 2.46
C TYR A 135 10.36 0.25 1.71
N ILE A 136 10.81 1.02 0.72
CA ILE A 136 9.90 1.87 -0.05
C ILE A 136 9.77 1.39 -1.49
N ILE A 137 8.56 1.03 -1.89
CA ILE A 137 8.32 0.59 -3.26
C ILE A 137 7.48 1.63 -3.98
N GLU A 138 8.11 2.38 -4.87
CA GLU A 138 7.41 3.42 -5.62
C GLU A 138 6.84 2.87 -6.92
N ALA A 139 5.61 3.27 -7.21
CA ALA A 139 4.95 2.83 -8.43
C ALA A 139 4.12 3.96 -9.03
N LYS A 140 4.05 3.98 -10.37
CA LYS A 140 3.30 5.02 -11.07
C LYS A 140 2.06 4.45 -11.75
N LEU A 141 0.97 5.18 -11.69
CA LEU A 141 -0.26 4.71 -12.33
C LEU A 141 -0.14 4.90 -13.83
N THR A 142 -0.14 3.79 -14.55
CA THR A 142 -0.03 3.83 -16.01
C THR A 142 -1.41 3.70 -16.66
N GLY A 143 -2.05 2.54 -16.50
CA GLY A 143 -3.36 2.32 -17.10
C GLY A 143 -4.47 2.49 -16.06
N SER A 144 -5.64 2.90 -16.53
CA SER A 144 -6.78 3.09 -15.64
C SER A 144 -8.05 2.54 -16.28
N TYR A 145 -8.74 1.67 -15.55
CA TYR A 145 -9.98 1.06 -16.04
C TYR A 145 -11.15 1.43 -15.14
N SER A 146 -12.33 1.58 -15.74
CA SER A 146 -13.52 1.92 -14.99
C SER A 146 -14.69 1.03 -15.40
N LYS A 147 -15.36 0.45 -14.40
CA LYS A 147 -16.50 -0.42 -14.68
C LYS A 147 -16.22 -1.32 -15.88
N GLY A 1 -12.22 -8.24 21.39
CA GLY A 1 -12.92 -7.03 21.93
C GLY A 1 -14.10 -6.68 21.03
N SER A 2 -13.79 -6.29 19.80
CA SER A 2 -14.84 -5.92 18.84
C SER A 2 -16.09 -5.44 19.57
N HIS A 3 -16.27 -4.12 19.64
CA HIS A 3 -17.42 -3.55 20.31
C HIS A 3 -18.50 -3.19 19.30
N MET A 4 -18.59 -1.90 18.98
CA MET A 4 -19.58 -1.43 18.02
C MET A 4 -18.94 -0.55 16.95
N SER A 5 -19.21 -0.87 15.69
CA SER A 5 -18.65 -0.11 14.58
C SER A 5 -19.31 -0.51 13.27
N SER A 6 -18.57 -0.36 12.17
CA SER A 6 -19.09 -0.72 10.86
C SER A 6 -20.15 0.29 10.42
N GLN A 7 -19.70 1.40 9.83
CA GLN A 7 -20.62 2.43 9.36
C GLN A 7 -20.33 2.79 7.91
N THR A 8 -19.45 2.01 7.28
CA THR A 8 -19.09 2.25 5.89
C THR A 8 -18.38 3.61 5.75
N GLU A 9 -18.85 4.42 4.81
CA GLU A 9 -18.26 5.73 4.58
C GLU A 9 -16.74 5.61 4.39
N HIS A 10 -15.99 6.01 5.41
CA HIS A 10 -14.54 5.95 5.35
C HIS A 10 -13.98 5.22 6.57
N LYS A 11 -14.61 4.11 6.92
CA LYS A 11 -14.16 3.32 8.07
C LYS A 11 -12.81 2.68 7.78
N GLU A 12 -11.85 2.90 8.67
CA GLU A 12 -10.51 2.34 8.50
C GLU A 12 -10.50 0.88 8.98
N GLY A 13 -10.39 -0.05 8.04
CA GLY A 13 -10.37 -1.46 8.37
C GLY A 13 -11.37 -2.24 7.53
N GLU A 14 -11.72 -1.69 6.37
CA GLU A 14 -12.67 -2.34 5.48
C GLU A 14 -12.08 -2.49 4.08
N LYS A 15 -12.19 -3.69 3.52
CA LYS A 15 -11.68 -3.95 2.19
C LYS A 15 -12.21 -2.92 1.20
N VAL A 16 -11.42 -1.89 0.95
CA VAL A 16 -11.82 -0.83 0.02
C VAL A 16 -11.16 -1.03 -1.34
N ALA A 17 -9.90 -1.46 -1.33
CA ALA A 17 -9.17 -1.66 -2.58
C ALA A 17 -8.43 -2.99 -2.54
N MET A 18 -8.11 -3.52 -3.72
CA MET A 18 -7.39 -4.80 -3.81
C MET A 18 -6.13 -4.63 -4.65
N LEU A 19 -5.03 -5.20 -4.17
CA LEU A 19 -3.77 -5.12 -4.89
C LEU A 19 -3.50 -6.42 -5.64
N ASN A 20 -3.40 -6.33 -6.95
CA ASN A 20 -3.14 -7.52 -7.78
C ASN A 20 -1.76 -7.46 -8.41
N ILE A 21 -1.06 -8.59 -8.41
CA ILE A 21 0.26 -8.66 -9.00
C ILE A 21 0.27 -9.68 -10.15
N PRO A 22 0.45 -9.22 -11.36
CA PRO A 22 0.46 -10.11 -12.55
C PRO A 22 1.75 -10.91 -12.69
N LYS A 23 2.87 -10.27 -12.40
CA LYS A 23 4.16 -10.94 -12.50
C LYS A 23 4.27 -12.07 -11.48
N LEU A 24 3.70 -11.84 -10.30
CA LEU A 24 3.76 -12.84 -9.25
C LEU A 24 2.49 -13.68 -9.24
N LYS A 25 1.60 -13.41 -10.18
CA LYS A 25 0.37 -14.16 -10.28
C LYS A 25 -0.29 -14.30 -8.91
N LYS A 26 -0.55 -13.18 -8.26
CA LYS A 26 -1.18 -13.19 -6.95
C LYS A 26 -1.88 -11.86 -6.66
N LYS A 27 -2.59 -11.80 -5.55
CA LYS A 27 -3.29 -10.58 -5.17
C LYS A 27 -3.41 -10.47 -3.66
N PHE A 28 -3.61 -9.25 -3.18
CA PHE A 28 -3.75 -9.02 -1.74
C PHE A 28 -4.94 -8.10 -1.45
N SER A 29 -5.50 -8.23 -0.26
CA SER A 29 -6.64 -7.41 0.12
C SER A 29 -6.19 -6.17 0.88
N ILE A 30 -6.37 -5.00 0.26
CA ILE A 30 -5.98 -3.75 0.90
C ILE A 30 -7.17 -3.13 1.63
N TYR A 31 -7.01 -2.91 2.93
CA TYR A 31 -8.08 -2.34 3.74
C TYR A 31 -7.82 -0.86 4.02
N TRP A 32 -8.89 -0.08 4.08
CA TRP A 32 -8.75 1.35 4.34
C TRP A 32 -8.13 1.60 5.71
N GLY A 33 -7.04 2.35 5.73
CA GLY A 33 -6.34 2.65 6.98
C GLY A 33 -5.41 1.52 7.38
N ALA A 34 -4.27 1.90 7.94
CA ALA A 34 -3.29 0.90 8.37
C ALA A 34 -2.78 1.21 9.76
N ASP A 35 -3.40 0.61 10.77
CA ASP A 35 -3.00 0.84 12.15
C ASP A 35 -2.11 -0.30 12.65
N ASP A 36 -0.82 -0.01 12.81
CA ASP A 36 0.13 -1.01 13.28
C ASP A 36 -0.17 -1.39 14.74
N ALA A 37 -0.66 -0.41 15.50
CA ALA A 37 -0.97 -0.64 16.90
C ALA A 37 -2.09 -1.67 17.04
N THR A 38 -3.06 -1.61 16.14
CA THR A 38 -4.18 -2.55 16.17
C THR A 38 -3.70 -3.95 15.85
N LEU A 39 -4.03 -4.90 16.72
CA LEU A 39 -3.63 -6.28 16.51
C LEU A 39 -4.75 -7.08 15.86
N LYS A 40 -4.79 -7.03 14.53
CA LYS A 40 -5.81 -7.75 13.77
C LYS A 40 -5.70 -7.45 12.28
N LYS A 41 -4.81 -6.52 11.95
CA LYS A 41 -4.62 -6.14 10.54
C LYS A 41 -3.15 -6.28 10.15
N GLY A 42 -2.89 -6.23 8.85
CA GLY A 42 -1.52 -6.34 8.35
C GLY A 42 -1.31 -5.47 7.12
N VAL A 43 -2.18 -5.62 6.14
CA VAL A 43 -2.09 -4.85 4.90
C VAL A 43 -3.22 -3.84 4.81
N GLY A 44 -2.87 -2.57 4.80
CA GLY A 44 -3.88 -1.50 4.71
C GLY A 44 -3.32 -0.26 4.06
N MET A 45 -4.20 0.67 3.70
CA MET A 45 -3.78 1.90 3.06
C MET A 45 -3.70 3.03 4.08
N PHE A 46 -2.57 3.72 4.11
CA PHE A 46 -2.39 4.82 5.05
C PHE A 46 -3.36 5.95 4.75
N VAL A 47 -4.05 6.43 5.78
CA VAL A 47 -5.02 7.51 5.61
C VAL A 47 -4.55 8.77 6.33
N SER A 48 -4.45 9.86 5.59
CA SER A 48 -4.01 11.13 6.17
C SER A 48 -4.47 12.30 5.32
N ASP A 49 -4.24 13.51 5.80
CA ASP A 49 -4.64 14.72 5.07
C ASP A 49 -3.82 14.86 3.79
N VAL A 50 -2.73 14.09 3.69
CA VAL A 50 -1.89 14.15 2.52
C VAL A 50 -1.99 12.86 1.71
N THR A 51 -2.57 11.83 2.33
CA THR A 51 -2.72 10.54 1.66
C THR A 51 -4.16 10.34 1.21
N THR A 52 -4.34 9.75 0.03
CA THR A 52 -5.68 9.50 -0.50
C THR A 52 -5.72 8.16 -1.21
N THR A 53 -6.93 7.69 -1.52
CA THR A 53 -7.09 6.42 -2.19
C THR A 53 -6.93 6.58 -3.71
N PRO A 54 -6.70 5.50 -4.41
CA PRO A 54 -6.52 5.52 -5.88
C PRO A 54 -7.85 5.54 -6.63
N SER A 55 -8.42 6.73 -6.77
CA SER A 55 -9.69 6.87 -7.47
C SER A 55 -9.54 7.74 -8.71
N GLY A 56 -8.29 8.08 -9.03
CA GLY A 56 -8.02 8.92 -10.19
C GLY A 56 -7.06 10.06 -9.84
N GLY A 57 -5.76 9.77 -9.93
CA GLY A 57 -4.75 10.78 -9.62
C GLY A 57 -4.78 11.14 -8.13
N GLY A 58 -3.96 10.46 -7.35
CA GLY A 58 -3.90 10.71 -5.92
C GLY A 58 -2.72 9.98 -5.28
N HIS A 59 -2.31 10.43 -4.10
CA HIS A 59 -1.20 9.80 -3.41
C HIS A 59 -1.69 8.58 -2.63
N THR A 60 -1.24 7.40 -3.04
CA THR A 60 -1.66 6.17 -2.38
C THR A 60 -0.48 5.55 -1.63
N VAL A 61 -0.63 5.39 -0.32
CA VAL A 61 0.44 4.80 0.48
C VAL A 61 -0.01 3.46 1.05
N LEU A 62 0.77 2.43 0.79
CA LEU A 62 0.45 1.09 1.27
C LEU A 62 1.40 0.68 2.39
N SER A 63 0.86 -0.03 3.37
CA SER A 63 1.66 -0.48 4.51
C SER A 63 1.54 -1.99 4.70
N GLY A 64 2.66 -2.64 4.99
CA GLY A 64 2.67 -4.08 5.20
C GLY A 64 3.92 -4.52 5.97
N HIS A 65 4.04 -5.83 6.19
CA HIS A 65 5.18 -6.35 6.92
C HIS A 65 6.37 -6.57 6.00
N ARG A 66 7.57 -6.53 6.56
CA ARG A 66 8.78 -6.72 5.76
C ARG A 66 8.54 -7.76 4.67
N ASP A 67 7.52 -8.60 4.87
CA ASP A 67 7.20 -9.65 3.89
C ASP A 67 7.67 -9.24 2.50
N THR A 68 8.84 -9.74 2.11
CA THR A 68 9.39 -9.43 0.80
C THR A 68 10.37 -10.52 0.35
N VAL A 69 10.91 -11.25 1.32
CA VAL A 69 11.85 -12.32 1.02
C VAL A 69 11.19 -13.40 0.19
N PHE A 70 9.89 -13.58 0.39
CA PHE A 70 9.14 -14.60 -0.35
C PHE A 70 9.21 -14.33 -1.84
N THR A 71 9.03 -13.06 -2.22
CA THR A 71 9.07 -12.68 -3.62
C THR A 71 9.90 -11.41 -3.81
N ASP A 72 11.11 -11.41 -3.27
CA ASP A 72 11.99 -10.25 -3.38
C ASP A 72 12.19 -9.87 -4.84
N LEU A 73 12.42 -10.87 -5.68
CA LEU A 73 12.62 -10.63 -7.11
C LEU A 73 11.37 -10.01 -7.73
N GLY A 74 10.21 -10.52 -7.35
CA GLY A 74 8.95 -10.00 -7.88
C GLY A 74 8.55 -8.71 -7.17
N GLN A 75 9.19 -8.45 -6.03
CA GLN A 75 8.88 -7.24 -5.27
C GLN A 75 9.72 -6.07 -5.74
N LEU A 76 11.01 -6.33 -5.98
CA LEU A 76 11.91 -5.28 -6.43
C LEU A 76 12.29 -5.50 -7.90
N LYS A 77 11.71 -4.70 -8.78
CA LYS A 77 12.00 -4.80 -10.20
C LYS A 77 11.14 -3.81 -10.99
N GLU A 78 11.77 -3.14 -11.95
CA GLU A 78 11.07 -2.16 -12.79
C GLU A 78 10.10 -2.85 -13.74
N LYS A 79 10.30 -4.14 -13.94
CA LYS A 79 9.45 -4.91 -14.83
C LYS A 79 8.14 -5.27 -14.13
N ASP A 80 8.10 -5.10 -12.81
CA ASP A 80 6.91 -5.43 -12.04
C ASP A 80 5.79 -4.43 -12.33
N THR A 81 4.55 -4.86 -12.12
CA THR A 81 3.40 -4.00 -12.36
C THR A 81 2.33 -4.25 -11.31
N LEU A 82 2.01 -3.22 -10.56
CA LEU A 82 1.01 -3.36 -9.50
C LEU A 82 -0.36 -2.91 -10.00
N VAL A 83 -1.38 -3.75 -9.82
CA VAL A 83 -2.71 -3.41 -10.26
C VAL A 83 -3.63 -3.23 -9.05
N LEU A 84 -4.16 -2.02 -8.91
CA LEU A 84 -5.04 -1.72 -7.80
C LEU A 84 -6.50 -1.62 -8.25
N GLU A 85 -7.39 -2.23 -7.48
CA GLU A 85 -8.82 -2.21 -7.81
C GLU A 85 -9.55 -1.28 -6.86
N TYR A 86 -10.25 -0.29 -7.43
CA TYR A 86 -10.99 0.66 -6.62
C TYR A 86 -12.30 1.06 -7.29
N ASP A 87 -13.38 1.01 -6.54
CA ASP A 87 -14.68 1.38 -7.08
C ASP A 87 -14.95 0.66 -8.40
N ASN A 88 -14.74 -0.65 -8.42
CA ASN A 88 -14.96 -1.44 -9.62
C ASN A 88 -14.01 -1.01 -10.73
N LYS A 89 -13.03 -0.19 -10.38
CA LYS A 89 -12.07 0.29 -11.36
C LYS A 89 -10.70 -0.34 -11.10
N THR A 90 -9.98 -0.61 -12.19
CA THR A 90 -8.67 -1.22 -12.07
C THR A 90 -7.58 -0.25 -12.50
N TYR A 91 -6.63 0.00 -11.60
CA TYR A 91 -5.53 0.92 -11.89
C TYR A 91 -4.25 0.14 -12.17
N THR A 92 -3.55 0.50 -13.25
CA THR A 92 -2.33 -0.18 -13.61
C THR A 92 -1.11 0.63 -13.19
N TYR A 93 -0.37 0.11 -12.20
CA TYR A 93 0.82 0.79 -11.72
C TYR A 93 2.07 0.00 -12.12
N GLU A 94 3.17 0.73 -12.30
CA GLU A 94 4.43 0.10 -12.69
C GLU A 94 5.57 0.57 -11.81
N ILE A 95 6.48 -0.34 -11.44
CA ILE A 95 7.58 0.04 -10.60
C ILE A 95 8.44 1.10 -11.25
N GLN A 96 8.58 2.23 -10.59
CA GLN A 96 9.37 3.33 -11.11
C GLN A 96 10.73 3.42 -10.41
N LYS A 97 10.69 3.42 -9.08
CA LYS A 97 11.92 3.50 -8.30
C LYS A 97 11.72 2.86 -6.92
N ILE A 98 12.66 2.02 -6.52
CA ILE A 98 12.57 1.36 -5.23
C ILE A 98 13.80 1.67 -4.39
N TRP A 99 13.58 2.05 -3.13
CA TRP A 99 14.69 2.37 -2.25
C TRP A 99 14.31 2.13 -0.79
N ILE A 100 15.22 2.47 0.12
CA ILE A 100 14.97 2.30 1.55
C ILE A 100 15.24 3.60 2.30
N THR A 101 14.27 4.01 3.12
CA THR A 101 14.41 5.24 3.89
C THR A 101 13.99 5.03 5.33
N HIS A 102 13.90 6.11 6.09
CA HIS A 102 13.50 6.03 7.49
C HIS A 102 11.99 5.86 7.63
N ALA A 103 11.56 5.26 8.72
CA ALA A 103 10.14 5.04 8.96
C ALA A 103 9.41 6.36 9.10
N ASP A 104 10.11 7.37 9.61
CA ASP A 104 9.52 8.69 9.79
C ASP A 104 9.69 9.54 8.54
N ASP A 105 10.05 8.90 7.43
CA ASP A 105 10.25 9.61 6.18
C ASP A 105 8.90 9.97 5.57
N ARG A 106 8.44 11.19 5.85
CA ARG A 106 7.17 11.67 5.33
C ARG A 106 7.22 11.77 3.81
N THR A 107 8.39 12.15 3.29
CA THR A 107 8.55 12.29 1.85
C THR A 107 7.74 11.26 1.10
N VAL A 108 7.47 10.13 1.74
CA VAL A 108 6.69 9.06 1.12
C VAL A 108 5.23 9.14 1.56
N ILE A 109 5.01 9.73 2.72
CA ILE A 109 3.65 9.88 3.26
C ILE A 109 3.15 11.30 3.10
N ILE A 110 3.68 11.99 2.10
CA ILE A 110 3.28 13.37 1.84
C ILE A 110 2.10 13.41 0.87
N LYS A 111 1.88 14.57 0.26
CA LYS A 111 0.77 14.73 -0.69
C LYS A 111 1.30 14.81 -2.12
N LYS A 112 0.61 14.13 -3.04
CA LYS A 112 1.02 14.15 -4.45
C LYS A 112 -0.16 14.56 -5.32
N GLU A 113 0.13 15.32 -6.38
CA GLU A 113 -0.91 15.77 -7.29
C GLU A 113 -1.10 14.77 -8.42
N GLU A 114 -0.50 13.60 -8.28
CA GLU A 114 -0.62 12.57 -9.31
C GLU A 114 -0.87 11.20 -8.68
N PRO A 115 -1.21 10.23 -9.47
CA PRO A 115 -1.47 8.84 -9.01
C PRO A 115 -0.19 8.06 -8.76
N ILE A 116 0.30 8.15 -7.53
CA ILE A 116 1.52 7.46 -7.14
C ILE A 116 1.28 6.52 -5.97
N LEU A 117 1.70 5.28 -6.11
CA LEU A 117 1.51 4.29 -5.05
C LEU A 117 2.82 4.04 -4.31
N THR A 118 2.80 4.27 -3.01
CA THR A 118 3.99 4.07 -2.18
C THR A 118 3.77 2.92 -1.20
N LEU A 119 4.51 1.83 -1.39
CA LEU A 119 4.36 0.67 -0.51
C LEU A 119 5.51 0.59 0.47
N THR A 120 5.21 0.73 1.76
CA THR A 120 6.22 0.66 2.79
C THR A 120 6.04 -0.59 3.63
N THR A 121 7.11 -1.36 3.81
CA THR A 121 7.05 -2.58 4.61
C THR A 121 8.23 -2.68 5.56
N CYS A 122 8.03 -3.45 6.62
CA CYS A 122 9.09 -3.64 7.61
C CYS A 122 8.50 -4.07 8.95
N TYR A 123 7.68 -3.20 9.52
CA TYR A 123 7.05 -3.50 10.81
C TYR A 123 8.11 -3.85 11.86
N PRO A 124 7.88 -3.46 13.09
CA PRO A 124 8.83 -3.73 14.20
C PRO A 124 8.85 -5.21 14.62
N PHE A 125 7.68 -5.72 14.98
CA PHE A 125 7.55 -7.11 15.40
C PHE A 125 8.07 -8.04 14.30
N ASP A 126 7.87 -7.63 13.05
CA ASP A 126 8.32 -8.44 11.92
C ASP A 126 9.84 -8.57 11.93
N TYR A 127 10.52 -7.49 12.31
CA TYR A 127 11.97 -7.49 12.36
C TYR A 127 12.45 -7.43 13.81
N ILE A 128 13.17 -8.46 14.24
CA ILE A 128 13.68 -8.51 15.60
C ILE A 128 13.99 -7.10 16.10
N GLY A 129 12.99 -6.47 16.71
CA GLY A 129 13.17 -5.11 17.23
C GLY A 129 12.50 -4.09 16.32
N ASP A 130 12.92 -2.83 16.43
CA ASP A 130 12.34 -1.78 15.60
C ASP A 130 13.15 -1.61 14.31
N ALA A 131 12.58 -2.07 13.20
CA ALA A 131 13.25 -1.97 11.91
C ALA A 131 13.86 -0.57 11.73
N PRO A 132 15.15 -0.45 11.88
CA PRO A 132 15.86 0.86 11.72
C PRO A 132 15.50 1.54 10.40
N ASP A 133 15.43 0.75 9.33
CA ASP A 133 15.10 1.30 8.02
C ASP A 133 13.80 0.69 7.50
N ARG A 134 13.16 1.39 6.55
CA ARG A 134 11.91 0.90 5.99
C ARG A 134 12.01 0.77 4.47
N TYR A 135 11.52 -0.35 3.93
CA TYR A 135 11.57 -0.58 2.50
C TYR A 135 10.33 0.04 1.86
N ILE A 136 10.55 0.91 0.88
CA ILE A 136 9.45 1.57 0.19
C ILE A 136 9.48 1.31 -1.32
N ILE A 137 8.34 0.86 -1.85
CA ILE A 137 8.23 0.59 -3.27
C ILE A 137 7.39 1.67 -3.94
N GLU A 138 8.05 2.48 -4.77
CA GLU A 138 7.35 3.55 -5.49
C GLU A 138 6.91 3.08 -6.87
N ALA A 139 5.71 3.46 -7.26
CA ALA A 139 5.17 3.08 -8.57
C ALA A 139 4.23 4.15 -9.11
N LYS A 140 4.18 4.28 -10.43
CA LYS A 140 3.32 5.27 -11.06
C LYS A 140 2.23 4.60 -11.88
N LEU A 141 1.10 5.29 -12.03
CA LEU A 141 -0.01 4.74 -12.80
C LEU A 141 0.26 4.85 -14.29
N THR A 142 0.38 3.71 -14.94
CA THR A 142 0.62 3.66 -16.37
C THR A 142 -0.71 3.67 -17.14
N GLY A 143 -1.67 2.90 -16.64
CA GLY A 143 -2.97 2.83 -17.28
C GLY A 143 -4.09 2.73 -16.24
N SER A 144 -5.34 2.84 -16.70
CA SER A 144 -6.47 2.75 -15.79
C SER A 144 -7.66 2.09 -16.49
N TYR A 145 -8.51 1.44 -15.71
CA TYR A 145 -9.68 0.77 -16.27
C TYR A 145 -10.91 1.01 -15.40
N SER A 146 -12.08 0.81 -15.98
CA SER A 146 -13.33 1.01 -15.24
C SER A 146 -14.42 0.10 -15.78
N LYS A 147 -15.02 -0.68 -14.89
CA LYS A 147 -16.07 -1.61 -15.27
C LYS A 147 -16.00 -1.92 -16.76
#